data_9B6E
#
_entry.id   9B6E
#
_cell.length_a   1.00
_cell.length_b   1.00
_cell.length_c   1.00
_cell.angle_alpha   90.00
_cell.angle_beta   90.00
_cell.angle_gamma   90.00
#
_symmetry.space_group_name_H-M   'P 1'
#
loop_
_entity.id
_entity.type
_entity.pdbx_description
1 polymer 'Transient receptor potential cation channel subfamily M member 8'
2 non-polymer 3-{7-(trifluoromethyl)-5-[2-(trifluoromethyl)phenyl]-1H-benzimidazol-2-yl}-1-oxa-2-azaspiro[4.5]dec-2-ene
3 non-polymer 'CHOLESTEROL HEMISUCCINATE'
#
_entity_poly.entity_id   1
_entity_poly.type   'polypeptide(L)'
_entity_poly.pdbx_seq_one_letter_code
;MASFEGARLSMRSRRNGTMGSTRTLYSSVSRSTDVSYSDSDLVNFIQANFKKRECVFFTRDSKAMENICKCGYAQSQHIE
GTQINQNEKWNYKKHTKEFPTDAFGDIQFETLGKKGKYLRLSCDTDSETLYELLTQHWHLKTPNLVISVTGGAKNFALKP
RMRKIFSRLIYIAQSKGAWILTGGTHYGLMKYIGEVVRDNTISRNSEENIVAIGIAAWGMVSNRDTLIRSCDDEGHFSAQ
YIMDDFTRDPLYILDNNHTHLLLVDNGCHGHPTVEAKLRNQLEKYISERTSQDSNYGGKIPIVCFAQGGGRETLKAINTS
VKSKIPCVVVEGSGQIADVIASLVEVEDVLTSSMVKEKLVRFLPRTVSRLPEEEIESWIKWLKEILESSHLLTVIKMEEA
GDEIVSNAISYALYKAFSTNEQDKDNWNGQLKLLLEWNQLDLASDEIFTNDRRWESADLQEVMFTALIKDRPKFVRLFLE
NGLNLQKFLTNEVLTELFSTHFSTLVYRNLQIAKNSYNDALLTFVWKLVANFRRSFWKEDRSSREDLDVELHDASLTTRH
PLQALFIWAILQNKKELSKVIWEQTKGCTLAALGASKLLKTLAKVKNDINAAGESEELANEYETRAVELFTECYSNDEDL
AEQLLVYSCEAWGGSNCLELAVEATDQHFIAQPGVQNFLSKQWYGEISRDTKNWKIILCLFIIPLVGCGLVSFRKKPIDK
HKKLLWYYVAFFTSPFVVFSWNVVFYIAFLLLFAYVLLMDFHSVPHTPELILYALVFVLFCDEVRQWYMNGVNYFTDLWN
VMDTLGLFYFIAGIVFRLHSSNKSSLYSGRVIFCLDYIIFTLRLIHIFTVSRNLGPKIIMLQRMLIDVFFFLFLFAVWMV
AFGVARQGILRQNEQRWRWIFRSVIYEPYLAMFGQVPSDVDSTTYDFSHCTFSGNESKPLCVELDEHNLPRFPEWITIPL
VCIYMLSTNILLVNLLVAMFGYTVGIVQENNDQVWKFQRYFLVQEYCNRLNIPFPFVVFAYFYMVVKKCFKCCCKEKNME
SNACCFRNEDNETLAWEGVMKENYLVKINTKANDNSEEMRHRFRQLDSKLNDLKSLLKEIANNIKSNSLEVLFQGPDYKD
DDDKAHHHHHHHHHH
;
_entity_poly.pdbx_strand_id   A,B,C,D
#
# COMPACT_ATOMS: atom_id res chain seq x y z
N ASP A 41 -10.73 60.57 40.29
CA ASP A 41 -11.38 61.15 39.11
C ASP A 41 -12.72 60.47 38.87
N LEU A 42 -12.69 59.26 38.30
CA LEU A 42 -13.91 58.54 38.02
C LEU A 42 -14.65 58.20 39.30
N VAL A 43 -13.93 57.80 40.34
CA VAL A 43 -14.56 57.39 41.59
C VAL A 43 -15.42 58.52 42.15
N ASN A 44 -14.94 59.76 42.05
CA ASN A 44 -15.71 60.89 42.52
C ASN A 44 -17.05 60.98 41.79
N PHE A 45 -17.03 60.77 40.47
CA PHE A 45 -18.28 60.75 39.71
C PHE A 45 -19.18 59.61 40.17
N ILE A 46 -18.59 58.45 40.44
CA ILE A 46 -19.39 57.31 40.92
C ILE A 46 -20.07 57.66 42.25
N GLN A 47 -19.39 58.44 43.10
CA GLN A 47 -19.97 58.79 44.39
C GLN A 47 -21.36 59.39 44.22
N ALA A 48 -21.47 60.41 43.37
CA ALA A 48 -22.76 61.08 43.17
C ALA A 48 -23.68 60.26 42.27
N ASN A 49 -23.15 59.64 41.22
CA ASN A 49 -23.99 58.93 40.27
C ASN A 49 -24.70 57.75 40.92
N PHE A 50 -23.99 57.00 41.77
CA PHE A 50 -24.49 55.75 42.33
C PHE A 50 -24.62 55.81 43.85
N ASP A 102 -22.39 56.42 46.07
CA ASP A 102 -21.23 55.86 46.76
C ASP A 102 -21.42 54.39 47.04
N ALA A 103 -20.60 53.84 47.95
CA ALA A 103 -20.67 52.45 48.36
C ALA A 103 -20.39 51.52 47.17
N PHE A 104 -19.22 51.73 46.57
CA PHE A 104 -18.75 50.91 45.45
C PHE A 104 -17.39 50.35 45.80
N GLY A 105 -17.19 49.06 45.52
CA GLY A 105 -15.94 48.41 45.84
C GLY A 105 -15.25 47.79 44.64
N ASP A 106 -14.09 48.33 44.26
CA ASP A 106 -13.30 47.78 43.18
C ASP A 106 -12.31 46.78 43.74
N ILE A 107 -12.31 45.57 43.18
CA ILE A 107 -11.52 44.46 43.67
C ILE A 107 -10.60 43.96 42.57
N GLN A 108 -9.33 43.79 42.88
CA GLN A 108 -8.36 43.20 41.96
C GLN A 108 -7.55 42.16 42.72
N PHE A 109 -7.47 40.96 42.14
CA PHE A 109 -6.76 39.85 42.79
C PHE A 109 -5.42 39.59 42.10
N GLY A 116 -12.19 42.24 38.40
CA GLY A 116 -11.90 43.63 38.10
C GLY A 116 -12.82 44.59 38.81
N LYS A 117 -13.28 45.63 38.10
CA LYS A 117 -14.11 46.65 38.71
C LYS A 117 -15.43 46.05 39.18
N TYR A 118 -15.90 46.52 40.33
CA TYR A 118 -17.18 46.14 40.89
C TYR A 118 -17.93 47.39 41.31
N LEU A 119 -19.20 47.23 41.66
CA LEU A 119 -20.03 48.38 41.97
C LEU A 119 -21.33 47.90 42.62
N ARG A 120 -21.99 48.82 43.31
CA ARG A 120 -23.30 48.58 43.90
C ARG A 120 -24.31 49.50 43.21
N LEU A 121 -25.43 48.93 42.80
CA LEU A 121 -26.38 49.61 41.93
C LEU A 121 -27.74 49.72 42.59
N SER A 122 -28.48 50.75 42.19
CA SER A 122 -29.86 50.95 42.58
C SER A 122 -30.75 50.87 41.35
N CYS A 123 -31.94 50.29 41.52
CA CYS A 123 -32.83 50.12 40.38
C CYS A 123 -33.18 51.46 39.74
N ASP A 124 -33.30 52.52 40.53
CA ASP A 124 -33.64 53.83 40.00
C ASP A 124 -32.54 54.43 39.14
N THR A 125 -31.33 53.87 39.17
CA THR A 125 -30.23 54.40 38.37
C THR A 125 -30.59 54.36 36.89
N ASP A 126 -30.32 55.47 36.20
CA ASP A 126 -30.63 55.57 34.78
C ASP A 126 -29.69 54.69 33.98
N SER A 127 -30.25 54.02 32.96
CA SER A 127 -29.44 53.19 32.09
C SER A 127 -28.44 54.03 31.29
N GLU A 128 -28.85 55.21 30.87
CA GLU A 128 -27.95 56.07 30.08
C GLU A 128 -26.70 56.44 30.88
N THR A 129 -26.88 56.77 32.16
CA THR A 129 -25.72 57.11 32.99
C THR A 129 -24.79 55.92 33.14
N LEU A 130 -25.35 54.73 33.34
CA LEU A 130 -24.52 53.54 33.47
C LEU A 130 -23.74 53.27 32.19
N TYR A 131 -24.40 53.40 31.04
CA TYR A 131 -23.72 53.19 29.77
C TYR A 131 -22.62 54.23 29.55
N GLU A 132 -22.90 55.49 29.90
CA GLU A 132 -21.89 56.53 29.78
C GLU A 132 -20.67 56.20 30.63
N LEU A 133 -20.91 55.84 31.90
CA LEU A 133 -19.81 55.43 32.77
C LEU A 133 -19.00 54.33 32.11
N LEU A 134 -19.67 53.22 31.78
CA LEU A 134 -18.99 52.06 31.20
C LEU A 134 -18.13 52.46 30.01
N THR A 135 -18.76 53.05 28.99
CA THR A 135 -18.04 53.32 27.74
C THR A 135 -16.93 54.35 27.94
N GLN A 136 -17.27 55.51 28.53
CA GLN A 136 -16.29 56.59 28.59
C GLN A 136 -15.13 56.24 29.51
N HIS A 137 -15.39 55.61 30.65
CA HIS A 137 -14.37 55.46 31.66
C HIS A 137 -13.43 54.29 31.36
N TRP A 138 -13.99 53.13 30.98
CA TRP A 138 -13.25 51.88 31.04
C TRP A 138 -12.91 51.31 29.66
N HIS A 139 -13.90 51.05 28.82
CA HIS A 139 -13.73 50.17 27.67
C HIS A 139 -14.24 50.84 26.39
N LEU A 140 -14.06 50.13 25.29
CA LEU A 140 -14.42 50.61 23.97
C LEU A 140 -15.91 50.38 23.69
N LYS A 141 -16.41 51.01 22.63
CA LYS A 141 -17.78 50.82 22.22
C LYS A 141 -18.01 49.37 21.80
N THR A 142 -19.24 48.90 22.01
CA THR A 142 -19.56 47.49 21.75
C THR A 142 -20.10 47.33 20.33
N PRO A 143 -19.52 46.43 19.52
CA PRO A 143 -20.13 46.09 18.22
C PRO A 143 -21.08 44.91 18.27
N ASN A 144 -21.23 44.27 19.43
CA ASN A 144 -22.14 43.14 19.59
C ASN A 144 -22.31 42.87 21.08
N LEU A 145 -23.49 42.38 21.45
CA LEU A 145 -23.89 42.22 22.84
C LEU A 145 -24.49 40.85 23.08
N VAL A 146 -23.79 39.80 22.68
CA VAL A 146 -24.20 38.44 23.01
C VAL A 146 -24.48 38.38 24.50
N ILE A 147 -25.71 38.03 24.87
CA ILE A 147 -26.10 37.88 26.27
C ILE A 147 -26.60 36.46 26.47
N SER A 148 -25.97 35.74 27.39
CA SER A 148 -26.33 34.36 27.69
C SER A 148 -27.28 34.34 28.88
N VAL A 149 -28.40 33.66 28.73
CA VAL A 149 -29.39 33.53 29.79
C VAL A 149 -29.51 32.05 30.15
N THR A 150 -29.41 31.75 31.44
CA THR A 150 -29.53 30.39 31.93
C THR A 150 -29.97 30.44 33.39
N GLY A 151 -30.09 29.26 34.01
CA GLY A 151 -30.50 29.20 35.40
C GLY A 151 -29.34 29.45 36.33
N GLY A 152 -29.61 30.21 37.39
CA GLY A 152 -28.62 30.47 38.41
C GLY A 152 -28.36 29.32 39.35
N ALA A 153 -29.18 28.28 39.30
CA ALA A 153 -28.98 27.11 40.14
C ALA A 153 -27.67 26.42 39.79
N LYS A 154 -26.99 25.91 40.82
CA LYS A 154 -25.73 25.20 40.60
C LYS A 154 -25.91 23.91 39.83
N ASN A 155 -27.14 23.41 39.72
CA ASN A 155 -27.41 22.16 39.00
C ASN A 155 -27.33 22.43 37.51
N PHE A 156 -26.13 22.27 36.95
CA PHE A 156 -25.89 22.46 35.52
C PHE A 156 -25.05 21.26 35.05
N ALA A 157 -25.72 20.24 34.54
CA ALA A 157 -25.04 19.04 34.07
C ALA A 157 -24.25 19.37 32.81
N LEU A 158 -22.92 19.45 32.94
CA LEU A 158 -22.08 19.75 31.79
C LEU A 158 -22.22 18.66 30.73
N LYS A 159 -22.38 19.08 29.48
CA LYS A 159 -22.48 18.17 28.35
C LYS A 159 -21.32 18.39 27.39
N PRO A 160 -20.92 17.37 26.64
CA PRO A 160 -19.81 17.56 25.68
C PRO A 160 -20.14 18.55 24.58
N ARG A 161 -21.27 18.35 23.89
CA ARG A 161 -21.65 19.24 22.81
C ARG A 161 -21.91 20.64 23.33
N MET A 162 -22.47 20.76 24.54
CA MET A 162 -22.67 22.07 25.12
C MET A 162 -21.34 22.76 25.38
N ARG A 163 -20.35 22.00 25.87
CA ARG A 163 -19.02 22.57 26.07
C ARG A 163 -18.44 23.09 24.76
N LYS A 164 -18.52 22.27 23.70
CA LYS A 164 -18.00 22.71 22.41
C LYS A 164 -18.74 23.95 21.90
N ILE A 165 -20.07 23.95 22.03
CA ILE A 165 -20.88 25.06 21.53
C ILE A 165 -20.51 26.35 22.25
N PHE A 166 -20.37 26.30 23.57
CA PHE A 166 -20.06 27.51 24.31
C PHE A 166 -18.63 27.97 24.08
N SER A 167 -17.70 27.02 23.85
CA SER A 167 -16.35 27.43 23.45
C SER A 167 -16.38 28.18 22.13
N ARG A 168 -17.16 27.67 21.16
CA ARG A 168 -17.29 28.36 19.88
C ARG A 168 -17.92 29.74 20.07
N LEU A 169 -18.93 29.83 20.94
CA LEU A 169 -19.57 31.12 21.20
C LEU A 169 -18.57 32.12 21.77
N ILE A 170 -17.75 31.68 22.73
CA ILE A 170 -16.75 32.57 23.31
C ILE A 170 -15.75 33.00 22.24
N TYR A 171 -15.33 32.06 21.38
CA TYR A 171 -14.39 32.40 20.32
C TYR A 171 -14.98 33.46 19.40
N ILE A 172 -16.25 33.30 19.02
CA ILE A 172 -16.90 34.27 18.15
C ILE A 172 -16.99 35.64 18.84
N ALA A 173 -17.36 35.65 20.12
CA ALA A 173 -17.46 36.91 20.84
C ALA A 173 -16.12 37.62 20.89
N GLN A 174 -15.04 36.88 21.13
CA GLN A 174 -13.72 37.49 21.12
C GLN A 174 -13.37 38.01 19.72
N SER A 175 -13.68 37.24 18.69
CA SER A 175 -13.32 37.64 17.34
C SER A 175 -14.01 38.93 16.94
N LYS A 176 -15.30 39.06 17.25
CA LYS A 176 -16.05 40.25 16.89
C LYS A 176 -15.91 41.37 17.92
N GLY A 177 -15.34 41.09 19.09
CA GLY A 177 -15.26 42.10 20.12
C GLY A 177 -16.55 42.30 20.89
N ALA A 178 -17.40 41.28 20.94
CA ALA A 178 -18.71 41.42 21.56
C ALA A 178 -18.61 41.47 23.07
N TRP A 179 -19.58 42.13 23.69
CA TRP A 179 -19.76 42.06 25.14
C TRP A 179 -20.57 40.82 25.50
N ILE A 180 -20.28 40.28 26.68
CA ILE A 180 -20.99 39.11 27.18
C ILE A 180 -21.57 39.47 28.55
N LEU A 181 -22.89 39.37 28.68
CA LEU A 181 -23.59 39.60 29.93
C LEU A 181 -24.08 38.27 30.47
N THR A 182 -23.69 37.96 31.69
CA THR A 182 -24.03 36.70 32.34
C THR A 182 -24.49 36.96 33.76
N GLY A 183 -24.94 35.89 34.43
CA GLY A 183 -25.36 36.02 35.81
C GLY A 183 -24.22 36.42 36.74
N GLY A 184 -23.05 35.84 36.53
CA GLY A 184 -21.88 36.19 37.33
C GLY A 184 -21.99 35.78 38.78
N THR A 185 -22.45 34.55 39.04
CA THR A 185 -22.58 34.04 40.39
C THR A 185 -21.72 32.81 40.66
N HIS A 186 -20.93 32.35 39.69
CA HIS A 186 -20.03 31.22 39.87
C HIS A 186 -20.82 29.94 40.19
N TYR A 187 -21.73 29.60 39.29
CA TYR A 187 -22.52 28.39 39.44
C TYR A 187 -22.84 27.80 38.08
N GLY A 188 -22.54 26.51 37.91
CA GLY A 188 -22.93 25.81 36.70
C GLY A 188 -22.34 26.47 35.46
N LEU A 189 -23.21 26.71 34.48
CA LEU A 189 -22.75 27.26 33.20
C LEU A 189 -22.03 28.59 33.38
N MET A 190 -22.35 29.33 34.44
CA MET A 190 -21.69 30.61 34.67
C MET A 190 -20.18 30.43 34.85
N LYS A 191 -19.78 29.49 35.70
CA LYS A 191 -18.37 29.31 35.96
C LYS A 191 -17.62 28.88 34.71
N TYR A 192 -18.22 27.98 33.92
CA TYR A 192 -17.55 27.52 32.71
C TYR A 192 -17.47 28.62 31.65
N ILE A 193 -18.53 29.42 31.51
CA ILE A 193 -18.50 30.49 30.52
C ILE A 193 -17.47 31.54 30.92
N GLY A 194 -17.18 31.66 32.22
CA GLY A 194 -16.11 32.55 32.62
C GLY A 194 -14.73 31.92 32.45
N GLU A 195 -14.68 30.60 32.65
CA GLU A 195 -13.42 29.88 32.52
C GLU A 195 -12.93 29.89 31.08
N VAL A 196 -13.85 29.77 30.12
CA VAL A 196 -13.45 29.84 28.72
C VAL A 196 -12.86 31.21 28.41
N VAL A 197 -13.45 32.26 28.99
CA VAL A 197 -12.90 33.60 28.80
C VAL A 197 -11.50 33.69 29.36
N ARG A 198 -11.28 33.13 30.55
CA ARG A 198 -9.93 33.14 31.11
C ARG A 198 -8.96 32.40 30.19
N ASP A 199 -9.36 31.22 29.71
CA ASP A 199 -8.49 30.41 28.87
C ASP A 199 -8.11 31.16 27.61
N ASN A 200 -9.09 31.81 26.97
CA ASN A 200 -8.79 32.60 25.78
C ASN A 200 -7.93 33.81 26.12
N THR A 201 -8.12 34.40 27.30
CA THR A 201 -7.31 35.54 27.71
C THR A 201 -5.85 35.16 27.90
N ILE A 202 -5.56 33.89 28.21
CA ILE A 202 -4.18 33.46 28.35
C ILE A 202 -3.58 32.94 27.06
N SER A 203 -4.33 32.98 25.95
CA SER A 203 -3.81 32.56 24.65
C SER A 203 -4.10 33.61 23.58
N GLU A 208 -8.42 42.65 21.52
CA GLU A 208 -7.50 41.66 22.05
C GLU A 208 -7.93 41.20 23.44
N ASN A 209 -9.07 41.74 23.91
CA ASN A 209 -9.60 41.38 25.21
C ASN A 209 -11.10 41.11 25.09
N ILE A 210 -11.61 40.31 26.02
CA ILE A 210 -13.03 39.95 26.07
C ILE A 210 -13.65 40.66 27.26
N VAL A 211 -14.77 41.34 27.02
CA VAL A 211 -15.52 42.03 28.06
C VAL A 211 -16.65 41.11 28.49
N ALA A 212 -16.68 40.75 29.77
CA ALA A 212 -17.60 39.75 30.30
C ALA A 212 -18.35 40.31 31.51
N ILE A 213 -19.03 41.44 31.32
CA ILE A 213 -19.81 42.02 32.39
C ILE A 213 -20.75 40.98 32.97
N GLY A 214 -20.84 40.96 34.30
CA GLY A 214 -21.77 40.07 34.98
C GLY A 214 -22.66 40.82 35.95
N ILE A 215 -23.99 40.72 35.75
CA ILE A 215 -24.95 41.40 36.60
C ILE A 215 -25.47 40.40 37.62
N ALA A 216 -25.35 40.75 38.90
CA ALA A 216 -25.82 39.91 40.00
C ALA A 216 -26.57 40.78 40.99
N ALA A 217 -27.09 40.15 42.04
CA ALA A 217 -27.91 40.83 43.04
C ALA A 217 -27.09 41.03 44.31
N TRP A 218 -27.01 42.29 44.77
CA TRP A 218 -26.33 42.58 46.02
C TRP A 218 -27.01 41.90 47.20
N GLY A 219 -28.34 41.90 47.20
CA GLY A 219 -29.07 41.35 48.34
C GLY A 219 -28.78 39.88 48.56
N MET A 220 -28.64 39.12 47.48
CA MET A 220 -28.38 37.69 47.58
C MET A 220 -26.92 37.36 47.84
N VAL A 221 -26.03 38.35 47.79
CA VAL A 221 -24.61 38.11 48.00
C VAL A 221 -24.35 37.92 49.49
N SER A 222 -23.45 36.99 49.81
CA SER A 222 -23.16 36.67 51.21
C SER A 222 -22.20 37.67 51.84
N ASN A 223 -20.99 37.77 51.29
CA ASN A 223 -19.96 38.59 51.90
C ASN A 223 -20.17 40.06 51.56
N ARG A 224 -19.98 40.92 52.56
CA ARG A 224 -20.08 42.36 52.40
C ARG A 224 -18.72 42.99 52.67
N ASP A 225 -18.17 43.66 51.66
CA ASP A 225 -16.88 44.32 51.75
C ASP A 225 -17.05 45.75 51.23
N THR A 226 -17.44 46.65 52.12
CA THR A 226 -17.65 48.04 51.74
C THR A 226 -16.31 48.70 51.38
N LEU A 227 -16.38 49.68 50.49
CA LEU A 227 -15.19 50.41 50.06
C LEU A 227 -14.49 51.05 51.25
N PHE A 237 -9.56 51.13 50.39
CA PHE A 237 -10.04 51.53 49.07
C PHE A 237 -10.54 50.33 48.28
N SER A 238 -9.60 49.53 47.76
CA SER A 238 -9.94 48.34 46.98
C SER A 238 -10.08 47.14 47.91
N ALA A 239 -11.20 47.15 48.65
CA ALA A 239 -11.49 46.05 49.56
C ALA A 239 -11.62 44.74 48.76
N GLN A 240 -10.95 43.70 49.25
CA GLN A 240 -10.93 42.41 48.57
C GLN A 240 -11.15 41.30 49.58
N TYR A 241 -11.98 40.32 49.19
CA TYR A 241 -12.24 39.16 50.03
C TYR A 241 -12.28 37.92 49.14
N ILE A 242 -11.91 36.78 49.72
CA ILE A 242 -11.86 35.51 49.01
C ILE A 242 -12.69 34.49 49.76
N MET A 243 -13.12 33.47 49.03
CA MET A 243 -13.94 32.40 49.61
C MET A 243 -13.92 31.16 48.70
N LEU A 251 -25.72 34.12 50.89
CA LEU A 251 -25.23 33.08 50.01
C LEU A 251 -24.83 33.66 48.65
N TYR A 252 -24.80 32.80 47.63
CA TYR A 252 -24.53 33.21 46.26
C TYR A 252 -23.24 34.03 46.18
N ILE A 253 -22.12 33.38 46.50
CA ILE A 253 -20.83 33.97 46.22
C ILE A 253 -20.76 34.32 44.74
N LEU A 254 -20.00 35.36 44.41
CA LEU A 254 -19.96 35.90 43.06
C LEU A 254 -18.64 35.56 42.41
N ASP A 255 -18.70 35.15 41.14
CA ASP A 255 -17.51 34.80 40.39
C ASP A 255 -16.60 36.02 40.24
N ASN A 256 -15.31 35.82 40.51
CA ASN A 256 -14.31 36.86 40.29
C ASN A 256 -13.61 36.71 38.94
N ASN A 257 -14.00 35.73 38.13
CA ASN A 257 -13.37 35.50 36.83
C ASN A 257 -13.94 36.41 35.75
N HIS A 258 -14.95 37.21 36.06
CA HIS A 258 -15.51 38.16 35.12
C HIS A 258 -14.84 39.52 35.30
N THR A 259 -14.55 40.18 34.18
CA THR A 259 -13.81 41.44 34.23
C THR A 259 -14.56 42.49 35.04
N HIS A 260 -15.87 42.63 34.79
CA HIS A 260 -16.68 43.62 35.45
C HIS A 260 -17.89 42.97 36.09
N LEU A 261 -18.25 43.43 37.28
CA LEU A 261 -19.39 42.92 38.02
C LEU A 261 -20.27 44.10 38.44
N LEU A 262 -21.58 43.98 38.22
CA LEU A 262 -22.55 44.98 38.62
C LEU A 262 -23.54 44.35 39.59
N LEU A 263 -23.57 44.85 40.81
CA LEU A 263 -24.46 44.37 41.86
C LEU A 263 -25.52 45.43 42.12
N VAL A 264 -26.80 45.01 42.07
CA VAL A 264 -27.93 45.93 42.23
C VAL A 264 -28.87 45.34 43.26
N ASP A 265 -29.09 46.08 44.35
CA ASP A 265 -30.13 45.73 45.32
C ASP A 265 -30.42 46.95 46.17
N ASN A 266 -31.58 47.57 45.96
CA ASN A 266 -31.99 48.68 46.81
C ASN A 266 -32.30 48.22 48.23
N GLY A 267 -32.49 46.92 48.44
CA GLY A 267 -32.80 46.40 49.76
C GLY A 267 -33.28 44.97 49.67
N CYS A 268 -34.19 44.61 50.57
CA CYS A 268 -34.85 43.31 50.55
C CYS A 268 -33.80 42.18 50.66
N HIS A 269 -33.14 42.14 51.81
CA HIS A 269 -32.11 41.15 52.06
C HIS A 269 -32.59 39.72 51.79
N GLY A 270 -33.91 39.51 51.70
CA GLY A 270 -34.43 38.21 51.31
C GLY A 270 -33.94 37.73 49.96
N HIS A 271 -33.34 38.61 49.17
CA HIS A 271 -32.71 38.26 47.90
C HIS A 271 -33.73 37.85 46.84
N PRO A 272 -34.77 38.63 46.59
CA PRO A 272 -35.56 38.43 45.38
C PRO A 272 -34.83 38.99 44.17
N THR A 273 -35.05 38.34 43.02
CA THR A 273 -34.35 38.74 41.81
C THR A 273 -34.66 40.19 41.47
N VAL A 274 -33.61 40.97 41.21
CA VAL A 274 -33.75 42.39 40.90
C VAL A 274 -33.13 42.68 39.54
N GLU A 275 -32.12 41.89 39.16
CA GLU A 275 -31.45 42.12 37.89
C GLU A 275 -32.37 41.92 36.69
N ALA A 276 -33.46 41.16 36.87
CA ALA A 276 -34.37 40.84 35.78
C ALA A 276 -35.04 42.07 35.19
N LYS A 277 -34.81 43.26 35.74
CA LYS A 277 -35.33 44.51 35.20
C LYS A 277 -34.23 45.41 34.70
N LEU A 278 -33.19 45.64 35.51
CA LEU A 278 -32.09 46.51 35.11
C LEU A 278 -31.37 45.94 33.89
N ARG A 279 -31.16 44.63 33.86
CA ARG A 279 -30.45 44.03 32.73
C ARG A 279 -31.22 44.26 31.43
N ASN A 280 -32.53 44.02 31.45
CA ASN A 280 -33.34 44.23 30.25
C ASN A 280 -33.37 45.69 29.85
N GLN A 281 -33.49 46.60 30.82
CA GLN A 281 -33.48 48.02 30.48
C GLN A 281 -32.16 48.42 29.81
N LEU A 282 -31.05 47.94 30.36
CA LEU A 282 -29.75 48.26 29.76
C LEU A 282 -29.64 47.70 28.36
N GLU A 283 -30.09 46.45 28.16
CA GLU A 283 -30.02 45.86 26.83
C GLU A 283 -30.86 46.64 25.83
N LYS A 284 -32.08 47.03 26.23
CA LYS A 284 -32.93 47.80 25.33
C LYS A 284 -32.30 49.15 24.98
N TYR A 285 -31.78 49.85 25.99
CA TYR A 285 -31.18 51.16 25.73
C TYR A 285 -29.99 51.03 24.80
N ILE A 286 -29.12 50.05 25.04
CA ILE A 286 -27.97 49.86 24.16
C ILE A 286 -28.43 49.45 22.77
N SER A 287 -29.53 48.71 22.67
CA SER A 287 -30.10 48.39 21.37
C SER A 287 -30.43 49.66 20.60
N GLU A 288 -31.08 50.62 21.27
CA GLU A 288 -31.42 51.87 20.59
C GLU A 288 -30.18 52.70 20.29
N ARG A 289 -29.12 52.54 21.06
CA ARG A 289 -27.88 53.28 20.84
C ARG A 289 -27.37 53.06 19.42
N THR A 290 -27.22 54.15 18.67
CA THR A 290 -26.83 54.08 17.28
C THR A 290 -25.30 54.12 17.16
N SER A 291 -24.74 53.14 16.46
CA SER A 291 -23.31 53.08 16.17
C SER A 291 -23.11 52.91 14.68
N GLN A 292 -22.34 53.80 14.07
CA GLN A 292 -22.10 53.78 12.63
C GLN A 292 -20.93 52.85 12.31
N ASP A 293 -21.13 51.57 12.61
CA ASP A 293 -20.12 50.56 12.35
C ASP A 293 -20.80 49.20 12.31
N SER A 294 -20.10 48.24 11.70
CA SER A 294 -20.57 46.86 11.60
C SER A 294 -21.87 46.76 10.78
N ASN A 295 -22.13 47.76 9.95
CA ASN A 295 -23.34 47.80 9.12
C ASN A 295 -24.56 47.60 10.02
N TYR A 296 -25.50 46.72 9.67
CA TYR A 296 -26.71 46.50 10.47
C TYR A 296 -27.50 47.79 10.65
N GLY A 297 -27.50 48.64 9.63
CA GLY A 297 -28.28 49.87 9.68
C GLY A 297 -27.88 50.79 10.83
N GLY A 298 -26.59 50.87 11.12
CA GLY A 298 -26.12 51.75 12.19
C GLY A 298 -26.67 51.37 13.55
N LYS A 299 -26.81 50.08 13.82
CA LYS A 299 -27.32 49.61 15.10
C LYS A 299 -26.38 48.55 15.66
N ILE A 300 -26.80 47.84 16.70
CA ILE A 300 -25.94 46.85 17.35
C ILE A 300 -26.67 45.50 17.37
N PRO A 301 -25.97 44.38 17.11
CA PRO A 301 -26.66 43.10 16.94
C PRO A 301 -27.57 42.69 18.09
N ILE A 302 -27.07 42.69 19.32
CA ILE A 302 -27.84 42.47 20.55
C ILE A 302 -28.53 41.12 20.51
N VAL A 303 -27.78 40.08 20.15
CA VAL A 303 -28.36 38.75 20.11
C VAL A 303 -28.54 38.21 21.53
N CYS A 304 -29.49 37.28 21.69
CA CYS A 304 -29.91 36.78 22.98
C CYS A 304 -29.81 35.25 22.99
N PHE A 305 -28.69 34.73 23.50
CA PHE A 305 -28.49 33.29 23.56
C PHE A 305 -29.20 32.73 24.78
N ALA A 306 -29.99 31.66 24.59
CA ALA A 306 -30.74 31.06 25.69
C ALA A 306 -30.68 29.54 25.57
N GLN A 307 -30.22 28.88 26.63
CA GLN A 307 -30.23 27.42 26.71
C GLN A 307 -30.69 26.87 28.06
N GLY A 308 -30.62 27.65 29.13
CA GLY A 308 -30.94 27.11 30.44
C GLY A 308 -32.41 26.76 30.58
N GLY A 309 -32.69 25.83 31.49
CA GLY A 309 -34.03 25.35 31.74
C GLY A 309 -34.75 26.05 32.86
N GLY A 310 -34.24 27.19 33.31
CA GLY A 310 -34.85 27.88 34.43
C GLY A 310 -36.13 28.61 34.07
N ARG A 311 -36.92 28.88 35.11
CA ARG A 311 -38.12 29.70 34.95
C ARG A 311 -37.76 31.15 34.66
N GLU A 312 -36.82 31.71 35.43
CA GLU A 312 -36.38 33.07 35.18
C GLU A 312 -35.81 33.21 33.78
N THR A 313 -35.30 32.11 33.21
CA THR A 313 -34.90 32.13 31.81
C THR A 313 -36.11 32.33 30.91
N LEU A 314 -37.24 31.72 31.25
CA LEU A 314 -38.46 31.94 30.48
C LEU A 314 -38.89 33.39 30.55
N LYS A 315 -38.87 33.98 31.75
CA LYS A 315 -39.25 35.38 31.87
C LYS A 315 -38.29 36.28 31.10
N ALA A 316 -36.99 35.98 31.17
CA ALA A 316 -36.00 36.77 30.44
C ALA A 316 -36.23 36.68 28.93
N ILE A 317 -36.53 35.48 28.42
CA ILE A 317 -36.80 35.33 27.00
C ILE A 317 -38.04 36.13 26.61
N ASN A 318 -39.09 36.06 27.44
CA ASN A 318 -40.31 36.81 27.13
C ASN A 318 -40.02 38.30 27.05
N THR A 319 -39.31 38.84 28.04
CA THR A 319 -39.03 40.28 28.01
C THR A 319 -38.11 40.65 26.86
N SER A 320 -37.15 39.78 26.52
CA SER A 320 -36.27 40.07 25.39
C SER A 320 -37.05 40.11 24.09
N VAL A 321 -37.95 39.15 23.88
CA VAL A 321 -38.74 39.12 22.66
C VAL A 321 -39.79 40.23 22.65
N LYS A 322 -40.16 40.76 23.82
CA LYS A 322 -41.04 41.92 23.85
C LYS A 322 -40.49 43.03 22.98
N SER A 323 -39.19 43.32 23.12
CA SER A 323 -38.49 44.17 22.18
C SER A 323 -37.96 43.34 21.02
N LYS A 324 -37.44 44.03 20.00
CA LYS A 324 -36.98 43.36 18.78
C LYS A 324 -35.56 42.85 18.99
N ILE A 325 -35.44 41.87 19.89
CA ILE A 325 -34.19 41.20 20.19
C ILE A 325 -34.29 39.77 19.67
N PRO A 326 -33.48 39.38 18.68
CA PRO A 326 -33.59 38.01 18.12
C PRO A 326 -32.97 36.93 18.98
N CYS A 327 -33.75 36.43 19.93
CA CYS A 327 -33.26 35.37 20.81
C CYS A 327 -33.05 34.09 20.00
N VAL A 328 -32.07 33.29 20.42
CA VAL A 328 -31.72 32.04 19.77
C VAL A 328 -31.62 30.96 20.83
N VAL A 329 -32.22 29.80 20.54
CA VAL A 329 -32.28 28.69 21.47
C VAL A 329 -31.67 27.46 20.81
N VAL A 330 -31.20 26.53 21.63
CA VAL A 330 -30.64 25.27 21.15
C VAL A 330 -31.47 24.14 21.74
N GLU A 331 -31.88 23.18 20.89
CA GLU A 331 -32.66 22.03 21.32
C GLU A 331 -31.74 20.95 21.89
N GLY A 332 -31.06 21.31 22.98
CA GLY A 332 -30.12 20.41 23.61
C GLY A 332 -30.55 19.97 25.00
N SER A 333 -29.69 20.17 25.99
CA SER A 333 -29.99 19.72 27.34
C SER A 333 -31.05 20.59 28.00
N GLY A 334 -31.15 21.86 27.60
CA GLY A 334 -32.11 22.77 28.18
C GLY A 334 -33.54 22.27 28.11
N GLN A 335 -34.27 22.39 29.22
CA GLN A 335 -35.64 21.88 29.28
C GLN A 335 -36.64 22.92 28.76
N ILE A 336 -36.66 24.10 29.39
CA ILE A 336 -37.51 25.17 28.87
C ILE A 336 -37.05 25.55 27.48
N ALA A 337 -35.80 25.26 27.13
CA ALA A 337 -35.30 25.52 25.78
C ALA A 337 -35.76 24.45 24.80
N ASP A 338 -35.67 23.18 25.21
CA ASP A 338 -36.15 22.10 24.34
C ASP A 338 -37.65 22.20 24.11
N VAL A 339 -38.40 22.71 25.09
CA VAL A 339 -39.84 22.90 24.89
C VAL A 339 -40.08 23.82 23.70
N ILE A 340 -39.43 24.99 23.70
CA ILE A 340 -39.64 25.95 22.63
C ILE A 340 -39.10 25.42 21.31
N ALA A 341 -37.97 24.71 21.36
CA ALA A 341 -37.40 24.16 20.14
C ALA A 341 -38.36 23.15 19.50
N SER A 342 -38.96 22.28 20.33
CA SER A 342 -39.91 21.31 19.81
C SER A 342 -41.17 21.98 19.30
N LEU A 343 -41.66 22.99 20.01
CA LEU A 343 -42.88 23.66 19.59
C LEU A 343 -42.72 24.29 18.21
N VAL A 344 -41.59 24.95 17.96
CA VAL A 344 -41.34 25.57 16.67
C VAL A 344 -40.96 24.50 15.65
N THR A 351 -51.20 24.80 21.59
CA THR A 351 -52.33 24.96 22.49
C THR A 351 -51.90 24.77 23.94
N SER A 352 -52.85 24.91 24.86
CA SER A 352 -52.55 24.68 26.27
C SER A 352 -52.12 23.24 26.51
N SER A 353 -52.81 22.29 25.87
CA SER A 353 -52.44 20.88 26.02
C SER A 353 -51.03 20.62 25.50
N MET A 354 -50.67 21.22 24.37
CA MET A 354 -49.35 21.02 23.81
C MET A 354 -48.27 21.51 24.78
N VAL A 355 -48.44 22.73 25.29
CA VAL A 355 -47.46 23.27 26.24
C VAL A 355 -47.40 22.41 27.49
N LYS A 356 -48.56 21.98 27.99
CA LYS A 356 -48.59 21.18 29.21
C LYS A 356 -47.85 19.87 29.01
N GLU A 357 -48.14 19.16 27.92
CA GLU A 357 -47.49 17.88 27.68
C GLU A 357 -46.00 18.05 27.47
N LYS A 358 -45.59 19.10 26.74
CA LYS A 358 -44.17 19.31 26.51
C LYS A 358 -43.44 19.57 27.83
N LEU A 359 -43.97 20.46 28.66
CA LEU A 359 -43.28 20.80 29.90
C LEU A 359 -43.34 19.67 30.91
N VAL A 360 -44.38 18.83 30.86
CA VAL A 360 -44.42 17.64 31.71
C VAL A 360 -43.37 16.63 31.26
N ARG A 361 -43.25 16.43 29.95
CA ARG A 361 -42.27 15.49 29.42
C ARG A 361 -40.85 15.93 29.76
N PHE A 362 -40.56 17.22 29.60
CA PHE A 362 -39.21 17.71 29.82
C PHE A 362 -38.96 18.15 31.25
N LEU A 363 -40.00 18.56 31.98
CA LEU A 363 -39.87 19.00 33.38
C LEU A 363 -40.95 18.32 34.22
N PRO A 364 -40.88 17.00 34.39
CA PRO A 364 -41.87 16.30 35.21
C PRO A 364 -41.78 16.67 36.69
N ARG A 365 -40.58 16.58 37.25
CA ARG A 365 -40.40 16.94 38.66
C ARG A 365 -40.65 18.42 38.89
N THR A 366 -40.15 19.26 37.98
CA THR A 366 -40.32 20.71 38.14
C THR A 366 -41.78 21.10 38.06
N VAL A 367 -42.52 20.55 37.10
CA VAL A 367 -43.94 20.87 36.99
C VAL A 367 -44.71 20.29 38.17
N SER A 368 -44.32 19.10 38.63
CA SER A 368 -44.97 18.52 39.80
C SER A 368 -44.80 19.43 41.01
N ARG A 369 -43.60 19.97 41.22
CA ARG A 369 -43.40 20.92 42.29
C ARG A 369 -44.09 22.25 42.00
N LEU A 370 -44.21 22.62 40.73
CA LEU A 370 -44.80 23.90 40.38
C LEU A 370 -46.29 23.91 40.73
N PRO A 371 -46.82 25.04 41.22
CA PRO A 371 -48.25 25.12 41.53
C PRO A 371 -49.08 25.32 40.28
N GLU A 372 -50.40 25.17 40.45
CA GLU A 372 -51.32 25.34 39.33
C GLU A 372 -51.31 26.78 38.82
N GLU A 373 -51.22 27.76 39.73
CA GLU A 373 -51.29 29.15 39.32
C GLU A 373 -50.12 29.51 38.40
N GLU A 374 -48.92 29.03 38.71
CA GLU A 374 -47.76 29.34 37.89
C GLU A 374 -47.88 28.74 36.49
N ILE A 375 -48.68 27.69 36.33
CA ILE A 375 -48.83 27.07 35.01
C ILE A 375 -49.49 28.03 34.03
N GLU A 376 -50.44 28.84 34.51
CA GLU A 376 -51.07 29.81 33.63
C GLU A 376 -50.05 30.81 33.11
N SER A 377 -49.18 31.32 34.00
CA SER A 377 -48.14 32.24 33.58
C SER A 377 -47.18 31.58 32.62
N TRP A 378 -46.79 30.33 32.89
CA TRP A 378 -45.87 29.63 32.00
C TRP A 378 -46.48 29.48 30.60
N ILE A 379 -47.75 29.08 30.54
CA ILE A 379 -48.40 28.89 29.25
C ILE A 379 -48.52 30.21 28.52
N LYS A 380 -48.83 31.29 29.25
CA LYS A 380 -48.93 32.60 28.62
C LYS A 380 -47.58 33.05 28.05
N TRP A 381 -46.51 32.86 28.81
CA TRP A 381 -45.19 33.24 28.31
C TRP A 381 -44.80 32.40 27.09
N LEU A 382 -45.09 31.10 27.13
CA LEU A 382 -44.78 30.25 25.99
C LEU A 382 -45.56 30.67 24.76
N LYS A 383 -46.84 31.01 24.93
CA LYS A 383 -47.64 31.49 23.81
C LYS A 383 -47.07 32.80 23.25
N GLU A 384 -46.67 33.71 24.14
CA GLU A 384 -46.07 34.95 23.69
C GLU A 384 -44.79 34.71 22.90
N ILE A 385 -43.95 33.79 23.38
CA ILE A 385 -42.70 33.50 22.68
C ILE A 385 -42.98 32.88 21.32
N LEU A 386 -43.89 31.91 21.26
CA LEU A 386 -44.22 31.25 20.00
C LEU A 386 -45.01 32.15 19.06
N GLU A 387 -45.52 33.28 19.55
CA GLU A 387 -46.26 34.18 18.67
C GLU A 387 -45.39 34.70 17.54
N SER A 388 -44.15 35.06 17.85
CA SER A 388 -43.20 35.58 16.87
C SER A 388 -42.10 34.56 16.66
N SER A 389 -41.89 34.15 15.42
CA SER A 389 -40.82 33.22 15.06
C SER A 389 -39.69 33.87 14.28
N HIS A 390 -39.93 35.04 13.69
CA HIS A 390 -38.86 35.73 12.97
C HIS A 390 -37.74 36.17 13.91
N LEU A 391 -38.08 36.49 15.16
CA LEU A 391 -37.05 36.85 16.13
C LEU A 391 -36.40 35.60 16.74
N LEU A 392 -37.21 34.61 17.10
CA LEU A 392 -36.68 33.40 17.72
C LEU A 392 -36.06 32.49 16.66
N THR A 393 -34.95 31.87 17.04
CA THR A 393 -34.26 30.93 16.16
C THR A 393 -33.85 29.71 16.96
N VAL A 394 -33.67 28.59 16.27
CA VAL A 394 -33.37 27.31 16.90
C VAL A 394 -32.13 26.71 16.26
N ILE A 395 -31.45 25.86 17.03
CA ILE A 395 -30.30 25.11 16.57
C ILE A 395 -30.64 23.63 16.62
N LYS A 396 -30.52 22.95 15.49
CA LYS A 396 -30.86 21.53 15.43
C LYS A 396 -29.78 20.69 16.10
N MET A 397 -30.21 19.55 16.66
CA MET A 397 -29.28 18.64 17.30
C MET A 397 -28.46 17.85 16.28
N GLU A 398 -29.02 17.61 15.09
CA GLU A 398 -28.31 16.84 14.09
C GLU A 398 -27.05 17.56 13.63
N GLU A 399 -27.12 18.88 13.47
CA GLU A 399 -25.99 19.66 12.98
C GLU A 399 -24.80 19.54 13.91
N ALA A 400 -23.73 18.89 13.45
CA ALA A 400 -22.51 18.72 14.23
C ALA A 400 -21.36 19.56 13.67
N GLY A 401 -21.66 20.55 12.83
CA GLY A 401 -20.61 21.35 12.25
C GLY A 401 -19.92 22.22 13.28
N ASP A 402 -18.71 22.66 12.93
CA ASP A 402 -17.91 23.48 13.83
C ASP A 402 -18.42 24.92 13.92
N GLU A 403 -19.07 25.42 12.86
CA GLU A 403 -19.50 26.81 12.79
C GLU A 403 -21.01 26.95 12.92
N ILE A 404 -21.69 25.99 13.55
CA ILE A 404 -23.13 26.06 13.69
C ILE A 404 -23.53 27.25 14.57
N VAL A 405 -22.71 27.57 15.57
CA VAL A 405 -23.01 28.69 16.45
C VAL A 405 -23.06 29.99 15.65
N SER A 406 -22.01 30.24 14.85
CA SER A 406 -21.96 31.44 14.03
C SER A 406 -23.09 31.45 13.01
N ASN A 407 -23.41 30.29 12.45
CA ASN A 407 -24.52 30.21 11.51
C ASN A 407 -25.83 30.61 12.17
N ALA A 408 -26.08 30.11 13.37
CA ALA A 408 -27.31 30.46 14.08
C ALA A 408 -27.39 31.95 14.35
N ILE A 409 -26.31 32.52 14.88
CA ILE A 409 -26.33 33.94 15.21
C ILE A 409 -26.52 34.78 13.95
N SER A 410 -25.79 34.43 12.88
CA SER A 410 -25.88 35.19 11.64
C SER A 410 -27.28 35.11 11.05
N TYR A 411 -27.88 33.91 11.05
CA TYR A 411 -29.23 33.78 10.50
C TYR A 411 -30.23 34.57 11.33
N ALA A 412 -30.08 34.54 12.66
CA ALA A 412 -31.01 35.29 13.51
C ALA A 412 -30.91 36.79 13.23
N LEU A 413 -29.69 37.32 13.13
CA LEU A 413 -29.53 38.74 12.84
C LEU A 413 -30.03 39.08 11.44
N TYR A 414 -29.79 38.20 10.47
CA TYR A 414 -30.30 38.42 9.11
C TYR A 414 -31.81 38.49 9.09
N LYS A 415 -32.47 37.57 9.81
CA LYS A 415 -33.93 37.59 9.88
C LYS A 415 -34.42 38.86 10.56
N ALA A 416 -33.76 39.28 11.65
CA ALA A 416 -34.15 40.51 12.32
C ALA A 416 -34.03 41.71 11.39
N PHE A 417 -32.94 41.79 10.63
CA PHE A 417 -32.75 42.92 9.74
C PHE A 417 -33.78 42.91 8.61
N SER A 418 -33.99 41.76 7.97
CA SER A 418 -34.87 41.71 6.82
C SER A 418 -36.31 42.03 7.21
N THR A 419 -36.78 41.49 8.34
CA THR A 419 -38.17 41.68 8.75
C THR A 419 -38.40 42.99 9.48
N ASN A 420 -37.35 43.79 9.70
CA ASN A 420 -37.54 45.08 10.36
C ASN A 420 -38.48 45.97 9.56
N GLU A 421 -38.39 45.92 8.24
CA GLU A 421 -39.17 46.71 7.29
C GLU A 421 -38.64 48.13 7.17
N GLN A 422 -37.72 48.56 8.05
CA GLN A 422 -37.10 49.87 7.88
C GLN A 422 -36.03 49.83 6.79
N ASP A 423 -35.30 48.70 6.70
CA ASP A 423 -34.29 48.51 5.68
C ASP A 423 -34.56 47.24 4.87
N LYS A 424 -35.83 46.83 4.77
CA LYS A 424 -36.15 45.64 4.00
C LYS A 424 -35.81 45.84 2.53
N ASP A 425 -36.07 47.02 1.99
CA ASP A 425 -35.76 47.30 0.59
C ASP A 425 -34.26 47.32 0.33
N ASN A 426 -33.43 47.53 1.36
CA ASN A 426 -31.99 47.60 1.18
C ASN A 426 -31.44 46.31 0.61
N TRP A 427 -30.95 46.36 -0.62
CA TRP A 427 -30.22 45.24 -1.21
C TRP A 427 -28.72 45.33 -0.97
N ASN A 428 -28.22 46.52 -0.61
CA ASN A 428 -26.80 46.73 -0.37
C ASN A 428 -26.43 46.50 1.09
N GLY A 429 -27.16 47.11 2.02
CA GLY A 429 -26.89 46.87 3.43
C GLY A 429 -27.11 45.43 3.82
N GLN A 430 -28.15 44.80 3.26
CA GLN A 430 -28.37 43.38 3.52
C GLN A 430 -27.19 42.55 3.06
N LEU A 431 -26.68 42.84 1.87
CA LEU A 431 -25.51 42.12 1.35
C LEU A 431 -24.28 42.37 2.22
N LYS A 432 -24.08 43.61 2.66
CA LYS A 432 -22.93 43.92 3.50
C LYS A 432 -23.01 43.16 4.82
N LEU A 433 -24.20 43.11 5.42
CA LEU A 433 -24.36 42.37 6.66
C LEU A 433 -24.07 40.89 6.45
N LEU A 434 -24.61 40.32 5.38
CA LEU A 434 -24.34 38.91 5.10
C LEU A 434 -22.88 38.66 4.75
N LEU A 435 -22.17 39.69 4.29
CA LEU A 435 -20.73 39.56 4.05
C LEU A 435 -19.94 39.59 5.35
N GLU A 436 -20.37 40.41 6.32
CA GLU A 436 -19.67 40.50 7.58
C GLU A 436 -19.50 39.12 8.21
N TRP A 437 -20.58 38.36 8.28
CA TRP A 437 -20.53 36.97 8.72
C TRP A 437 -20.40 36.08 7.48
N ASN A 438 -19.46 35.13 7.54
CA ASN A 438 -19.12 34.33 6.36
C ASN A 438 -20.25 33.34 6.08
N GLN A 439 -21.31 33.87 5.49
CA GLN A 439 -22.47 33.09 5.06
C GLN A 439 -22.63 33.25 3.56
N LEU A 440 -22.14 32.28 2.79
CA LEU A 440 -22.14 32.37 1.34
C LEU A 440 -23.44 31.87 0.72
N ASP A 441 -23.97 30.74 1.21
CA ASP A 441 -25.17 30.18 0.63
C ASP A 441 -26.35 31.14 0.76
N LEU A 442 -26.50 31.76 1.93
CA LEU A 442 -27.59 32.71 2.13
C LEU A 442 -27.47 33.89 1.18
N ALA A 443 -26.26 34.43 1.03
CA ALA A 443 -26.07 35.56 0.13
C ALA A 443 -26.40 35.17 -1.30
N SER A 444 -25.96 33.99 -1.73
CA SER A 444 -26.22 33.55 -3.09
C SER A 444 -27.71 33.36 -3.34
N ASP A 445 -28.41 32.72 -2.39
CA ASP A 445 -29.80 32.36 -2.61
C ASP A 445 -30.73 33.57 -2.47
N GLU A 446 -30.50 34.42 -1.48
CA GLU A 446 -31.45 35.48 -1.15
C GLU A 446 -31.13 36.80 -1.83
N ILE A 447 -29.93 37.32 -1.60
CA ILE A 447 -29.59 38.66 -2.08
C ILE A 447 -29.69 38.72 -3.60
N PHE A 448 -28.86 37.92 -4.28
CA PHE A 448 -28.84 37.99 -5.74
C PHE A 448 -30.05 37.28 -6.34
N THR A 449 -30.16 35.97 -6.10
CA THR A 449 -31.29 35.19 -6.60
C THR A 449 -31.52 35.48 -8.08
N ASN A 450 -32.64 36.12 -8.42
CA ASN A 450 -32.93 36.48 -9.79
C ASN A 450 -33.97 37.59 -9.78
N ASP A 451 -34.13 38.23 -10.95
CA ASP A 451 -35.10 39.30 -11.13
C ASP A 451 -34.72 40.56 -10.36
N ARG A 452 -33.42 40.79 -10.18
CA ARG A 452 -32.92 41.98 -9.50
C ARG A 452 -31.89 42.65 -10.40
N ARG A 453 -32.08 43.94 -10.67
CA ARG A 453 -31.21 44.68 -11.58
C ARG A 453 -30.13 45.41 -10.79
N TRP A 454 -29.29 44.62 -10.13
CA TRP A 454 -28.18 45.19 -9.38
C TRP A 454 -27.16 45.83 -10.32
N GLU A 455 -26.92 45.21 -11.48
CA GLU A 455 -25.98 45.75 -12.46
C GLU A 455 -24.55 45.51 -12.01
N SER A 456 -23.59 45.82 -12.88
CA SER A 456 -22.18 45.57 -12.57
C SER A 456 -21.56 46.63 -11.66
N ALA A 457 -22.23 47.76 -11.48
CA ALA A 457 -21.71 48.84 -10.65
C ALA A 457 -22.18 48.75 -9.20
N ASP A 458 -23.11 47.86 -8.88
CA ASP A 458 -23.62 47.77 -7.53
C ASP A 458 -22.70 46.99 -6.59
N LEU A 459 -21.83 46.15 -7.12
CA LEU A 459 -20.96 45.32 -6.32
C LEU A 459 -19.61 45.95 -6.03
N GLN A 460 -19.35 47.16 -6.53
CA GLN A 460 -18.05 47.80 -6.37
C GLN A 460 -17.60 47.78 -4.90
N GLU A 461 -18.32 48.49 -4.04
CA GLU A 461 -17.86 48.71 -2.67
C GLU A 461 -17.87 47.42 -1.86
N VAL A 462 -18.92 46.60 -2.02
CA VAL A 462 -18.99 45.36 -1.25
C VAL A 462 -17.87 44.42 -1.66
N MET A 463 -17.55 44.37 -2.96
CA MET A 463 -16.45 43.52 -3.41
C MET A 463 -15.10 44.06 -2.92
N PHE A 464 -14.95 45.38 -2.88
CA PHE A 464 -13.76 45.97 -2.27
C PHE A 464 -13.63 45.52 -0.81
N THR A 465 -14.73 45.60 -0.06
CA THR A 465 -14.70 45.17 1.34
C THR A 465 -14.38 43.68 1.45
N ALA A 466 -14.92 42.87 0.54
CA ALA A 466 -14.64 41.44 0.56
C ALA A 466 -13.15 41.18 0.32
N LEU A 467 -12.56 41.89 -0.63
CA LEU A 467 -11.13 41.77 -0.85
C LEU A 467 -10.35 42.16 0.40
N ILE A 468 -10.76 43.23 1.05
CA ILE A 468 -10.06 43.67 2.26
C ILE A 468 -10.17 42.60 3.36
N LYS A 469 -11.34 42.00 3.51
CA LYS A 469 -11.63 41.10 4.61
C LYS A 469 -11.26 39.65 4.33
N ASP A 470 -10.67 39.36 3.17
CA ASP A 470 -10.22 38.01 2.83
C ASP A 470 -11.41 37.02 2.87
N ARG A 471 -12.34 37.26 1.94
CA ARG A 471 -13.52 36.41 1.76
C ARG A 471 -13.44 35.78 0.38
N PRO A 472 -12.64 34.72 0.22
CA PRO A 472 -12.44 34.15 -1.13
C PRO A 472 -13.73 33.70 -1.79
N LYS A 473 -14.61 33.03 -1.05
CA LYS A 473 -15.85 32.53 -1.64
C LYS A 473 -16.74 33.68 -2.10
N PHE A 474 -16.83 34.74 -1.30
CA PHE A 474 -17.63 35.89 -1.70
C PHE A 474 -17.01 36.59 -2.90
N VAL A 475 -15.68 36.64 -2.96
CA VAL A 475 -15.01 37.22 -4.13
C VAL A 475 -15.37 36.43 -5.38
N ARG A 476 -15.30 35.10 -5.29
CA ARG A 476 -15.66 34.26 -6.44
C ARG A 476 -17.10 34.47 -6.84
N LEU A 477 -18.00 34.55 -5.85
CA LEU A 477 -19.42 34.73 -6.15
C LEU A 477 -19.64 36.06 -6.85
N PHE A 478 -19.02 37.14 -6.35
CA PHE A 478 -19.17 38.44 -6.98
C PHE A 478 -18.64 38.42 -8.40
N LEU A 479 -17.49 37.79 -8.62
CA LEU A 479 -16.91 37.75 -9.97
C LEU A 479 -17.81 36.99 -10.93
N GLU A 480 -18.28 35.81 -10.51
CA GLU A 480 -19.03 34.95 -11.41
C GLU A 480 -20.49 35.37 -11.58
N ASN A 481 -21.01 36.21 -10.69
CA ASN A 481 -22.41 36.58 -10.76
C ASN A 481 -22.67 37.77 -11.68
N GLY A 482 -21.63 38.38 -12.24
CA GLY A 482 -21.83 39.45 -13.20
C GLY A 482 -20.84 40.59 -13.09
N LEU A 483 -20.02 40.61 -12.04
CA LEU A 483 -19.05 41.68 -11.88
C LEU A 483 -18.02 41.66 -13.00
N ASN A 484 -17.67 42.84 -13.49
CA ASN A 484 -16.66 43.00 -14.52
C ASN A 484 -15.35 43.39 -13.84
N LEU A 485 -14.46 42.41 -13.68
CA LEU A 485 -13.20 42.67 -12.99
C LEU A 485 -12.34 43.65 -13.77
N GLN A 486 -12.32 43.54 -15.11
CA GLN A 486 -11.51 44.43 -15.91
C GLN A 486 -11.90 45.88 -15.67
N LYS A 487 -13.20 46.18 -15.66
CA LYS A 487 -13.65 47.53 -15.34
C LYS A 487 -13.45 47.83 -13.86
N PHE A 488 -13.58 46.82 -12.99
CA PHE A 488 -13.38 47.03 -11.57
C PHE A 488 -12.03 47.66 -11.28
N LEU A 489 -10.96 47.01 -11.74
CA LEU A 489 -9.61 47.51 -11.50
C LEU A 489 -9.40 48.83 -12.20
N THR A 490 -9.27 49.91 -11.42
CA THR A 490 -9.04 51.24 -11.94
C THR A 490 -7.84 51.85 -11.24
N ASN A 491 -7.24 52.85 -11.88
CA ASN A 491 -6.01 53.44 -11.37
C ASN A 491 -6.20 53.92 -9.93
N GLU A 492 -7.30 54.64 -9.67
CA GLU A 492 -7.56 55.11 -8.32
C GLU A 492 -7.76 53.94 -7.35
N VAL A 493 -8.52 52.93 -7.78
CA VAL A 493 -8.78 51.78 -6.91
C VAL A 493 -7.47 51.07 -6.58
N LEU A 494 -6.64 50.83 -7.58
CA LEU A 494 -5.38 50.13 -7.35
C LEU A 494 -4.44 50.98 -6.48
N THR A 495 -4.43 52.28 -6.69
CA THR A 495 -3.60 53.15 -5.85
C THR A 495 -4.04 53.09 -4.40
N GLU A 496 -5.36 53.16 -4.16
CA GLU A 496 -5.86 53.08 -2.79
C GLU A 496 -5.61 51.70 -2.18
N LEU A 497 -5.61 50.66 -3.01
CA LEU A 497 -5.39 49.31 -2.51
C LEU A 497 -3.94 49.07 -2.14
N PHE A 498 -3.00 49.49 -2.99
CA PHE A 498 -1.58 49.27 -2.71
C PHE A 498 -1.03 50.23 -1.68
N SER A 499 -1.53 51.47 -1.66
CA SER A 499 -0.92 52.50 -0.82
C SER A 499 -1.05 52.16 0.66
N THR A 500 -2.23 51.69 1.09
CA THR A 500 -2.53 51.54 2.51
C THR A 500 -2.71 50.09 2.95
N HIS A 501 -3.53 49.32 2.24
CA HIS A 501 -3.83 47.96 2.70
C HIS A 501 -2.61 47.05 2.65
N PHE A 502 -1.56 47.45 1.94
CA PHE A 502 -0.33 46.66 1.94
C PHE A 502 0.21 46.56 3.36
N SER A 503 0.35 45.34 3.85
CA SER A 503 0.85 45.13 5.21
C SER A 503 2.20 45.81 5.40
N THR A 504 2.35 46.55 6.50
CA THR A 504 3.59 47.26 6.75
C THR A 504 4.75 46.29 6.95
N LEU A 505 4.50 45.19 7.65
CA LEU A 505 5.53 44.16 7.79
C LEU A 505 5.94 43.62 6.43
N VAL A 506 4.97 43.27 5.60
CA VAL A 506 5.27 42.77 4.27
C VAL A 506 5.95 43.84 3.44
N TYR A 507 5.53 45.10 3.60
CA TYR A 507 6.17 46.18 2.87
C TYR A 507 7.65 46.29 3.22
N ARG A 508 7.97 46.27 4.51
CA ARG A 508 9.37 46.35 4.93
C ARG A 508 10.15 45.14 4.44
N ASN A 509 9.55 43.95 4.54
CA ASN A 509 10.25 42.74 4.08
C ASN A 509 10.53 42.81 2.58
N LEU A 510 9.56 43.27 1.80
CA LEU A 510 9.75 43.40 0.35
C LEU A 510 10.82 44.43 0.04
N GLN A 511 10.82 45.56 0.75
CA GLN A 511 11.85 46.56 0.53
C GLN A 511 13.23 45.99 0.83
N ILE A 512 13.37 45.27 1.94
CA ILE A 512 14.65 44.69 2.31
C ILE A 512 15.09 43.68 1.25
N ALA A 513 14.17 42.83 0.80
CA ALA A 513 14.53 41.83 -0.20
C ALA A 513 14.96 42.48 -1.52
N LYS A 514 14.23 43.51 -1.95
CA LYS A 514 14.58 44.19 -3.19
C LYS A 514 15.93 44.89 -3.08
N ASN A 515 16.20 45.50 -1.93
CA ASN A 515 17.43 46.26 -1.77
C ASN A 515 18.66 45.35 -1.67
N SER A 516 18.51 44.19 -1.03
CA SER A 516 19.65 43.35 -0.69
C SER A 516 19.94 42.31 -1.77
N TYR A 517 18.98 41.41 -2.02
CA TYR A 517 19.23 40.31 -2.94
C TYR A 517 18.98 40.74 -4.39
N ASN A 518 17.77 41.22 -4.67
CA ASN A 518 17.43 41.71 -5.99
C ASN A 518 17.41 40.58 -7.01
N ASP A 519 16.81 40.82 -8.17
CA ASP A 519 16.74 39.82 -9.24
C ASP A 519 16.05 40.42 -10.45
N ALA A 520 15.98 39.66 -11.55
CA ALA A 520 15.36 40.17 -12.77
C ALA A 520 13.89 40.53 -12.54
N LEU A 521 13.21 39.81 -11.65
CA LEU A 521 11.80 40.05 -11.38
C LEU A 521 11.56 40.76 -10.05
N LEU A 522 12.47 40.60 -9.08
CA LEU A 522 12.32 41.28 -7.80
C LEU A 522 12.28 42.79 -7.99
N THR A 523 13.22 43.32 -8.77
CA THR A 523 13.25 44.76 -9.00
C THR A 523 11.98 45.22 -9.73
N PHE A 524 11.51 44.43 -10.69
CA PHE A 524 10.31 44.79 -11.43
C PHE A 524 9.10 44.88 -10.49
N VAL A 525 8.90 43.85 -9.65
CA VAL A 525 7.74 43.85 -8.77
C VAL A 525 7.85 44.97 -7.74
N TRP A 526 9.05 45.20 -7.21
CA TRP A 526 9.23 46.28 -6.26
C TRP A 526 8.93 47.63 -6.90
N LYS A 527 9.39 47.84 -8.13
CA LYS A 527 9.12 49.09 -8.82
C LYS A 527 7.63 49.29 -9.06
N LEU A 528 6.94 48.23 -9.48
CA LEU A 528 5.50 48.33 -9.69
C LEU A 528 4.79 48.68 -8.39
N VAL A 529 5.17 48.02 -7.29
CA VAL A 529 4.53 48.28 -6.00
C VAL A 529 4.77 49.73 -5.58
N ALA A 530 6.01 50.20 -5.70
CA ALA A 530 6.34 51.56 -5.29
C ALA A 530 5.60 52.58 -6.17
N ASN A 531 5.51 52.31 -7.47
CA ASN A 531 4.78 53.19 -8.36
C ASN A 531 3.32 53.30 -7.95
N PHE A 532 2.68 52.16 -7.66
CA PHE A 532 1.28 52.21 -7.27
C PHE A 532 1.10 52.92 -5.92
N ARG A 533 2.00 52.68 -4.98
CA ARG A 533 1.91 53.35 -3.68
C ARG A 533 2.05 54.86 -3.84
N ARG A 534 3.03 55.29 -4.63
CA ARG A 534 3.24 56.73 -4.83
C ARG A 534 2.06 57.37 -5.52
N SER A 535 1.52 56.71 -6.55
CA SER A 535 0.40 57.25 -7.30
C SER A 535 -0.37 56.14 -7.99
N THR A 558 1.05 47.32 -22.55
CA THR A 558 -0.23 47.52 -21.90
C THR A 558 -0.03 47.77 -20.40
N ARG A 559 -1.10 47.66 -19.61
CA ARG A 559 -1.07 47.99 -18.20
C ARG A 559 -0.93 46.77 -17.30
N HIS A 560 -1.73 45.73 -17.52
CA HIS A 560 -1.68 44.52 -16.72
C HIS A 560 -2.04 44.81 -15.26
N PRO A 561 -3.25 45.28 -15.00
CA PRO A 561 -3.66 45.53 -13.60
C PRO A 561 -4.01 44.26 -12.86
N LEU A 562 -4.58 43.29 -13.58
CA LEU A 562 -4.94 42.01 -12.96
C LEU A 562 -3.72 41.31 -12.42
N GLN A 563 -2.59 41.40 -13.13
CA GLN A 563 -1.35 40.84 -12.61
C GLN A 563 -0.94 41.55 -11.31
N ALA A 564 -1.15 42.87 -11.25
CA ALA A 564 -0.84 43.60 -10.02
C ALA A 564 -1.70 43.10 -8.87
N LEU A 565 -3.00 42.89 -9.12
CA LEU A 565 -3.88 42.37 -8.07
C LEU A 565 -3.44 40.98 -7.63
N PHE A 566 -3.05 40.14 -8.59
CA PHE A 566 -2.58 38.79 -8.24
C PHE A 566 -1.32 38.87 -7.38
N ILE A 567 -0.40 39.76 -7.73
CA ILE A 567 0.81 39.95 -6.94
C ILE A 567 0.45 40.40 -5.52
N TRP A 568 -0.49 41.35 -5.42
CA TRP A 568 -0.93 41.82 -4.11
C TRP A 568 -1.48 40.68 -3.28
N ALA A 569 -2.32 39.84 -3.89
CA ALA A 569 -2.90 38.72 -3.16
C ALA A 569 -1.83 37.74 -2.72
N ILE A 570 -0.85 37.44 -3.59
CA ILE A 570 0.17 36.48 -3.24
C ILE A 570 1.04 36.99 -2.10
N LEU A 571 1.47 38.24 -2.18
CA LEU A 571 2.48 38.76 -1.26
C LEU A 571 2.02 38.73 0.20
N GLN A 572 0.71 38.67 0.43
CA GLN A 572 0.17 38.61 1.79
C GLN A 572 -0.25 37.20 2.19
N ASN A 573 0.13 36.18 1.42
CA ASN A 573 -0.09 34.78 1.77
C ASN A 573 -1.58 34.47 1.90
N LYS A 574 -2.31 34.67 0.82
CA LYS A 574 -3.73 34.31 0.71
C LYS A 574 -3.84 33.21 -0.34
N LYS A 575 -3.99 31.96 0.11
CA LYS A 575 -4.00 30.83 -0.82
C LYS A 575 -5.24 30.88 -1.71
N GLU A 576 -6.42 30.90 -1.09
CA GLU A 576 -7.65 30.80 -1.88
C GLU A 576 -7.88 32.04 -2.74
N LEU A 577 -7.63 33.23 -2.18
CA LEU A 577 -7.80 34.44 -2.97
C LEU A 577 -6.79 34.49 -4.11
N SER A 578 -5.56 34.05 -3.86
CA SER A 578 -4.56 34.00 -4.91
C SER A 578 -5.01 33.09 -6.04
N LYS A 579 -5.54 31.91 -5.70
CA LYS A 579 -6.03 31.00 -6.73
C LYS A 579 -7.20 31.61 -7.48
N VAL A 580 -8.12 32.26 -6.77
CA VAL A 580 -9.28 32.86 -7.42
C VAL A 580 -8.83 33.91 -8.43
N ILE A 581 -7.86 34.74 -8.06
CA ILE A 581 -7.38 35.77 -8.98
C ILE A 581 -6.62 35.11 -10.13
N TRP A 582 -5.85 34.06 -9.84
CA TRP A 582 -5.10 33.37 -10.88
C TRP A 582 -6.02 32.82 -11.95
N GLU A 583 -7.21 32.37 -11.55
CA GLU A 583 -8.14 31.81 -12.51
C GLU A 583 -8.62 32.84 -13.53
N GLN A 584 -8.31 34.13 -13.35
CA GLN A 584 -8.77 35.17 -14.24
C GLN A 584 -7.70 35.67 -15.21
N THR A 585 -6.42 35.50 -14.87
CA THR A 585 -5.35 36.03 -15.71
C THR A 585 -5.37 35.38 -17.09
N LYS A 586 -5.04 36.17 -18.11
CA LYS A 586 -4.96 35.63 -19.46
C LYS A 586 -3.80 34.66 -19.59
N GLY A 587 -2.61 35.06 -19.13
CA GLY A 587 -1.45 34.19 -19.13
C GLY A 587 -1.18 33.65 -17.74
N CYS A 588 -1.38 32.35 -17.55
CA CYS A 588 -1.36 31.74 -16.23
C CYS A 588 -0.13 30.90 -15.95
N THR A 589 0.30 30.06 -16.90
CA THR A 589 1.50 29.26 -16.68
C THR A 589 2.67 30.14 -16.30
N LEU A 590 2.88 31.22 -17.07
CA LEU A 590 3.92 32.18 -16.72
C LEU A 590 3.65 32.81 -15.36
N ALA A 591 2.38 33.16 -15.10
CA ALA A 591 2.03 33.75 -13.81
C ALA A 591 2.30 32.77 -12.67
N ALA A 592 1.94 31.51 -12.85
CA ALA A 592 2.17 30.53 -11.81
C ALA A 592 3.65 30.34 -11.55
N LEU A 593 4.46 30.25 -12.61
CA LEU A 593 5.89 30.10 -12.43
C LEU A 593 6.49 31.31 -11.72
N GLY A 594 6.06 32.52 -12.11
CA GLY A 594 6.56 33.71 -11.45
C GLY A 594 6.16 33.76 -9.99
N ALA A 595 4.93 33.37 -9.68
CA ALA A 595 4.50 33.33 -8.28
C ALA A 595 5.32 32.34 -7.48
N SER A 596 5.57 31.15 -8.04
CA SER A 596 6.39 30.17 -7.34
C SER A 596 7.80 30.71 -7.11
N LYS A 597 8.37 31.37 -8.12
CA LYS A 597 9.70 31.95 -7.97
C LYS A 597 9.70 33.01 -6.87
N LEU A 598 8.69 33.87 -6.85
CA LEU A 598 8.62 34.94 -5.85
C LEU A 598 8.51 34.35 -4.45
N LEU A 599 7.66 33.33 -4.29
CA LEU A 599 7.52 32.68 -2.98
C LEU A 599 8.83 32.02 -2.57
N LYS A 600 9.52 31.36 -3.52
CA LYS A 600 10.75 30.69 -3.19
C LYS A 600 11.82 31.68 -2.74
N THR A 601 11.91 32.83 -3.41
CA THR A 601 12.91 33.82 -3.03
C THR A 601 12.54 34.56 -1.75
N LEU A 602 11.25 34.70 -1.44
CA LEU A 602 10.83 35.38 -0.22
C LEU A 602 10.78 34.46 1.00
N ALA A 603 10.76 33.14 0.80
CA ALA A 603 10.65 32.24 1.95
C ALA A 603 11.98 32.15 2.70
N LYS A 604 13.10 32.20 1.99
CA LYS A 604 14.39 32.01 2.64
C LYS A 604 14.66 33.11 3.66
N VAL A 605 14.31 34.36 3.31
CA VAL A 605 14.62 35.49 4.19
C VAL A 605 13.90 35.34 5.53
N LYS A 606 12.64 34.94 5.50
CA LYS A 606 11.85 34.87 6.73
C LYS A 606 12.50 33.94 7.73
N ASN A 607 12.60 34.39 8.98
CA ASN A 607 13.19 33.58 10.03
C ASN A 607 12.21 32.56 10.60
N ASP A 608 10.91 32.84 10.55
CA ASP A 608 9.93 31.94 11.11
C ASP A 608 9.96 30.59 10.42
N ILE A 609 9.99 29.52 11.21
CA ILE A 609 10.00 28.17 10.65
C ILE A 609 8.64 27.82 10.05
N ASN A 610 7.57 28.10 10.80
CA ASN A 610 6.23 27.73 10.33
C ASN A 610 5.86 28.51 9.07
N ALA A 611 6.15 29.81 9.04
CA ALA A 611 5.87 30.60 7.85
C ALA A 611 6.67 30.10 6.66
N ALA A 612 7.93 29.74 6.89
CA ALA A 612 8.75 29.19 5.82
C ALA A 612 8.15 27.90 5.27
N GLY A 613 7.70 27.02 6.15
CA GLY A 613 7.07 25.79 5.69
C GLY A 613 5.81 26.05 4.89
N GLU A 614 4.97 26.97 5.37
CA GLU A 614 3.75 27.31 4.66
C GLU A 614 4.05 27.86 3.27
N SER A 615 5.04 28.77 3.18
CA SER A 615 5.40 29.34 1.89
C SER A 615 5.96 28.27 0.96
N GLU A 616 6.75 27.34 1.49
CA GLU A 616 7.28 26.25 0.67
C GLU A 616 6.13 25.39 0.14
N GLU A 617 5.15 25.08 0.98
CA GLU A 617 4.02 24.28 0.52
C GLU A 617 3.24 25.02 -0.56
N LEU A 618 3.02 26.32 -0.40
CA LEU A 618 2.31 27.08 -1.41
C LEU A 618 3.08 27.11 -2.73
N ALA A 619 4.39 27.28 -2.65
CA ALA A 619 5.21 27.28 -3.86
C ALA A 619 5.14 25.92 -4.56
N ASN A 620 5.20 24.83 -3.80
CA ASN A 620 5.06 23.51 -4.40
C ASN A 620 3.70 23.35 -5.07
N GLU A 621 2.65 23.85 -4.42
CA GLU A 621 1.31 23.77 -5.01
C GLU A 621 1.26 24.50 -6.34
N TYR A 622 1.82 25.71 -6.39
CA TYR A 622 1.81 26.47 -7.65
C TYR A 622 2.65 25.79 -8.72
N GLU A 623 3.79 25.21 -8.33
CA GLU A 623 4.61 24.47 -9.29
C GLU A 623 3.83 23.31 -9.89
N THR A 624 3.12 22.55 -9.04
CA THR A 624 2.31 21.45 -9.53
C THR A 624 1.21 21.96 -10.46
N ARG A 625 0.58 23.08 -10.10
CA ARG A 625 -0.44 23.67 -10.96
C ARG A 625 0.12 23.96 -12.35
N ALA A 626 1.27 24.63 -12.40
CA ALA A 626 1.87 24.98 -13.69
C ALA A 626 2.22 23.72 -14.49
N VAL A 627 2.80 22.73 -13.83
CA VAL A 627 3.21 21.51 -14.53
C VAL A 627 1.99 20.83 -15.13
N GLU A 628 0.93 20.68 -14.34
CA GLU A 628 -0.27 20.01 -14.83
C GLU A 628 -0.90 20.79 -15.98
N LEU A 629 -0.96 22.11 -15.86
CA LEU A 629 -1.56 22.90 -16.92
C LEU A 629 -0.77 22.77 -18.22
N PHE A 630 0.55 22.82 -18.13
CA PHE A 630 1.35 22.72 -19.36
C PHE A 630 1.27 21.32 -19.94
N THR A 631 1.20 20.28 -19.09
CA THR A 631 1.03 18.94 -19.62
C THR A 631 -0.29 18.82 -20.37
N GLU A 632 -1.36 19.38 -19.82
CA GLU A 632 -2.65 19.36 -20.51
C GLU A 632 -2.56 20.08 -21.84
N CYS A 633 -1.94 21.26 -21.84
CA CYS A 633 -1.83 22.04 -23.07
C CYS A 633 -1.04 21.27 -24.13
N TYR A 634 0.10 20.67 -23.74
CA TYR A 634 0.92 19.95 -24.70
C TYR A 634 0.19 18.72 -25.23
N SER A 635 -0.49 17.98 -24.35
CA SER A 635 -1.22 16.80 -24.80
C SER A 635 -2.32 17.18 -25.78
N ASN A 636 -3.04 18.28 -25.49
CA ASN A 636 -4.08 18.72 -26.42
C ASN A 636 -3.47 19.16 -27.75
N ASP A 637 -2.58 20.15 -27.71
CA ASP A 637 -1.91 20.66 -28.90
C ASP A 637 -0.42 20.79 -28.61
N GLU A 638 0.39 20.37 -29.58
CA GLU A 638 1.84 20.37 -29.42
C GLU A 638 2.49 21.63 -29.96
N ASP A 639 2.18 22.00 -31.21
CA ASP A 639 2.78 23.18 -31.80
C ASP A 639 2.39 24.44 -31.04
N LEU A 640 1.12 24.53 -30.62
CA LEU A 640 0.70 25.68 -29.83
C LEU A 640 1.36 25.69 -28.46
N ALA A 641 1.59 24.51 -27.86
CA ALA A 641 2.31 24.48 -26.58
C ALA A 641 3.73 24.99 -26.75
N GLU A 642 4.42 24.55 -27.80
CA GLU A 642 5.78 25.03 -28.06
C GLU A 642 5.78 26.54 -28.33
N GLN A 643 4.79 27.02 -29.08
CA GLN A 643 4.68 28.45 -29.33
C GLN A 643 4.47 29.22 -28.03
N LEU A 644 3.62 28.69 -27.15
CA LEU A 644 3.42 29.32 -25.85
C LEU A 644 4.71 29.38 -25.06
N LEU A 645 5.49 28.29 -25.08
CA LEU A 645 6.80 28.31 -24.46
C LEU A 645 7.66 29.44 -25.04
N VAL A 646 7.74 29.51 -26.37
CA VAL A 646 8.54 30.55 -27.00
C VAL A 646 7.96 31.93 -26.74
N TYR A 647 6.64 32.03 -26.58
CA TYR A 647 6.01 33.34 -26.41
C TYR A 647 6.61 34.07 -25.22
N SER A 648 6.90 35.35 -25.43
CA SER A 648 7.47 36.20 -24.40
C SER A 648 6.44 37.23 -23.96
N CYS A 649 6.42 37.51 -22.66
CA CYS A 649 5.46 38.46 -22.11
C CYS A 649 5.81 39.88 -22.51
N GLU A 650 4.83 40.76 -22.38
CA GLU A 650 5.05 42.21 -22.56
C GLU A 650 5.33 42.83 -21.20
N ALA A 651 6.49 42.46 -20.65
CA ALA A 651 7.02 43.03 -19.42
C ALA A 651 6.32 42.49 -18.17
N TRP A 652 5.78 41.27 -18.22
CA TRP A 652 5.41 40.59 -16.99
C TRP A 652 6.66 40.40 -16.13
N GLY A 653 7.68 39.78 -16.71
CA GLY A 653 9.01 39.77 -16.14
C GLY A 653 10.05 39.92 -17.23
N GLY A 654 9.59 40.11 -18.47
CA GLY A 654 10.47 40.20 -19.61
C GLY A 654 11.10 38.88 -20.01
N SER A 655 10.48 37.76 -19.66
CA SER A 655 11.10 36.46 -19.87
C SER A 655 10.02 35.42 -20.17
N ASN A 656 10.45 34.34 -20.80
CA ASN A 656 9.56 33.24 -21.14
C ASN A 656 9.39 32.30 -19.95
N CYS A 657 8.55 31.28 -20.12
CA CYS A 657 8.37 30.29 -19.07
C CYS A 657 9.67 29.51 -18.83
N LEU A 658 10.40 29.19 -19.90
CA LEU A 658 11.66 28.47 -19.75
C LEU A 658 12.61 29.24 -18.84
N GLU A 659 12.75 30.54 -19.07
CA GLU A 659 13.71 31.33 -18.31
C GLU A 659 13.35 31.37 -16.84
N LEU A 660 12.07 31.56 -16.53
CA LEU A 660 11.67 31.57 -15.12
C LEU A 660 11.84 30.20 -14.48
N ALA A 661 11.47 29.13 -15.20
CA ALA A 661 11.60 27.79 -14.64
C ALA A 661 13.06 27.45 -14.36
N VAL A 662 13.95 27.77 -15.28
CA VAL A 662 15.36 27.48 -15.07
C VAL A 662 15.94 28.36 -13.97
N GLU A 663 15.50 29.63 -13.92
CA GLU A 663 16.01 30.54 -12.90
C GLU A 663 15.62 30.08 -11.50
N ALA A 664 14.40 29.55 -11.35
CA ALA A 664 13.93 29.01 -10.08
C ALA A 664 14.31 27.55 -9.89
N THR A 665 15.27 27.06 -10.66
CA THR A 665 15.74 25.67 -10.58
C THR A 665 14.58 24.69 -10.43
N ASP A 666 13.55 24.89 -11.25
CA ASP A 666 12.37 24.01 -11.26
C ASP A 666 12.69 22.84 -12.18
N GLN A 667 13.38 21.85 -11.63
CA GLN A 667 13.81 20.70 -12.42
C GLN A 667 12.62 19.91 -12.95
N HIS A 668 11.57 19.77 -12.13
CA HIS A 668 10.45 18.92 -12.52
C HIS A 668 9.75 19.44 -13.77
N PHE A 669 9.56 20.76 -13.87
CA PHE A 669 8.85 21.32 -15.01
C PHE A 669 9.62 21.07 -16.30
N ILE A 670 10.92 21.30 -16.29
CA ILE A 670 11.71 21.11 -17.50
C ILE A 670 11.86 19.63 -17.83
N ALA A 671 11.89 18.77 -16.81
CA ALA A 671 12.06 17.34 -17.04
C ALA A 671 10.85 16.71 -17.73
N GLN A 672 9.74 17.42 -17.85
CA GLN A 672 8.55 16.84 -18.43
C GLN A 672 8.76 16.55 -19.92
N PRO A 673 8.03 15.58 -20.47
CA PRO A 673 8.30 15.17 -21.86
C PRO A 673 8.20 16.31 -22.87
N GLY A 674 7.27 17.24 -22.69
CA GLY A 674 7.08 18.27 -23.70
C GLY A 674 8.29 19.16 -23.86
N VAL A 675 8.84 19.63 -22.75
CA VAL A 675 10.00 20.53 -22.82
C VAL A 675 11.21 19.78 -23.33
N GLN A 676 11.38 18.52 -22.92
CA GLN A 676 12.49 17.72 -23.42
C GLN A 676 12.39 17.51 -24.92
N ASN A 677 11.17 17.25 -25.42
CA ASN A 677 10.99 17.07 -26.86
C ASN A 677 11.27 18.37 -27.60
N PHE A 678 10.83 19.50 -27.06
CA PHE A 678 11.12 20.78 -27.68
C PHE A 678 12.63 21.02 -27.75
N LEU A 679 13.34 20.73 -26.65
CA LEU A 679 14.79 20.91 -26.63
C LEU A 679 15.47 19.97 -27.61
N SER A 680 14.99 18.73 -27.72
CA SER A 680 15.56 17.80 -28.69
C SER A 680 15.36 18.30 -30.11
N LYS A 681 14.16 18.79 -30.43
CA LYS A 681 13.92 19.32 -31.76
C LYS A 681 14.83 20.50 -32.06
N GLN A 682 15.02 21.39 -31.08
CA GLN A 682 15.93 22.51 -31.27
C GLN A 682 17.37 22.04 -31.39
N TRP A 683 17.71 20.93 -30.73
CA TRP A 683 19.07 20.42 -30.74
C TRP A 683 19.44 19.85 -32.10
N TYR A 684 18.56 19.03 -32.67
CA TYR A 684 18.82 18.47 -33.99
C TYR A 684 18.67 19.50 -35.10
N GLY A 685 18.06 20.64 -34.83
CA GLY A 685 17.90 21.66 -35.85
C GLY A 685 17.09 21.14 -37.02
N GLU A 686 17.59 21.37 -38.23
CA GLU A 686 16.86 20.96 -39.43
C GLU A 686 16.71 19.45 -39.49
N ILE A 687 17.76 18.71 -39.12
CA ILE A 687 17.75 17.26 -39.30
C ILE A 687 16.57 16.67 -38.53
N SER A 688 15.99 15.61 -39.09
CA SER A 688 14.89 14.92 -38.43
C SER A 688 15.38 14.19 -37.19
N ARG A 689 14.54 14.17 -36.17
CA ARG A 689 14.91 13.52 -34.91
C ARG A 689 14.84 12.00 -34.99
N ASP A 690 14.15 11.46 -35.99
CA ASP A 690 13.99 10.02 -36.12
C ASP A 690 15.17 9.36 -36.82
N THR A 691 16.12 10.12 -37.35
CA THR A 691 17.26 9.54 -38.04
C THR A 691 18.17 8.83 -37.03
N LYS A 692 18.72 7.70 -37.47
CA LYS A 692 19.72 7.01 -36.65
C LYS A 692 20.94 7.92 -36.47
N ASN A 693 21.44 7.98 -35.23
CA ASN A 693 22.53 8.89 -34.92
C ASN A 693 23.80 8.51 -35.66
N TRP A 694 24.06 7.20 -35.83
CA TRP A 694 25.27 6.80 -36.51
C TRP A 694 25.26 7.23 -37.97
N LYS A 695 24.08 7.29 -38.61
CA LYS A 695 24.01 7.77 -39.98
C LYS A 695 24.55 9.19 -40.08
N ILE A 696 24.06 10.09 -39.21
CA ILE A 696 24.48 11.49 -39.29
C ILE A 696 25.93 11.64 -38.88
N ILE A 697 26.39 10.87 -37.89
CA ILE A 697 27.80 10.92 -37.51
C ILE A 697 28.67 10.51 -38.69
N LEU A 698 28.28 9.45 -39.38
CA LEU A 698 29.02 9.01 -40.56
C LEU A 698 29.04 10.09 -41.63
N CYS A 699 27.88 10.72 -41.86
CA CYS A 699 27.81 11.76 -42.89
C CYS A 699 28.63 12.99 -42.52
N LEU A 700 28.87 13.23 -41.23
CA LEU A 700 29.70 14.37 -40.84
C LEU A 700 31.05 14.33 -41.52
N PHE A 701 31.70 13.17 -41.54
CA PHE A 701 33.03 13.06 -42.11
C PHE A 701 33.01 13.25 -43.62
N ILE A 702 32.32 12.35 -44.32
CA ILE A 702 32.29 12.39 -45.78
C ILE A 702 31.24 13.40 -46.21
N ILE A 703 31.69 14.50 -46.83
CA ILE A 703 30.77 15.54 -47.27
C ILE A 703 29.79 15.04 -48.32
N PRO A 704 30.22 14.35 -49.39
CA PRO A 704 29.26 14.01 -50.45
C PRO A 704 28.09 13.17 -49.97
N LEU A 705 28.26 12.39 -48.89
CA LEU A 705 27.16 11.56 -48.41
C LEU A 705 25.96 12.41 -47.99
N VAL A 706 26.18 13.67 -47.63
CA VAL A 706 25.06 14.51 -47.20
C VAL A 706 24.13 14.81 -48.37
N GLY A 707 24.70 15.01 -49.56
CA GLY A 707 23.87 15.30 -50.72
C GLY A 707 22.87 14.19 -51.01
N CYS A 708 23.28 12.94 -50.81
CA CYS A 708 22.39 11.81 -51.01
C CYS A 708 21.25 11.86 -49.99
N GLY A 709 20.31 10.92 -50.13
CA GLY A 709 19.14 10.87 -49.29
C GLY A 709 19.31 10.14 -47.98
N LEU A 710 20.55 9.89 -47.56
CA LEU A 710 20.78 9.17 -46.31
C LEU A 710 20.23 9.94 -45.13
N VAL A 711 20.40 11.26 -45.12
CA VAL A 711 19.89 12.12 -44.05
C VAL A 711 18.49 12.59 -44.41
N SER A 712 17.57 12.47 -43.45
CA SER A 712 16.21 12.95 -43.63
C SER A 712 16.17 14.40 -43.14
N PHE A 713 16.46 15.34 -44.04
CA PHE A 713 16.46 16.74 -43.66
C PHE A 713 15.07 17.19 -43.21
N ARG A 714 14.04 16.74 -43.90
CA ARG A 714 12.68 17.15 -43.56
C ARG A 714 12.32 16.65 -42.17
N LYS A 715 11.77 17.54 -41.35
CA LYS A 715 11.40 17.22 -39.98
C LYS A 715 10.01 16.60 -39.91
N LEU A 725 24.52 23.72 -52.36
CA LEU A 725 23.06 23.66 -52.30
C LEU A 725 22.56 24.07 -50.92
N TRP A 726 21.24 24.07 -50.76
CA TRP A 726 20.65 24.43 -49.47
C TRP A 726 20.96 23.40 -48.39
N TYR A 727 21.21 22.15 -48.80
CA TYR A 727 21.47 21.10 -47.82
C TYR A 727 22.73 21.39 -47.01
N TYR A 728 23.78 21.87 -47.67
CA TYR A 728 25.03 22.13 -46.96
C TYR A 728 24.82 23.16 -45.85
N VAL A 729 24.14 24.27 -46.18
CA VAL A 729 23.94 25.33 -45.19
C VAL A 729 23.00 24.85 -44.09
N ALA A 730 21.95 24.11 -44.47
CA ALA A 730 21.02 23.58 -43.47
C ALA A 730 21.69 22.55 -42.56
N PHE A 731 22.75 21.91 -43.03
CA PHE A 731 23.43 20.86 -42.28
C PHE A 731 24.49 21.43 -41.35
N PHE A 732 25.38 22.29 -41.87
CA PHE A 732 26.47 22.83 -41.08
C PHE A 732 26.01 23.92 -40.11
N THR A 733 24.75 24.36 -40.20
CA THR A 733 24.20 25.29 -39.23
C THR A 733 23.52 24.59 -38.07
N SER A 734 23.39 23.26 -38.13
CA SER A 734 22.77 22.52 -37.03
C SER A 734 23.73 22.48 -35.84
N PRO A 735 23.29 22.87 -34.64
CA PRO A 735 24.22 22.86 -33.50
C PRO A 735 24.78 21.49 -33.17
N PHE A 736 24.04 20.43 -33.47
CA PHE A 736 24.55 19.08 -33.22
C PHE A 736 25.84 18.83 -34.01
N VAL A 737 25.81 19.14 -35.31
CA VAL A 737 26.98 18.91 -36.14
C VAL A 737 28.12 19.84 -35.73
N VAL A 738 27.80 21.07 -35.34
CA VAL A 738 28.84 21.98 -34.89
C VAL A 738 29.51 21.43 -33.63
N PHE A 739 28.72 20.91 -32.70
CA PHE A 739 29.28 20.33 -31.49
C PHE A 739 30.16 19.14 -31.81
N SER A 740 29.71 18.26 -32.70
CA SER A 740 30.54 17.11 -33.07
C SER A 740 31.83 17.55 -33.73
N TRP A 741 31.76 18.53 -34.62
CA TRP A 741 32.96 19.06 -35.26
C TRP A 741 33.92 19.65 -34.24
N ASN A 742 33.39 20.39 -33.27
CA ASN A 742 34.24 20.97 -32.24
C ASN A 742 34.90 19.88 -31.40
N VAL A 743 34.17 18.81 -31.11
CA VAL A 743 34.76 17.70 -30.37
C VAL A 743 35.92 17.08 -31.16
N VAL A 744 35.70 16.87 -32.46
CA VAL A 744 36.77 16.31 -33.30
C VAL A 744 37.97 17.24 -33.31
N PHE A 745 37.73 18.54 -33.45
CA PHE A 745 38.82 19.51 -33.47
C PHE A 745 39.57 19.51 -32.15
N TYR A 746 38.86 19.42 -31.04
CA TYR A 746 39.50 19.38 -29.73
C TYR A 746 40.37 18.14 -29.57
N ILE A 747 39.87 17.00 -30.03
CA ILE A 747 40.65 15.76 -29.94
C ILE A 747 41.93 15.88 -30.78
N ALA A 748 41.81 16.42 -31.99
CA ALA A 748 42.99 16.62 -32.82
C ALA A 748 43.97 17.58 -32.15
N PHE A 749 43.43 18.61 -31.48
CA PHE A 749 44.29 19.56 -30.77
C PHE A 749 45.02 18.87 -29.63
N LEU A 750 44.36 17.95 -28.94
CA LEU A 750 45.04 17.19 -27.89
C LEU A 750 46.15 16.33 -28.47
N LEU A 751 45.88 15.68 -29.61
CA LEU A 751 46.91 14.84 -30.23
C LEU A 751 48.13 15.68 -30.61
N LEU A 752 47.88 16.85 -31.22
CA LEU A 752 48.99 17.72 -31.59
C LEU A 752 49.74 18.21 -30.36
N PHE A 753 49.02 18.57 -29.30
CA PHE A 753 49.64 19.03 -28.07
C PHE A 753 50.56 17.95 -27.51
N ALA A 754 50.06 16.71 -27.43
CA ALA A 754 50.87 15.62 -26.90
C ALA A 754 52.10 15.38 -27.77
N TYR A 755 51.91 15.37 -29.09
CA TYR A 755 53.03 15.13 -29.99
C TYR A 755 54.12 16.19 -29.80
N VAL A 756 53.72 17.47 -29.73
CA VAL A 756 54.69 18.53 -29.55
C VAL A 756 55.35 18.42 -28.19
N LEU A 757 54.59 18.04 -27.17
CA LEU A 757 55.11 18.02 -25.81
C LEU A 757 56.16 16.92 -25.64
N LEU A 758 55.87 15.73 -26.13
CA LEU A 758 56.74 14.57 -25.90
C LEU A 758 57.72 14.33 -27.04
N MET A 759 57.29 14.49 -28.29
CA MET A 759 58.08 14.05 -29.43
C MET A 759 58.94 15.17 -30.02
N ASP A 760 58.44 16.41 -30.06
CA ASP A 760 59.13 17.51 -30.72
C ASP A 760 59.01 18.76 -29.85
N PHE A 761 59.99 18.94 -28.98
CA PHE A 761 60.07 20.12 -28.11
C PHE A 761 61.52 20.53 -28.03
N HIS A 762 61.86 21.66 -28.66
CA HIS A 762 63.22 22.15 -28.75
C HIS A 762 63.31 23.55 -28.17
N SER A 763 64.53 24.09 -28.17
CA SER A 763 64.75 25.43 -27.63
C SER A 763 63.97 26.48 -28.40
N VAL A 764 63.97 26.38 -29.73
CA VAL A 764 63.26 27.30 -30.61
C VAL A 764 62.02 26.56 -31.14
N PRO A 765 60.81 27.09 -30.92
CA PRO A 765 59.62 26.38 -31.38
C PRO A 765 59.63 26.17 -32.89
N HIS A 766 59.13 25.01 -33.31
CA HIS A 766 59.02 24.67 -34.73
C HIS A 766 57.60 24.94 -35.20
N THR A 767 57.34 24.61 -36.47
CA THR A 767 56.04 24.90 -37.07
C THR A 767 54.88 24.26 -36.32
N PRO A 768 54.94 22.98 -35.94
CA PRO A 768 53.79 22.40 -35.22
C PRO A 768 53.46 23.14 -33.94
N GLU A 769 54.47 23.62 -33.23
CA GLU A 769 54.21 24.36 -32.00
C GLU A 769 53.54 25.70 -32.30
N LEU A 770 53.91 26.34 -33.41
CA LEU A 770 53.23 27.57 -33.80
C LEU A 770 51.76 27.31 -34.16
N ILE A 771 51.50 26.20 -34.84
CA ILE A 771 50.12 25.84 -35.14
C ILE A 771 49.35 25.60 -33.83
N LEU A 772 49.99 24.93 -32.88
CA LEU A 772 49.37 24.72 -31.57
C LEU A 772 49.07 26.05 -30.89
N TYR A 773 49.99 27.01 -30.99
CA TYR A 773 49.76 28.34 -30.42
C TYR A 773 48.56 29.00 -31.09
N ALA A 774 48.42 28.84 -32.41
CA ALA A 774 47.27 29.42 -33.09
C ALA A 774 45.96 28.80 -32.60
N LEU A 775 45.93 27.49 -32.43
CA LEU A 775 44.73 26.82 -31.94
C LEU A 775 44.40 27.30 -30.52
N VAL A 776 45.41 27.40 -29.66
CA VAL A 776 45.19 27.92 -28.32
C VAL A 776 44.70 29.36 -28.38
N PHE A 777 45.17 30.13 -29.38
CA PHE A 777 44.71 31.51 -29.53
C PHE A 777 43.23 31.56 -29.86
N VAL A 778 42.76 30.70 -30.77
CA VAL A 778 41.33 30.71 -31.07
C VAL A 778 40.53 30.25 -29.87
N LEU A 779 41.03 29.28 -29.12
CA LEU A 779 40.36 28.87 -27.89
C LEU A 779 40.28 30.02 -26.89
N PHE A 780 41.37 30.79 -26.76
CA PHE A 780 41.39 31.94 -25.87
C PHE A 780 40.41 33.01 -26.33
N CYS A 781 40.29 33.22 -27.64
CA CYS A 781 39.31 34.16 -28.15
C CYS A 781 37.90 33.72 -27.80
N ASP A 782 37.61 32.42 -27.94
CA ASP A 782 36.30 31.93 -27.54
C ASP A 782 36.07 32.15 -26.05
N GLU A 783 37.09 31.91 -25.22
CA GLU A 783 36.95 32.12 -23.79
C GLU A 783 36.69 33.58 -23.48
N VAL A 784 37.35 34.49 -24.18
CA VAL A 784 37.13 35.92 -23.97
C VAL A 784 35.70 36.30 -24.36
N ARG A 785 35.22 35.74 -25.47
CA ARG A 785 33.83 35.99 -25.86
C ARG A 785 32.88 35.50 -24.78
N GLN A 786 33.14 34.32 -24.21
CA GLN A 786 32.29 33.79 -23.16
C GLN A 786 32.34 34.68 -21.93
N TRP A 787 33.51 35.21 -21.60
CA TRP A 787 33.62 36.18 -20.52
C TRP A 787 32.74 37.39 -20.80
N TYR A 788 32.79 37.89 -22.03
CA TYR A 788 32.02 39.08 -22.38
C TYR A 788 30.52 38.83 -22.24
N MET A 789 30.05 37.69 -22.73
CA MET A 789 28.61 37.43 -22.72
C MET A 789 28.06 37.42 -21.29
N ASN A 790 28.78 36.78 -20.37
CA ASN A 790 28.37 36.70 -18.98
C ASN A 790 29.13 37.73 -18.15
N GLY A 791 28.85 37.76 -16.86
CA GLY A 791 29.54 38.61 -15.91
C GLY A 791 30.50 37.83 -15.04
N VAL A 792 30.59 38.22 -13.77
CA VAL A 792 31.41 37.47 -12.82
C VAL A 792 30.73 36.20 -12.37
N ASN A 793 29.43 36.05 -12.62
CA ASN A 793 28.75 34.79 -12.35
C ASN A 793 29.36 33.65 -13.16
N TYR A 794 29.98 33.95 -14.30
CA TYR A 794 30.61 32.91 -15.11
C TYR A 794 31.72 32.20 -14.35
N PHE A 795 32.34 32.88 -13.39
CA PHE A 795 33.43 32.31 -12.62
C PHE A 795 32.94 31.52 -11.40
N THR A 796 31.63 31.39 -11.22
CA THR A 796 31.09 30.61 -10.12
C THR A 796 31.03 29.12 -10.43
N ASP A 797 31.40 28.72 -11.65
CA ASP A 797 31.38 27.32 -12.05
C ASP A 797 32.80 26.78 -12.08
N LEU A 798 32.97 25.56 -11.57
CA LEU A 798 34.30 24.99 -11.41
C LEU A 798 34.99 24.81 -12.76
N TRP A 799 34.26 24.30 -13.75
CA TRP A 799 34.89 23.98 -15.04
C TRP A 799 35.38 25.24 -15.74
N ASN A 800 34.63 26.34 -15.64
CA ASN A 800 35.08 27.59 -16.26
C ASN A 800 36.37 28.07 -15.62
N VAL A 801 36.46 28.00 -14.29
CA VAL A 801 37.69 28.37 -13.60
C VAL A 801 38.84 27.48 -14.05
N MET A 802 38.58 26.19 -14.20
CA MET A 802 39.62 25.26 -14.64
C MET A 802 40.12 25.63 -16.03
N ASP A 803 39.20 25.96 -16.94
CA ASP A 803 39.60 26.34 -18.28
C ASP A 803 40.44 27.62 -18.27
N THR A 804 40.01 28.61 -17.49
CA THR A 804 40.78 29.85 -17.39
C THR A 804 42.17 29.59 -16.84
N LEU A 805 42.27 28.73 -15.82
CA LEU A 805 43.58 28.37 -15.27
C LEU A 805 44.43 27.70 -16.33
N GLY A 806 43.84 26.81 -17.13
CA GLY A 806 44.59 26.17 -18.19
C GLY A 806 45.15 27.17 -19.19
N LEU A 807 44.34 28.14 -19.59
CA LEU A 807 44.81 29.14 -20.54
C LEU A 807 45.94 29.98 -19.94
N PHE A 808 45.80 30.38 -18.68
CA PHE A 808 46.86 31.16 -18.05
C PHE A 808 48.13 30.33 -17.90
N TYR A 809 48.00 29.04 -17.61
CA TYR A 809 49.16 28.17 -17.54
C TYR A 809 49.84 28.06 -18.90
N PHE A 810 49.06 28.00 -19.98
CA PHE A 810 49.66 27.97 -21.30
C PHE A 810 50.45 29.25 -21.57
N ILE A 811 49.89 30.40 -21.20
CA ILE A 811 50.60 31.66 -21.40
C ILE A 811 51.89 31.67 -20.60
N ALA A 812 51.83 31.20 -19.35
CA ALA A 812 53.03 31.14 -18.51
C ALA A 812 54.09 30.23 -19.13
N GLY A 813 53.67 29.07 -19.64
CA GLY A 813 54.60 28.18 -20.30
C GLY A 813 55.25 28.81 -21.51
N ILE A 814 54.47 29.57 -22.29
CA ILE A 814 55.05 30.30 -23.41
C ILE A 814 56.10 31.27 -22.91
N VAL A 815 55.78 32.01 -21.83
CA VAL A 815 56.72 33.00 -21.32
C VAL A 815 58.03 32.34 -20.90
N PHE A 816 57.93 31.23 -20.17
CA PHE A 816 59.13 30.59 -19.63
C PHE A 816 60.03 30.06 -20.74
N ARG A 817 59.45 29.48 -21.79
CA ARG A 817 60.23 28.71 -22.75
C ARG A 817 60.90 29.57 -23.82
N LEU A 818 60.65 30.87 -23.84
CA LEU A 818 61.27 31.73 -24.85
C LEU A 818 62.71 32.09 -24.52
N HIS A 819 63.19 31.75 -23.32
CA HIS A 819 64.59 31.96 -22.95
C HIS A 819 65.41 30.78 -23.45
N SER A 820 65.59 30.72 -24.77
CA SER A 820 66.30 29.61 -25.38
C SER A 820 67.74 29.51 -24.89
N SER A 821 68.32 30.64 -24.49
CA SER A 821 69.72 30.63 -24.05
C SER A 821 69.89 29.78 -22.79
N ASN A 822 68.94 29.88 -21.86
CA ASN A 822 69.03 29.19 -20.57
C ASN A 822 68.27 27.87 -20.65
N LYS A 823 68.98 26.76 -20.43
CA LYS A 823 68.33 25.46 -20.44
C LYS A 823 67.41 25.27 -19.23
N SER A 824 67.76 25.87 -18.09
CA SER A 824 67.01 25.64 -16.87
C SER A 824 65.58 26.14 -16.96
N SER A 825 65.27 27.00 -17.93
CA SER A 825 63.92 27.54 -18.08
C SER A 825 63.06 26.73 -19.06
N LEU A 826 63.68 26.13 -20.07
CA LEU A 826 62.92 25.32 -21.01
C LEU A 826 62.25 24.15 -20.32
N TYR A 827 62.96 23.49 -19.40
CA TYR A 827 62.37 22.37 -18.67
C TYR A 827 61.19 22.82 -17.82
N SER A 828 61.32 23.97 -17.16
CA SER A 828 60.21 24.48 -16.37
C SER A 828 59.01 24.80 -17.25
N GLY A 829 59.25 25.40 -18.42
CA GLY A 829 58.16 25.64 -19.34
C GLY A 829 57.49 24.36 -19.79
N ARG A 830 58.28 23.33 -20.05
CA ARG A 830 57.73 22.04 -20.46
C ARG A 830 56.87 21.45 -19.34
N VAL A 831 57.33 21.56 -18.09
CA VAL A 831 56.54 21.06 -16.96
C VAL A 831 55.22 21.81 -16.86
N ILE A 832 55.26 23.14 -17.00
CA ILE A 832 54.03 23.92 -16.98
C ILE A 832 53.09 23.45 -18.09
N PHE A 833 53.64 23.18 -19.27
CA PHE A 833 52.83 22.70 -20.38
C PHE A 833 52.22 21.34 -20.06
N CYS A 834 52.97 20.48 -19.36
CA CYS A 834 52.42 19.17 -18.98
C CYS A 834 51.23 19.33 -18.04
N LEU A 835 51.35 20.19 -17.03
CA LEU A 835 50.23 20.42 -16.13
C LEU A 835 49.04 21.00 -16.89
N ASP A 836 49.30 21.94 -17.79
CA ASP A 836 48.22 22.50 -18.60
C ASP A 836 47.58 21.43 -19.47
N TYR A 837 48.37 20.48 -19.96
CA TYR A 837 47.83 19.38 -20.74
C TYR A 837 46.89 18.53 -19.90
N ILE A 838 47.27 18.26 -18.65
CA ILE A 838 46.36 17.55 -17.76
C ILE A 838 45.05 18.31 -17.62
N ILE A 839 45.15 19.63 -17.41
CA ILE A 839 43.95 20.44 -17.21
C ILE A 839 43.06 20.38 -18.44
N PHE A 840 43.66 20.52 -19.62
CA PHE A 840 42.86 20.47 -20.86
C PHE A 840 42.23 19.10 -21.05
N THR A 841 42.99 18.03 -20.79
CA THR A 841 42.47 16.69 -21.00
C THR A 841 41.30 16.37 -20.09
N LEU A 842 41.30 16.92 -18.87
CA LEU A 842 40.17 16.69 -17.98
C LEU A 842 38.88 17.33 -18.48
N ARG A 843 38.95 18.17 -19.51
CA ARG A 843 37.78 18.86 -20.03
C ARG A 843 36.86 17.93 -20.82
N LEU A 844 37.36 16.78 -21.26
CA LEU A 844 36.54 15.84 -22.00
C LEU A 844 35.40 15.31 -21.15
N ILE A 845 35.69 15.04 -19.87
CA ILE A 845 34.64 14.57 -18.97
C ILE A 845 33.52 15.58 -18.88
N HIS A 846 33.88 16.88 -18.84
CA HIS A 846 32.86 17.91 -18.80
C HIS A 846 32.07 17.97 -20.11
N ILE A 847 32.75 17.90 -21.25
CA ILE A 847 32.04 18.09 -22.51
C ILE A 847 31.17 16.88 -22.83
N PHE A 848 31.55 15.68 -22.35
CA PHE A 848 30.83 14.46 -22.66
C PHE A 848 29.73 14.15 -21.65
N THR A 849 29.24 15.17 -20.94
CA THR A 849 28.11 15.00 -20.04
C THR A 849 26.78 15.01 -20.78
N VAL A 850 26.80 15.06 -22.11
CA VAL A 850 25.61 15.19 -22.93
C VAL A 850 25.35 13.92 -23.74
N SER A 851 26.11 12.85 -23.51
CA SER A 851 26.05 11.70 -24.38
C SER A 851 24.78 10.87 -24.21
N ARG A 852 23.97 11.15 -23.18
CA ARG A 852 22.73 10.43 -22.90
C ARG A 852 22.98 9.03 -22.36
N ASN A 853 24.22 8.58 -22.32
CA ASN A 853 24.58 7.31 -21.70
C ASN A 853 25.61 7.48 -20.58
N LEU A 854 26.56 8.40 -20.76
CA LEU A 854 27.57 8.69 -19.74
C LEU A 854 27.24 9.90 -18.88
N GLY A 855 26.41 10.81 -19.39
CA GLY A 855 26.14 12.06 -18.72
C GLY A 855 25.55 11.89 -17.34
N PRO A 856 24.52 11.06 -17.21
CA PRO A 856 23.92 10.86 -15.87
C PRO A 856 24.91 10.32 -14.86
N LYS A 857 25.73 9.34 -15.27
CA LYS A 857 26.69 8.76 -14.35
C LYS A 857 27.76 9.78 -13.98
N ILE A 858 28.17 10.61 -14.92
CA ILE A 858 29.11 11.68 -14.62
C ILE A 858 28.49 12.67 -13.64
N ILE A 859 27.21 12.99 -13.82
CA ILE A 859 26.54 13.95 -12.95
C ILE A 859 26.50 13.42 -11.52
N MET A 860 26.23 12.12 -11.36
CA MET A 860 26.05 11.57 -10.02
C MET A 860 27.34 11.55 -9.21
N LEU A 861 28.50 11.75 -9.84
CA LEU A 861 29.76 11.72 -9.10
C LEU A 861 29.82 12.80 -8.03
N GLN A 862 29.16 13.93 -8.25
CA GLN A 862 29.23 15.03 -7.30
C GLN A 862 28.62 14.68 -5.95
N ARG A 863 27.85 13.60 -5.88
CA ARG A 863 27.11 13.25 -4.68
C ARG A 863 27.82 12.24 -3.78
N MET A 864 29.05 11.82 -4.13
CA MET A 864 29.81 10.86 -3.34
C MET A 864 31.00 11.49 -2.63
N LEU A 865 31.10 12.82 -2.65
CA LEU A 865 32.26 13.48 -2.09
C LEU A 865 32.29 13.37 -0.57
N ILE A 866 31.12 13.28 0.07
CA ILE A 866 31.11 13.14 1.53
C ILE A 866 31.64 11.77 1.95
N ASP A 867 31.24 10.72 1.22
CA ASP A 867 31.79 9.40 1.49
C ASP A 867 33.30 9.38 1.29
N VAL A 868 33.76 9.99 0.18
CA VAL A 868 35.20 10.06 -0.05
C VAL A 868 35.89 10.81 1.08
N PHE A 869 35.28 11.90 1.55
CA PHE A 869 35.88 12.72 2.59
C PHE A 869 35.99 11.94 3.90
N PHE A 870 34.95 11.21 4.26
CA PHE A 870 35.01 10.38 5.47
C PHE A 870 36.09 9.32 5.36
N PHE A 871 36.18 8.66 4.20
CA PHE A 871 37.23 7.68 3.97
C PHE A 871 38.60 8.30 4.18
N LEU A 872 38.84 9.47 3.58
CA LEU A 872 40.13 10.12 3.69
C LEU A 872 40.42 10.56 5.11
N PHE A 873 39.40 11.01 5.85
CA PHE A 873 39.59 11.42 7.23
C PHE A 873 40.09 10.25 8.07
N LEU A 874 39.39 9.13 8.01
CA LEU A 874 39.85 7.96 8.77
C LEU A 874 41.24 7.52 8.33
N PHE A 875 41.47 7.48 7.02
CA PHE A 875 42.77 7.04 6.51
C PHE A 875 43.89 7.93 7.00
N ALA A 876 43.69 9.25 6.97
CA ALA A 876 44.73 10.18 7.40
C ALA A 876 45.01 10.03 8.89
N VAL A 877 43.97 9.92 9.70
CA VAL A 877 44.18 9.76 11.14
C VAL A 877 45.02 8.51 11.40
N TRP A 878 44.62 7.38 10.80
CA TRP A 878 45.34 6.14 11.03
C TRP A 878 46.77 6.22 10.53
N MET A 879 46.99 6.82 9.37
CA MET A 879 48.34 6.96 8.84
C MET A 879 49.21 7.77 9.78
N VAL A 880 48.70 8.89 10.26
CA VAL A 880 49.48 9.73 11.17
C VAL A 880 49.88 8.93 12.39
N ALA A 881 48.90 8.27 13.03
CA ALA A 881 49.21 7.54 14.25
C ALA A 881 50.26 6.47 14.00
N PHE A 882 50.03 5.62 12.99
CA PHE A 882 50.92 4.49 12.75
C PHE A 882 52.32 4.97 12.39
N GLY A 883 52.42 5.95 11.49
CA GLY A 883 53.72 6.41 11.06
C GLY A 883 54.51 7.02 12.19
N VAL A 884 53.86 7.89 12.98
CA VAL A 884 54.56 8.52 14.09
C VAL A 884 55.06 7.47 15.07
N ALA A 885 54.19 6.53 15.45
CA ALA A 885 54.58 5.53 16.42
C ALA A 885 55.75 4.69 15.90
N ARG A 886 55.63 4.19 14.67
CA ARG A 886 56.67 3.33 14.11
C ARG A 886 58.00 4.06 14.01
N GLN A 887 57.99 5.29 13.48
CA GLN A 887 59.22 6.05 13.35
C GLN A 887 59.84 6.29 14.72
N GLY A 888 59.02 6.67 15.70
CA GLY A 888 59.56 6.95 17.02
C GLY A 888 60.22 5.74 17.65
N ILE A 889 59.57 4.58 17.57
CA ILE A 889 60.16 3.41 18.20
C ILE A 889 61.37 2.92 17.42
N LEU A 890 61.38 3.07 16.10
CA LEU A 890 62.45 2.48 15.30
C LEU A 890 63.69 3.39 15.23
N ARG A 891 63.63 4.53 14.57
CA ARG A 891 64.83 5.32 14.44
C ARG A 891 64.83 6.42 15.48
N GLN A 892 65.95 7.05 15.78
CA GLN A 892 65.89 8.13 16.77
C GLN A 892 66.50 9.43 16.28
N ASN A 893 65.84 10.57 16.54
CA ASN A 893 66.30 11.88 16.12
C ASN A 893 66.60 12.05 14.64
N GLU A 894 65.66 11.68 13.78
CA GLU A 894 65.77 11.74 12.31
C GLU A 894 66.53 12.94 11.74
N GLN A 895 66.06 14.15 12.04
CA GLN A 895 66.67 15.45 11.81
C GLN A 895 66.70 15.83 10.34
N ARG A 896 65.81 15.25 9.53
CA ARG A 896 65.70 15.59 8.12
C ARG A 896 64.23 15.57 7.74
N TRP A 897 63.70 16.74 7.32
CA TRP A 897 62.27 16.88 7.12
C TRP A 897 61.77 15.95 6.02
N ARG A 898 62.46 15.92 4.89
CA ARG A 898 61.94 15.15 3.76
C ARG A 898 61.82 13.67 4.11
N TRP A 899 62.74 13.14 4.90
CA TRP A 899 62.68 11.72 5.26
C TRP A 899 61.75 11.44 6.42
N ILE A 900 61.58 12.40 7.34
CA ILE A 900 60.53 12.29 8.34
C ILE A 900 59.18 12.16 7.66
N PHE A 901 58.90 13.04 6.69
CA PHE A 901 57.62 13.00 5.99
C PHE A 901 57.53 11.77 5.08
N ARG A 902 58.64 11.34 4.49
CA ARG A 902 58.61 10.14 3.66
C ARG A 902 58.23 8.92 4.48
N SER A 903 58.82 8.75 5.66
CA SER A 903 58.53 7.58 6.48
C SER A 903 57.18 7.67 7.15
N VAL A 904 56.80 8.85 7.65
CA VAL A 904 55.62 8.98 8.47
C VAL A 904 54.35 8.80 7.64
N ILE A 905 54.33 9.36 6.42
CA ILE A 905 53.11 9.48 5.64
C ILE A 905 53.16 8.63 4.38
N TYR A 906 54.25 8.75 3.61
CA TYR A 906 54.26 8.15 2.27
C TYR A 906 54.14 6.63 2.34
N GLU A 907 54.94 5.98 3.18
CA GLU A 907 54.91 4.53 3.24
C GLU A 907 53.59 3.98 3.77
N PRO A 908 53.04 4.48 4.88
CA PRO A 908 51.69 4.01 5.27
C PRO A 908 50.66 4.25 4.18
N TYR A 909 50.78 5.34 3.44
CA TYR A 909 49.87 5.59 2.34
C TYR A 909 50.02 4.53 1.26
N LEU A 910 51.26 4.18 0.91
CA LEU A 910 51.50 3.12 -0.06
C LEU A 910 50.95 1.78 0.42
N ALA A 911 50.88 1.59 1.73
CA ALA A 911 50.35 0.35 2.29
C ALA A 911 48.87 0.17 2.03
N MET A 912 48.16 1.21 1.59
CA MET A 912 46.73 1.08 1.34
C MET A 912 46.45 0.10 0.22
N PHE A 913 47.25 0.13 -0.83
CA PHE A 913 47.07 -0.74 -2.00
C PHE A 913 48.34 -1.59 -2.16
N GLY A 914 48.35 -2.74 -1.49
CA GLY A 914 49.37 -3.73 -1.74
C GLY A 914 50.45 -3.86 -0.68
N GLN A 915 51.62 -3.31 -0.98
CA GLN A 915 52.84 -3.65 -0.25
C GLN A 915 52.69 -3.41 1.25
N VAL A 916 53.30 -4.28 2.03
CA VAL A 916 53.29 -4.15 3.49
C VAL A 916 53.94 -2.82 3.87
N PRO A 917 53.44 -2.11 4.90
CA PRO A 917 53.96 -0.75 5.14
C PRO A 917 55.47 -0.68 5.33
N SER A 918 56.06 -1.66 6.01
CA SER A 918 57.46 -1.57 6.39
C SER A 918 58.13 -2.93 6.28
N ASP A 919 59.27 -2.97 5.60
CA ASP A 919 60.16 -4.13 5.66
C ASP A 919 61.06 -4.09 6.88
N VAL A 920 61.11 -2.95 7.59
CA VAL A 920 61.95 -2.84 8.78
C VAL A 920 61.26 -3.37 10.03
N ASP A 921 59.95 -3.62 9.98
CA ASP A 921 59.24 -4.14 11.15
C ASP A 921 59.76 -5.50 11.57
N SER A 922 60.43 -6.24 10.69
CA SER A 922 60.93 -7.57 10.96
C SER A 922 62.44 -7.56 10.98
N THR A 923 63.03 -8.15 12.01
CA THR A 923 64.48 -8.22 12.15
C THR A 923 65.11 -9.27 11.23
N THR A 924 64.30 -10.11 10.58
CA THR A 924 64.86 -11.16 9.73
C THR A 924 65.76 -10.57 8.64
N TYR A 925 65.48 -9.35 8.20
CA TYR A 925 66.24 -8.72 7.13
C TYR A 925 66.36 -7.23 7.41
N ASP A 926 67.58 -6.72 7.32
CA ASP A 926 67.85 -5.30 7.57
C ASP A 926 69.28 -5.00 7.12
N PHE A 927 69.65 -3.73 7.18
CA PHE A 927 71.00 -3.27 6.85
C PHE A 927 71.29 -3.44 5.36
N SER A 928 72.41 -2.86 4.92
CA SER A 928 72.84 -2.74 3.53
C SER A 928 72.09 -1.60 2.85
N HIS A 929 71.07 -1.04 3.49
CA HIS A 929 70.45 0.20 3.05
C HIS A 929 70.48 1.26 4.15
N CYS A 930 71.12 0.97 5.27
CA CYS A 930 71.16 1.88 6.41
C CYS A 930 72.19 2.98 6.21
N THR A 931 72.01 4.05 6.99
CA THR A 931 72.96 5.17 6.98
C THR A 931 73.02 5.70 8.41
N PHE A 932 74.11 5.39 9.10
CA PHE A 932 74.27 5.88 10.46
C PHE A 932 74.32 7.41 10.48
N SER A 933 74.98 8.01 9.50
CA SER A 933 74.99 9.45 9.32
C SER A 933 73.92 9.85 8.29
N GLY A 934 73.65 11.14 8.24
CA GLY A 934 72.69 11.70 7.31
C GLY A 934 73.26 12.14 5.97
N ASN A 935 74.53 11.81 5.71
CA ASN A 935 75.17 12.29 4.48
C ASN A 935 74.47 11.77 3.23
N GLU A 936 74.12 10.48 3.22
CA GLU A 936 73.52 9.88 2.05
C GLU A 936 72.01 10.11 2.05
N SER A 937 71.38 9.80 0.90
CA SER A 937 69.94 9.93 0.74
C SER A 937 69.27 8.57 0.96
N LYS A 938 69.30 8.14 2.21
CA LYS A 938 68.68 6.89 2.63
C LYS A 938 68.05 7.09 4.00
N PRO A 939 67.12 6.23 4.39
CA PRO A 939 66.50 6.37 5.70
C PRO A 939 67.51 6.20 6.82
N LEU A 940 67.23 6.88 7.92
CA LEU A 940 68.10 6.78 9.09
C LEU A 940 68.07 5.35 9.63
N CYS A 941 69.19 4.95 10.22
CA CYS A 941 69.34 3.59 10.70
C CYS A 941 68.44 3.36 11.91
N VAL A 942 68.26 2.09 12.24
CA VAL A 942 67.48 1.68 13.41
C VAL A 942 68.32 1.85 14.66
N GLU A 943 67.66 2.11 15.79
CA GLU A 943 68.36 2.23 17.05
C GLU A 943 69.03 0.91 17.41
N LEU A 944 70.25 0.99 17.92
CA LEU A 944 71.05 -0.18 18.25
C LEU A 944 71.44 -0.15 19.73
N ASP A 945 71.32 -1.31 20.37
CA ASP A 945 71.78 -1.48 21.74
C ASP A 945 73.23 -1.94 21.71
N GLU A 946 73.72 -2.46 22.83
CA GLU A 946 75.05 -3.07 22.86
C GLU A 946 75.15 -4.09 21.73
N HIS A 947 76.31 -4.12 21.08
CA HIS A 947 76.52 -4.93 19.87
C HIS A 947 75.78 -4.29 18.71
N ASN A 948 75.66 -5.02 17.60
CA ASN A 948 74.99 -4.52 16.41
C ASN A 948 73.53 -4.98 16.32
N LEU A 949 73.03 -5.67 17.32
CA LEU A 949 71.67 -6.18 17.25
C LEU A 949 70.66 -5.03 17.29
N PRO A 950 69.61 -5.08 16.47
CA PRO A 950 68.56 -4.07 16.60
C PRO A 950 67.91 -4.09 17.97
N ARG A 951 67.52 -2.92 18.45
CA ARG A 951 66.95 -2.78 19.77
C ARG A 951 65.43 -2.84 19.80
N PHE A 952 64.76 -2.60 18.68
CA PHE A 952 63.32 -2.56 18.67
C PHE A 952 62.75 -3.97 18.84
N PRO A 953 61.68 -4.14 19.63
CA PRO A 953 61.05 -5.46 19.75
C PRO A 953 60.00 -5.70 18.68
N GLU A 954 60.02 -6.92 18.12
CA GLU A 954 59.07 -7.27 17.06
C GLU A 954 57.67 -7.50 17.61
N TRP A 955 57.54 -7.89 18.88
CA TRP A 955 56.25 -8.26 19.43
C TRP A 955 55.31 -7.08 19.60
N ILE A 956 55.80 -5.85 19.42
CA ILE A 956 54.93 -4.68 19.38
C ILE A 956 54.81 -4.10 17.97
N THR A 957 55.80 -4.33 17.11
CA THR A 957 55.74 -3.80 15.75
C THR A 957 54.86 -4.65 14.86
N ILE A 958 55.10 -5.97 14.83
CA ILE A 958 54.36 -6.84 13.91
C ILE A 958 52.86 -6.77 14.15
N PRO A 959 52.36 -6.90 15.38
CA PRO A 959 50.91 -6.75 15.59
C PRO A 959 50.38 -5.40 15.14
N LEU A 960 51.17 -4.34 15.35
CA LEU A 960 50.74 -3.01 14.95
C LEU A 960 50.51 -2.95 13.45
N VAL A 961 51.48 -3.40 12.66
CA VAL A 961 51.35 -3.36 11.21
C VAL A 961 50.25 -4.29 10.74
N CYS A 962 50.11 -5.45 11.39
CA CYS A 962 49.03 -6.38 11.01
C CYS A 962 47.67 -5.72 11.19
N ILE A 963 47.45 -5.08 12.34
CA ILE A 963 46.17 -4.43 12.60
C ILE A 963 45.96 -3.29 11.61
N TYR A 964 47.00 -2.49 11.36
CA TYR A 964 46.87 -1.36 10.44
C TYR A 964 46.47 -1.83 9.04
N MET A 965 47.13 -2.88 8.55
CA MET A 965 46.80 -3.39 7.23
C MET A 965 45.40 -3.99 7.19
N LEU A 966 45.05 -4.79 8.20
CA LEU A 966 43.71 -5.38 8.24
C LEU A 966 42.64 -4.30 8.25
N SER A 967 42.93 -3.17 8.88
CA SER A 967 41.94 -2.10 8.96
C SER A 967 41.85 -1.32 7.64
N THR A 968 42.99 -0.82 7.16
CA THR A 968 42.96 0.06 5.99
C THR A 968 42.63 -0.71 4.71
N ASN A 969 43.32 -1.84 4.48
CA ASN A 969 43.28 -2.46 3.17
C ASN A 969 41.97 -3.18 2.89
N ILE A 970 41.25 -3.59 3.92
CA ILE A 970 40.08 -4.46 3.74
C ILE A 970 38.81 -3.80 4.27
N LEU A 971 38.76 -3.52 5.57
CA LEU A 971 37.53 -3.05 6.18
C LEU A 971 37.10 -1.71 5.60
N LEU A 972 38.03 -0.76 5.53
CA LEU A 972 37.68 0.59 5.08
C LEU A 972 37.22 0.60 3.64
N VAL A 973 37.89 -0.15 2.77
CA VAL A 973 37.52 -0.18 1.36
C VAL A 973 36.13 -0.78 1.19
N ASN A 974 35.84 -1.85 1.91
CA ASN A 974 34.52 -2.46 1.83
C ASN A 974 33.44 -1.52 2.35
N LEU A 975 33.74 -0.79 3.42
CA LEU A 975 32.79 0.20 3.92
C LEU A 975 32.53 1.27 2.88
N LEU A 976 33.58 1.72 2.19
CA LEU A 976 33.42 2.69 1.11
C LEU A 976 32.53 2.13 0.01
N VAL A 977 32.73 0.86 -0.34
CA VAL A 977 31.89 0.23 -1.37
C VAL A 977 30.44 0.24 -0.94
N ALA A 978 30.18 -0.13 0.32
CA ALA A 978 28.81 -0.16 0.81
C ALA A 978 28.16 1.21 0.78
N MET A 979 28.89 2.24 1.22
CA MET A 979 28.35 3.59 1.21
C MET A 979 28.07 4.05 -0.21
N PHE A 980 28.98 3.75 -1.15
CA PHE A 980 28.73 4.09 -2.54
C PHE A 980 27.47 3.40 -3.06
N GLY A 981 27.29 2.12 -2.73
CA GLY A 981 26.10 1.42 -3.19
C GLY A 981 24.83 2.05 -2.67
N TYR A 982 24.81 2.38 -1.37
CA TYR A 982 23.63 3.01 -0.80
C TYR A 982 23.37 4.36 -1.46
N THR A 983 24.41 5.16 -1.66
CA THR A 983 24.22 6.47 -2.26
C THR A 983 23.69 6.35 -3.68
N VAL A 984 24.21 5.40 -4.46
CA VAL A 984 23.72 5.21 -5.82
C VAL A 984 22.25 4.83 -5.80
N GLY A 985 21.90 3.86 -4.95
CA GLY A 985 20.51 3.45 -4.86
C GLY A 985 19.59 4.60 -4.50
N ILE A 986 20.04 5.47 -3.60
CA ILE A 986 19.21 6.60 -3.18
C ILE A 986 19.05 7.62 -4.30
N VAL A 987 20.16 7.96 -4.98
CA VAL A 987 20.15 9.11 -5.87
C VAL A 987 19.85 8.78 -7.32
N GLN A 988 19.70 7.51 -7.67
CA GLN A 988 19.43 7.17 -9.06
C GLN A 988 18.08 7.73 -9.52
N GLU A 989 17.07 7.67 -8.66
CA GLU A 989 15.73 8.12 -9.04
C GLU A 989 15.69 9.61 -9.36
N ASN A 990 16.66 10.38 -8.89
CA ASN A 990 16.71 11.82 -9.11
C ASN A 990 17.81 12.23 -10.09
N ASN A 991 18.76 11.35 -10.38
CA ASN A 991 19.89 11.71 -11.23
C ASN A 991 19.43 12.13 -12.62
N ASP A 992 18.49 11.39 -13.22
CA ASP A 992 18.04 11.72 -14.56
C ASP A 992 17.32 13.08 -14.59
N GLN A 993 16.49 13.34 -13.59
CA GLN A 993 15.82 14.63 -13.50
C GLN A 993 16.84 15.75 -13.39
N VAL A 994 17.91 15.54 -12.61
CA VAL A 994 18.93 16.56 -12.49
C VAL A 994 19.67 16.74 -13.81
N TRP A 995 19.93 15.63 -14.52
CA TRP A 995 20.69 15.70 -15.75
C TRP A 995 19.93 16.42 -16.86
N LYS A 996 18.61 16.29 -16.89
CA LYS A 996 17.84 16.96 -17.94
C LYS A 996 17.98 18.47 -17.85
N PHE A 997 18.13 19.01 -16.64
CA PHE A 997 18.34 20.44 -16.47
C PHE A 997 19.64 20.89 -17.15
N GLN A 998 20.72 20.15 -16.92
CA GLN A 998 21.99 20.50 -17.56
C GLN A 998 21.90 20.31 -19.06
N ARG A 999 21.12 19.33 -19.50
CA ARG A 999 20.89 19.14 -20.94
C ARG A 999 20.23 20.38 -21.52
N TYR A 1000 19.23 20.93 -20.82
CA TYR A 1000 18.61 22.17 -21.28
C TYR A 1000 19.63 23.30 -21.34
N PHE A 1001 20.49 23.39 -20.33
CA PHE A 1001 21.50 24.44 -20.32
C PHE A 1001 22.39 24.34 -21.56
N LEU A 1002 22.81 23.12 -21.91
CA LEU A 1002 23.61 22.94 -23.12
C LEU A 1002 22.81 23.32 -24.36
N VAL A 1003 21.61 22.77 -24.49
CA VAL A 1003 20.82 22.97 -25.70
C VAL A 1003 20.42 24.42 -25.89
N GLN A 1004 20.54 25.23 -24.83
CA GLN A 1004 20.34 26.66 -24.97
C GLN A 1004 21.64 27.41 -25.25
N GLU A 1005 22.72 27.08 -24.54
CA GLU A 1005 23.97 27.80 -24.73
C GLU A 1005 24.51 27.61 -26.14
N TYR A 1006 24.52 26.37 -26.63
CA TYR A 1006 25.05 26.14 -27.98
C TYR A 1006 24.17 26.78 -29.04
N CYS A 1007 22.85 26.71 -28.87
CA CYS A 1007 21.95 27.30 -29.86
C CYS A 1007 22.04 28.82 -29.87
N ASN A 1008 22.35 29.44 -28.73
CA ASN A 1008 22.41 30.90 -28.68
C ASN A 1008 23.51 31.44 -29.58
N ARG A 1009 24.67 30.80 -29.59
CA ARG A 1009 25.79 31.32 -30.34
C ARG A 1009 25.49 31.29 -31.83
N LEU A 1010 26.38 31.91 -32.62
CA LEU A 1010 26.18 32.02 -34.06
C LEU A 1010 26.37 30.70 -34.79
N ASN A 1011 26.89 29.67 -34.12
CA ASN A 1011 27.00 28.32 -34.69
C ASN A 1011 27.91 28.32 -35.92
N ILE A 1012 29.18 28.67 -35.69
CA ILE A 1012 30.22 28.55 -36.70
C ILE A 1012 31.18 27.46 -36.27
N PRO A 1013 31.64 26.59 -37.17
CA PRO A 1013 32.60 25.56 -36.75
C PRO A 1013 33.85 26.18 -36.14
N PHE A 1014 34.38 25.51 -35.12
CA PHE A 1014 35.42 26.11 -34.29
C PHE A 1014 36.65 26.57 -35.06
N PRO A 1015 37.21 25.81 -36.01
CA PRO A 1015 38.54 26.18 -36.54
C PRO A 1015 38.61 27.59 -37.11
N PHE A 1016 37.54 28.10 -37.70
CA PHE A 1016 37.53 29.43 -38.30
C PHE A 1016 36.36 30.26 -37.79
N VAL A 1017 36.19 30.29 -36.47
CA VAL A 1017 35.25 31.22 -35.87
C VAL A 1017 35.86 32.60 -35.70
N VAL A 1018 37.20 32.71 -35.81
CA VAL A 1018 37.87 33.99 -35.59
C VAL A 1018 37.36 35.03 -36.57
N PHE A 1019 37.14 34.64 -37.83
CA PHE A 1019 36.65 35.60 -38.81
C PHE A 1019 35.29 36.15 -38.42
N ALA A 1020 34.41 35.27 -37.94
CA ALA A 1020 33.09 35.70 -37.51
C ALA A 1020 33.19 36.74 -36.40
N TYR A 1021 33.96 36.43 -35.35
CA TYR A 1021 34.10 37.36 -34.25
C TYR A 1021 34.73 38.67 -34.70
N PHE A 1022 35.72 38.59 -35.59
CA PHE A 1022 36.41 39.80 -36.03
C PHE A 1022 35.47 40.73 -36.79
N TYR A 1023 34.72 40.20 -37.76
CA TYR A 1023 33.86 41.08 -38.53
C TYR A 1023 32.57 41.42 -37.79
N MET A 1024 32.23 40.67 -36.74
CA MET A 1024 31.15 41.12 -35.86
C MET A 1024 31.61 42.26 -34.96
N VAL A 1025 32.86 42.21 -34.51
CA VAL A 1025 33.44 43.35 -33.81
C VAL A 1025 33.45 44.57 -34.72
N VAL A 1026 33.82 44.37 -35.99
CA VAL A 1026 33.75 45.45 -36.96
C VAL A 1026 32.30 45.95 -37.07
N LYS A 1027 31.35 45.04 -37.12
CA LYS A 1027 29.93 45.41 -37.15
C LYS A 1027 29.39 45.71 -35.75
N LYS A 1028 30.10 45.33 -34.70
CA LYS A 1028 29.63 45.58 -33.34
C LYS A 1028 29.68 47.06 -33.00
N ASN A 1051 -1.11 36.89 -27.93
CA ASN A 1051 -2.50 37.35 -27.96
C ASN A 1051 -3.42 36.16 -28.21
N GLU A 1052 -3.37 35.60 -29.42
CA GLU A 1052 -4.14 34.41 -29.72
C GLU A 1052 -3.70 33.25 -28.84
N THR A 1053 -2.38 33.09 -28.66
CA THR A 1053 -1.87 32.03 -27.82
C THR A 1053 -2.37 32.19 -26.39
N LEU A 1054 -2.49 33.43 -25.92
CA LEU A 1054 -3.03 33.65 -24.58
C LEU A 1054 -4.49 33.22 -24.49
N ALA A 1055 -5.28 33.48 -25.52
CA ALA A 1055 -6.66 33.03 -25.52
C ALA A 1055 -6.74 31.51 -25.49
N TRP A 1056 -5.91 30.84 -26.29
CA TRP A 1056 -5.89 29.38 -26.26
C TRP A 1056 -5.45 28.88 -24.89
N GLU A 1057 -4.50 29.57 -24.26
CA GLU A 1057 -4.07 29.23 -22.91
C GLU A 1057 -5.22 29.33 -21.94
N GLY A 1058 -6.01 30.40 -22.04
CA GLY A 1058 -7.16 30.54 -21.16
C GLY A 1058 -8.18 29.44 -21.36
N VAL A 1059 -8.42 29.06 -22.61
CA VAL A 1059 -9.37 27.98 -22.90
C VAL A 1059 -8.89 26.68 -22.26
N MET A 1060 -7.60 26.37 -22.46
CA MET A 1060 -7.07 25.14 -21.87
C MET A 1060 -7.08 25.20 -20.35
N LYS A 1061 -6.89 26.38 -19.77
CA LYS A 1061 -7.01 26.53 -18.33
C LYS A 1061 -8.41 26.23 -17.86
N GLU A 1062 -9.43 26.71 -18.59
CA GLU A 1062 -10.80 26.38 -18.24
C GLU A 1062 -11.03 24.88 -18.30
N ASN A 1063 -10.51 24.23 -19.35
CA ASN A 1063 -10.63 22.78 -19.45
C ASN A 1063 -9.98 22.08 -18.26
N TYR A 1064 -8.80 22.55 -17.86
CA TYR A 1064 -8.08 21.93 -16.74
C TYR A 1064 -8.81 22.12 -15.42
N LEU A 1065 -9.38 23.32 -15.20
CA LEU A 1065 -10.16 23.55 -14.00
C LEU A 1065 -11.40 22.67 -13.96
N VAL A 1066 -12.07 22.53 -15.10
CA VAL A 1066 -13.23 21.63 -15.16
C VAL A 1066 -12.81 20.20 -14.88
N LYS A 1067 -11.62 19.81 -15.37
CA LYS A 1067 -11.11 18.47 -15.08
C LYS A 1067 -10.89 18.28 -13.59
N ILE A 1068 -10.31 19.29 -12.93
CA ILE A 1068 -10.12 19.19 -11.48
C ILE A 1068 -11.46 19.05 -10.78
N ASN A 1069 -12.45 19.83 -11.19
CA ASN A 1069 -13.76 19.77 -10.55
C ASN A 1069 -14.40 18.39 -10.75
N THR A 1070 -14.28 17.83 -11.96
CA THR A 1070 -14.82 16.50 -12.20
C THR A 1070 -14.11 15.45 -11.36
N LYS A 1071 -12.78 15.56 -11.24
CA LYS A 1071 -12.05 14.62 -10.40
C LYS A 1071 -12.51 14.72 -8.95
N ALA A 1072 -12.73 15.93 -8.46
CA ALA A 1072 -13.24 16.10 -7.10
C ALA A 1072 -14.62 15.48 -6.95
N ASN A 1073 -15.50 15.70 -7.94
CA ASN A 1073 -16.87 15.18 -7.86
C ASN A 1073 -16.93 13.68 -8.07
N ASP A 1074 -15.86 13.06 -8.59
CA ASP A 1074 -15.86 11.63 -8.85
C ASP A 1074 -15.96 10.79 -7.58
N ASN A 1075 -16.03 11.44 -6.41
CA ASN A 1075 -16.11 10.70 -5.15
C ASN A 1075 -17.37 9.84 -5.11
N SER A 1076 -18.43 10.24 -5.81
CA SER A 1076 -19.69 9.50 -5.88
C SER A 1076 -20.48 9.57 -4.58
N GLU A 1077 -20.17 10.54 -3.72
CA GLU A 1077 -20.88 10.67 -2.45
C GLU A 1077 -22.26 11.30 -2.60
N GLU A 1078 -22.61 11.77 -3.81
CA GLU A 1078 -23.91 12.38 -4.00
C GLU A 1078 -25.06 11.43 -3.70
N MET A 1079 -24.79 10.12 -3.68
CA MET A 1079 -25.85 9.15 -3.44
C MET A 1079 -26.47 9.34 -2.06
N ARG A 1080 -25.64 9.57 -1.04
CA ARG A 1080 -26.17 9.75 0.31
C ARG A 1080 -26.94 11.07 0.42
N HIS A 1081 -26.46 12.11 -0.26
CA HIS A 1081 -27.19 13.37 -0.26
C HIS A 1081 -28.55 13.22 -0.92
N ARG A 1082 -28.61 12.46 -2.02
CA ARG A 1082 -29.89 12.17 -2.63
C ARG A 1082 -30.74 11.26 -1.76
N PHE A 1083 -30.11 10.41 -0.95
CA PHE A 1083 -30.86 9.62 0.03
C PHE A 1083 -31.56 10.53 1.03
N ARG A 1084 -30.83 11.52 1.55
CA ARG A 1084 -31.43 12.47 2.48
C ARG A 1084 -32.56 13.23 1.80
N GLN A 1085 -32.35 13.62 0.54
CA GLN A 1085 -33.40 14.33 -0.19
C GLN A 1085 -34.64 13.46 -0.36
N LEU A 1086 -34.46 12.18 -0.70
CA LEU A 1086 -35.60 11.29 -0.86
C LEU A 1086 -36.33 11.07 0.46
N ASP A 1087 -35.57 10.92 1.54
CA ASP A 1087 -36.20 10.78 2.86
C ASP A 1087 -37.02 12.01 3.21
N SER A 1088 -36.48 13.20 2.92
CA SER A 1088 -37.22 14.43 3.18
C SER A 1088 -38.47 14.50 2.31
N LYS A 1089 -38.38 14.05 1.05
CA LYS A 1089 -39.53 14.06 0.17
C LYS A 1089 -40.63 13.15 0.71
N LEU A 1090 -40.26 11.95 1.17
CA LEU A 1090 -41.23 11.04 1.75
C LEU A 1090 -41.87 11.66 3.00
N ASN A 1091 -41.06 12.27 3.85
CA ASN A 1091 -41.60 12.90 5.06
C ASN A 1091 -42.59 13.99 4.69
N ASP A 1092 -42.25 14.81 3.69
CA ASP A 1092 -43.17 15.88 3.28
C ASP A 1092 -44.47 15.30 2.74
N LEU A 1093 -44.38 14.25 1.92
CA LEU A 1093 -45.59 13.61 1.41
C LEU A 1093 -46.42 13.02 2.54
N LYS A 1094 -45.79 12.67 3.67
CA LYS A 1094 -46.52 12.08 4.77
C LYS A 1094 -47.60 13.02 5.29
N SER A 1095 -47.29 14.31 5.44
CA SER A 1095 -48.25 15.26 6.00
C SER A 1095 -49.49 15.42 5.13
N LEU A 1096 -49.41 15.04 3.85
CA LEU A 1096 -50.58 15.15 2.98
C LEU A 1096 -51.72 14.28 3.49
N LEU A 1097 -51.40 13.09 4.00
CA LEU A 1097 -52.45 12.22 4.53
C LEU A 1097 -53.16 12.86 5.71
N LYS A 1098 -52.39 13.46 6.63
CA LYS A 1098 -53.01 14.13 7.77
C LYS A 1098 -53.87 15.31 7.32
N GLU A 1099 -53.37 16.08 6.35
CA GLU A 1099 -54.15 17.21 5.84
C GLU A 1099 -55.46 16.73 5.22
N ILE A 1100 -55.41 15.66 4.43
CA ILE A 1100 -56.61 15.14 3.79
C ILE A 1100 -57.58 14.62 4.85
N ALA A 1101 -57.07 13.93 5.86
CA ALA A 1101 -57.94 13.43 6.92
C ALA A 1101 -58.63 14.57 7.65
N ASN A 1102 -57.88 15.64 7.95
CA ASN A 1102 -58.48 16.79 8.61
C ASN A 1102 -59.54 17.43 7.72
N ASN A 1103 -59.26 17.56 6.42
CA ASN A 1103 -60.22 18.18 5.52
C ASN A 1103 -61.49 17.36 5.42
N ILE A 1104 -61.36 16.03 5.34
CA ILE A 1104 -62.54 15.17 5.19
C ILE A 1104 -63.44 15.28 6.40
N LYS A 1105 -62.87 15.26 7.60
CA LYS A 1105 -63.64 15.34 8.83
C LYS A 1105 -64.37 16.68 8.91
N ASP B 41 -23.15 41.85 -55.85
CA ASP B 41 -23.96 40.71 -56.27
C ASP B 41 -25.12 40.51 -55.30
N LEU B 42 -24.81 39.90 -54.14
CA LEU B 42 -25.85 39.67 -53.14
C LEU B 42 -26.44 40.97 -52.62
N VAL B 43 -25.58 41.97 -52.40
CA VAL B 43 -26.05 43.24 -51.85
C VAL B 43 -27.12 43.85 -52.73
N ASN B 44 -26.96 43.75 -54.04
CA ASN B 44 -27.97 44.28 -54.95
C ASN B 44 -29.31 43.60 -54.74
N PHE B 45 -29.31 42.28 -54.55
CA PHE B 45 -30.54 41.57 -54.24
C PHE B 45 -31.13 42.03 -52.91
N ILE B 46 -30.27 42.27 -51.91
CA ILE B 46 -30.75 42.75 -50.62
C ILE B 46 -31.43 44.10 -50.78
N GLN B 47 -30.92 44.94 -51.69
CA GLN B 47 -31.53 46.26 -51.88
C GLN B 47 -33.02 46.15 -52.13
N ALA B 48 -33.41 45.33 -53.11
CA ALA B 48 -34.82 45.20 -53.45
C ALA B 48 -35.56 44.32 -52.45
N ASN B 49 -34.94 43.24 -51.98
CA ASN B 49 -35.63 42.30 -51.10
C ASN B 49 -36.00 42.96 -49.77
N PHE B 50 -35.09 43.76 -49.21
CA PHE B 50 -35.27 44.32 -47.88
C PHE B 50 -35.35 45.84 -47.88
N ASP B 102 -33.23 47.99 -48.98
CA ASP B 102 -31.95 48.62 -48.72
C ASP B 102 -31.77 48.89 -47.23
N ALA B 103 -30.81 49.75 -46.89
CA ALA B 103 -30.53 50.13 -45.51
C ALA B 103 -30.08 48.91 -44.69
N PHE B 104 -29.03 48.27 -45.18
CA PHE B 104 -28.42 47.12 -44.51
C PHE B 104 -26.95 47.40 -44.29
N GLY B 105 -26.46 47.09 -43.09
CA GLY B 105 -25.07 47.35 -42.74
C GLY B 105 -24.31 46.11 -42.32
N ASP B 106 -23.34 45.71 -43.13
CA ASP B 106 -22.48 44.58 -42.80
C ASP B 106 -21.25 45.09 -42.05
N ILE B 107 -21.00 44.50 -40.88
CA ILE B 107 -19.94 44.95 -39.98
C ILE B 107 -18.98 43.79 -39.74
N GLN B 108 -17.69 44.05 -39.87
CA GLN B 108 -16.64 43.09 -39.54
C GLN B 108 -15.59 43.79 -38.71
N PHE B 109 -15.24 43.20 -37.56
CA PHE B 109 -14.26 43.79 -36.65
C PHE B 109 -12.93 43.05 -36.73
N GLY B 116 -20.29 39.67 -37.73
CA GLY B 116 -20.35 39.37 -39.15
C GLY B 116 -21.44 40.14 -39.86
N LYS B 117 -22.16 39.46 -40.76
CA LYS B 117 -23.19 40.13 -41.54
C LYS B 117 -24.30 40.64 -40.64
N TYR B 118 -24.82 41.81 -40.98
CA TYR B 118 -25.95 42.42 -40.29
C TYR B 118 -26.96 42.88 -41.33
N LEU B 119 -28.13 43.28 -40.86
CA LEU B 119 -29.21 43.64 -41.77
C LEU B 119 -30.32 44.33 -41.00
N ARG B 120 -31.15 45.07 -41.73
CA ARG B 120 -32.35 45.69 -41.18
C ARG B 120 -33.57 45.07 -41.83
N LEU B 121 -34.54 44.69 -41.02
CA LEU B 121 -35.65 43.86 -41.46
C LEU B 121 -36.98 44.58 -41.24
N SER B 122 -37.96 44.22 -42.07
CA SER B 122 -39.33 44.69 -41.93
C SER B 122 -40.22 43.48 -41.66
N CYS B 123 -41.23 43.67 -40.81
CA CYS B 123 -42.11 42.57 -40.44
C CYS B 123 -42.79 41.97 -41.66
N ASP B 124 -43.12 42.79 -42.65
CA ASP B 124 -43.79 42.30 -43.85
C ASP B 124 -42.90 41.40 -44.70
N THR B 125 -41.59 41.38 -44.44
CA THR B 125 -40.69 40.55 -45.23
C THR B 125 -41.09 39.09 -45.12
N ASP B 126 -41.12 38.41 -46.27
CA ASP B 126 -41.50 37.01 -46.30
C ASP B 126 -40.42 36.14 -45.69
N SER B 127 -40.84 35.14 -44.92
CA SER B 127 -39.88 34.21 -44.31
C SER B 127 -39.15 33.40 -45.36
N GLU B 128 -39.84 33.02 -46.44
CA GLU B 128 -39.22 32.23 -47.48
C GLU B 128 -38.06 32.98 -48.13
N THR B 129 -38.25 34.26 -48.40
CA THR B 129 -37.18 35.06 -48.99
C THR B 129 -35.99 35.15 -48.05
N LEU B 130 -36.23 35.35 -46.76
CA LEU B 130 -35.13 35.42 -45.80
C LEU B 130 -34.37 34.10 -45.74
N TYR B 131 -35.09 32.98 -45.72
CA TYR B 131 -34.43 31.68 -45.70
C TYR B 131 -33.63 31.45 -46.96
N GLU B 132 -34.18 31.83 -48.11
CA GLU B 132 -33.45 31.69 -49.37
C GLU B 132 -32.16 32.49 -49.33
N LEU B 133 -32.25 33.76 -48.92
CA LEU B 133 -31.05 34.58 -48.77
C LEU B 133 -30.03 33.87 -47.89
N LEU B 134 -30.43 33.54 -46.67
CA LEU B 134 -29.51 32.92 -45.72
C LEU B 134 -28.83 31.70 -46.32
N THR B 135 -29.62 30.71 -46.75
CA THR B 135 -29.05 29.44 -47.20
C THR B 135 -28.20 29.63 -48.46
N GLN B 136 -28.77 30.24 -49.50
CA GLN B 136 -28.08 30.29 -50.78
C GLN B 136 -26.83 31.16 -50.71
N HIS B 137 -26.90 32.30 -50.02
CA HIS B 137 -25.81 33.27 -50.10
C HIS B 137 -24.64 32.91 -49.19
N TRP B 138 -24.93 32.53 -47.94
CA TRP B 138 -23.90 32.53 -46.91
C TRP B 138 -23.50 31.13 -46.45
N HIS B 139 -24.44 30.33 -45.96
CA HIS B 139 -24.11 29.15 -45.17
C HIS B 139 -24.82 27.91 -45.70
N LEU B 140 -24.52 26.78 -45.07
CA LEU B 140 -25.04 25.48 -45.47
C LEU B 140 -26.44 25.27 -44.90
N LYS B 141 -27.12 24.23 -45.39
CA LYS B 141 -28.42 23.88 -44.88
C LYS B 141 -28.32 23.43 -43.42
N THR B 142 -29.39 23.67 -42.68
CA THR B 142 -29.38 23.40 -41.24
C THR B 142 -29.92 22.01 -40.95
N PRO B 143 -29.17 21.15 -40.23
CA PRO B 143 -29.73 19.89 -39.78
C PRO B 143 -30.39 19.94 -38.40
N ASN B 144 -30.33 21.09 -37.73
CA ASN B 144 -30.93 21.26 -36.42
C ASN B 144 -30.96 22.75 -36.10
N LEU B 145 -31.98 23.15 -35.34
CA LEU B 145 -32.28 24.56 -35.08
C LEU B 145 -32.53 24.79 -33.59
N VAL B 146 -31.60 24.34 -32.75
CA VAL B 146 -31.68 24.66 -31.33
C VAL B 146 -31.87 26.17 -31.19
N ILE B 147 -32.96 26.57 -30.54
CA ILE B 147 -33.25 27.98 -30.30
C ILE B 147 -33.39 28.17 -28.79
N SER B 148 -32.57 29.05 -28.24
CA SER B 148 -32.58 29.33 -26.81
C SER B 148 -33.44 30.57 -26.55
N VAL B 149 -34.38 30.44 -25.62
CA VAL B 149 -35.26 31.55 -25.24
C VAL B 149 -35.01 31.87 -23.79
N THR B 150 -34.78 33.15 -23.50
CA THR B 150 -34.56 33.63 -22.14
C THR B 150 -34.94 35.10 -22.08
N GLY B 151 -34.75 35.69 -20.90
CA GLY B 151 -35.08 37.10 -20.72
C GLY B 151 -33.96 38.00 -21.23
N GLY B 152 -34.37 39.08 -21.90
CA GLY B 152 -33.42 40.06 -22.38
C GLY B 152 -32.86 40.97 -21.31
N ALA B 153 -33.42 40.91 -20.11
CA ALA B 153 -32.90 41.73 -19.01
C ALA B 153 -31.49 41.33 -18.66
N LYS B 154 -30.66 42.31 -18.31
CA LYS B 154 -29.28 42.03 -17.93
C LYS B 154 -29.18 41.25 -16.64
N ASN B 155 -30.26 41.17 -15.86
CA ASN B 155 -30.25 40.45 -14.58
C ASN B 155 -30.30 38.96 -14.88
N PHE B 156 -29.12 38.35 -15.03
CA PHE B 156 -28.99 36.91 -15.28
C PHE B 156 -27.91 36.39 -14.32
N ALA B 157 -28.34 35.88 -13.18
CA ALA B 157 -27.41 35.36 -12.17
C ALA B 157 -26.77 34.08 -12.70
N LEU B 158 -25.50 34.16 -13.09
CA LEU B 158 -24.81 32.99 -13.59
C LEU B 158 -24.73 31.91 -12.51
N LYS B 159 -25.03 30.67 -12.89
CA LYS B 159 -24.96 29.54 -12.00
C LYS B 159 -23.93 28.53 -12.50
N PRO B 160 -23.33 27.75 -11.61
CA PRO B 160 -22.34 26.76 -12.07
C PRO B 160 -22.94 25.68 -12.96
N ARG B 161 -24.01 25.04 -12.51
CA ARG B 161 -24.63 23.99 -13.29
C ARG B 161 -25.20 24.55 -14.59
N MET B 162 -25.73 25.77 -14.55
CA MET B 162 -26.21 26.39 -15.77
C MET B 162 -25.07 26.61 -16.76
N ARG B 163 -23.91 27.05 -16.25
CA ARG B 163 -22.75 27.21 -17.12
C ARG B 163 -22.36 25.89 -17.77
N LYS B 164 -22.29 24.82 -16.97
CA LYS B 164 -21.94 23.52 -17.53
C LYS B 164 -22.98 23.06 -18.57
N ILE B 165 -24.26 23.24 -18.25
CA ILE B 165 -25.33 22.79 -19.14
C ILE B 165 -25.25 23.52 -20.47
N PHE B 166 -25.05 24.84 -20.44
CA PHE B 166 -25.00 25.59 -21.68
C PHE B 166 -23.73 25.32 -22.47
N SER B 167 -22.62 25.03 -21.78
CA SER B 167 -21.42 24.59 -22.49
C SER B 167 -21.68 23.28 -23.24
N ARG B 168 -22.36 22.34 -22.57
CA ARG B 168 -22.71 21.08 -23.22
C ARG B 168 -23.63 21.32 -24.40
N LEU B 169 -24.60 22.23 -24.25
CA LEU B 169 -25.52 22.54 -25.34
C LEU B 169 -24.76 23.08 -26.54
N ILE B 170 -23.82 24.01 -26.31
CA ILE B 170 -23.03 24.56 -27.40
C ILE B 170 -22.20 23.46 -28.07
N TYR B 171 -21.60 22.57 -27.26
CA TYR B 171 -20.83 21.48 -27.83
C TYR B 171 -21.70 20.61 -28.73
N ILE B 172 -22.91 20.28 -28.27
CA ILE B 172 -23.80 19.45 -29.07
C ILE B 172 -24.18 20.17 -30.37
N ALA B 173 -24.49 21.46 -30.28
CA ALA B 173 -24.86 22.22 -31.46
C ALA B 173 -23.73 22.22 -32.48
N GLN B 174 -22.50 22.40 -32.01
CA GLN B 174 -21.36 22.36 -32.93
C GLN B 174 -21.20 20.97 -33.53
N SER B 175 -21.36 19.92 -32.70
CA SER B 175 -21.16 18.56 -33.20
C SER B 175 -22.15 18.22 -34.29
N LYS B 176 -23.42 18.58 -34.10
CA LYS B 176 -24.45 18.27 -35.09
C LYS B 176 -24.54 19.31 -36.20
N GLY B 177 -23.87 20.46 -36.05
CA GLY B 177 -23.99 21.51 -37.04
C GLY B 177 -25.25 22.32 -36.92
N ALA B 178 -25.83 22.40 -35.72
CA ALA B 178 -27.12 23.06 -35.54
C ALA B 178 -26.96 24.58 -35.60
N TRP B 179 -28.04 25.24 -36.00
CA TRP B 179 -28.14 26.69 -35.88
C TRP B 179 -28.61 27.05 -34.48
N ILE B 180 -28.16 28.21 -34.01
CA ILE B 180 -28.54 28.72 -32.70
C ILE B 180 -29.13 30.11 -32.89
N LEU B 181 -30.39 30.29 -32.48
CA LEU B 181 -31.07 31.57 -32.53
C LEU B 181 -31.21 32.11 -31.12
N THR B 182 -30.70 33.32 -30.89
CA THR B 182 -30.71 33.94 -29.58
C THR B 182 -31.16 35.39 -29.71
N GLY B 183 -31.30 36.05 -28.56
CA GLY B 183 -31.69 37.45 -28.57
C GLY B 183 -30.65 38.34 -29.22
N GLY B 184 -29.37 38.07 -28.94
CA GLY B 184 -28.30 38.83 -29.55
C GLY B 184 -28.24 40.28 -29.10
N THR B 185 -28.38 40.53 -27.81
CA THR B 185 -28.33 41.88 -27.26
C THR B 185 -27.19 42.09 -26.27
N HIS B 186 -26.36 41.08 -26.03
CA HIS B 186 -25.21 41.21 -25.14
C HIS B 186 -25.65 41.53 -23.70
N TYR B 187 -26.49 40.66 -23.17
CA TYR B 187 -26.97 40.82 -21.79
C TYR B 187 -27.19 39.45 -21.16
N GLY B 188 -26.60 39.25 -19.98
CA GLY B 188 -26.86 38.04 -19.23
C GLY B 188 -26.50 36.79 -20.02
N LEU B 189 -27.44 35.85 -20.05
CA LEU B 189 -27.18 34.56 -20.71
C LEU B 189 -26.80 34.74 -22.17
N MET B 190 -27.24 35.83 -22.80
CA MET B 190 -26.89 36.06 -24.21
C MET B 190 -25.38 36.18 -24.39
N LYS B 191 -24.73 36.99 -23.56
CA LYS B 191 -23.30 37.21 -23.71
C LYS B 191 -22.53 35.92 -23.49
N TYR B 192 -22.93 35.13 -22.49
CA TYR B 192 -22.22 33.89 -22.20
C TYR B 192 -22.45 32.85 -23.30
N ILE B 193 -23.68 32.76 -23.83
CA ILE B 193 -23.93 31.79 -24.89
C ILE B 193 -23.17 32.17 -26.15
N GLY B 194 -22.86 33.46 -26.33
CA GLY B 194 -22.02 33.84 -27.44
C GLY B 194 -20.54 33.61 -27.15
N GLU B 195 -20.17 33.78 -25.89
CA GLU B 195 -18.78 33.59 -25.49
C GLU B 195 -18.36 32.13 -25.63
N VAL B 196 -19.27 31.20 -25.30
CA VAL B 196 -18.96 29.79 -25.48
C VAL B 196 -18.72 29.49 -26.96
N VAL B 197 -19.52 30.11 -27.83
CA VAL B 197 -19.32 29.92 -29.26
C VAL B 197 -17.95 30.43 -29.68
N ARG B 198 -17.56 31.60 -29.18
CA ARG B 198 -16.23 32.11 -29.49
C ARG B 198 -15.15 31.14 -29.02
N ASP B 199 -15.28 30.65 -27.78
CA ASP B 199 -14.27 29.76 -27.22
C ASP B 199 -14.14 28.50 -28.05
N ASN B 200 -15.27 27.91 -28.45
CA ASN B 200 -15.21 26.73 -29.30
C ASN B 200 -14.65 27.06 -30.68
N THR B 201 -14.93 28.26 -31.19
CA THR B 201 -14.40 28.65 -32.49
C THR B 201 -12.88 28.79 -32.46
N ILE B 202 -12.29 29.06 -31.30
CA ILE B 202 -10.84 29.14 -31.21
C ILE B 202 -10.19 27.81 -30.87
N SER B 203 -10.97 26.74 -30.72
CA SER B 203 -10.42 25.41 -30.47
C SER B 203 -11.00 24.38 -31.42
N GLU B 208 -17.41 22.65 -39.20
CA GLU B 208 -16.27 23.13 -38.44
C GLU B 208 -16.53 24.53 -37.89
N ASN B 209 -17.73 25.06 -38.12
CA ASN B 209 -18.12 26.37 -37.64
C ASN B 209 -19.51 26.29 -37.02
N ILE B 210 -19.78 27.22 -36.11
CA ILE B 210 -21.07 27.33 -35.43
C ILE B 210 -21.79 28.56 -35.96
N VAL B 211 -23.04 28.37 -36.36
CA VAL B 211 -23.89 29.45 -36.83
C VAL B 211 -24.75 29.90 -35.66
N ALA B 212 -24.65 31.18 -35.29
CA ALA B 212 -25.28 31.73 -34.11
C ALA B 212 -26.08 32.97 -34.45
N ILE B 213 -27.01 32.82 -35.39
CA ILE B 213 -27.88 33.94 -35.76
C ILE B 213 -28.52 34.53 -34.52
N GLY B 214 -28.55 35.86 -34.46
CA GLY B 214 -29.21 36.56 -33.37
C GLY B 214 -30.21 37.57 -33.88
N ILE B 215 -31.47 37.43 -33.47
CA ILE B 215 -32.54 38.33 -33.88
C ILE B 215 -32.76 39.35 -32.78
N ALA B 216 -32.68 40.63 -33.13
CA ALA B 216 -32.89 41.72 -32.20
C ALA B 216 -33.79 42.77 -32.85
N ALA B 217 -34.10 43.82 -32.11
CA ALA B 217 -35.01 44.86 -32.55
C ALA B 217 -34.21 46.11 -32.94
N TRP B 218 -34.41 46.58 -34.17
CA TRP B 218 -33.76 47.81 -34.61
C TRP B 218 -34.22 49.00 -33.77
N GLY B 219 -35.51 49.06 -33.45
CA GLY B 219 -36.04 50.21 -32.74
C GLY B 219 -35.39 50.40 -31.37
N MET B 220 -35.12 49.29 -30.67
CA MET B 220 -34.53 49.36 -29.34
C MET B 220 -33.03 49.55 -29.38
N VAL B 221 -32.40 49.48 -30.55
CA VAL B 221 -30.95 49.65 -30.65
C VAL B 221 -30.59 51.12 -30.51
N SER B 222 -29.48 51.38 -29.83
CA SER B 222 -29.07 52.76 -29.57
C SER B 222 -28.35 53.38 -30.76
N ASN B 223 -27.22 52.79 -31.15
CA ASN B 223 -26.40 53.37 -32.19
C ASN B 223 -26.96 53.07 -33.58
N ARG B 224 -26.94 54.08 -34.44
CA ARG B 224 -27.39 53.95 -35.82
C ARG B 224 -26.20 54.18 -36.74
N ASP B 225 -25.87 53.16 -37.54
CA ASP B 225 -24.77 53.21 -38.50
C ASP B 225 -25.30 52.72 -39.84
N THR B 226 -25.86 53.65 -40.63
CA THR B 226 -26.41 53.30 -41.92
C THR B 226 -25.28 52.92 -42.88
N LEU B 227 -25.61 52.04 -43.82
CA LEU B 227 -24.64 51.58 -44.82
C LEU B 227 -24.08 52.76 -45.60
N PHE B 237 -19.35 51.71 -46.87
CA PHE B 237 -19.96 50.42 -47.16
C PHE B 237 -20.19 49.63 -45.87
N SER B 238 -19.11 49.06 -45.33
CA SER B 238 -19.18 48.26 -44.10
C SER B 238 -19.01 49.18 -42.89
N ALA B 239 -20.05 49.96 -42.62
CA ALA B 239 -20.04 50.85 -41.48
C ALA B 239 -19.88 50.04 -40.19
N GLN B 240 -18.97 50.48 -39.33
CA GLN B 240 -18.68 49.77 -38.08
C GLN B 240 -18.59 50.77 -36.95
N TYR B 241 -19.17 50.40 -35.80
CA TYR B 241 -19.12 51.21 -34.61
C TYR B 241 -18.89 50.31 -33.40
N ILE B 242 -18.25 50.85 -32.38
CA ILE B 242 -17.92 50.11 -31.17
C ILE B 242 -18.44 50.87 -29.97
N MET B 243 -18.66 50.14 -28.88
CA MET B 243 -19.17 50.72 -27.64
C MET B 243 -18.90 49.80 -26.45
N LEU B 251 -30.97 52.49 -26.49
CA LEU B 251 -30.28 51.56 -25.60
C LEU B 251 -30.08 50.22 -26.27
N TYR B 252 -29.89 49.18 -25.45
CA TYR B 252 -29.77 47.80 -25.93
C TYR B 252 -28.73 47.68 -27.04
N ILE B 253 -27.48 47.96 -26.67
CA ILE B 253 -26.37 47.64 -27.56
C ILE B 253 -26.45 46.16 -27.92
N LEU B 254 -25.98 45.83 -29.12
CA LEU B 254 -26.12 44.48 -29.67
C LEU B 254 -24.78 43.77 -29.66
N ASP B 255 -24.80 42.49 -29.25
CA ASP B 255 -23.59 41.70 -29.21
C ASP B 255 -23.00 41.55 -30.61
N ASN B 256 -21.70 41.75 -30.73
CA ASN B 256 -20.98 41.52 -31.97
C ASN B 256 -20.32 40.15 -32.02
N ASN B 257 -20.50 39.33 -30.97
CA ASN B 257 -19.89 38.00 -30.92
C ASN B 257 -20.71 36.96 -31.67
N HIS B 258 -21.87 37.32 -32.21
CA HIS B 258 -22.67 36.42 -33.01
C HIS B 258 -22.34 36.61 -34.49
N THR B 259 -22.26 35.49 -35.20
CA THR B 259 -21.84 35.54 -36.60
C THR B 259 -22.78 36.39 -37.43
N HIS B 260 -24.09 36.20 -37.26
CA HIS B 260 -25.10 36.91 -38.03
C HIS B 260 -26.08 37.58 -37.10
N LEU B 261 -26.49 38.79 -37.45
CA LEU B 261 -27.45 39.56 -36.68
C LEU B 261 -28.57 40.04 -37.60
N LEU B 262 -29.81 39.88 -37.17
CA LEU B 262 -30.98 40.32 -37.92
C LEU B 262 -31.75 41.31 -37.06
N LEU B 263 -31.84 42.55 -37.52
CA LEU B 263 -32.56 43.62 -36.83
C LEU B 263 -33.83 43.95 -37.59
N VAL B 264 -34.97 43.93 -36.90
CA VAL B 264 -36.26 44.15 -37.51
C VAL B 264 -37.01 45.21 -36.71
N ASP B 265 -37.35 46.33 -37.36
CA ASP B 265 -38.24 47.32 -36.76
C ASP B 265 -38.77 48.20 -37.88
N ASN B 266 -40.06 48.05 -38.20
CA ASN B 266 -40.68 48.94 -39.17
C ASN B 266 -40.81 50.36 -38.64
N GLY B 267 -40.68 50.55 -37.33
CA GLY B 267 -40.81 51.87 -36.74
C GLY B 267 -40.93 51.77 -35.23
N CYS B 268 -41.69 52.70 -34.66
CA CYS B 268 -42.02 52.68 -33.24
C CYS B 268 -40.73 52.72 -32.40
N HIS B 269 -40.03 53.85 -32.50
CA HIS B 269 -38.78 54.04 -31.77
C HIS B 269 -38.93 53.76 -30.28
N GLY B 270 -40.16 53.72 -29.76
CA GLY B 270 -40.37 53.32 -28.38
C GLY B 270 -39.83 51.95 -28.04
N HIS B 271 -39.50 51.15 -29.04
CA HIS B 271 -38.85 49.85 -28.87
C HIS B 271 -39.79 48.82 -28.24
N PRO B 272 -40.99 48.63 -28.75
CA PRO B 272 -41.76 47.44 -28.38
C PRO B 272 -41.24 46.22 -29.10
N THR B 273 -41.35 45.06 -28.44
CA THR B 273 -40.82 43.83 -29.01
C THR B 273 -41.47 43.53 -30.35
N VAL B 274 -40.65 43.25 -31.36
CA VAL B 274 -41.14 42.98 -32.70
C VAL B 274 -40.66 41.60 -33.15
N GLU B 275 -39.51 41.16 -32.63
CA GLU B 275 -38.97 39.87 -33.02
C GLU B 275 -39.86 38.71 -32.63
N ALA B 276 -40.73 38.92 -31.62
CA ALA B 276 -41.59 37.86 -31.10
C ALA B 276 -42.55 37.31 -32.15
N LYS B 277 -42.59 37.88 -33.35
CA LYS B 277 -43.41 37.38 -34.45
C LYS B 277 -42.58 36.85 -35.59
N LEU B 278 -41.59 37.64 -36.04
CA LEU B 278 -40.75 37.21 -37.15
C LEU B 278 -39.97 35.95 -36.79
N ARG B 279 -39.45 35.88 -35.57
CA ARG B 279 -38.67 34.72 -35.17
C ARG B 279 -39.51 33.45 -35.22
N ASN B 280 -40.74 33.52 -34.68
CA ASN B 280 -41.62 32.36 -34.69
C ASN B 280 -42.01 31.99 -36.11
N GLN B 281 -42.31 32.98 -36.96
CA GLN B 281 -42.65 32.67 -38.34
C GLN B 281 -41.50 31.96 -39.05
N LEU B 282 -40.27 32.45 -38.85
CA LEU B 282 -39.11 31.82 -39.46
C LEU B 282 -38.94 30.39 -38.97
N GLU B 283 -39.09 30.18 -37.65
CA GLU B 283 -38.93 28.84 -37.11
C GLU B 283 -39.97 27.90 -37.68
N LYS B 284 -41.22 28.34 -37.76
CA LYS B 284 -42.28 27.49 -38.31
C LYS B 284 -42.00 27.15 -39.77
N TYR B 285 -41.62 28.15 -40.57
CA TYR B 285 -41.37 27.89 -41.98
C TYR B 285 -40.21 26.92 -42.16
N ILE B 286 -39.12 27.11 -41.40
CA ILE B 286 -38.00 26.18 -41.51
C ILE B 286 -38.40 24.80 -41.02
N SER B 287 -39.30 24.73 -40.03
CA SER B 287 -39.83 23.44 -39.61
C SER B 287 -40.49 22.71 -40.76
N GLU B 288 -41.32 23.42 -41.53
CA GLU B 288 -41.97 22.78 -42.67
C GLU B 288 -40.98 22.46 -43.78
N ARG B 289 -39.88 23.19 -43.87
CA ARG B 289 -38.86 22.93 -44.89
C ARG B 289 -38.38 21.48 -44.80
N THR B 290 -38.53 20.75 -45.91
CA THR B 290 -38.17 19.34 -45.94
C THR B 290 -36.72 19.17 -46.35
N SER B 291 -35.97 18.42 -45.54
CA SER B 291 -34.57 18.08 -45.83
C SER B 291 -34.41 16.58 -45.72
N GLN B 292 -33.89 15.97 -46.78
CA GLN B 292 -33.72 14.51 -46.83
C GLN B 292 -32.37 14.14 -46.21
N ASP B 293 -32.25 14.41 -44.92
CA ASP B 293 -31.04 14.10 -44.18
C ASP B 293 -31.38 14.05 -42.69
N SER B 294 -30.50 13.42 -41.93
CA SER B 294 -30.63 13.29 -40.48
C SER B 294 -31.89 12.52 -40.09
N ASN B 295 -32.43 11.71 -41.00
CA ASN B 295 -33.64 10.93 -40.76
C ASN B 295 -34.73 11.88 -40.26
N TYR B 296 -35.46 11.55 -39.19
CA TYR B 296 -36.53 12.38 -38.68
C TYR B 296 -37.61 12.62 -39.74
N GLY B 297 -37.86 11.62 -40.58
CA GLY B 297 -38.90 11.73 -41.59
C GLY B 297 -38.69 12.87 -42.56
N GLY B 298 -37.44 13.12 -42.94
CA GLY B 298 -37.15 14.18 -43.90
C GLY B 298 -37.54 15.56 -43.39
N LYS B 299 -37.36 15.80 -42.10
CA LYS B 299 -37.69 17.10 -41.51
C LYS B 299 -36.50 17.60 -40.70
N ILE B 300 -36.69 18.64 -39.89
CA ILE B 300 -35.60 19.23 -39.13
C ILE B 300 -35.98 19.26 -37.65
N PRO B 301 -35.05 18.95 -36.73
CA PRO B 301 -35.42 18.78 -35.32
C PRO B 301 -36.16 19.96 -34.69
N ILE B 302 -35.61 21.18 -34.81
CA ILE B 302 -36.27 22.43 -34.41
C ILE B 302 -36.62 22.38 -32.92
N VAL B 303 -35.66 21.98 -32.09
CA VAL B 303 -35.91 21.94 -30.65
C VAL B 303 -35.89 23.34 -30.08
N CYS B 304 -36.58 23.52 -28.95
CA CYS B 304 -36.82 24.83 -28.35
C CYS B 304 -36.36 24.79 -26.89
N PHE B 305 -35.13 25.25 -26.65
CA PHE B 305 -34.59 25.27 -25.29
C PHE B 305 -35.09 26.51 -24.57
N ALA B 306 -35.61 26.33 -23.35
CA ALA B 306 -36.15 27.44 -22.57
C ALA B 306 -35.74 27.29 -21.11
N GLN B 307 -35.09 28.33 -20.57
CA GLN B 307 -34.75 28.37 -19.15
C GLN B 307 -35.01 29.72 -18.49
N GLY B 308 -35.08 30.81 -19.26
CA GLY B 308 -35.21 32.12 -18.64
C GLY B 308 -36.54 32.30 -17.95
N GLY B 309 -36.56 33.21 -16.97
CA GLY B 309 -37.74 33.50 -16.18
C GLY B 309 -38.56 34.66 -16.68
N GLY B 310 -38.31 35.12 -17.90
CA GLY B 310 -39.02 36.27 -18.42
C GLY B 310 -40.46 35.97 -18.83
N ARG B 311 -41.24 37.05 -18.89
CA ARG B 311 -42.61 36.95 -19.40
C ARG B 311 -42.62 36.68 -20.90
N GLU B 312 -41.81 37.42 -21.65
CA GLU B 312 -41.71 37.18 -23.09
C GLU B 312 -41.25 35.76 -23.37
N THR B 313 -40.51 35.15 -22.43
CA THR B 313 -40.19 33.74 -22.56
C THR B 313 -41.45 32.89 -22.48
N LEU B 314 -42.38 33.26 -21.60
CA LEU B 314 -43.65 32.54 -21.53
C LEU B 314 -44.41 32.65 -22.84
N LYS B 315 -44.49 33.86 -23.40
CA LYS B 315 -45.18 34.03 -24.68
C LYS B 315 -44.49 33.24 -25.79
N ALA B 316 -43.16 33.25 -25.80
CA ALA B 316 -42.42 32.50 -26.81
C ALA B 316 -42.68 31.00 -26.69
N ILE B 317 -42.70 30.48 -25.46
CA ILE B 317 -42.99 29.06 -25.26
C ILE B 317 -44.41 28.74 -25.74
N ASN B 318 -45.37 29.61 -25.42
CA ASN B 318 -46.74 29.36 -25.86
C ASN B 318 -46.83 29.30 -27.38
N THR B 319 -46.22 30.26 -28.06
CA THR B 319 -46.29 30.25 -29.52
C THR B 319 -45.53 29.08 -30.12
N SER B 320 -44.41 28.69 -29.51
CA SER B 320 -43.67 27.53 -30.00
C SER B 320 -44.50 26.26 -29.87
N VAL B 321 -45.15 26.06 -28.73
CA VAL B 321 -45.96 24.88 -28.52
C VAL B 321 -47.23 24.93 -29.35
N LYS B 322 -47.68 26.12 -29.77
CA LYS B 322 -48.81 26.21 -30.68
C LYS B 322 -48.57 25.34 -31.90
N SER B 323 -47.38 25.43 -32.49
CA SER B 323 -46.94 24.49 -33.49
C SER B 323 -46.28 23.29 -32.82
N LYS B 324 -45.98 22.26 -33.62
CA LYS B 324 -45.42 21.02 -33.10
C LYS B 324 -43.90 21.17 -32.94
N ILE B 325 -43.53 22.04 -32.01
CA ILE B 325 -42.13 22.28 -31.66
C ILE B 325 -41.92 21.73 -30.24
N PRO B 326 -41.09 20.71 -30.06
CA PRO B 326 -40.89 20.12 -28.71
C PRO B 326 -39.99 20.94 -27.80
N CYS B 327 -40.59 21.91 -27.13
CA CYS B 327 -39.83 22.74 -26.21
C CYS B 327 -39.35 21.90 -25.03
N VAL B 328 -38.19 22.27 -24.48
CA VAL B 328 -37.58 21.59 -23.35
C VAL B 328 -37.18 22.62 -22.31
N VAL B 329 -37.50 22.33 -21.05
CA VAL B 329 -37.26 23.24 -19.94
C VAL B 329 -36.41 22.53 -18.91
N VAL B 330 -35.68 23.31 -18.10
CA VAL B 330 -34.87 22.79 -17.02
C VAL B 330 -35.38 23.39 -15.71
N GLU B 331 -35.58 22.54 -14.70
CA GLU B 331 -36.05 22.98 -13.39
C GLU B 331 -34.87 23.48 -12.55
N GLY B 332 -34.25 24.56 -13.05
CA GLY B 332 -33.10 25.14 -12.40
C GLY B 332 -33.35 26.53 -11.85
N SER B 333 -32.53 27.49 -12.24
CA SER B 333 -32.66 28.84 -11.72
C SER B 333 -33.86 29.56 -12.31
N GLY B 334 -34.28 29.18 -13.52
CA GLY B 334 -35.41 29.82 -14.17
C GLY B 334 -36.68 29.80 -13.35
N GLN B 335 -37.37 30.93 -13.27
CA GLN B 335 -38.57 31.03 -12.45
C GLN B 335 -39.81 30.58 -13.23
N ILE B 336 -40.09 31.23 -14.36
CA ILE B 336 -41.18 30.76 -15.20
C ILE B 336 -40.90 29.36 -15.70
N ALA B 337 -39.62 28.96 -15.72
CA ALA B 337 -39.26 27.60 -16.11
C ALA B 337 -39.48 26.62 -14.96
N ASP B 338 -39.08 26.99 -13.74
CA ASP B 338 -39.32 26.13 -12.60
C ASP B 338 -40.81 25.95 -12.34
N VAL B 339 -41.62 26.97 -12.65
CA VAL B 339 -43.07 26.83 -12.48
C VAL B 339 -43.58 25.67 -13.33
N ILE B 340 -43.22 25.67 -14.62
CA ILE B 340 -43.70 24.62 -15.51
C ILE B 340 -43.10 23.28 -15.15
N ALA B 341 -41.84 23.27 -14.73
CA ALA B 341 -41.20 22.01 -14.34
C ALA B 341 -41.92 21.39 -13.13
N SER B 342 -42.26 22.22 -12.14
CA SER B 342 -42.97 21.72 -10.97
C SER B 342 -44.38 21.27 -11.33
N LEU B 343 -45.06 22.03 -12.19
CA LEU B 343 -46.43 21.66 -12.55
C LEU B 343 -46.48 20.30 -13.22
N VAL B 344 -45.55 20.01 -14.13
CA VAL B 344 -45.50 18.73 -14.80
C VAL B 344 -44.93 17.68 -13.86
N THR B 351 -54.69 24.00 -11.66
CA THR B 351 -55.79 24.94 -11.53
C THR B 351 -55.26 26.37 -11.44
N SER B 352 -56.18 27.33 -11.33
CA SER B 352 -55.77 28.72 -11.17
C SER B 352 -55.01 28.92 -9.87
N SER B 353 -55.47 28.29 -8.79
CA SER B 353 -54.78 28.40 -7.50
C SER B 353 -53.37 27.82 -7.59
N MET B 354 -53.21 26.69 -8.27
CA MET B 354 -51.90 26.07 -8.40
C MET B 354 -50.93 27.01 -9.13
N VAL B 355 -51.36 27.56 -10.27
CA VAL B 355 -50.50 28.47 -11.01
C VAL B 355 -50.18 29.69 -10.17
N LYS B 356 -51.19 30.24 -9.48
CA LYS B 356 -50.98 31.44 -8.68
C LYS B 356 -49.95 31.19 -7.59
N GLU B 357 -50.11 30.10 -6.84
CA GLU B 357 -49.19 29.81 -5.75
C GLU B 357 -47.79 29.54 -6.28
N LYS B 358 -47.67 28.82 -7.40
CA LYS B 358 -46.36 28.54 -7.95
C LYS B 358 -45.66 29.84 -8.36
N LEU B 359 -46.35 30.71 -9.09
CA LEU B 359 -45.71 31.92 -9.58
C LEU B 359 -45.45 32.92 -8.46
N VAL B 360 -46.26 32.88 -7.39
CA VAL B 360 -45.98 33.71 -6.22
C VAL B 360 -44.74 33.21 -5.49
N ARG B 361 -44.63 31.89 -5.34
CA ARG B 361 -43.48 31.30 -4.67
C ARG B 361 -42.19 31.59 -5.42
N PHE B 362 -42.23 31.45 -6.75
CA PHE B 362 -41.02 31.63 -7.55
C PHE B 362 -40.83 33.06 -8.02
N LEU B 363 -41.90 33.83 -8.17
CA LEU B 363 -41.83 35.23 -8.60
C LEU B 363 -42.68 36.10 -7.68
N PRO B 364 -42.28 36.24 -6.42
CA PRO B 364 -43.05 37.09 -5.49
C PRO B 364 -42.98 38.57 -5.85
N ARG B 365 -41.77 39.09 -6.04
CA ARG B 365 -41.64 40.49 -6.42
C ARG B 365 -42.22 40.76 -7.80
N THR B 366 -41.97 39.85 -8.75
CA THR B 366 -42.46 40.04 -10.11
C THR B 366 -43.98 40.03 -10.15
N VAL B 367 -44.61 39.08 -9.44
CA VAL B 367 -46.07 39.04 -9.41
C VAL B 367 -46.62 40.23 -8.66
N SER B 368 -45.95 40.66 -7.59
CA SER B 368 -46.39 41.84 -6.86
C SER B 368 -46.40 43.05 -7.77
N ARG B 369 -45.35 43.22 -8.58
CA ARG B 369 -45.33 44.31 -9.54
C ARG B 369 -46.33 44.07 -10.67
N LEU B 370 -46.59 42.82 -11.01
CA LEU B 370 -47.48 42.51 -12.12
C LEU B 370 -48.91 42.92 -11.77
N PRO B 371 -49.68 43.45 -12.74
CA PRO B 371 -51.07 43.82 -12.47
C PRO B 371 -51.97 42.60 -12.48
N GLU B 372 -53.21 42.82 -12.02
CA GLU B 372 -54.20 41.74 -11.97
C GLU B 372 -54.55 41.26 -13.37
N GLU B 373 -54.66 42.18 -14.34
CA GLU B 373 -55.07 41.80 -15.68
C GLU B 373 -54.06 40.85 -16.32
N GLU B 374 -52.77 41.10 -16.14
CA GLU B 374 -51.76 40.24 -16.72
C GLU B 374 -51.78 38.84 -16.12
N ILE B 375 -52.32 38.69 -14.91
CA ILE B 375 -52.37 37.37 -14.29
C ILE B 375 -53.28 36.43 -15.08
N GLU B 376 -54.38 36.96 -15.63
CA GLU B 376 -55.26 36.12 -16.43
C GLU B 376 -54.52 35.59 -17.65
N SER B 377 -53.77 36.45 -18.34
CA SER B 377 -52.99 36.02 -19.50
C SER B 377 -51.94 35.00 -19.09
N TRP B 378 -51.25 35.24 -17.97
CA TRP B 378 -50.23 34.30 -17.51
C TRP B 378 -50.85 32.93 -17.24
N ILE B 379 -51.99 32.90 -16.54
CA ILE B 379 -52.62 31.63 -16.22
C ILE B 379 -53.08 30.94 -17.49
N LYS B 380 -53.61 31.69 -18.45
CA LYS B 380 -54.05 31.10 -19.70
C LYS B 380 -52.87 30.48 -20.46
N TRP B 381 -51.75 31.19 -20.53
CA TRP B 381 -50.58 30.65 -21.22
C TRP B 381 -50.06 29.41 -20.51
N LEU B 382 -50.03 29.43 -19.17
CA LEU B 382 -49.57 28.26 -18.43
C LEU B 382 -50.48 27.07 -18.66
N LYS B 383 -51.80 27.29 -18.69
CA LYS B 383 -52.73 26.21 -18.98
C LYS B 383 -52.51 25.66 -20.39
N GLU B 384 -52.31 26.55 -21.36
CA GLU B 384 -52.04 26.10 -22.72
C GLU B 384 -50.78 25.26 -22.79
N ILE B 385 -49.72 25.69 -22.10
CA ILE B 385 -48.47 24.94 -22.12
C ILE B 385 -48.65 23.57 -21.47
N LEU B 386 -49.30 23.53 -20.30
CA LEU B 386 -49.52 22.27 -19.60
C LEU B 386 -50.54 21.38 -20.29
N GLU B 387 -51.28 21.91 -21.26
CA GLU B 387 -52.25 21.08 -21.97
C GLU B 387 -51.57 19.93 -22.69
N SER B 388 -50.44 20.20 -23.34
CA SER B 388 -49.69 19.19 -24.08
C SER B 388 -48.38 18.92 -23.35
N SER B 389 -48.13 17.66 -23.01
CA SER B 389 -46.89 17.25 -22.37
C SER B 389 -45.98 16.43 -23.28
N HIS B 390 -46.50 15.88 -24.37
CA HIS B 390 -45.66 15.13 -25.30
C HIS B 390 -44.65 16.03 -25.99
N LEU B 391 -45.00 17.31 -26.20
CA LEU B 391 -44.05 18.24 -26.78
C LEU B 391 -43.10 18.80 -25.72
N LEU B 392 -43.63 19.18 -24.56
CA LEU B 392 -42.81 19.75 -23.51
C LEU B 392 -42.03 18.65 -22.79
N THR B 393 -40.79 18.97 -22.44
CA THR B 393 -39.92 18.06 -21.71
C THR B 393 -39.21 18.82 -20.62
N VAL B 394 -38.80 18.09 -19.57
CA VAL B 394 -38.18 18.69 -18.40
C VAL B 394 -36.86 17.99 -18.12
N ILE B 395 -35.97 18.71 -17.44
CA ILE B 395 -34.68 18.20 -16.99
C ILE B 395 -34.67 18.24 -15.47
N LYS B 396 -34.43 17.09 -14.85
CA LYS B 396 -34.43 17.01 -13.40
C LYS B 396 -33.16 17.62 -12.82
N MET B 397 -33.28 18.17 -11.62
CA MET B 397 -32.13 18.77 -10.95
C MET B 397 -31.19 17.70 -10.38
N GLU B 398 -31.73 16.53 -10.03
CA GLU B 398 -30.90 15.48 -9.46
C GLU B 398 -29.86 14.98 -10.47
N GLU B 399 -30.25 14.86 -11.73
CA GLU B 399 -29.36 14.34 -12.76
C GLU B 399 -28.14 15.22 -12.92
N ALA B 400 -26.96 14.71 -12.55
CA ALA B 400 -25.71 15.43 -12.66
C ALA B 400 -24.81 14.85 -13.76
N GLY B 401 -25.37 14.04 -14.66
CA GLY B 401 -24.57 13.44 -15.70
C GLY B 401 -24.07 14.46 -16.69
N ASP B 402 -23.01 14.07 -17.42
CA ASP B 402 -22.39 14.96 -18.39
C ASP B 402 -23.23 15.10 -19.66
N GLU B 403 -24.01 14.07 -20.01
CA GLU B 403 -24.77 14.05 -21.25
C GLU B 403 -26.27 14.24 -21.03
N ILE B 404 -26.66 14.88 -19.92
CA ILE B 404 -28.08 15.07 -19.65
C ILE B 404 -28.71 15.98 -20.70
N VAL B 405 -27.95 16.95 -21.20
CA VAL B 405 -28.47 17.87 -22.21
C VAL B 405 -28.86 17.10 -23.47
N SER B 406 -27.93 16.26 -23.96
CA SER B 406 -28.21 15.47 -25.15
C SER B 406 -29.34 14.50 -24.89
N ASN B 407 -29.41 13.92 -23.70
CA ASN B 407 -30.50 13.02 -23.37
C ASN B 407 -31.84 13.74 -23.44
N ALA B 408 -31.92 14.95 -22.89
CA ALA B 408 -33.16 15.70 -22.92
C ALA B 408 -33.58 16.00 -24.35
N ILE B 409 -32.65 16.51 -25.17
CA ILE B 409 -32.99 16.86 -26.53
C ILE B 409 -33.43 15.62 -27.31
N SER B 410 -32.69 14.52 -27.15
CA SER B 410 -33.00 13.30 -27.88
C SER B 410 -34.37 12.77 -27.48
N TYR B 411 -34.66 12.76 -26.17
CA TYR B 411 -35.96 12.27 -25.73
C TYR B 411 -37.09 13.15 -26.24
N ALA B 412 -36.88 14.47 -26.24
CA ALA B 412 -37.92 15.37 -26.74
C ALA B 412 -38.19 15.11 -28.22
N LEU B 413 -37.14 14.98 -29.03
CA LEU B 413 -37.33 14.71 -30.45
C LEU B 413 -37.96 13.34 -30.67
N TYR B 414 -37.57 12.34 -29.88
CA TYR B 414 -38.16 11.02 -30.00
C TYR B 414 -39.65 11.05 -29.69
N LYS B 415 -40.04 11.77 -28.64
CA LYS B 415 -41.46 11.90 -28.31
C LYS B 415 -42.21 12.62 -29.42
N ALA B 416 -41.61 13.68 -29.97
CA ALA B 416 -42.27 14.40 -31.07
C ALA B 416 -42.48 13.49 -32.27
N PHE B 417 -41.47 12.69 -32.61
CA PHE B 417 -41.59 11.81 -33.77
C PHE B 417 -42.63 10.73 -33.53
N SER B 418 -42.59 10.07 -32.37
CA SER B 418 -43.48 8.95 -32.12
C SER B 418 -44.94 9.40 -32.08
N THR B 419 -45.22 10.54 -31.44
CA THR B 419 -46.59 11.01 -31.28
C THR B 419 -47.10 11.77 -32.49
N ASN B 420 -46.26 11.96 -33.52
CA ASN B 420 -46.72 12.66 -34.72
C ASN B 420 -47.88 11.92 -35.38
N GLU B 421 -47.84 10.59 -35.35
CA GLU B 421 -48.82 9.69 -35.95
C GLU B 421 -48.65 9.58 -37.45
N GLN B 422 -47.83 10.43 -38.08
CA GLN B 422 -47.54 10.26 -39.49
C GLN B 422 -46.53 9.13 -39.72
N ASP B 423 -45.57 8.98 -38.81
CA ASP B 423 -44.58 7.93 -38.87
C ASP B 423 -44.57 7.11 -37.58
N LYS B 424 -45.71 7.05 -36.88
CA LYS B 424 -45.78 6.26 -35.65
C LYS B 424 -45.55 4.79 -35.95
N ASP B 425 -46.11 4.28 -37.04
CA ASP B 425 -45.93 2.88 -37.40
C ASP B 425 -44.48 2.56 -37.78
N ASN B 426 -43.70 3.56 -38.17
CA ASN B 426 -42.32 3.33 -38.58
C ASN B 426 -41.50 2.71 -37.46
N TRP B 427 -41.08 1.46 -37.64
CA TRP B 427 -40.13 0.83 -36.73
C TRP B 427 -38.70 1.01 -37.19
N ASN B 428 -38.48 1.38 -38.45
CA ASN B 428 -37.14 1.57 -38.99
C ASN B 428 -36.66 3.00 -38.84
N GLY B 429 -37.48 3.97 -39.25
CA GLY B 429 -37.11 5.37 -39.07
C GLY B 429 -36.96 5.74 -37.61
N GLN B 430 -37.83 5.20 -36.76
CA GLN B 430 -37.71 5.45 -35.33
C GLN B 430 -36.38 4.93 -34.80
N LEU B 431 -36.00 3.72 -35.22
CA LEU B 431 -34.73 3.15 -34.81
C LEU B 431 -33.55 3.97 -35.33
N LYS B 432 -33.64 4.43 -36.58
CA LYS B 432 -32.55 5.23 -37.14
C LYS B 432 -32.39 6.54 -36.38
N LEU B 433 -33.51 7.18 -36.04
CA LEU B 433 -33.44 8.41 -35.27
C LEU B 433 -32.82 8.16 -33.90
N LEU B 434 -33.25 7.10 -33.23
CA LEU B 434 -32.67 6.78 -31.93
C LEU B 434 -31.20 6.37 -32.04
N LEU B 435 -30.78 5.91 -33.21
CA LEU B 435 -29.36 5.61 -33.43
C LEU B 435 -28.55 6.88 -33.63
N GLU B 436 -29.12 7.88 -34.32
CA GLU B 436 -28.40 9.12 -34.56
C GLU B 436 -27.89 9.71 -33.25
N TRP B 437 -28.76 9.81 -32.25
CA TRP B 437 -28.35 10.21 -30.92
C TRP B 437 -28.07 8.95 -30.09
N ASN B 438 -26.93 8.96 -29.39
CA ASN B 438 -26.46 7.75 -28.72
C ASN B 438 -27.33 7.49 -27.49
N GLN B 439 -28.51 6.96 -27.75
CA GLN B 439 -29.47 6.56 -26.72
C GLN B 439 -29.73 5.07 -26.86
N LEU B 440 -29.05 4.26 -26.03
CA LEU B 440 -29.13 2.81 -26.14
C LEU B 440 -30.30 2.23 -25.35
N ASP B 441 -30.51 2.72 -24.12
CA ASP B 441 -31.58 2.17 -23.29
C ASP B 441 -32.95 2.37 -23.94
N LEU B 442 -33.19 3.56 -24.51
CA LEU B 442 -34.47 3.82 -25.16
C LEU B 442 -34.67 2.88 -26.34
N ALA B 443 -33.64 2.70 -27.16
CA ALA B 443 -33.76 1.81 -28.32
C ALA B 443 -34.03 0.39 -27.87
N SER B 444 -33.34 -0.08 -26.84
CA SER B 444 -33.55 -1.44 -26.35
C SER B 444 -34.97 -1.63 -25.81
N ASP B 445 -35.45 -0.67 -25.02
CA ASP B 445 -36.73 -0.84 -24.34
C ASP B 445 -37.91 -0.64 -25.29
N GLU B 446 -37.85 0.36 -26.17
CA GLU B 446 -39.01 0.74 -26.96
C GLU B 446 -39.04 0.08 -28.32
N ILE B 447 -37.99 0.27 -29.12
CA ILE B 447 -38.00 -0.19 -30.50
C ILE B 447 -38.17 -1.71 -30.57
N PHE B 448 -37.21 -2.43 -29.99
CA PHE B 448 -37.26 -3.89 -30.07
C PHE B 448 -38.29 -4.46 -29.10
N THR B 449 -38.08 -4.24 -27.80
CA THR B 449 -39.01 -4.72 -26.78
C THR B 449 -39.36 -6.18 -27.01
N ASN B 450 -40.61 -6.46 -27.38
CA ASN B 450 -41.04 -7.82 -27.67
C ASN B 450 -42.31 -7.75 -28.50
N ASP B 451 -42.67 -8.89 -29.10
CA ASP B 451 -43.87 -9.02 -29.90
C ASP B 451 -43.77 -8.24 -31.21
N ARG B 452 -42.56 -8.10 -31.74
CA ARG B 452 -42.33 -7.42 -33.01
C ARG B 452 -41.53 -8.35 -33.91
N ARG B 453 -42.03 -8.58 -35.12
CA ARG B 453 -41.40 -9.51 -36.06
C ARG B 453 -40.50 -8.74 -37.02
N TRP B 454 -39.46 -8.13 -36.45
CA TRP B 454 -38.48 -7.42 -37.26
C TRP B 454 -37.68 -8.38 -38.13
N GLU B 455 -37.36 -9.56 -37.61
CA GLU B 455 -36.62 -10.57 -38.35
C GLU B 455 -35.15 -10.18 -38.45
N SER B 456 -34.32 -11.06 -39.00
CA SER B 456 -32.89 -10.82 -39.09
C SER B 456 -32.51 -9.92 -40.25
N ALA B 457 -33.41 -9.68 -41.20
CA ALA B 457 -33.12 -8.86 -42.35
C ALA B 457 -33.50 -7.39 -42.15
N ASP B 458 -34.18 -7.06 -41.05
CA ASP B 458 -34.60 -5.69 -40.83
C ASP B 458 -33.49 -4.80 -40.28
N LEU B 459 -32.45 -5.38 -39.68
CA LEU B 459 -31.38 -4.63 -39.07
C LEU B 459 -30.20 -4.38 -40.01
N GLN B 460 -30.27 -4.86 -41.25
CA GLN B 460 -29.15 -4.73 -42.17
C GLN B 460 -28.64 -3.29 -42.25
N GLU B 461 -29.49 -2.39 -42.76
CA GLU B 461 -29.03 -1.04 -43.07
C GLU B 461 -28.70 -0.25 -41.81
N VAL B 462 -29.52 -0.39 -40.76
CA VAL B 462 -29.28 0.36 -39.53
C VAL B 462 -27.98 -0.11 -38.89
N MET B 463 -27.70 -1.42 -38.93
CA MET B 463 -26.46 -1.93 -38.38
C MET B 463 -25.26 -1.48 -39.22
N PHE B 464 -25.43 -1.41 -40.54
CA PHE B 464 -24.39 -0.84 -41.39
C PHE B 464 -24.09 0.60 -40.96
N THR B 465 -25.13 1.39 -40.77
CA THR B 465 -24.94 2.78 -40.35
C THR B 465 -24.29 2.85 -38.97
N ALA B 466 -24.66 1.94 -38.06
CA ALA B 466 -24.04 1.92 -36.75
C ALA B 466 -22.55 1.63 -36.84
N LEU B 467 -22.18 0.67 -37.69
CA LEU B 467 -20.76 0.39 -37.92
C LEU B 467 -20.05 1.62 -38.46
N ILE B 468 -20.68 2.31 -39.41
CA ILE B 468 -20.06 3.50 -39.99
C ILE B 468 -19.86 4.58 -38.91
N LYS B 469 -20.86 4.76 -38.04
CA LYS B 469 -20.88 5.86 -37.09
C LYS B 469 -20.18 5.53 -35.78
N ASP B 470 -19.58 4.34 -35.64
CA ASP B 470 -18.85 3.97 -34.43
C ASP B 470 -19.76 4.03 -33.20
N ARG B 471 -20.76 3.14 -33.22
CA ARG B 471 -21.71 2.99 -32.12
C ARG B 471 -21.54 1.59 -31.54
N PRO B 472 -20.52 1.38 -30.70
CA PRO B 472 -20.25 0.01 -30.21
C PRO B 472 -21.42 -0.61 -29.47
N LYS B 473 -22.08 0.16 -28.60
CA LYS B 473 -23.19 -0.40 -27.82
C LYS B 473 -24.35 -0.80 -28.73
N PHE B 474 -24.65 0.02 -29.73
CA PHE B 474 -25.71 -0.32 -30.67
C PHE B 474 -25.33 -1.54 -31.50
N VAL B 475 -24.05 -1.65 -31.87
CA VAL B 475 -23.59 -2.83 -32.60
C VAL B 475 -23.81 -4.08 -31.76
N ARG B 476 -23.42 -4.02 -30.49
CA ARG B 476 -23.60 -5.16 -29.60
C ARG B 476 -25.08 -5.51 -29.46
N LEU B 477 -25.93 -4.49 -29.31
CA LEU B 477 -27.36 -4.72 -29.15
C LEU B 477 -27.93 -5.39 -30.41
N PHE B 478 -27.56 -4.89 -31.59
CA PHE B 478 -28.04 -5.49 -32.82
C PHE B 478 -27.58 -6.93 -32.94
N LEU B 479 -26.32 -7.21 -32.61
CA LEU B 479 -25.80 -8.57 -32.73
C LEU B 479 -26.53 -9.52 -31.78
N GLU B 480 -26.70 -9.10 -30.52
CA GLU B 480 -27.25 -9.99 -29.51
C GLU B 480 -28.77 -10.10 -29.58
N ASN B 481 -29.45 -9.16 -30.26
CA ASN B 481 -30.90 -9.18 -30.28
C ASN B 481 -31.47 -10.07 -31.39
N GLY B 482 -30.63 -10.65 -32.24
CA GLY B 482 -31.12 -11.58 -33.24
C GLY B 482 -30.43 -11.49 -34.59
N LEU B 483 -29.58 -10.47 -34.78
CA LEU B 483 -28.90 -10.32 -36.06
C LEU B 483 -27.94 -11.49 -36.29
N ASN B 484 -27.90 -11.96 -37.52
CA ASN B 484 -27.00 -13.03 -37.94
C ASN B 484 -25.79 -12.39 -38.62
N LEU B 485 -24.68 -12.29 -37.88
CA LEU B 485 -23.49 -11.64 -38.42
C LEU B 485 -22.92 -12.44 -39.58
N GLN B 486 -22.95 -13.77 -39.50
CA GLN B 486 -22.40 -14.59 -40.56
C GLN B 486 -23.11 -14.30 -41.88
N LYS B 487 -24.45 -14.24 -41.85
CA LYS B 487 -25.19 -13.87 -43.05
C LYS B 487 -25.01 -12.40 -43.39
N PHE B 488 -24.85 -11.55 -42.36
CA PHE B 488 -24.65 -10.13 -42.59
C PHE B 488 -23.47 -9.88 -43.53
N LEU B 489 -22.30 -10.39 -43.16
CA LEU B 489 -21.10 -10.18 -43.95
C LEU B 489 -21.25 -10.86 -45.30
N THR B 490 -21.34 -10.08 -46.37
CA THR B 490 -21.46 -10.58 -47.73
C THR B 490 -20.41 -9.92 -48.59
N ASN B 491 -20.09 -10.56 -49.71
CA ASN B 491 -19.02 -10.08 -50.58
C ASN B 491 -19.26 -8.62 -50.99
N GLU B 492 -20.49 -8.31 -51.41
CA GLU B 492 -20.80 -6.93 -51.80
C GLU B 492 -20.67 -6.00 -50.60
N VAL B 493 -21.17 -6.41 -49.44
CA VAL B 493 -21.13 -5.56 -48.26
C VAL B 493 -19.68 -5.28 -47.87
N LEU B 494 -18.85 -6.33 -47.85
CA LEU B 494 -17.45 -6.15 -47.48
C LEU B 494 -16.71 -5.30 -48.50
N THR B 495 -17.02 -5.48 -49.79
CA THR B 495 -16.38 -4.67 -50.81
C THR B 495 -16.74 -3.19 -50.63
N GLU B 496 -18.01 -2.91 -50.39
CA GLU B 496 -18.42 -1.52 -50.18
C GLU B 496 -17.84 -0.95 -48.89
N LEU B 497 -17.62 -1.80 -47.88
CA LEU B 497 -17.07 -1.34 -46.62
C LEU B 497 -15.58 -1.02 -46.73
N PHE B 498 -14.81 -1.90 -47.37
CA PHE B 498 -13.37 -1.68 -47.48
C PHE B 498 -13.02 -0.66 -48.55
N SER B 499 -13.80 -0.59 -49.64
CA SER B 499 -13.42 0.25 -50.77
C SER B 499 -13.40 1.73 -50.39
N THR B 500 -14.41 2.19 -49.66
CA THR B 500 -14.61 3.62 -49.42
C THR B 500 -14.42 4.03 -47.97
N HIS B 501 -15.06 3.35 -47.02
CA HIS B 501 -15.01 3.79 -45.64
C HIS B 501 -13.62 3.67 -45.05
N PHE B 502 -12.71 2.93 -45.68
CA PHE B 502 -11.34 2.87 -45.21
C PHE B 502 -10.73 4.26 -45.23
N SER B 503 -10.28 4.74 -44.07
CA SER B 503 -9.70 6.06 -43.97
C SER B 503 -8.54 6.22 -44.94
N THR B 504 -8.53 7.32 -45.70
CA THR B 504 -7.48 7.53 -46.68
C THR B 504 -6.11 7.67 -46.01
N LEU B 505 -6.06 8.36 -44.88
CA LEU B 505 -4.82 8.46 -44.12
C LEU B 505 -4.34 7.06 -43.72
N VAL B 506 -5.24 6.26 -43.15
CA VAL B 506 -4.89 4.91 -42.74
C VAL B 506 -4.52 4.07 -43.96
N TYR B 507 -5.21 4.28 -45.07
CA TYR B 507 -4.88 3.54 -46.29
C TYR B 507 -3.46 3.83 -46.75
N ARG B 508 -3.08 5.12 -46.78
CA ARG B 508 -1.74 5.47 -47.19
C ARG B 508 -0.71 4.94 -46.21
N ASN B 509 -0.99 5.03 -44.92
CA ASN B 509 -0.06 4.52 -43.91
C ASN B 509 0.14 3.02 -44.06
N LEU B 510 -0.95 2.28 -44.28
CA LEU B 510 -0.85 0.83 -44.47
C LEU B 510 -0.06 0.50 -45.72
N GLN B 511 -0.31 1.23 -46.81
CA GLN B 511 0.45 0.99 -48.04
C GLN B 511 1.93 1.23 -47.81
N ILE B 512 2.28 2.32 -47.13
CA ILE B 512 3.68 2.63 -46.86
C ILE B 512 4.31 1.53 -46.01
N ALA B 513 3.60 1.10 -44.97
CA ALA B 513 4.15 0.06 -44.09
C ALA B 513 4.35 -1.25 -44.83
N LYS B 514 3.38 -1.64 -45.67
CA LYS B 514 3.50 -2.87 -46.41
C LYS B 514 4.65 -2.80 -47.41
N ASN B 515 4.82 -1.65 -48.07
CA ASN B 515 5.84 -1.53 -49.10
C ASN B 515 7.24 -1.48 -48.50
N SER B 516 7.40 -0.86 -47.33
CA SER B 516 8.72 -0.59 -46.80
C SER B 516 9.21 -1.69 -45.86
N TYR B 517 8.49 -1.92 -44.77
CA TYR B 517 8.95 -2.87 -43.75
C TYR B 517 8.55 -4.30 -44.13
N ASN B 518 7.25 -4.53 -44.32
CA ASN B 518 6.74 -5.83 -44.72
C ASN B 518 6.96 -6.86 -43.62
N ASP B 519 6.27 -8.00 -43.73
CA ASP B 519 6.38 -9.09 -42.76
C ASP B 519 5.53 -10.26 -43.18
N ALA B 520 5.59 -11.37 -42.44
CA ALA B 520 4.82 -12.55 -42.80
C ALA B 520 3.32 -12.27 -42.80
N LEU B 521 2.86 -11.36 -41.93
CA LEU B 521 1.45 -11.02 -41.82
C LEU B 521 1.10 -9.68 -42.44
N LEU B 522 2.07 -8.76 -42.49
CA LEU B 522 1.82 -7.46 -43.10
C LEU B 522 1.40 -7.60 -44.56
N THR B 523 2.16 -8.40 -45.32
CA THR B 523 1.83 -8.62 -46.72
C THR B 523 0.46 -9.28 -46.86
N PHE B 524 0.16 -10.25 -46.00
CA PHE B 524 -1.13 -10.92 -46.07
C PHE B 524 -2.28 -9.95 -45.85
N VAL B 525 -2.20 -9.12 -44.80
CA VAL B 525 -3.29 -8.20 -44.51
C VAL B 525 -3.40 -7.15 -45.62
N TRP B 526 -2.27 -6.65 -46.11
CA TRP B 526 -2.31 -5.70 -47.21
C TRP B 526 -2.96 -6.29 -48.45
N LYS B 527 -2.61 -7.54 -48.77
CA LYS B 527 -3.19 -8.20 -49.94
C LYS B 527 -4.69 -8.38 -49.78
N LEU B 528 -5.13 -8.78 -48.59
CA LEU B 528 -6.56 -8.94 -48.34
C LEU B 528 -7.28 -7.61 -48.50
N VAL B 529 -6.72 -6.54 -47.94
CA VAL B 529 -7.34 -5.22 -48.03
C VAL B 529 -7.43 -4.78 -49.48
N ALA B 530 -6.35 -4.94 -50.24
CA ALA B 530 -6.34 -4.52 -51.64
C ALA B 530 -7.32 -5.34 -52.45
N ASN B 531 -7.40 -6.64 -52.18
CA ASN B 531 -8.37 -7.49 -52.88
C ASN B 531 -9.79 -7.03 -52.63
N PHE B 532 -10.13 -6.73 -51.37
CA PHE B 532 -11.49 -6.29 -51.08
C PHE B 532 -11.76 -4.92 -51.71
N ARG B 533 -10.80 -4.02 -51.69
CA ARG B 533 -11.00 -2.70 -52.30
C ARG B 533 -11.22 -2.84 -53.80
N ARG B 534 -10.40 -3.65 -54.47
CA ARG B 534 -10.54 -3.82 -55.91
C ARG B 534 -11.88 -4.47 -56.26
N SER B 535 -12.29 -5.48 -55.51
CA SER B 535 -13.53 -6.18 -55.77
C SER B 535 -14.05 -6.87 -54.50
N THR B 558 -11.18 -21.65 -46.43
CA THR B 558 -12.45 -20.93 -46.32
C THR B 558 -12.24 -19.44 -46.59
N ARG B 559 -13.22 -18.62 -46.21
CA ARG B 559 -13.22 -17.20 -46.54
C ARG B 559 -12.74 -16.33 -45.37
N HIS B 560 -13.29 -16.55 -44.17
CA HIS B 560 -12.92 -15.77 -43.00
C HIS B 560 -13.27 -14.29 -43.18
N PRO B 561 -14.55 -13.97 -43.35
CA PRO B 561 -14.94 -12.56 -43.48
C PRO B 561 -14.95 -11.82 -42.14
N LEU B 562 -15.30 -12.55 -41.08
CA LEU B 562 -15.33 -11.93 -39.75
C LEU B 562 -13.94 -11.46 -39.35
N GLN B 563 -12.91 -12.20 -39.71
CA GLN B 563 -11.55 -11.74 -39.47
C GLN B 563 -11.27 -10.45 -40.23
N ALA B 564 -11.78 -10.36 -41.47
CA ALA B 564 -11.60 -9.12 -42.23
C ALA B 564 -12.28 -7.95 -41.54
N LEU B 565 -13.48 -8.16 -41.03
CA LEU B 565 -14.17 -7.09 -40.30
C LEU B 565 -13.41 -6.69 -39.05
N PHE B 566 -12.86 -7.68 -38.34
CA PHE B 566 -12.07 -7.37 -37.15
C PHE B 566 -10.84 -6.56 -37.50
N ILE B 567 -10.17 -6.93 -38.60
CA ILE B 567 -9.00 -6.17 -39.05
C ILE B 567 -9.40 -4.74 -39.40
N TRP B 568 -10.53 -4.58 -40.08
CA TRP B 568 -11.01 -3.26 -40.43
C TRP B 568 -11.25 -2.42 -39.18
N ALA B 569 -11.89 -3.01 -38.18
CA ALA B 569 -12.15 -2.29 -36.94
C ALA B 569 -10.87 -1.90 -36.23
N ILE B 570 -9.89 -2.82 -36.19
CA ILE B 570 -8.64 -2.53 -35.50
C ILE B 570 -7.88 -1.41 -36.19
N LEU B 571 -7.75 -1.49 -37.51
CA LEU B 571 -6.87 -0.59 -38.24
C LEU B 571 -7.25 0.88 -38.09
N GLN B 572 -8.49 1.18 -37.71
CA GLN B 572 -8.94 2.54 -37.52
C GLN B 572 -9.00 2.93 -36.04
N ASN B 573 -8.42 2.12 -35.15
CA ASN B 573 -8.29 2.45 -33.74
C ASN B 573 -9.66 2.64 -33.07
N LYS B 574 -10.46 1.58 -33.11
CA LYS B 574 -11.74 1.53 -32.41
C LYS B 574 -11.64 0.46 -31.34
N LYS B 575 -11.47 0.89 -30.08
CA LYS B 575 -11.25 -0.06 -29.00
C LYS B 575 -12.50 -0.90 -28.74
N GLU B 576 -13.63 -0.24 -28.49
CA GLU B 576 -14.84 -0.98 -28.10
C GLU B 576 -15.39 -1.81 -29.26
N LEU B 577 -15.40 -1.23 -30.47
CA LEU B 577 -15.88 -1.99 -31.61
C LEU B 577 -14.96 -3.16 -31.92
N SER B 578 -13.66 -2.98 -31.78
CA SER B 578 -12.72 -4.07 -31.98
C SER B 578 -12.99 -5.20 -31.00
N LYS B 579 -13.21 -4.86 -29.72
CA LYS B 579 -13.51 -5.88 -28.73
C LYS B 579 -14.82 -6.59 -29.05
N VAL B 580 -15.83 -5.82 -29.46
CA VAL B 580 -17.13 -6.42 -29.77
C VAL B 580 -16.99 -7.42 -30.91
N ILE B 581 -16.23 -7.07 -31.94
CA ILE B 581 -16.04 -7.98 -33.06
C ILE B 581 -15.20 -9.18 -32.61
N TRP B 582 -14.19 -8.95 -31.78
CA TRP B 582 -13.33 -10.03 -31.30
C TRP B 582 -14.14 -11.07 -30.55
N GLU B 583 -15.17 -10.63 -29.82
CA GLU B 583 -15.99 -11.57 -29.07
C GLU B 583 -16.74 -12.55 -29.97
N GLN B 584 -16.73 -12.34 -31.28
CA GLN B 584 -17.47 -13.20 -32.20
C GLN B 584 -16.58 -14.20 -32.95
N THR B 585 -15.29 -13.91 -33.10
CA THR B 585 -14.41 -14.79 -33.87
C THR B 585 -14.34 -16.17 -33.24
N LYS B 586 -14.25 -17.19 -34.10
CA LYS B 586 -14.10 -18.56 -33.61
C LYS B 586 -12.74 -18.75 -32.95
N GLY B 587 -11.67 -18.33 -33.62
CA GLY B 587 -10.34 -18.38 -33.04
C GLY B 587 -9.88 -17.02 -32.57
N CYS B 588 -9.77 -16.84 -31.27
CA CYS B 588 -9.55 -15.53 -30.65
C CYS B 588 -8.14 -15.32 -30.14
N THR B 589 -7.57 -16.30 -29.43
CA THR B 589 -6.20 -16.14 -28.94
C THR B 589 -5.25 -15.80 -30.07
N LEU B 590 -5.34 -16.54 -31.17
CA LEU B 590 -4.55 -16.22 -32.34
C LEU B 590 -4.91 -14.85 -32.88
N ALA B 591 -6.21 -14.53 -32.92
CA ALA B 591 -6.64 -13.22 -33.40
C ALA B 591 -6.09 -12.11 -32.50
N ALA B 592 -6.15 -12.30 -31.19
CA ALA B 592 -5.65 -11.27 -30.27
C ALA B 592 -4.16 -11.08 -30.44
N LEU B 593 -3.40 -12.17 -30.56
CA LEU B 593 -1.96 -12.04 -30.75
C LEU B 593 -1.64 -11.34 -32.07
N GLY B 594 -2.35 -11.69 -33.14
CA GLY B 594 -2.13 -11.03 -34.41
C GLY B 594 -2.47 -9.56 -34.35
N ALA B 595 -3.55 -9.20 -33.67
CA ALA B 595 -3.91 -7.79 -33.53
C ALA B 595 -2.84 -7.04 -32.75
N SER B 596 -2.34 -7.64 -31.66
CA SER B 596 -1.28 -6.99 -30.90
C SER B 596 -0.03 -6.80 -31.75
N LYS B 597 0.33 -7.81 -32.54
CA LYS B 597 1.48 -7.70 -33.42
C LYS B 597 1.29 -6.58 -34.44
N LEU B 598 0.09 -6.51 -35.04
CA LEU B 598 -0.19 -5.48 -36.03
C LEU B 598 -0.10 -4.11 -35.42
N LEU B 599 -0.68 -3.93 -34.24
CA LEU B 599 -0.60 -2.63 -33.56
C LEU B 599 0.84 -2.28 -33.23
N LYS B 600 1.62 -3.26 -32.76
CA LYS B 600 3.01 -2.99 -32.40
C LYS B 600 3.82 -2.56 -33.61
N THR B 601 3.60 -3.21 -34.76
CA THR B 601 4.35 -2.85 -35.95
C THR B 601 3.88 -1.54 -36.56
N LEU B 602 2.60 -1.18 -36.39
CA LEU B 602 2.09 0.06 -36.94
C LEU B 602 2.30 1.26 -36.03
N ALA B 603 2.58 1.04 -34.74
CA ALA B 603 2.75 2.17 -33.83
C ALA B 603 4.08 2.88 -34.05
N LYS B 604 5.13 2.12 -34.36
CA LYS B 604 6.46 2.72 -34.49
C LYS B 604 6.50 3.75 -35.62
N VAL B 605 5.85 3.44 -36.74
CA VAL B 605 5.92 4.33 -37.90
C VAL B 605 5.31 5.69 -37.58
N LYS B 606 4.18 5.70 -36.89
CA LYS B 606 3.48 6.95 -36.62
C LYS B 606 4.38 7.92 -35.85
N ASN B 607 4.41 9.17 -36.31
CA ASN B 607 5.22 10.18 -35.65
C ASN B 607 4.55 10.76 -34.42
N ASP B 608 3.21 10.77 -34.39
CA ASP B 608 2.49 11.36 -33.27
C ASP B 608 2.82 10.63 -31.98
N ILE B 609 3.13 11.40 -30.93
CA ILE B 609 3.45 10.81 -29.63
C ILE B 609 2.18 10.26 -28.98
N ASN B 610 1.11 11.05 -28.99
CA ASN B 610 -0.11 10.62 -28.31
C ASN B 610 -0.72 9.40 -28.99
N ALA B 611 -0.75 9.38 -30.33
CA ALA B 611 -1.26 8.22 -31.03
C ALA B 611 -0.41 6.99 -30.76
N ALA B 612 0.91 7.17 -30.69
CA ALA B 612 1.79 6.05 -30.37
C ALA B 612 1.49 5.50 -28.98
N GLY B 613 1.30 6.39 -28.00
CA GLY B 613 0.96 5.92 -26.67
C GLY B 613 -0.36 5.18 -26.62
N GLU B 614 -1.37 5.71 -27.33
CA GLU B 614 -2.67 5.05 -27.37
C GLU B 614 -2.56 3.66 -27.99
N SER B 615 -1.83 3.55 -29.11
CA SER B 615 -1.66 2.26 -29.75
C SER B 615 -0.91 1.29 -28.86
N GLU B 616 0.11 1.77 -28.14
CA GLU B 616 0.84 0.91 -27.22
C GLU B 616 -0.07 0.40 -26.12
N GLU B 617 -0.93 1.28 -25.57
CA GLU B 617 -1.86 0.85 -24.53
C GLU B 617 -2.82 -0.20 -25.08
N LEU B 618 -3.34 0.01 -26.28
CA LEU B 618 -4.26 -0.96 -26.86
C LEU B 618 -3.57 -2.31 -27.08
N ALA B 619 -2.33 -2.28 -27.56
CA ALA B 619 -1.59 -3.52 -27.77
C ALA B 619 -1.37 -4.24 -26.45
N ASN B 620 -1.02 -3.51 -25.39
CA ASN B 620 -0.87 -4.12 -24.08
C ASN B 620 -2.17 -4.75 -23.61
N GLU B 621 -3.29 -4.05 -23.84
CA GLU B 621 -4.58 -4.60 -23.45
C GLU B 621 -4.87 -5.91 -24.16
N TYR B 622 -4.61 -5.96 -25.47
CA TYR B 622 -4.86 -7.19 -26.21
C TYR B 622 -3.92 -8.31 -25.76
N GLU B 623 -2.67 -7.97 -25.47
CA GLU B 623 -1.74 -8.98 -24.95
C GLU B 623 -2.24 -9.57 -23.65
N THR B 624 -2.71 -8.71 -22.74
CA THR B 624 -3.26 -9.19 -21.48
C THR B 624 -4.48 -10.06 -21.72
N ARG B 625 -5.34 -9.66 -22.65
CA ARG B 625 -6.51 -10.47 -22.99
C ARG B 625 -6.09 -11.87 -23.41
N ALA B 626 -5.14 -11.95 -24.33
CA ALA B 626 -4.70 -13.26 -24.83
C ALA B 626 -4.09 -14.10 -23.71
N VAL B 627 -3.25 -13.48 -22.88
CA VAL B 627 -2.61 -14.22 -21.80
C VAL B 627 -3.66 -14.78 -20.85
N GLU B 628 -4.61 -13.95 -20.44
CA GLU B 628 -5.64 -14.41 -19.52
C GLU B 628 -6.48 -15.52 -20.13
N LEU B 629 -6.85 -15.37 -21.40
CA LEU B 629 -7.67 -16.40 -22.04
C LEU B 629 -6.92 -17.73 -22.11
N PHE B 630 -5.65 -17.69 -22.47
CA PHE B 630 -4.90 -18.94 -22.57
C PHE B 630 -4.67 -19.55 -21.20
N THR B 631 -4.45 -18.72 -20.18
CA THR B 631 -4.32 -19.27 -18.83
C THR B 631 -5.61 -19.97 -18.41
N GLU B 632 -6.76 -19.37 -18.69
CA GLU B 632 -8.03 -20.01 -18.37
C GLU B 632 -8.17 -21.33 -19.11
N CYS B 633 -7.85 -21.32 -20.41
CA CYS B 633 -7.97 -22.55 -21.19
C CYS B 633 -7.07 -23.65 -20.65
N TYR B 634 -5.81 -23.31 -20.33
CA TYR B 634 -4.88 -24.32 -19.84
C TYR B 634 -5.31 -24.84 -18.47
N SER B 635 -5.77 -23.96 -17.59
CA SER B 635 -6.21 -24.40 -16.27
C SER B 635 -7.41 -25.33 -16.39
N ASN B 636 -8.36 -25.00 -17.28
CA ASN B 636 -9.51 -25.88 -17.47
C ASN B 636 -9.08 -27.22 -18.06
N ASP B 637 -8.45 -27.19 -19.23
CA ASP B 637 -7.97 -28.40 -19.90
C ASP B 637 -6.55 -28.16 -20.37
N GLU B 638 -5.69 -29.17 -20.17
CA GLU B 638 -4.28 -29.06 -20.51
C GLU B 638 -3.97 -29.61 -21.90
N ASP B 639 -4.42 -30.84 -22.19
CA ASP B 639 -4.13 -31.42 -23.50
C ASP B 639 -4.79 -30.61 -24.62
N LEU B 640 -6.02 -30.15 -24.39
CA LEU B 640 -6.66 -29.33 -25.40
C LEU B 640 -5.98 -27.98 -25.55
N ALA B 641 -5.44 -27.41 -24.46
CA ALA B 641 -4.69 -26.17 -24.58
C ALA B 641 -3.43 -26.38 -25.42
N GLU B 642 -2.71 -27.47 -25.17
CA GLU B 642 -1.51 -27.76 -25.97
C GLU B 642 -1.88 -28.00 -27.42
N GLN B 643 -2.99 -28.71 -27.67
CA GLN B 643 -3.44 -28.92 -29.03
C GLN B 643 -3.78 -27.61 -29.72
N LEU B 644 -4.44 -26.70 -28.99
CA LEU B 644 -4.74 -25.38 -29.54
C LEU B 644 -3.46 -24.64 -29.91
N LEU B 645 -2.45 -24.71 -29.03
CA LEU B 645 -1.15 -24.13 -29.37
C LEU B 645 -0.62 -24.73 -30.66
N VAL B 646 -0.61 -26.06 -30.77
CA VAL B 646 -0.10 -26.70 -31.97
C VAL B 646 -0.99 -26.39 -33.17
N TYR B 647 -2.28 -26.18 -32.96
CA TYR B 647 -3.20 -25.96 -34.06
C TYR B 647 -2.74 -24.78 -34.92
N SER B 648 -2.77 -24.98 -36.23
CA SER B 648 -2.38 -23.95 -37.18
C SER B 648 -3.61 -23.45 -37.93
N CYS B 649 -3.64 -22.15 -38.18
CA CYS B 649 -4.77 -21.54 -38.87
C CYS B 649 -4.78 -21.93 -40.34
N GLU B 650 -5.94 -21.74 -40.97
CA GLU B 650 -6.08 -21.90 -42.41
C GLU B 650 -5.90 -20.54 -43.08
N ALA B 651 -4.66 -20.05 -42.98
CA ALA B 651 -4.23 -18.82 -43.64
C ALA B 651 -4.73 -17.56 -42.96
N TRP B 652 -4.97 -17.61 -41.63
CA TRP B 652 -5.12 -16.38 -40.89
C TRP B 652 -3.82 -15.57 -40.97
N GLY B 653 -2.71 -16.20 -40.63
CA GLY B 653 -1.39 -15.69 -40.93
C GLY B 653 -0.46 -16.82 -41.34
N GLY B 654 -1.01 -18.03 -41.43
CA GLY B 654 -0.21 -19.20 -41.73
C GLY B 654 0.69 -19.64 -40.61
N SER B 655 0.37 -19.30 -39.37
CA SER B 655 1.27 -19.55 -38.25
C SER B 655 0.45 -19.84 -36.99
N ASN B 656 1.10 -20.51 -36.04
CA ASN B 656 0.50 -20.84 -34.77
C ASN B 656 0.61 -19.65 -33.81
N CYS B 657 0.02 -19.82 -32.61
CA CYS B 657 0.13 -18.78 -31.60
C CYS B 657 1.58 -18.60 -31.15
N LEU B 658 2.32 -19.70 -31.03
CA LEU B 658 3.72 -19.62 -30.63
C LEU B 658 4.50 -18.73 -31.59
N GLU B 659 4.32 -18.94 -32.89
CA GLU B 659 5.09 -18.20 -33.88
C GLU B 659 4.79 -16.71 -33.81
N LEU B 660 3.52 -16.34 -33.68
CA LEU B 660 3.18 -14.93 -33.59
C LEU B 660 3.70 -14.32 -32.29
N ALA B 661 3.57 -15.05 -31.18
CA ALA B 661 4.04 -14.52 -29.90
C ALA B 661 5.54 -14.29 -29.91
N VAL B 662 6.30 -15.25 -30.45
CA VAL B 662 7.75 -15.11 -30.50
C VAL B 662 8.13 -14.01 -31.49
N GLU B 663 7.41 -13.91 -32.61
CA GLU B 663 7.73 -12.90 -33.60
C GLU B 663 7.52 -11.49 -33.05
N ALA B 664 6.47 -11.31 -32.24
CA ALA B 664 6.19 -10.03 -31.60
C ALA B 664 6.92 -9.88 -30.27
N THR B 665 7.94 -10.70 -30.02
CA THR B 665 8.73 -10.67 -28.79
C THR B 665 7.84 -10.49 -27.56
N ASP B 666 6.75 -11.26 -27.52
CA ASP B 666 5.84 -11.25 -26.38
C ASP B 666 6.38 -12.21 -25.33
N GLN B 667 7.31 -11.70 -24.52
CA GLN B 667 7.96 -12.52 -23.52
C GLN B 667 6.97 -13.02 -22.48
N HIS B 668 6.02 -12.17 -22.08
CA HIS B 668 5.11 -12.53 -20.99
C HIS B 668 4.27 -13.75 -21.34
N PHE B 669 3.76 -13.81 -22.58
CA PHE B 669 2.89 -14.91 -22.97
C PHE B 669 3.64 -16.24 -22.91
N ILE B 670 4.86 -16.27 -23.46
CA ILE B 670 5.62 -17.52 -23.47
C ILE B 670 6.09 -17.88 -22.07
N ALA B 671 6.37 -16.87 -21.23
CA ALA B 671 6.87 -17.14 -19.89
C ALA B 671 5.82 -17.80 -18.99
N GLN B 672 4.57 -17.86 -19.42
CA GLN B 672 3.52 -18.41 -18.57
C GLN B 672 3.73 -19.91 -18.36
N PRO B 673 3.23 -20.45 -17.25
CA PRO B 673 3.53 -21.86 -16.93
C PRO B 673 3.13 -22.84 -18.02
N GLY B 674 2.01 -22.61 -18.70
CA GLY B 674 1.54 -23.58 -19.66
C GLY B 674 2.50 -23.78 -20.82
N VAL B 675 2.96 -22.68 -21.40
CA VAL B 675 3.87 -22.78 -22.55
C VAL B 675 5.20 -23.35 -22.12
N GLN B 676 5.68 -22.97 -20.93
CA GLN B 676 6.93 -23.52 -20.42
C GLN B 676 6.82 -25.03 -20.21
N ASN B 677 5.68 -25.48 -19.68
CA ASN B 677 5.49 -26.92 -19.47
C ASN B 677 5.42 -27.65 -20.80
N PHE B 678 4.74 -27.06 -21.79
CA PHE B 678 4.71 -27.67 -23.11
C PHE B 678 6.10 -27.79 -23.70
N LEU B 679 6.91 -26.72 -23.58
CA LEU B 679 8.27 -26.76 -24.10
C LEU B 679 9.11 -27.78 -23.36
N SER B 680 8.94 -27.90 -22.04
CA SER B 680 9.67 -28.90 -21.28
C SER B 680 9.30 -30.31 -21.74
N LYS B 681 8.01 -30.57 -21.93
CA LYS B 681 7.59 -31.88 -22.40
C LYS B 681 8.18 -32.19 -23.76
N GLN B 682 8.19 -31.20 -24.66
CA GLN B 682 8.80 -31.41 -25.97
C GLN B 682 10.31 -31.59 -25.86
N TRP B 683 10.92 -30.96 -24.85
CA TRP B 683 12.37 -31.04 -24.69
C TRP B 683 12.81 -32.42 -24.24
N TYR B 684 12.12 -32.97 -23.23
CA TYR B 684 12.46 -34.31 -22.76
C TYR B 684 12.02 -35.40 -23.74
N GLY B 685 11.17 -35.07 -24.70
CA GLY B 685 10.72 -36.08 -25.66
C GLY B 685 10.01 -37.22 -24.97
N GLU B 686 10.40 -38.44 -25.33
CA GLU B 686 9.74 -39.63 -24.78
C GLU B 686 9.94 -39.71 -23.27
N ILE B 687 11.15 -39.39 -22.79
CA ILE B 687 11.48 -39.59 -21.38
C ILE B 687 10.51 -38.80 -20.52
N SER B 688 10.18 -39.36 -19.36
CA SER B 688 9.30 -38.67 -18.43
C SER B 688 10.00 -37.46 -17.82
N ARG B 689 9.23 -36.41 -17.59
CA ARG B 689 9.80 -35.18 -17.03
C ARG B 689 10.09 -35.28 -15.54
N ASP B 690 9.51 -36.27 -14.86
CA ASP B 690 9.69 -36.43 -13.42
C ASP B 690 10.96 -37.18 -13.07
N THR B 691 11.68 -37.73 -14.04
CA THR B 691 12.90 -38.47 -13.76
C THR B 691 13.99 -37.52 -13.28
N LYS B 692 14.78 -37.99 -12.32
CA LYS B 692 15.95 -37.23 -11.88
C LYS B 692 16.92 -37.07 -13.04
N ASN B 693 17.44 -35.86 -13.21
CA ASN B 693 18.30 -35.57 -14.36
C ASN B 693 19.59 -36.37 -14.29
N TRP B 694 20.14 -36.57 -13.09
CA TRP B 694 21.39 -37.31 -12.99
C TRP B 694 21.21 -38.76 -13.43
N LYS B 695 20.03 -39.34 -13.21
CA LYS B 695 19.79 -40.70 -13.67
C LYS B 695 19.97 -40.79 -15.19
N ILE B 696 19.32 -39.89 -15.93
CA ILE B 696 19.39 -39.96 -17.39
C ILE B 696 20.78 -39.60 -17.88
N ILE B 697 21.45 -38.64 -17.22
CA ILE B 697 22.82 -38.32 -17.61
C ILE B 697 23.72 -39.53 -17.43
N LEU B 698 23.56 -40.24 -16.31
CA LEU B 698 24.33 -41.45 -16.07
C LEU B 698 24.05 -42.49 -17.14
N CYS B 699 22.77 -42.67 -17.48
CA CYS B 699 22.40 -43.67 -18.48
C CYS B 699 22.92 -43.31 -19.87
N LEU B 700 23.16 -42.03 -20.14
CA LEU B 700 23.70 -41.65 -21.45
C LEU B 700 25.00 -42.39 -21.74
N PHE B 701 25.90 -42.45 -20.76
CA PHE B 701 27.20 -43.07 -20.99
C PHE B 701 27.07 -44.57 -21.17
N ILE B 702 26.59 -45.27 -20.15
CA ILE B 702 26.49 -46.72 -20.19
C ILE B 702 25.20 -47.09 -20.93
N ILE B 703 25.36 -47.71 -22.10
CA ILE B 703 24.20 -48.09 -22.90
C ILE B 703 23.32 -49.11 -22.20
N PRO B 704 23.85 -50.21 -21.64
CA PRO B 704 22.96 -51.24 -21.09
C PRO B 704 22.05 -50.73 -19.99
N LEU B 705 22.44 -49.67 -19.27
CA LEU B 705 21.59 -49.17 -18.19
C LEU B 705 20.24 -48.69 -18.72
N VAL B 706 20.17 -48.31 -20.00
CA VAL B 706 18.90 -47.82 -20.54
C VAL B 706 17.88 -48.95 -20.62
N GLY B 707 18.34 -50.16 -20.96
CA GLY B 707 17.41 -51.28 -21.05
C GLY B 707 16.70 -51.55 -19.75
N CYS B 708 17.40 -51.39 -18.63
CA CYS B 708 16.80 -51.58 -17.32
C CYS B 708 15.72 -50.52 -17.09
N GLY B 709 15.03 -50.64 -15.96
CA GLY B 709 13.94 -49.76 -15.62
C GLY B 709 14.34 -48.47 -14.94
N LEU B 710 15.61 -48.11 -14.98
CA LEU B 710 16.05 -46.88 -14.32
C LEU B 710 15.38 -45.66 -14.93
N VAL B 711 15.24 -45.63 -16.25
CA VAL B 711 14.59 -44.53 -16.96
C VAL B 711 13.10 -44.82 -17.08
N SER B 712 12.27 -43.84 -16.74
CA SER B 712 10.83 -43.95 -16.88
C SER B 712 10.47 -43.43 -18.27
N PHE B 713 10.50 -44.33 -19.26
CA PHE B 713 10.17 -43.92 -20.62
C PHE B 713 8.74 -43.41 -20.72
N ARG B 714 7.81 -44.07 -20.04
CA ARG B 714 6.41 -43.67 -20.11
C ARG B 714 6.24 -42.27 -19.53
N LYS B 715 5.53 -41.42 -20.26
CA LYS B 715 5.30 -40.03 -19.84
C LYS B 715 4.10 -39.93 -18.90
N LEU B 725 15.97 -52.78 -29.41
CA LEU B 725 14.57 -52.66 -29.00
C LEU B 725 14.05 -51.25 -29.27
N TRP B 726 12.77 -51.05 -28.95
CA TRP B 726 12.17 -49.73 -29.14
C TRP B 726 12.76 -48.69 -28.21
N TYR B 727 13.29 -49.12 -27.06
CA TYR B 727 13.82 -48.18 -26.09
C TYR B 727 15.01 -47.42 -26.66
N TYR B 728 15.91 -48.10 -27.38
CA TYR B 728 17.07 -47.43 -27.94
C TYR B 728 16.67 -46.30 -28.87
N VAL B 729 15.74 -46.58 -29.79
CA VAL B 729 15.33 -45.56 -30.76
C VAL B 729 14.57 -44.44 -30.06
N ALA B 730 13.72 -44.79 -29.10
CA ALA B 730 12.99 -43.76 -28.35
C ALA B 730 13.91 -42.90 -27.50
N PHE B 731 15.07 -43.42 -27.13
CA PHE B 731 16.02 -42.71 -26.27
C PHE B 731 16.95 -41.82 -27.06
N PHE B 732 17.58 -42.36 -28.11
CA PHE B 732 18.54 -41.60 -28.89
C PHE B 732 17.88 -40.59 -29.83
N THR B 733 16.56 -40.63 -29.97
CA THR B 733 15.84 -39.62 -30.73
C THR B 733 15.39 -38.44 -29.87
N SER B 734 15.58 -38.52 -28.56
CA SER B 734 15.20 -37.42 -27.68
C SER B 734 16.19 -36.27 -27.85
N PRO B 735 15.72 -35.04 -28.11
CA PRO B 735 16.67 -33.94 -28.31
C PRO B 735 17.55 -33.66 -27.11
N PHE B 736 17.07 -33.95 -25.90
CA PHE B 736 17.90 -33.75 -24.71
C PHE B 736 19.18 -34.59 -24.79
N VAL B 737 19.02 -35.88 -25.10
CA VAL B 737 20.18 -36.76 -25.16
C VAL B 737 21.08 -36.37 -26.32
N VAL B 738 20.50 -35.95 -27.44
CA VAL B 738 21.31 -35.52 -28.58
C VAL B 738 22.14 -34.30 -28.19
N PHE B 739 21.54 -33.35 -27.48
CA PHE B 739 22.27 -32.18 -27.04
C PHE B 739 23.39 -32.54 -26.10
N SER B 740 23.13 -33.44 -25.14
CA SER B 740 24.19 -33.86 -24.23
C SER B 740 25.32 -34.56 -24.97
N TRP B 741 24.97 -35.42 -25.93
CA TRP B 741 25.98 -36.11 -26.72
C TRP B 741 26.81 -35.12 -27.52
N ASN B 742 26.17 -34.10 -28.10
CA ASN B 742 26.89 -33.10 -28.85
C ASN B 742 27.83 -32.30 -27.95
N VAL B 743 27.39 -32.00 -26.72
CA VAL B 743 28.26 -31.31 -25.78
C VAL B 743 29.49 -32.17 -25.47
N VAL B 744 29.28 -33.45 -25.22
CA VAL B 744 30.41 -34.34 -24.95
C VAL B 744 31.36 -34.38 -26.14
N PHE B 745 30.81 -34.49 -27.34
CA PHE B 745 31.64 -34.53 -28.54
C PHE B 745 32.42 -33.24 -28.70
N TYR B 746 31.80 -32.10 -28.43
CA TYR B 746 32.49 -30.82 -28.55
C TYR B 746 33.63 -30.73 -27.54
N ILE B 747 33.40 -31.19 -26.31
CA ILE B 747 34.45 -31.14 -25.31
C ILE B 747 35.63 -32.03 -25.73
N ALA B 748 35.33 -33.23 -26.24
CA ALA B 748 36.40 -34.09 -26.73
C ALA B 748 37.14 -33.45 -27.88
N PHE B 749 36.42 -32.74 -28.75
CA PHE B 749 37.04 -32.05 -29.86
C PHE B 749 37.97 -30.95 -29.36
N LEU B 750 37.58 -30.24 -28.30
CA LEU B 750 38.46 -29.24 -27.71
C LEU B 750 39.72 -29.87 -27.14
N LEU B 751 39.56 -31.02 -26.47
CA LEU B 751 40.73 -31.69 -25.91
C LEU B 751 41.70 -32.10 -27.01
N LEU B 752 41.16 -32.68 -28.09
CA LEU B 752 42.01 -33.07 -29.21
C LEU B 752 42.67 -31.86 -29.85
N PHE B 753 41.93 -30.77 -30.02
CA PHE B 753 42.48 -29.56 -30.59
C PHE B 753 43.65 -29.05 -29.76
N ALA B 754 43.47 -28.98 -28.45
CA ALA B 754 44.53 -28.50 -27.58
C ALA B 754 45.74 -29.42 -27.64
N TYR B 755 45.51 -30.73 -27.60
CA TYR B 755 46.62 -31.68 -27.65
C TYR B 755 47.43 -31.51 -28.92
N VAL B 756 46.74 -31.40 -30.06
CA VAL B 756 47.43 -31.23 -31.33
C VAL B 756 48.17 -29.90 -31.37
N LEU B 757 47.55 -28.86 -30.81
CA LEU B 757 48.12 -27.52 -30.90
C LEU B 757 49.40 -27.42 -30.09
N LEU B 758 49.38 -27.92 -28.85
CA LEU B 758 50.52 -27.76 -27.94
C LEU B 758 51.47 -28.93 -27.96
N MET B 759 50.97 -30.16 -28.02
CA MET B 759 51.80 -31.34 -27.80
C MET B 759 52.33 -31.93 -29.09
N ASP B 760 51.55 -31.93 -30.17
CA ASP B 760 51.93 -32.60 -31.41
C ASP B 760 51.56 -31.69 -32.58
N PHE B 761 52.51 -30.85 -32.99
CA PHE B 761 52.33 -29.97 -34.14
C PHE B 761 53.66 -29.94 -34.90
N HIS B 762 53.69 -30.56 -36.07
CA HIS B 762 54.89 -30.70 -36.87
C HIS B 762 54.66 -30.09 -38.26
N SER B 763 55.72 -30.12 -39.07
CA SER B 763 55.63 -29.56 -40.41
C SER B 763 54.59 -30.28 -41.25
N VAL B 764 54.56 -31.61 -41.17
CA VAL B 764 53.62 -32.45 -41.89
C VAL B 764 52.57 -32.95 -40.90
N PRO B 765 51.29 -32.68 -41.13
CA PRO B 765 50.27 -33.10 -40.15
C PRO B 765 50.27 -34.61 -39.97
N HIS B 766 50.04 -35.04 -38.73
CA HIS B 766 49.96 -36.45 -38.38
C HIS B 766 48.49 -36.87 -38.31
N THR B 767 48.27 -38.13 -37.94
CA THR B 767 46.91 -38.68 -37.92
C THR B 767 45.97 -37.89 -37.01
N PRO B 768 46.35 -37.54 -35.78
CA PRO B 768 45.41 -36.78 -34.93
C PRO B 768 44.96 -35.49 -35.56
N GLU B 769 45.86 -34.80 -36.26
CA GLU B 769 45.48 -33.55 -36.91
C GLU B 769 44.50 -33.80 -38.05
N LEU B 770 44.65 -34.91 -38.77
CA LEU B 770 43.69 -35.25 -39.81
C LEU B 770 42.32 -35.56 -39.21
N ILE B 771 42.29 -36.25 -38.07
CA ILE B 771 41.02 -36.50 -37.40
C ILE B 771 40.39 -35.18 -36.97
N LEU B 772 41.21 -34.26 -36.47
CA LEU B 772 40.73 -32.93 -36.10
C LEU B 772 40.14 -32.22 -37.31
N TYR B 773 40.80 -32.32 -38.46
CA TYR B 773 40.28 -31.72 -39.68
C TYR B 773 38.93 -32.33 -40.05
N ALA B 774 38.78 -33.65 -39.88
CA ALA B 774 37.49 -34.28 -40.17
C ALA B 774 36.39 -33.75 -39.26
N LEU B 775 36.70 -33.60 -37.97
CA LEU B 775 35.70 -33.08 -37.04
C LEU B 775 35.32 -31.65 -37.40
N VAL B 776 36.31 -30.82 -37.74
CA VAL B 776 36.03 -29.46 -38.18
C VAL B 776 35.21 -29.48 -39.46
N PHE B 777 35.44 -30.48 -40.32
CA PHE B 777 34.67 -30.58 -41.55
C PHE B 777 33.20 -30.85 -41.25
N VAL B 778 32.92 -31.75 -40.32
CA VAL B 778 31.51 -32.01 -39.99
C VAL B 778 30.89 -30.78 -39.35
N LEU B 779 31.64 -30.07 -38.50
CA LEU B 779 31.14 -28.83 -37.95
C LEU B 779 30.84 -27.80 -39.03
N PHE B 780 31.70 -27.71 -40.03
CA PHE B 780 31.49 -26.79 -41.14
C PHE B 780 30.26 -27.18 -41.95
N CYS B 781 30.05 -28.49 -42.15
CA CYS B 781 28.86 -28.95 -42.83
C CYS B 781 27.60 -28.55 -42.07
N ASP B 782 27.62 -28.70 -40.74
CA ASP B 782 26.49 -28.26 -39.93
C ASP B 782 26.27 -26.76 -40.07
N GLU B 783 27.35 -25.98 -40.08
CA GLU B 783 27.23 -24.54 -40.24
C GLU B 783 26.63 -24.19 -41.59
N VAL B 784 27.03 -24.90 -42.65
CA VAL B 784 26.49 -24.65 -43.98
C VAL B 784 25.00 -24.98 -44.01
N ARG B 785 24.61 -26.08 -43.36
CA ARG B 785 23.19 -26.41 -43.27
C ARG B 785 22.43 -25.30 -42.55
N GLN B 786 23.00 -24.78 -41.47
CA GLN B 786 22.33 -23.70 -40.73
C GLN B 786 22.22 -22.46 -41.61
N TRP B 787 23.26 -22.16 -42.40
CA TRP B 787 23.16 -21.07 -43.36
C TRP B 787 22.01 -21.29 -44.33
N TYR B 788 21.89 -22.52 -44.84
CA TYR B 788 20.84 -22.80 -45.82
C TYR B 788 19.45 -22.62 -45.21
N MET B 789 19.25 -23.11 -43.98
CA MET B 789 17.91 -23.04 -43.39
C MET B 789 17.44 -21.60 -43.25
N ASN B 790 18.33 -20.73 -42.79
CA ASN B 790 18.01 -19.32 -42.60
C ASN B 790 18.53 -18.50 -43.77
N GLY B 791 18.32 -17.19 -43.71
CA GLY B 791 18.82 -16.26 -44.70
C GLY B 791 19.97 -15.45 -44.16
N VAL B 792 20.02 -14.17 -44.55
CA VAL B 792 21.03 -13.27 -44.01
C VAL B 792 20.70 -12.81 -42.61
N ASN B 793 19.46 -13.02 -42.15
CA ASN B 793 19.11 -12.75 -40.77
C ASN B 793 19.93 -13.60 -39.81
N TYR B 794 20.42 -14.76 -40.27
CA TYR B 794 21.24 -15.61 -39.41
C TYR B 794 22.52 -14.91 -38.98
N PHE B 795 23.01 -13.96 -39.78
CA PHE B 795 24.23 -13.24 -39.47
C PHE B 795 23.99 -12.02 -38.58
N THR B 796 22.76 -11.80 -38.14
CA THR B 796 22.47 -10.69 -37.24
C THR B 796 22.75 -11.03 -35.78
N ASP B 797 23.15 -12.27 -35.49
CA ASP B 797 23.45 -12.69 -34.14
C ASP B 797 24.96 -12.79 -33.95
N LEU B 798 25.43 -12.30 -32.79
CA LEU B 798 26.87 -12.22 -32.56
C LEU B 798 27.52 -13.59 -32.56
N TRP B 799 26.89 -14.56 -31.90
CA TRP B 799 27.52 -15.88 -31.75
C TRP B 799 27.67 -16.57 -33.11
N ASN B 800 26.69 -16.44 -33.99
CA ASN B 800 26.81 -17.03 -35.31
C ASN B 800 27.97 -16.43 -36.08
N VAL B 801 28.12 -15.11 -36.02
CA VAL B 801 29.26 -14.46 -36.67
C VAL B 801 30.56 -14.97 -36.09
N MET B 802 30.61 -15.13 -34.77
CA MET B 802 31.83 -15.63 -34.13
C MET B 802 32.17 -17.03 -34.61
N ASP B 803 31.16 -17.90 -34.73
CA ASP B 803 31.40 -19.26 -35.21
C ASP B 803 31.91 -19.26 -36.65
N THR B 804 31.30 -18.42 -37.50
CA THR B 804 31.75 -18.33 -38.88
C THR B 804 33.18 -17.84 -38.95
N LEU B 805 33.53 -16.85 -38.14
CA LEU B 805 34.90 -16.36 -38.10
C LEU B 805 35.85 -17.46 -37.66
N GLY B 806 35.45 -18.25 -36.66
CA GLY B 806 36.29 -19.35 -36.23
C GLY B 806 36.56 -20.35 -37.34
N LEU B 807 35.51 -20.70 -38.09
CA LEU B 807 35.70 -21.65 -39.19
C LEU B 807 36.62 -21.08 -40.26
N PHE B 808 36.44 -19.81 -40.61
CA PHE B 808 37.31 -19.20 -41.61
C PHE B 808 38.75 -19.12 -41.11
N TYR B 809 38.93 -18.84 -39.83
CA TYR B 809 40.27 -18.85 -39.25
C TYR B 809 40.90 -20.22 -39.32
N PHE B 810 40.11 -21.28 -39.09
CA PHE B 810 40.65 -22.62 -39.22
C PHE B 810 41.11 -22.89 -40.65
N ILE B 811 40.30 -22.47 -41.63
CA ILE B 811 40.68 -22.69 -43.02
C ILE B 811 41.97 -21.92 -43.33
N ALA B 812 42.07 -20.68 -42.85
CA ALA B 812 43.28 -19.90 -43.07
C ALA B 812 44.50 -20.57 -42.44
N GLY B 813 44.35 -21.09 -41.23
CA GLY B 813 45.44 -21.80 -40.59
C GLY B 813 45.87 -23.03 -41.37
N ILE B 814 44.89 -23.75 -41.92
CA ILE B 814 45.24 -24.88 -42.79
C ILE B 814 46.04 -24.40 -43.98
N VAL B 815 45.62 -23.31 -44.61
CA VAL B 815 46.31 -22.81 -45.79
C VAL B 815 47.75 -22.45 -45.45
N PHE B 816 47.95 -21.74 -44.34
CA PHE B 816 49.29 -21.26 -44.01
C PHE B 816 50.24 -22.41 -43.72
N ARG B 817 49.78 -23.45 -43.02
CA ARG B 817 50.67 -24.46 -42.47
C ARG B 817 51.07 -25.52 -43.47
N LEU B 818 50.51 -25.51 -44.69
CA LEU B 818 50.88 -26.53 -45.67
C LEU B 818 52.20 -26.25 -46.35
N HIS B 819 52.80 -25.08 -46.13
CA HIS B 819 54.12 -24.76 -46.67
C HIS B 819 55.18 -25.30 -45.72
N SER B 820 55.30 -26.64 -45.73
CA SER B 820 56.24 -27.30 -44.82
C SER B 820 57.68 -26.86 -45.07
N SER B 821 58.00 -26.47 -46.30
CA SER B 821 59.37 -26.07 -46.61
C SER B 821 59.79 -24.84 -45.81
N ASN B 822 58.89 -23.86 -45.67
CA ASN B 822 59.19 -22.60 -45.01
C ASN B 822 58.76 -22.68 -43.56
N LYS B 823 59.72 -22.51 -42.65
CA LYS B 823 59.40 -22.51 -41.22
C LYS B 823 58.62 -21.28 -40.81
N SER B 824 58.84 -20.15 -41.46
CA SER B 824 58.22 -18.90 -41.05
C SER B 824 56.71 -18.92 -41.20
N SER B 825 56.16 -19.86 -41.96
CA SER B 825 54.72 -19.96 -42.16
C SER B 825 54.04 -20.91 -41.19
N LEU B 826 54.74 -21.95 -40.76
CA LEU B 826 54.16 -22.89 -39.80
C LEU B 826 53.82 -22.18 -38.49
N TYR B 827 54.70 -21.30 -38.02
CA TYR B 827 54.43 -20.58 -36.78
C TYR B 827 53.21 -19.68 -36.94
N SER B 828 53.09 -18.99 -38.07
CA SER B 828 51.92 -18.16 -38.30
C SER B 828 50.65 -18.98 -38.32
N GLY B 829 50.69 -20.15 -38.98
CA GLY B 829 49.53 -21.03 -38.96
C GLY B 829 49.17 -21.48 -37.56
N ARG B 830 50.18 -21.78 -36.75
CA ARG B 830 49.92 -22.19 -35.37
C ARG B 830 49.28 -21.06 -34.58
N VAL B 831 49.75 -19.83 -34.79
CA VAL B 831 49.15 -18.68 -34.11
C VAL B 831 47.69 -18.52 -34.51
N ILE B 832 47.41 -18.63 -35.82
CA ILE B 832 46.03 -18.55 -36.29
C ILE B 832 45.20 -19.63 -35.62
N PHE B 833 45.75 -20.84 -35.50
CA PHE B 833 45.02 -21.92 -34.84
C PHE B 833 44.77 -21.60 -33.37
N CYS B 834 45.72 -20.94 -32.71
CA CYS B 834 45.52 -20.58 -31.31
C CYS B 834 44.37 -19.59 -31.16
N LEU B 835 44.33 -18.57 -32.03
CA LEU B 835 43.21 -17.63 -31.97
C LEU B 835 41.89 -18.33 -32.26
N ASP B 836 41.88 -19.22 -33.25
CA ASP B 836 40.67 -19.97 -33.54
C ASP B 836 40.26 -20.84 -32.36
N TYR B 837 41.24 -21.38 -31.62
CA TYR B 837 40.94 -22.16 -30.43
C TYR B 837 40.26 -21.30 -29.38
N ILE B 838 40.75 -20.07 -29.19
CA ILE B 838 40.07 -19.15 -28.27
C ILE B 838 38.62 -18.96 -28.70
N ILE B 839 38.43 -18.72 -30.00
CA ILE B 839 37.07 -18.46 -30.50
C ILE B 839 36.16 -19.66 -30.24
N PHE B 840 36.67 -20.87 -30.53
CA PHE B 840 35.87 -22.06 -30.30
C PHE B 840 35.56 -22.26 -28.83
N THR B 841 36.57 -22.04 -27.97
CA THR B 841 36.37 -22.27 -26.54
C THR B 841 35.35 -21.32 -25.95
N LEU B 842 35.27 -20.09 -26.48
CA LEU B 842 34.26 -19.16 -25.96
C LEU B 842 32.84 -19.60 -26.28
N ARG B 843 32.66 -20.61 -27.13
CA ARG B 843 31.34 -21.07 -27.52
C ARG B 843 30.64 -21.84 -26.41
N LEU B 844 31.38 -22.33 -25.42
CA LEU B 844 30.77 -23.06 -24.31
C LEU B 844 29.83 -22.17 -23.51
N ILE B 845 30.22 -20.91 -23.32
CA ILE B 845 29.36 -19.98 -22.59
C ILE B 845 28.03 -19.83 -23.32
N HIS B 846 28.08 -19.77 -24.65
CA HIS B 846 26.84 -19.68 -25.42
C HIS B 846 26.01 -20.95 -25.29
N ILE B 847 26.65 -22.12 -25.41
CA ILE B 847 25.86 -23.35 -25.43
C ILE B 847 25.28 -23.65 -24.04
N PHE B 848 25.96 -23.23 -22.98
CA PHE B 848 25.54 -23.52 -21.62
C PHE B 848 24.59 -22.48 -21.05
N THR B 849 23.90 -21.73 -21.91
CA THR B 849 22.88 -20.79 -21.47
C THR B 849 21.55 -21.49 -21.17
N VAL B 850 21.51 -22.81 -21.24
CA VAL B 850 20.28 -23.58 -21.08
C VAL B 850 20.30 -24.41 -19.81
N SER B 851 21.30 -24.23 -18.95
CA SER B 851 21.48 -25.12 -17.82
C SER B 851 20.46 -24.92 -16.71
N ARG B 852 19.65 -23.85 -16.77
CA ARG B 852 18.63 -23.54 -15.79
C ARG B 852 19.23 -23.04 -14.47
N ASN B 853 20.54 -23.05 -14.33
CA ASN B 853 21.21 -22.47 -13.18
C ASN B 853 22.21 -21.39 -13.58
N LEU B 854 22.91 -21.58 -14.70
CA LEU B 854 23.86 -20.60 -15.21
C LEU B 854 23.29 -19.71 -16.29
N GLY B 855 22.25 -20.17 -16.99
CA GLY B 855 21.72 -19.46 -18.13
C GLY B 855 21.24 -18.06 -17.81
N PRO B 856 20.44 -17.91 -16.76
CA PRO B 856 19.97 -16.55 -16.41
C PRO B 856 21.10 -15.59 -16.11
N LYS B 857 22.11 -16.05 -15.36
CA LYS B 857 23.22 -15.18 -15.01
C LYS B 857 24.03 -14.83 -16.25
N ILE B 858 24.19 -15.78 -17.17
CA ILE B 858 24.86 -15.48 -18.43
C ILE B 858 24.06 -14.46 -19.24
N ILE B 859 22.74 -14.58 -19.23
CA ILE B 859 21.89 -13.67 -20.00
C ILE B 859 22.04 -12.26 -19.47
N MET B 860 22.09 -12.11 -18.14
CA MET B 860 22.11 -10.78 -17.55
C MET B 860 23.40 -10.02 -17.82
N LEU B 861 24.45 -10.68 -18.31
CA LEU B 861 25.71 -9.99 -18.57
C LEU B 861 25.56 -8.89 -19.62
N GLN B 862 24.64 -9.08 -20.57
CA GLN B 862 24.49 -8.11 -21.65
C GLN B 862 24.03 -6.74 -21.14
N ARG B 863 23.54 -6.66 -19.91
CA ARG B 863 22.96 -5.44 -19.36
C ARG B 863 23.93 -4.60 -18.56
N MET B 864 25.21 -5.00 -18.44
CA MET B 864 26.20 -4.25 -17.68
C MET B 864 27.24 -3.57 -18.58
N LEU B 865 27.02 -3.58 -19.89
CA LEU B 865 28.01 -3.05 -20.81
C LEU B 865 28.13 -1.53 -20.68
N ILE B 866 27.05 -0.85 -20.31
CA ILE B 866 27.13 0.60 -20.16
C ILE B 866 27.98 0.97 -18.96
N ASP B 867 27.82 0.24 -17.85
CA ASP B 867 28.68 0.48 -16.69
C ASP B 867 30.14 0.20 -17.05
N VAL B 868 30.39 -0.90 -17.75
CA VAL B 868 31.76 -1.20 -18.16
C VAL B 868 32.30 -0.08 -19.04
N PHE B 869 31.47 0.44 -19.95
CA PHE B 869 31.90 1.48 -20.88
C PHE B 869 32.25 2.76 -20.14
N PHE B 870 31.43 3.16 -19.17
CA PHE B 870 31.73 4.34 -18.37
C PHE B 870 33.03 4.17 -17.60
N PHE B 871 33.22 2.99 -16.99
CA PHE B 871 34.47 2.71 -16.30
C PHE B 871 35.65 2.87 -17.22
N LEU B 872 35.58 2.28 -18.42
CA LEU B 872 36.68 2.36 -19.36
C LEU B 872 36.92 3.78 -19.85
N PHE B 873 35.85 4.56 -20.03
CA PHE B 873 36.00 5.94 -20.45
C PHE B 873 36.80 6.75 -19.44
N LEU B 874 36.39 6.69 -18.16
CA LEU B 874 37.14 7.41 -17.14
C LEU B 874 38.58 6.90 -17.06
N PHE B 875 38.75 5.58 -17.09
CA PHE B 875 40.10 5.02 -16.97
C PHE B 875 40.99 5.48 -18.10
N ALA B 876 40.48 5.48 -19.33
CA ALA B 876 41.29 5.90 -20.47
C ALA B 876 41.66 7.36 -20.39
N VAL B 877 40.71 8.22 -20.01
CA VAL B 877 41.02 9.65 -19.90
C VAL B 877 42.13 9.85 -18.88
N TRP B 878 41.99 9.24 -17.70
CA TRP B 878 43.00 9.42 -16.66
C TRP B 878 44.35 8.87 -17.08
N MET B 879 44.36 7.71 -17.74
CA MET B 879 45.62 7.12 -18.20
C MET B 879 46.31 8.05 -19.18
N VAL B 880 45.57 8.58 -20.14
CA VAL B 880 46.16 9.47 -21.14
C VAL B 880 46.79 10.66 -20.44
N ALA B 881 46.03 11.32 -19.56
CA ALA B 881 46.55 12.52 -18.91
C ALA B 881 47.81 12.20 -18.12
N PHE B 882 47.75 11.20 -17.25
CA PHE B 882 48.87 10.90 -16.37
C PHE B 882 50.10 10.48 -17.16
N GLY B 883 49.93 9.60 -18.16
CA GLY B 883 51.06 9.14 -18.92
C GLY B 883 51.73 10.25 -19.70
N VAL B 884 50.93 11.08 -20.38
CA VAL B 884 51.50 12.17 -21.15
C VAL B 884 52.28 13.11 -20.24
N ALA B 885 51.67 13.51 -19.12
CA ALA B 885 52.33 14.43 -18.21
C ALA B 885 53.65 13.86 -17.69
N ARG B 886 53.59 12.62 -17.19
CA ARG B 886 54.78 12.01 -16.60
C ARG B 886 55.90 11.88 -17.64
N GLN B 887 55.57 11.37 -18.82
CA GLN B 887 56.58 11.22 -19.86
C GLN B 887 57.18 12.56 -20.23
N GLY B 888 56.34 13.58 -20.39
CA GLY B 888 56.85 14.89 -20.78
C GLY B 888 57.80 15.46 -19.75
N ILE B 889 57.45 15.39 -18.47
CA ILE B 889 58.31 15.96 -17.46
C ILE B 889 59.58 15.13 -17.28
N LEU B 890 59.50 13.81 -17.47
CA LEU B 890 60.65 12.97 -17.15
C LEU B 890 61.63 12.86 -18.32
N ARG B 891 61.28 12.23 -19.42
CA ARG B 891 62.24 12.06 -20.48
C ARG B 891 62.02 13.13 -21.53
N GLN B 892 62.98 13.39 -22.42
CA GLN B 892 62.70 14.41 -23.43
C GLN B 892 62.97 13.92 -24.86
N ASN B 893 62.06 14.24 -25.79
CA ASN B 893 62.18 13.82 -27.19
C ASN B 893 62.37 12.34 -27.44
N GLU B 894 61.51 11.51 -26.86
CA GLU B 894 61.54 10.03 -26.95
C GLU B 894 61.97 9.46 -28.31
N GLN B 895 61.24 9.81 -29.37
CA GLN B 895 61.51 9.58 -30.79
C GLN B 895 61.39 8.11 -31.18
N ARG B 896 60.63 7.32 -30.41
CA ARG B 896 60.38 5.93 -30.73
C ARG B 896 58.94 5.60 -30.37
N TRP B 897 58.15 5.23 -31.37
CA TRP B 897 56.70 5.08 -31.17
C TRP B 897 56.40 3.99 -30.16
N ARG B 898 57.03 2.81 -30.31
CA ARG B 898 56.66 1.70 -29.45
C ARG B 898 56.91 2.02 -27.98
N TRP B 899 57.96 2.78 -27.67
CA TRP B 899 58.25 3.10 -26.28
C TRP B 899 57.46 4.30 -25.78
N ILE B 900 57.11 5.23 -26.66
CA ILE B 900 56.16 6.28 -26.28
C ILE B 900 54.86 5.64 -25.84
N PHE B 901 54.33 4.71 -26.64
CA PHE B 901 53.07 4.05 -26.29
C PHE B 901 53.23 3.12 -25.11
N ARG B 902 54.40 2.48 -24.94
CA ARG B 902 54.62 1.63 -23.79
C ARG B 902 54.57 2.44 -22.50
N SER B 903 55.23 3.59 -22.47
CA SER B 903 55.27 4.39 -21.25
C SER B 903 53.95 5.12 -21.01
N VAL B 904 53.33 5.66 -22.07
CA VAL B 904 52.19 6.53 -21.89
C VAL B 904 50.96 5.74 -21.44
N ILE B 905 50.76 4.54 -21.97
CA ILE B 905 49.51 3.81 -21.82
C ILE B 905 49.72 2.52 -21.02
N TYR B 906 50.71 1.72 -21.39
CA TYR B 906 50.81 0.38 -20.83
C TYR B 906 51.06 0.40 -19.33
N GLU B 907 52.02 1.21 -18.88
CA GLU B 907 52.34 1.24 -17.45
C GLU B 907 51.21 1.80 -16.60
N PRO B 908 50.61 2.94 -16.94
CA PRO B 908 49.43 3.38 -16.17
C PRO B 908 48.33 2.34 -16.16
N TYR B 909 48.15 1.61 -17.26
CA TYR B 909 47.16 0.54 -17.29
C TYR B 909 47.51 -0.56 -16.31
N LEU B 910 48.79 -0.96 -16.28
CA LEU B 910 49.22 -1.96 -15.31
C LEU B 910 49.04 -1.48 -13.88
N ALA B 911 49.06 -0.17 -13.67
CA ALA B 911 48.87 0.38 -12.33
C ALA B 911 47.46 0.18 -11.79
N MET B 912 46.51 -0.22 -12.64
CA MET B 912 45.14 -0.41 -12.18
C MET B 912 45.05 -1.54 -11.17
N PHE B 913 45.79 -2.63 -11.40
CA PHE B 913 45.77 -3.80 -10.53
C PHE B 913 47.19 -4.02 -10.00
N GLY B 914 47.51 -3.38 -8.89
CA GLY B 914 48.73 -3.69 -8.17
C GLY B 914 49.84 -2.68 -8.28
N GLN B 915 50.83 -3.00 -9.11
CA GLN B 915 52.13 -2.33 -9.05
C GLN B 915 51.99 -0.82 -9.25
N VAL B 916 52.83 -0.08 -8.54
CA VAL B 916 52.84 1.38 -8.65
C VAL B 916 53.18 1.77 -10.08
N PRO B 917 52.57 2.82 -10.64
CA PRO B 917 52.75 3.08 -12.08
C PRO B 917 54.21 3.20 -12.50
N SER B 918 55.04 3.85 -11.70
CA SER B 918 56.40 4.17 -12.11
C SER B 918 57.37 4.01 -10.95
N ASP B 919 58.46 3.29 -11.19
CA ASP B 919 59.59 3.29 -10.29
C ASP B 919 60.51 4.48 -10.53
N VAL B 920 60.32 5.21 -11.63
CA VAL B 920 61.15 6.37 -11.92
C VAL B 920 60.66 7.63 -11.24
N ASP B 921 59.45 7.62 -10.67
CA ASP B 921 58.94 8.80 -9.99
C ASP B 921 59.78 9.18 -8.79
N SER B 922 60.57 8.26 -8.25
CA SER B 922 61.37 8.49 -7.06
C SER B 922 62.85 8.44 -7.43
N THR B 923 63.61 9.45 -6.98
CA THR B 923 65.03 9.52 -7.26
C THR B 923 65.85 8.56 -6.42
N THR B 924 65.25 7.93 -5.40
CA THR B 924 66.00 7.04 -4.54
C THR B 924 66.68 5.92 -5.32
N TYR B 925 66.11 5.52 -6.45
CA TYR B 925 66.65 4.44 -7.26
C TYR B 925 66.42 4.74 -8.73
N ASP B 926 67.48 4.61 -9.53
CA ASP B 926 67.42 4.88 -10.95
C ASP B 926 68.71 4.38 -11.58
N PHE B 927 68.77 4.46 -12.92
CA PHE B 927 69.96 4.08 -13.68
C PHE B 927 70.22 2.59 -13.61
N SER B 928 71.16 2.11 -14.43
CA SER B 928 71.48 0.71 -14.66
C SER B 928 70.45 0.07 -15.60
N HIS B 929 69.36 0.76 -15.89
CA HIS B 929 68.44 0.39 -16.96
C HIS B 929 68.26 1.49 -17.98
N CYS B 930 69.00 2.58 -17.86
CA CYS B 930 68.87 3.74 -18.73
C CYS B 930 69.60 3.53 -20.04
N THR B 931 69.21 4.33 -21.03
CA THR B 931 69.86 4.31 -22.34
C THR B 931 69.85 5.73 -22.86
N PHE B 932 71.01 6.38 -22.83
CA PHE B 932 71.11 7.75 -23.33
C PHE B 932 70.79 7.80 -24.81
N SER B 933 71.25 6.81 -25.56
CA SER B 933 70.91 6.65 -26.96
C SER B 933 69.74 5.66 -27.11
N GLY B 934 69.16 5.65 -28.30
CA GLY B 934 68.05 4.77 -28.61
C GLY B 934 68.46 3.43 -29.19
N ASN B 935 69.75 3.09 -29.18
CA ASN B 935 70.21 1.87 -29.81
C ASN B 935 69.60 0.64 -29.15
N GLU B 936 69.56 0.61 -27.82
CA GLU B 936 69.08 -0.55 -27.11
C GLU B 936 67.56 -0.49 -26.96
N SER B 937 66.97 -1.62 -26.53
CA SER B 937 65.54 -1.72 -26.31
C SER B 937 65.22 -1.50 -24.84
N LYS B 938 65.40 -0.26 -24.41
CA LYS B 938 65.11 0.15 -23.05
C LYS B 938 64.51 1.55 -23.08
N PRO B 939 63.83 1.95 -22.01
CA PRO B 939 63.25 3.30 -21.99
C PRO B 939 64.32 4.37 -22.06
N LEU B 940 63.93 5.51 -22.64
CA LEU B 940 64.85 6.63 -22.73
C LEU B 940 65.18 7.14 -21.34
N CYS B 941 66.39 7.67 -21.20
CA CYS B 941 66.88 8.13 -19.91
C CYS B 941 66.11 9.37 -19.46
N VAL B 942 66.25 9.69 -18.18
CA VAL B 942 65.63 10.87 -17.60
C VAL B 942 66.46 12.10 -17.94
N GLU B 943 65.81 13.25 -18.02
CA GLU B 943 66.51 14.49 -18.30
C GLU B 943 67.49 14.78 -17.16
N LEU B 944 68.68 15.26 -17.53
CA LEU B 944 69.75 15.53 -16.58
C LEU B 944 70.18 16.99 -16.69
N ASP B 945 70.37 17.61 -15.54
CA ASP B 945 70.91 18.96 -15.45
C ASP B 945 72.43 18.87 -15.37
N GLU B 946 73.07 19.96 -14.96
CA GLU B 946 74.51 19.92 -14.68
C GLU B 946 74.81 18.77 -13.72
N HIS B 947 75.91 18.08 -13.98
CA HIS B 947 76.26 16.86 -13.26
C HIS B 947 75.34 15.73 -13.71
N ASN B 948 75.35 14.62 -12.99
CA ASN B 948 74.53 13.46 -13.33
C ASN B 948 73.22 13.40 -12.54
N LEU B 949 72.93 14.42 -11.73
CA LEU B 949 71.73 14.39 -10.91
C LEU B 949 70.48 14.49 -11.79
N PRO B 950 69.44 13.72 -11.50
CA PRO B 950 68.18 13.89 -12.23
C PRO B 950 67.62 15.29 -12.03
N ARG B 951 66.98 15.80 -13.08
CA ARG B 951 66.45 17.16 -13.07
C ARG B 951 64.98 17.24 -12.64
N PHE B 952 64.24 16.15 -12.73
CA PHE B 952 62.82 16.20 -12.42
C PHE B 952 62.61 16.36 -10.92
N PRO B 953 61.65 17.18 -10.49
CA PRO B 953 61.37 17.30 -9.05
C PRO B 953 60.35 16.27 -8.58
N GLU B 954 60.64 15.68 -7.41
CA GLU B 954 59.76 14.67 -6.85
C GLU B 954 58.48 15.26 -6.28
N TRP B 955 58.50 16.52 -5.87
CA TRP B 955 57.36 17.12 -5.20
C TRP B 955 56.17 17.34 -6.13
N ILE B 956 56.34 17.17 -7.44
CA ILE B 956 55.23 17.19 -8.36
C ILE B 956 54.91 15.80 -8.90
N THR B 957 55.89 14.88 -8.93
CA THR B 957 55.64 13.55 -9.45
C THR B 957 54.95 12.67 -8.41
N ILE B 958 55.51 12.60 -7.20
CA ILE B 958 54.95 11.70 -6.19
C ILE B 958 53.49 12.01 -5.89
N PRO B 959 53.09 13.25 -5.63
CA PRO B 959 51.65 13.51 -5.43
C PRO B 959 50.80 13.11 -6.62
N LEU B 960 51.33 13.31 -7.83
CA LEU B 960 50.58 12.95 -9.04
C LEU B 960 50.27 11.45 -9.05
N VAL B 961 51.29 10.63 -8.85
CA VAL B 961 51.09 9.19 -8.87
C VAL B 961 50.23 8.74 -7.70
N CYS B 962 50.39 9.36 -6.54
CA CYS B 962 49.55 9.01 -5.40
C CYS B 962 48.09 9.26 -5.69
N ILE B 963 47.77 10.43 -6.25
CA ILE B 963 46.38 10.75 -6.59
C ILE B 963 45.86 9.79 -7.65
N TYR B 964 46.67 9.51 -8.67
CA TYR B 964 46.24 8.63 -9.74
C TYR B 964 45.91 7.24 -9.21
N MET B 965 46.77 6.70 -8.35
CA MET B 965 46.52 5.38 -7.79
C MET B 965 45.31 5.39 -6.88
N LEU B 966 45.20 6.38 -6.00
CA LEU B 966 44.04 6.46 -5.12
C LEU B 966 42.75 6.54 -5.91
N SER B 967 42.77 7.18 -7.08
CA SER B 967 41.57 7.32 -7.88
C SER B 967 41.24 6.03 -8.62
N THR B 968 42.20 5.50 -9.39
CA THR B 968 41.92 4.34 -10.24
C THR B 968 41.73 3.08 -9.42
N ASN B 969 42.66 2.79 -8.50
CA ASN B 969 42.72 1.47 -7.90
C ASN B 969 41.61 1.22 -6.89
N ILE B 970 41.03 2.28 -6.31
CA ILE B 970 40.11 2.13 -5.19
C ILE B 970 38.74 2.71 -5.51
N LEU B 971 38.69 4.03 -5.76
CA LEU B 971 37.41 4.70 -5.93
C LEU B 971 36.64 4.15 -7.12
N LEU B 972 37.31 4.05 -8.28
CA LEU B 972 36.62 3.67 -9.50
C LEU B 972 36.12 2.23 -9.43
N VAL B 973 36.92 1.32 -8.87
CA VAL B 973 36.51 -0.07 -8.75
C VAL B 973 35.30 -0.20 -7.85
N ASN B 974 35.30 0.52 -6.73
CA ASN B 974 34.16 0.46 -5.82
C ASN B 974 32.91 1.05 -6.47
N LEU B 975 33.07 2.12 -7.24
CA LEU B 975 31.94 2.69 -7.97
C LEU B 975 31.39 1.67 -8.97
N LEU B 976 32.27 0.94 -9.64
CA LEU B 976 31.84 -0.11 -10.56
C LEU B 976 31.06 -1.18 -9.81
N VAL B 977 31.54 -1.56 -8.64
CA VAL B 977 30.84 -2.57 -7.83
C VAL B 977 29.44 -2.09 -7.49
N ALA B 978 29.33 -0.83 -7.07
CA ALA B 978 28.02 -0.29 -6.70
C ALA B 978 27.07 -0.27 -7.89
N MET B 979 27.55 0.17 -9.05
CA MET B 979 26.71 0.20 -10.23
C MET B 979 26.26 -1.20 -10.64
N PHE B 980 27.17 -2.17 -10.56
CA PHE B 980 26.80 -3.55 -10.84
C PHE B 980 25.72 -4.04 -9.88
N GLY B 981 25.87 -3.73 -8.60
CA GLY B 981 24.86 -4.15 -7.64
C GLY B 981 23.50 -3.57 -7.95
N TYR B 982 23.45 -2.27 -8.24
CA TYR B 982 22.18 -1.64 -8.56
C TYR B 982 21.57 -2.26 -9.82
N THR B 983 22.39 -2.49 -10.84
CA THR B 983 21.87 -3.05 -12.08
C THR B 983 21.32 -4.46 -11.85
N VAL B 984 22.03 -5.27 -11.07
CA VAL B 984 21.54 -6.62 -10.77
C VAL B 984 20.20 -6.54 -10.05
N GLY B 985 20.12 -5.70 -9.02
CA GLY B 985 18.88 -5.57 -8.29
C GLY B 985 17.73 -5.15 -9.19
N ILE B 986 17.99 -4.25 -10.13
CA ILE B 986 16.93 -3.78 -11.01
C ILE B 986 16.50 -4.87 -11.99
N VAL B 987 17.46 -5.58 -12.58
CA VAL B 987 17.14 -6.45 -13.71
C VAL B 987 16.87 -7.90 -13.33
N GLN B 988 17.01 -8.27 -12.07
CA GLN B 988 16.77 -9.65 -11.68
C GLN B 988 15.31 -10.05 -11.92
N GLU B 989 14.38 -9.15 -11.60
CA GLU B 989 12.96 -9.47 -11.73
C GLU B 989 12.55 -9.76 -13.16
N ASN B 990 13.32 -9.31 -14.15
CA ASN B 990 13.02 -9.51 -15.55
C ASN B 990 13.96 -10.51 -16.23
N ASN B 991 15.08 -10.86 -15.59
CA ASN B 991 16.04 -11.75 -16.23
C ASN B 991 15.44 -13.11 -16.54
N ASP B 992 14.69 -13.69 -15.60
CA ASP B 992 14.11 -15.00 -15.83
C ASP B 992 13.09 -14.98 -16.98
N GLN B 993 12.26 -13.94 -17.01
CA GLN B 993 11.31 -13.80 -18.11
C GLN B 993 12.04 -13.71 -19.45
N VAL B 994 13.16 -12.97 -19.48
CA VAL B 994 13.92 -12.88 -20.72
C VAL B 994 14.53 -14.22 -21.08
N TRP B 995 15.01 -14.96 -20.08
CA TRP B 995 15.69 -16.23 -20.33
C TRP B 995 14.74 -17.28 -20.87
N LYS B 996 13.48 -17.27 -20.42
CA LYS B 996 12.53 -18.27 -20.90
C LYS B 996 12.31 -18.15 -22.41
N PHE B 997 12.38 -16.94 -22.95
CA PHE B 997 12.25 -16.75 -24.39
C PHE B 997 13.37 -17.47 -25.13
N GLN B 998 14.61 -17.29 -24.68
CA GLN B 998 15.74 -17.98 -25.32
C GLN B 998 15.62 -19.48 -25.14
N ARG B 999 15.09 -19.90 -24.00
CA ARG B 999 14.85 -21.33 -23.78
C ARG B 999 13.88 -21.87 -24.83
N TYR B 1000 12.81 -21.12 -25.12
CA TYR B 1000 11.91 -21.53 -26.18
C TYR B 1000 12.62 -21.61 -27.52
N PHE B 1001 13.48 -20.62 -27.79
CA PHE B 1001 14.21 -20.63 -29.06
C PHE B 1001 15.04 -21.91 -29.18
N LEU B 1002 15.72 -22.29 -28.11
CA LEU B 1002 16.50 -23.54 -28.13
C LEU B 1002 15.58 -24.74 -28.33
N VAL B 1003 14.54 -24.85 -27.51
CA VAL B 1003 13.67 -26.01 -27.52
C VAL B 1003 12.93 -26.15 -28.83
N GLN B 1004 12.90 -25.10 -29.65
CA GLN B 1004 12.36 -25.19 -30.99
C GLN B 1004 13.43 -25.51 -32.03
N GLU B 1005 14.59 -24.85 -31.96
CA GLU B 1005 15.63 -25.07 -32.96
C GLU B 1005 16.14 -26.50 -32.91
N TYR B 1006 16.41 -27.02 -31.72
CA TYR B 1006 16.93 -28.39 -31.64
C TYR B 1006 15.88 -29.41 -32.06
N CYS B 1007 14.62 -29.19 -31.68
CA CYS B 1007 13.56 -30.13 -32.04
C CYS B 1007 13.29 -30.12 -33.55
N ASN B 1008 13.49 -28.97 -34.20
CA ASN B 1008 13.20 -28.90 -35.64
C ASN B 1008 14.10 -29.83 -36.44
N ARG B 1009 15.39 -29.89 -36.08
CA ARG B 1009 16.31 -30.68 -36.87
C ARG B 1009 15.97 -32.16 -36.78
N LEU B 1010 16.66 -32.96 -37.60
CA LEU B 1010 16.37 -34.39 -37.68
C LEU B 1010 16.84 -35.15 -36.44
N ASN B 1011 17.61 -34.53 -35.56
CA ASN B 1011 18.02 -35.13 -34.29
C ASN B 1011 18.86 -36.39 -34.52
N ILE B 1012 20.01 -36.20 -35.16
CA ILE B 1012 21.01 -37.26 -35.30
C ILE B 1012 22.21 -36.88 -34.46
N PRO B 1013 22.83 -37.82 -33.74
CA PRO B 1013 24.03 -37.46 -32.96
C PRO B 1013 25.12 -36.88 -33.86
N PHE B 1014 25.84 -35.90 -33.33
CA PHE B 1014 26.73 -35.10 -34.15
C PHE B 1014 27.79 -35.90 -34.89
N PRO B 1015 28.47 -36.89 -34.30
CA PRO B 1015 29.65 -37.45 -34.98
C PRO B 1015 29.36 -37.99 -36.37
N PHE B 1016 28.18 -38.54 -36.61
CA PHE B 1016 27.84 -39.12 -37.92
C PHE B 1016 26.52 -38.54 -38.44
N VAL B 1017 26.40 -37.21 -38.40
CA VAL B 1017 25.28 -36.56 -39.09
C VAL B 1017 25.57 -36.39 -40.57
N VAL B 1018 26.82 -36.55 -40.99
CA VAL B 1018 27.18 -36.33 -42.39
C VAL B 1018 26.40 -37.27 -43.30
N PHE B 1019 26.22 -38.52 -42.88
CA PHE B 1019 25.49 -39.47 -43.70
C PHE B 1019 24.05 -39.02 -43.91
N ALA B 1020 23.42 -38.52 -42.83
CA ALA B 1020 22.05 -38.04 -42.94
C ALA B 1020 21.96 -36.90 -43.95
N TYR B 1021 22.81 -35.89 -43.82
CA TYR B 1021 22.78 -34.78 -44.76
C TYR B 1021 23.06 -35.23 -46.18
N PHE B 1022 24.00 -36.15 -46.35
CA PHE B 1022 24.36 -36.60 -47.70
C PHE B 1022 23.20 -37.30 -48.38
N TYR B 1023 22.56 -38.25 -47.69
CA TYR B 1023 21.49 -38.97 -48.35
C TYR B 1023 20.19 -38.18 -48.37
N MET B 1024 20.07 -37.13 -47.55
CA MET B 1024 18.95 -36.21 -47.72
C MET B 1024 19.16 -35.30 -48.92
N VAL B 1025 20.41 -34.90 -49.17
CA VAL B 1025 20.74 -34.20 -50.41
C VAL B 1025 20.42 -35.08 -51.60
N VAL B 1026 20.77 -36.37 -51.51
CA VAL B 1026 20.40 -37.32 -52.55
C VAL B 1026 18.88 -37.36 -52.70
N LYS B 1027 18.16 -37.39 -51.58
CA LYS B 1027 16.70 -37.35 -51.61
C LYS B 1027 16.16 -35.94 -51.76
N LYS B 1028 16.98 -34.92 -51.55
CA LYS B 1028 16.54 -33.54 -51.66
C LYS B 1028 16.23 -33.18 -53.11
N ASN B 1051 -11.02 -27.14 -35.84
CA ASN B 1051 -12.47 -27.11 -35.95
C ASN B 1051 -13.10 -27.34 -34.58
N GLU B 1052 -12.97 -28.56 -34.07
CA GLU B 1052 -13.44 -28.87 -32.72
C GLU B 1052 -12.69 -28.02 -31.69
N THR B 1053 -11.37 -27.90 -31.85
CA THR B 1053 -10.59 -27.09 -30.93
C THR B 1053 -11.05 -25.64 -30.96
N LEU B 1054 -11.45 -25.14 -32.13
CA LEU B 1054 -11.97 -23.77 -32.21
C LEU B 1054 -13.28 -23.64 -31.44
N ALA B 1055 -14.15 -24.64 -31.51
CA ALA B 1055 -15.38 -24.60 -30.74
C ALA B 1055 -15.10 -24.59 -29.25
N TRP B 1056 -14.17 -25.44 -28.80
CA TRP B 1056 -13.79 -25.43 -27.39
C TRP B 1056 -13.20 -24.09 -27.00
N GLU B 1057 -12.41 -23.49 -27.88
CA GLU B 1057 -11.85 -22.16 -27.64
C GLU B 1057 -12.96 -21.14 -27.47
N GLY B 1058 -13.98 -21.20 -28.31
CA GLY B 1058 -15.10 -20.27 -28.16
C GLY B 1058 -15.83 -20.45 -26.85
N VAL B 1059 -16.03 -21.70 -26.44
CA VAL B 1059 -16.70 -21.97 -25.17
C VAL B 1059 -15.90 -21.38 -24.01
N MET B 1060 -14.59 -21.64 -24.01
CA MET B 1060 -13.74 -21.09 -22.95
C MET B 1060 -13.71 -19.57 -22.99
N LYS B 1061 -13.79 -18.98 -24.17
CA LYS B 1061 -13.88 -17.53 -24.28
C LYS B 1061 -15.15 -17.01 -23.64
N GLU B 1062 -16.28 -17.69 -23.88
CA GLU B 1062 -17.51 -17.30 -23.23
C GLU B 1062 -17.38 -17.38 -21.71
N ASN B 1063 -16.76 -18.45 -21.21
CA ASN B 1063 -16.54 -18.58 -19.78
C ASN B 1063 -15.70 -17.42 -19.25
N TYR B 1064 -14.64 -17.06 -19.97
CA TYR B 1064 -13.76 -15.99 -19.54
C TYR B 1064 -14.46 -14.64 -19.54
N LEU B 1065 -15.28 -14.38 -20.56
CA LEU B 1065 -16.04 -13.14 -20.59
C LEU B 1065 -17.04 -13.07 -19.43
N VAL B 1066 -17.70 -14.19 -19.15
CA VAL B 1066 -18.62 -14.22 -18.00
C VAL B 1066 -17.85 -13.99 -16.71
N LYS B 1067 -16.63 -14.53 -16.62
CA LYS B 1067 -15.81 -14.29 -15.44
C LYS B 1067 -15.48 -12.80 -15.29
N ILE B 1068 -15.13 -12.15 -16.40
CA ILE B 1068 -14.86 -10.71 -16.34
C ILE B 1068 -16.10 -9.96 -15.87
N ASN B 1069 -17.27 -10.32 -16.40
CA ASN B 1069 -18.49 -9.63 -16.02
C ASN B 1069 -18.80 -9.83 -14.54
N THR B 1070 -18.60 -11.05 -14.03
CA THR B 1070 -18.81 -11.30 -12.61
C THR B 1070 -17.84 -10.50 -11.76
N LYS B 1071 -16.57 -10.44 -12.17
CA LYS B 1071 -15.60 -9.64 -11.43
C LYS B 1071 -16.01 -8.18 -11.40
N ALA B 1072 -16.50 -7.65 -12.52
CA ALA B 1072 -16.97 -6.28 -12.55
C ALA B 1072 -18.16 -6.09 -11.62
N ASN B 1073 -19.11 -7.03 -11.62
CA ASN B 1073 -20.31 -6.91 -10.79
C ASN B 1073 -20.02 -7.15 -9.32
N ASP B 1074 -18.86 -7.72 -8.98
CA ASP B 1074 -18.53 -8.01 -7.60
C ASP B 1074 -18.37 -6.76 -6.75
N ASN B 1075 -18.54 -5.57 -7.35
CA ASN B 1075 -18.41 -4.33 -6.60
C ASN B 1075 -19.41 -4.25 -5.46
N SER B 1076 -20.56 -4.90 -5.61
CA SER B 1076 -21.61 -4.94 -4.58
C SER B 1076 -22.34 -3.61 -4.45
N GLU B 1077 -22.24 -2.74 -5.46
CA GLU B 1077 -22.90 -1.44 -5.41
C GLU B 1077 -24.39 -1.53 -5.69
N GLU B 1078 -24.90 -2.71 -6.07
CA GLU B 1078 -26.31 -2.85 -6.36
C GLU B 1078 -27.19 -2.52 -5.16
N MET B 1079 -26.61 -2.54 -3.95
CA MET B 1079 -27.41 -2.28 -2.76
C MET B 1079 -27.99 -0.87 -2.77
N ARG B 1080 -27.20 0.12 -3.18
CA ARG B 1080 -27.70 1.49 -3.22
C ARG B 1080 -28.77 1.65 -4.32
N HIS B 1081 -28.57 0.98 -5.45
CA HIS B 1081 -29.57 1.03 -6.50
C HIS B 1081 -30.89 0.42 -6.04
N ARG B 1082 -30.81 -0.68 -5.30
CA ARG B 1082 -32.01 -1.26 -4.70
C ARG B 1082 -32.59 -0.37 -3.62
N PHE B 1083 -31.74 0.40 -2.93
CA PHE B 1083 -32.23 1.39 -1.98
C PHE B 1083 -33.09 2.43 -2.69
N ARG B 1084 -32.59 2.95 -3.82
CA ARG B 1084 -33.37 3.91 -4.59
C ARG B 1084 -34.67 3.29 -5.06
N GLN B 1085 -34.62 2.04 -5.51
CA GLN B 1085 -35.83 1.36 -5.95
C GLN B 1085 -36.84 1.22 -4.82
N LEU B 1086 -36.37 0.85 -3.62
CA LEU B 1086 -37.27 0.71 -2.49
C LEU B 1086 -37.87 2.06 -2.08
N ASP B 1087 -37.05 3.11 -2.10
CA ASP B 1087 -37.58 4.44 -1.80
C ASP B 1087 -38.66 4.84 -2.80
N SER B 1088 -38.42 4.56 -4.09
CA SER B 1088 -39.42 4.87 -5.10
C SER B 1088 -40.68 4.05 -4.88
N LYS B 1089 -40.54 2.78 -4.49
CA LYS B 1089 -41.71 1.95 -4.22
C LYS B 1089 -42.53 2.51 -3.07
N LEU B 1090 -41.86 2.93 -1.99
CA LEU B 1090 -42.57 3.54 -0.87
C LEU B 1090 -43.28 4.81 -1.30
N ASN B 1091 -42.60 5.64 -2.09
CA ASN B 1091 -43.22 6.88 -2.56
C ASN B 1091 -44.47 6.58 -3.39
N ASP B 1092 -44.38 5.59 -4.28
CA ASP B 1092 -45.53 5.23 -5.09
C ASP B 1092 -46.69 4.72 -4.23
N LEU B 1093 -46.38 3.88 -3.23
CA LEU B 1093 -47.43 3.41 -2.33
C LEU B 1093 -48.04 4.55 -1.54
N LYS B 1094 -47.30 5.64 -1.36
CA LYS B 1094 -47.82 6.76 -0.59
C LYS B 1094 -49.07 7.36 -1.24
N SER B 1095 -49.08 7.50 -2.57
CA SER B 1095 -50.20 8.13 -3.25
C SER B 1095 -51.48 7.31 -3.12
N LEU B 1096 -51.38 6.03 -2.79
CA LEU B 1096 -52.56 5.20 -2.62
C LEU B 1096 -53.44 5.73 -1.49
N LEU B 1097 -52.83 6.20 -0.41
CA LEU B 1097 -53.61 6.76 0.69
C LEU B 1097 -54.41 7.98 0.25
N LYS B 1098 -53.78 8.88 -0.50
CA LYS B 1098 -54.48 10.05 -0.99
C LYS B 1098 -55.61 9.66 -1.94
N GLU B 1099 -55.35 8.68 -2.82
CA GLU B 1099 -56.40 8.23 -3.73
C GLU B 1099 -57.58 7.65 -2.97
N ILE B 1100 -57.31 6.83 -1.95
CA ILE B 1100 -58.38 6.23 -1.16
C ILE B 1100 -59.16 7.31 -0.42
N ALA B 1101 -58.45 8.30 0.15
CA ALA B 1101 -59.13 9.38 0.85
C ALA B 1101 -60.04 10.16 -0.08
N ASN B 1102 -59.55 10.45 -1.30
CA ASN B 1102 -60.38 11.14 -2.27
C ASN B 1102 -61.61 10.31 -2.65
N ASN B 1103 -61.42 9.01 -2.87
CA ASN B 1103 -62.53 8.16 -3.23
C ASN B 1103 -63.59 8.09 -2.13
N ILE B 1104 -63.14 7.98 -0.88
CA ILE B 1104 -64.08 7.85 0.23
C ILE B 1104 -64.94 9.10 0.34
N LYS B 1105 -64.32 10.28 0.26
CA LYS B 1105 -65.05 11.54 0.36
C LYS B 1105 -66.06 11.68 -0.76
N ASP C 41 -34.74 -54.10 -35.68
CA ASP C 41 -35.28 -54.51 -34.38
C ASP C 41 -36.31 -53.50 -33.90
N LEU C 42 -35.82 -52.37 -33.37
CA LEU C 42 -36.73 -51.33 -32.88
C LEU C 42 -37.59 -50.77 -34.01
N VAL C 43 -36.99 -50.55 -35.18
CA VAL C 43 -37.73 -49.96 -36.29
C VAL C 43 -38.95 -50.79 -36.64
N ASN C 44 -38.81 -52.12 -36.59
CA ASN C 44 -39.96 -52.97 -36.88
C ASN C 44 -41.09 -52.72 -35.89
N PHE C 45 -40.77 -52.56 -34.61
CA PHE C 45 -41.79 -52.22 -33.62
C PHE C 45 -42.40 -50.85 -33.92
N ILE C 46 -41.59 -49.88 -34.34
CA ILE C 46 -42.12 -48.57 -34.68
C ILE C 46 -43.10 -48.68 -35.83
N GLN C 47 -42.85 -49.59 -36.78
CA GLN C 47 -43.75 -49.73 -37.92
C GLN C 47 -45.19 -49.93 -37.46
N ALA C 48 -45.41 -50.90 -36.58
CA ALA C 48 -46.77 -51.19 -36.12
C ALA C 48 -47.24 -50.18 -35.08
N ASN C 49 -46.35 -49.76 -34.17
CA ASN C 49 -46.77 -48.87 -33.09
C ASN C 49 -47.23 -47.51 -33.62
N PHE C 50 -46.51 -46.98 -34.61
CA PHE C 50 -46.76 -45.63 -35.10
C PHE C 50 -47.20 -45.60 -36.56
N ASP C 102 -45.70 -46.74 -39.16
CA ASP C 102 -44.59 -46.51 -40.08
C ASP C 102 -44.42 -45.02 -40.37
N ALA C 103 -43.68 -44.70 -41.43
CA ALA C 103 -43.45 -43.33 -41.85
C ALA C 103 -42.69 -42.55 -40.77
N PHE C 104 -41.53 -43.09 -40.40
CA PHE C 104 -40.64 -42.47 -39.43
C PHE C 104 -39.27 -42.29 -40.05
N GLY C 105 -38.68 -41.12 -39.85
CA GLY C 105 -37.37 -40.82 -40.43
C GLY C 105 -36.32 -40.46 -39.40
N ASP C 106 -35.31 -41.31 -39.25
CA ASP C 106 -34.20 -41.03 -38.36
C ASP C 106 -33.10 -40.32 -39.14
N ILE C 107 -32.66 -39.18 -38.61
CA ILE C 107 -31.70 -38.31 -39.29
C ILE C 107 -30.49 -38.12 -38.39
N GLN C 108 -29.30 -38.30 -38.96
CA GLN C 108 -28.05 -38.03 -38.27
C GLN C 108 -27.15 -37.22 -39.19
N PHE C 109 -26.62 -36.11 -38.69
CA PHE C 109 -25.78 -35.22 -39.49
C PHE C 109 -24.32 -35.37 -39.08
N GLY C 116 -30.69 -36.15 -34.06
CA GLY C 116 -30.74 -37.57 -33.77
C GLY C 116 -32.01 -38.22 -34.26
N LYS C 117 -32.58 -39.10 -33.45
CA LYS C 117 -33.78 -39.84 -33.85
C LYS C 117 -34.94 -38.88 -34.07
N TYR C 118 -35.74 -39.18 -35.09
CA TYR C 118 -36.95 -38.43 -35.40
C TYR C 118 -38.08 -39.42 -35.63
N LEU C 119 -39.29 -38.91 -35.73
CA LEU C 119 -40.46 -39.77 -35.83
C LEU C 119 -41.68 -38.95 -36.22
N ARG C 120 -42.69 -39.63 -36.75
CA ARG C 120 -43.97 -39.02 -37.07
C ARG C 120 -45.04 -39.64 -36.17
N LEU C 121 -45.85 -38.79 -35.57
CA LEU C 121 -46.76 -39.21 -34.50
C LEU C 121 -48.21 -38.93 -34.88
N SER C 122 -49.10 -39.72 -34.31
CA SER C 122 -50.54 -39.52 -34.43
C SER C 122 -51.11 -39.24 -33.05
N CYS C 123 -52.09 -38.35 -32.99
CA CYS C 123 -52.67 -37.97 -31.70
C CYS C 123 -53.24 -39.18 -30.97
N ASP C 124 -53.80 -40.13 -31.69
CA ASP C 124 -54.38 -41.31 -31.07
C ASP C 124 -53.34 -42.22 -30.42
N THR C 125 -52.06 -42.00 -30.71
CA THR C 125 -51.01 -42.85 -30.13
C THR C 125 -51.05 -42.75 -28.61
N ASP C 126 -50.96 -43.92 -27.95
CA ASP C 126 -51.00 -43.96 -26.50
C ASP C 126 -49.72 -43.40 -25.91
N SER C 127 -49.85 -42.64 -24.82
CA SER C 127 -48.68 -42.08 -24.15
C SER C 127 -47.82 -43.18 -23.55
N GLU C 128 -48.45 -44.23 -23.03
CA GLU C 128 -47.69 -45.32 -22.41
C GLU C 128 -46.78 -45.99 -23.42
N THR C 129 -47.28 -46.23 -24.63
CA THR C 129 -46.46 -46.85 -25.66
C THR C 129 -45.27 -45.96 -26.03
N LEU C 130 -45.51 -44.65 -26.15
CA LEU C 130 -44.42 -43.73 -26.47
C LEU C 130 -43.37 -43.73 -25.37
N TYR C 131 -43.80 -43.70 -24.11
CA TYR C 131 -42.85 -43.73 -23.01
C TYR C 131 -42.06 -45.03 -22.99
N GLU C 132 -42.74 -46.15 -23.24
CA GLU C 132 -42.06 -47.44 -23.29
C GLU C 132 -40.99 -47.43 -24.37
N LEU C 133 -41.36 -46.99 -25.58
CA LEU C 133 -40.39 -46.87 -26.66
C LEU C 133 -39.19 -46.05 -26.21
N LEU C 134 -39.45 -44.81 -25.79
CA LEU C 134 -38.37 -43.91 -25.38
C LEU C 134 -37.44 -44.56 -24.37
N THR C 135 -38.00 -44.98 -23.23
CA THR C 135 -37.15 -45.48 -22.14
C THR C 135 -36.43 -46.76 -22.53
N GLN C 136 -37.17 -47.77 -23.00
CA GLN C 136 -36.57 -49.07 -23.22
C GLN C 136 -35.55 -49.04 -24.36
N HIS C 137 -35.86 -48.32 -25.45
CA HIS C 137 -35.05 -48.42 -26.65
C HIS C 137 -33.79 -47.57 -26.58
N TRP C 138 -33.92 -46.32 -26.13
CA TRP C 138 -32.88 -45.32 -26.36
C TRP C 138 -32.14 -44.90 -25.09
N HIS C 139 -32.84 -44.40 -24.08
CA HIS C 139 -32.21 -43.64 -23.01
C HIS C 139 -32.62 -44.17 -21.64
N LEU C 140 -32.04 -43.58 -20.61
CA LEU C 140 -32.25 -43.98 -19.23
C LEU C 140 -33.54 -43.36 -18.68
N LYS C 141 -33.97 -43.85 -17.52
CA LYS C 141 -35.13 -43.29 -16.86
C LYS C 141 -34.86 -41.85 -16.43
N THR C 142 -35.92 -41.06 -16.41
CA THR C 142 -35.79 -39.62 -16.13
C THR C 142 -35.97 -39.35 -14.64
N PRO C 143 -35.01 -38.67 -13.98
CA PRO C 143 -35.24 -38.22 -12.62
C PRO C 143 -35.83 -36.82 -12.50
N ASN C 144 -36.02 -36.13 -13.62
CA ASN C 144 -36.59 -34.80 -13.63
C ASN C 144 -36.96 -34.45 -15.07
N LEU C 145 -38.02 -33.64 -15.21
CA LEU C 145 -38.62 -33.34 -16.50
C LEU C 145 -38.86 -31.84 -16.65
N VAL C 146 -37.82 -31.04 -16.42
CA VAL C 146 -37.91 -29.61 -16.71
C VAL C 146 -38.45 -29.44 -18.12
N ILE C 147 -39.58 -28.74 -18.25
CA ILE C 147 -40.19 -28.46 -19.54
C ILE C 147 -40.30 -26.94 -19.68
N SER C 148 -39.69 -26.41 -20.72
CA SER C 148 -39.70 -24.97 -20.98
C SER C 148 -40.83 -24.66 -21.97
N VAL C 149 -41.67 -23.70 -21.62
CA VAL C 149 -42.77 -23.27 -22.47
C VAL C 149 -42.55 -21.81 -22.84
N THR C 150 -42.62 -21.51 -24.13
CA THR C 150 -42.46 -20.15 -24.63
C THR C 150 -43.17 -20.04 -25.97
N GLY C 151 -43.07 -18.86 -26.58
CA GLY C 151 -43.73 -18.65 -27.87
C GLY C 151 -42.88 -19.18 -29.01
N GLY C 152 -43.56 -19.81 -29.97
CA GLY C 152 -42.90 -20.31 -31.15
C GLY C 152 -42.52 -19.24 -32.16
N ALA C 153 -43.00 -18.02 -31.96
CA ALA C 153 -42.65 -16.93 -32.87
C ALA C 153 -41.16 -16.64 -32.81
N LYS C 154 -40.58 -16.30 -33.96
CA LYS C 154 -39.16 -15.98 -34.01
C LYS C 154 -38.82 -14.71 -33.26
N ASN C 155 -39.82 -13.89 -32.92
CA ASN C 155 -39.59 -12.63 -32.21
C ASN C 155 -39.29 -12.95 -30.75
N PHE C 156 -38.01 -13.16 -30.44
CA PHE C 156 -37.55 -13.44 -29.08
C PHE C 156 -36.34 -12.54 -28.82
N ALA C 157 -36.59 -11.38 -28.21
CA ALA C 157 -35.52 -10.43 -27.92
C ALA C 157 -34.62 -11.00 -26.83
N LEU C 158 -33.42 -11.44 -27.22
CA LEU C 158 -32.49 -11.99 -26.25
C LEU C 158 -32.11 -10.94 -25.21
N LYS C 159 -32.13 -11.33 -23.94
CA LYS C 159 -31.75 -10.46 -22.85
C LYS C 159 -30.53 -11.02 -22.13
N PRO C 160 -29.72 -10.17 -21.50
CA PRO C 160 -28.55 -10.69 -20.77
C PRO C 160 -28.91 -11.57 -19.60
N ARG C 161 -29.78 -11.09 -18.71
CA ARG C 161 -30.16 -11.87 -17.55
C ARG C 161 -30.90 -13.14 -17.97
N MET C 162 -31.70 -13.06 -19.04
CA MET C 162 -32.37 -14.25 -19.53
C MET C 162 -31.36 -15.27 -20.03
N ARG C 163 -30.31 -14.80 -20.72
CA ARG C 163 -29.26 -15.70 -21.16
C ARG C 163 -28.60 -16.40 -19.98
N LYS C 164 -28.24 -15.62 -18.95
CA LYS C 164 -27.62 -16.22 -17.78
C LYS C 164 -28.56 -17.22 -17.10
N ILE C 165 -29.83 -16.86 -16.96
CA ILE C 165 -30.80 -17.72 -16.28
C ILE C 165 -30.95 -19.03 -17.02
N PHE C 166 -31.06 -18.98 -18.35
CA PHE C 166 -31.25 -20.21 -19.10
C PHE C 166 -29.99 -21.05 -19.15
N SER C 167 -28.81 -20.41 -19.13
CA SER C 167 -27.57 -21.18 -18.99
C SER C 167 -27.55 -21.94 -17.67
N ARG C 168 -27.94 -21.26 -16.58
CA ARG C 168 -28.00 -21.92 -15.29
C ARG C 168 -29.02 -23.07 -15.30
N LEU C 169 -30.16 -22.86 -15.96
CA LEU C 169 -31.18 -23.91 -16.05
C LEU C 169 -30.62 -25.12 -16.78
N ILE C 170 -29.92 -24.91 -17.90
CA ILE C 170 -29.33 -26.02 -18.63
C ILE C 170 -28.29 -26.74 -17.77
N TYR C 171 -27.47 -25.97 -17.04
CA TYR C 171 -26.48 -26.59 -16.17
C TYR C 171 -27.15 -27.47 -15.12
N ILE C 172 -28.23 -26.98 -14.51
CA ILE C 172 -28.94 -27.76 -13.50
C ILE C 172 -29.52 -29.03 -14.12
N ALA C 173 -30.13 -28.90 -15.30
CA ALA C 173 -30.72 -30.05 -15.96
C ALA C 173 -29.66 -31.11 -16.24
N GLN C 174 -28.49 -30.69 -16.71
CA GLN C 174 -27.41 -31.65 -16.95
C GLN C 174 -26.94 -32.28 -15.64
N SER C 175 -26.82 -31.47 -14.58
CA SER C 175 -26.33 -31.99 -13.30
C SER C 175 -27.26 -33.06 -12.76
N LYS C 176 -28.57 -32.82 -12.79
CA LYS C 176 -29.53 -33.77 -12.26
C LYS C 176 -29.91 -34.86 -13.26
N GLY C 177 -29.53 -34.71 -14.53
CA GLY C 177 -29.93 -35.67 -15.54
C GLY C 177 -31.35 -35.49 -16.02
N ALA C 178 -31.88 -34.27 -15.94
CA ALA C 178 -33.28 -34.03 -16.28
C ALA C 178 -33.49 -34.06 -17.80
N TRP C 179 -34.71 -34.41 -18.18
CA TRP C 179 -35.14 -34.26 -19.56
C TRP C 179 -35.64 -32.83 -19.79
N ILE C 180 -35.45 -32.35 -21.02
CA ILE C 180 -35.89 -31.02 -21.41
C ILE C 180 -36.80 -31.17 -22.62
N LEU C 181 -38.04 -30.70 -22.49
CA LEU C 181 -39.02 -30.70 -23.57
C LEU C 181 -39.22 -29.28 -24.05
N THR C 182 -39.00 -29.04 -25.34
CA THR C 182 -39.11 -27.72 -25.93
C THR C 182 -39.89 -27.81 -27.23
N GLY C 183 -40.14 -26.64 -27.82
CA GLY C 183 -40.85 -26.61 -29.09
C GLY C 183 -40.08 -27.27 -30.21
N GLY C 184 -38.76 -27.05 -30.26
CA GLY C 184 -37.93 -27.68 -31.25
C GLY C 184 -38.20 -27.22 -32.68
N THR C 185 -38.34 -25.91 -32.87
CA THR C 185 -38.59 -25.34 -34.19
C THR C 185 -37.50 -24.39 -34.65
N HIS C 186 -36.44 -24.20 -33.86
CA HIS C 186 -35.31 -23.35 -34.26
C HIS C 186 -35.76 -21.89 -34.44
N TYR C 187 -36.35 -21.34 -33.40
CA TYR C 187 -36.79 -19.95 -33.42
C TYR C 187 -36.65 -19.33 -32.03
N GLY C 188 -35.99 -18.18 -31.97
CA GLY C 188 -35.92 -17.45 -30.72
C GLY C 188 -35.30 -18.27 -29.61
N LEU C 189 -35.99 -18.29 -28.47
CA LEU C 189 -35.46 -18.98 -27.29
C LEU C 189 -35.18 -20.45 -27.57
N MET C 190 -35.90 -21.05 -28.52
CA MET C 190 -35.68 -22.46 -28.84
C MET C 190 -34.25 -22.69 -29.32
N LYS C 191 -33.78 -21.87 -30.26
CA LYS C 191 -32.44 -22.08 -30.81
C LYS C 191 -31.39 -21.91 -29.74
N TYR C 192 -31.54 -20.91 -28.87
CA TYR C 192 -30.55 -20.68 -27.83
C TYR C 192 -30.57 -21.78 -26.77
N ILE C 193 -31.76 -22.27 -26.41
CA ILE C 193 -31.82 -23.33 -25.41
C ILE C 193 -31.23 -24.61 -25.98
N GLY C 194 -31.24 -24.78 -27.30
CA GLY C 194 -30.56 -25.91 -27.88
C GLY C 194 -29.06 -25.69 -28.01
N GLU C 195 -28.68 -24.43 -28.25
CA GLU C 195 -27.28 -24.09 -28.39
C GLU C 195 -26.53 -24.28 -27.08
N VAL C 196 -27.18 -23.93 -25.96
CA VAL C 196 -26.54 -24.15 -24.66
C VAL C 196 -26.30 -25.64 -24.44
N VAL C 197 -27.27 -26.47 -24.86
CA VAL C 197 -27.08 -27.92 -24.74
C VAL C 197 -25.89 -28.38 -25.56
N ARG C 198 -25.77 -27.87 -26.79
CA ARG C 198 -24.62 -28.22 -27.61
C ARG C 198 -23.32 -27.81 -26.92
N ASP C 199 -23.28 -26.58 -26.40
CA ASP C 199 -22.06 -26.07 -25.77
C ASP C 199 -21.67 -26.92 -24.57
N ASN C 200 -22.64 -27.30 -23.75
CA ASN C 200 -22.34 -28.18 -22.62
C ASN C 200 -21.93 -29.56 -23.09
N THR C 201 -22.51 -30.04 -24.20
CA THR C 201 -22.14 -31.35 -24.72
C THR C 201 -20.70 -31.37 -25.21
N ILE C 202 -20.14 -30.23 -25.60
CA ILE C 202 -18.75 -30.20 -26.03
C ILE C 202 -17.79 -29.91 -24.89
N SER C 203 -18.28 -29.76 -23.66
CA SER C 203 -17.42 -29.55 -22.50
C SER C 203 -17.78 -30.50 -21.36
N GLU C 208 -23.92 -38.06 -18.23
CA GLU C 208 -22.89 -37.34 -18.97
C GLU C 208 -23.45 -36.74 -20.26
N ASN C 209 -24.76 -36.92 -20.48
CA ASN C 209 -25.42 -36.40 -21.66
C ASN C 209 -26.72 -35.73 -21.24
N ILE C 210 -27.17 -34.80 -22.08
CA ILE C 210 -28.42 -34.06 -21.86
C ILE C 210 -29.43 -34.54 -22.89
N VAL C 211 -30.62 -34.89 -22.42
CA VAL C 211 -31.72 -35.32 -23.27
C VAL C 211 -32.62 -34.10 -23.49
N ALA C 212 -32.80 -33.72 -24.75
CA ALA C 212 -33.50 -32.50 -25.12
C ALA C 212 -34.59 -32.78 -26.14
N ILE C 213 -35.49 -33.69 -25.78
CA ILE C 213 -36.61 -34.00 -26.66
C ILE C 213 -37.32 -32.73 -27.08
N GLY C 214 -37.67 -32.64 -28.36
CA GLY C 214 -38.43 -31.51 -28.87
C GLY C 214 -39.67 -31.96 -29.62
N ILE C 215 -40.84 -31.51 -29.17
CA ILE C 215 -42.11 -31.86 -29.79
C ILE C 215 -42.52 -30.74 -30.72
N ALA C 216 -42.75 -31.06 -31.99
CA ALA C 216 -43.19 -30.10 -32.99
C ALA C 216 -44.33 -30.70 -33.80
N ALA C 217 -44.85 -29.92 -34.74
CA ALA C 217 -46.00 -30.31 -35.54
C ALA C 217 -45.54 -30.71 -36.94
N TRP C 218 -45.90 -31.92 -37.37
CA TRP C 218 -45.57 -32.36 -38.72
C TRP C 218 -46.27 -31.48 -39.75
N GLY C 219 -47.52 -31.11 -39.50
CA GLY C 219 -48.28 -30.36 -40.49
C GLY C 219 -47.64 -29.01 -40.81
N MET C 220 -47.09 -28.35 -39.80
CA MET C 220 -46.48 -27.05 -39.98
C MET C 220 -45.06 -27.12 -40.53
N VAL C 221 -44.48 -28.32 -40.63
CA VAL C 221 -43.12 -28.48 -41.13
C VAL C 221 -43.12 -28.32 -42.65
N SER C 222 -42.08 -27.68 -43.16
CA SER C 222 -41.99 -27.41 -44.59
C SER C 222 -41.49 -28.61 -45.38
N ASN C 223 -40.27 -29.05 -45.08
CA ASN C 223 -39.65 -30.12 -45.85
C ASN C 223 -40.19 -31.48 -45.43
N ARG C 224 -40.44 -32.33 -46.43
CA ARG C 224 -40.91 -33.69 -46.21
C ARG C 224 -39.85 -34.65 -46.73
N ASP C 225 -39.31 -35.48 -45.83
CA ASP C 225 -38.30 -36.48 -46.15
C ASP C 225 -38.76 -37.81 -45.56
N THR C 226 -39.55 -38.55 -46.34
CA THR C 226 -40.05 -39.84 -45.88
C THR C 226 -38.91 -40.84 -45.79
N LEU C 227 -39.06 -41.79 -44.87
CA LEU C 227 -38.05 -42.83 -44.66
C LEU C 227 -37.81 -43.61 -45.94
N PHE C 237 -33.03 -45.08 -46.07
CA PHE C 237 -33.32 -45.37 -44.67
C PHE C 237 -33.31 -44.08 -43.83
N SER C 238 -32.10 -43.60 -43.53
CA SER C 238 -31.93 -42.39 -42.73
C SER C 238 -31.93 -41.16 -43.65
N ALA C 239 -33.12 -40.85 -44.15
CA ALA C 239 -33.27 -39.68 -45.00
C ALA C 239 -32.87 -38.42 -44.25
N GLN C 240 -32.06 -37.58 -44.89
CA GLN C 240 -31.56 -36.36 -44.26
C GLN C 240 -31.65 -35.21 -45.24
N TYR C 241 -32.09 -34.05 -44.73
CA TYR C 241 -32.18 -32.84 -45.52
C TYR C 241 -31.69 -31.66 -44.68
N ILE C 242 -31.15 -30.66 -45.35
CA ILE C 242 -30.61 -29.48 -44.70
C ILE C 242 -31.25 -28.24 -45.30
N MET C 243 -31.24 -27.16 -44.53
CA MET C 243 -31.82 -25.89 -44.96
C MET C 243 -31.29 -24.74 -44.11
N LEU C 251 -43.64 -24.26 -43.85
CA LEU C 251 -42.71 -23.41 -43.10
C LEU C 251 -42.23 -24.12 -41.85
N TYR C 252 -41.77 -23.33 -40.88
CA TYR C 252 -41.34 -23.84 -39.58
C TYR C 252 -40.35 -24.99 -39.72
N ILE C 253 -39.18 -24.66 -40.28
CA ILE C 253 -38.07 -25.60 -40.24
C ILE C 253 -37.81 -25.98 -38.80
N LEU C 254 -37.32 -27.21 -38.59
CA LEU C 254 -37.17 -27.78 -37.26
C LEU C 254 -35.70 -27.83 -36.89
N ASP C 255 -35.39 -27.45 -35.64
CA ASP C 255 -34.03 -27.47 -35.16
C ASP C 255 -33.48 -28.89 -35.16
N ASN C 256 -32.27 -29.06 -35.68
CA ASN C 256 -31.57 -30.33 -35.63
C ASN C 256 -30.60 -30.42 -34.46
N ASN C 257 -30.54 -29.39 -33.61
CA ASN C 257 -29.63 -29.39 -32.47
C ASN C 257 -30.20 -30.13 -31.27
N HIS C 258 -31.44 -30.62 -31.35
CA HIS C 258 -32.04 -31.40 -30.29
C HIS C 258 -31.82 -32.89 -30.56
N THR C 259 -31.50 -33.63 -29.51
CA THR C 259 -31.17 -35.04 -29.66
C THR C 259 -32.32 -35.82 -30.28
N HIS C 260 -33.54 -35.60 -29.78
CA HIS C 260 -34.72 -36.32 -30.24
C HIS C 260 -35.79 -35.34 -30.64
N LEU C 261 -36.50 -35.65 -31.73
CA LEU C 261 -37.58 -34.83 -32.24
C LEU C 261 -38.81 -35.70 -32.45
N LEU C 262 -39.95 -35.22 -31.98
CA LEU C 262 -41.24 -35.92 -32.15
C LEU C 262 -42.18 -35.01 -32.91
N LEU C 263 -42.59 -35.45 -34.10
CA LEU C 263 -43.50 -34.71 -34.96
C LEU C 263 -44.84 -35.41 -34.98
N VAL C 264 -45.92 -34.68 -34.69
CA VAL C 264 -47.26 -35.23 -34.60
C VAL C 264 -48.19 -34.38 -35.45
N ASP C 265 -48.82 -35.01 -36.44
CA ASP C 265 -49.89 -34.35 -37.20
C ASP C 265 -50.67 -35.42 -37.94
N ASN C 266 -51.89 -35.70 -37.48
CA ASN C 266 -52.74 -36.63 -38.21
C ASN C 266 -53.19 -36.06 -39.56
N GLY C 267 -53.05 -34.76 -39.75
CA GLY C 267 -53.47 -34.14 -41.00
C GLY C 267 -53.49 -32.63 -40.86
N CYS C 268 -54.44 -32.01 -41.57
CA CYS C 268 -54.69 -30.58 -41.46
C CYS C 268 -53.42 -29.79 -41.81
N HIS C 269 -53.01 -29.90 -43.07
CA HIS C 269 -51.81 -29.21 -43.54
C HIS C 269 -51.82 -27.72 -43.23
N GLY C 270 -52.99 -27.16 -42.88
CA GLY C 270 -53.04 -25.77 -42.44
C GLY C 270 -52.18 -25.48 -41.22
N HIS C 271 -51.71 -26.52 -40.54
CA HIS C 271 -50.76 -26.39 -39.43
C HIS C 271 -51.40 -25.74 -38.20
N PRO C 272 -52.54 -26.21 -37.73
CA PRO C 272 -53.00 -25.84 -36.39
C PRO C 272 -52.23 -26.61 -35.33
N THR C 273 -52.03 -25.96 -34.18
CA THR C 273 -51.24 -26.57 -33.12
C THR C 273 -51.87 -27.89 -32.68
N VAL C 274 -51.04 -28.94 -32.62
CA VAL C 274 -51.51 -30.27 -32.25
C VAL C 274 -50.73 -30.76 -31.03
N GLU C 275 -49.49 -30.29 -30.87
CA GLU C 275 -48.67 -30.73 -29.75
C GLU C 275 -49.25 -30.32 -28.40
N ALA C 276 -50.09 -29.28 -28.39
CA ALA C 276 -50.65 -28.76 -27.15
C ALA C 276 -51.50 -29.77 -26.40
N LYS C 277 -51.73 -30.96 -26.96
CA LYS C 277 -52.45 -32.03 -26.29
C LYS C 277 -51.57 -33.22 -25.99
N LEU C 278 -50.81 -33.69 -26.99
CA LEU C 278 -49.94 -34.85 -26.78
C LEU C 278 -48.87 -34.53 -25.75
N ARG C 279 -48.30 -33.34 -25.79
CA ARG C 279 -47.25 -32.99 -24.84
C ARG C 279 -47.77 -33.03 -23.41
N ASN C 280 -48.95 -32.44 -23.18
CA ASN C 280 -49.52 -32.45 -21.84
C ASN C 280 -49.88 -33.86 -21.40
N GLN C 281 -50.43 -34.67 -22.30
CA GLN C 281 -50.76 -36.05 -21.93
C GLN C 281 -49.49 -36.81 -21.52
N LEU C 282 -48.41 -36.65 -22.30
CA LEU C 282 -47.16 -37.32 -21.96
C LEU C 282 -46.64 -36.86 -20.61
N GLU C 283 -46.68 -35.54 -20.36
CA GLU C 283 -46.18 -35.03 -19.09
C GLU C 283 -46.99 -35.58 -17.93
N LYS C 284 -48.31 -35.60 -18.07
CA LYS C 284 -49.16 -36.13 -16.99
C LYS C 284 -48.87 -37.61 -16.75
N TYR C 285 -48.77 -38.40 -17.82
CA TYR C 285 -48.52 -39.83 -17.64
C TYR C 285 -47.18 -40.06 -16.97
N ILE C 286 -46.14 -39.35 -17.40
CA ILE C 286 -44.83 -39.52 -16.78
C ILE C 286 -44.87 -39.03 -15.33
N SER C 287 -45.69 -38.02 -15.04
CA SER C 287 -45.87 -37.60 -13.66
C SER C 287 -46.39 -38.74 -12.81
N GLU C 288 -47.39 -39.46 -13.30
CA GLU C 288 -47.92 -40.59 -12.54
C GLU C 288 -46.93 -41.75 -12.47
N ARG C 289 -46.04 -41.86 -13.44
CA ARG C 289 -45.03 -42.93 -13.44
C ARG C 289 -44.22 -42.88 -12.16
N THR C 290 -44.23 -44.00 -11.42
CA THR C 290 -43.55 -44.07 -10.13
C THR C 290 -42.11 -44.54 -10.32
N SER C 291 -41.18 -43.77 -9.77
CA SER C 291 -39.76 -44.12 -9.77
C SER C 291 -39.24 -44.05 -8.35
N GLN C 292 -38.63 -45.14 -7.89
CA GLN C 292 -38.12 -45.22 -6.52
C GLN C 292 -36.70 -44.66 -6.47
N ASP C 293 -36.59 -43.37 -6.75
CA ASP C 293 -35.31 -42.68 -6.73
C ASP C 293 -35.56 -41.18 -6.59
N SER C 294 -34.53 -40.47 -6.17
CA SER C 294 -34.57 -39.02 -6.00
C SER C 294 -35.59 -38.60 -4.96
N ASN C 295 -35.96 -39.50 -4.05
CA ASN C 295 -36.94 -39.23 -3.00
C ASN C 295 -38.20 -38.68 -3.65
N TYR C 296 -38.78 -37.58 -3.15
CA TYR C 296 -40.01 -37.01 -3.70
C TYR C 296 -41.16 -38.03 -3.68
N GLY C 297 -41.19 -38.88 -2.66
CA GLY C 297 -42.27 -39.84 -2.52
C GLY C 297 -42.37 -40.80 -3.69
N GLY C 298 -41.24 -41.23 -4.23
CA GLY C 298 -41.25 -42.17 -5.35
C GLY C 298 -41.93 -41.62 -6.59
N LYS C 299 -41.76 -40.33 -6.86
CA LYS C 299 -42.36 -39.71 -8.03
C LYS C 299 -41.29 -38.93 -8.79
N ILE C 300 -41.70 -38.10 -9.75
CA ILE C 300 -40.75 -37.37 -10.58
C ILE C 300 -41.06 -35.87 -10.50
N PRO C 301 -40.05 -35.00 -10.41
CA PRO C 301 -40.30 -33.57 -10.15
C PRO C 301 -41.28 -32.90 -11.10
N ILE C 302 -41.04 -33.01 -12.42
CA ILE C 302 -41.96 -32.56 -13.47
C ILE C 302 -42.23 -31.07 -13.32
N VAL C 303 -41.17 -30.28 -13.15
CA VAL C 303 -41.34 -28.84 -13.04
C VAL C 303 -41.63 -28.23 -14.40
N CYS C 304 -42.30 -27.07 -14.40
CA CYS C 304 -42.82 -26.44 -15.62
C CYS C 304 -42.30 -25.00 -15.67
N PHE C 305 -41.20 -24.79 -16.40
CA PHE C 305 -40.63 -23.46 -16.54
C PHE C 305 -41.38 -22.69 -17.62
N ALA C 306 -41.79 -21.46 -17.31
CA ALA C 306 -42.55 -20.64 -18.25
C ALA C 306 -42.05 -19.20 -18.19
N GLN C 307 -41.65 -18.66 -19.34
CA GLN C 307 -41.27 -17.26 -19.46
C GLN C 307 -41.81 -16.57 -20.70
N GLY C 308 -42.17 -17.30 -21.74
CA GLY C 308 -42.58 -16.66 -22.98
C GLY C 308 -43.89 -15.91 -22.82
N GLY C 309 -44.08 -14.91 -23.69
CA GLY C 309 -45.26 -14.08 -23.69
C GLY C 309 -46.35 -14.52 -24.63
N GLY C 310 -46.28 -15.74 -25.14
CA GLY C 310 -47.26 -16.21 -26.10
C GLY C 310 -48.60 -16.57 -25.47
N ARG C 311 -49.62 -16.58 -26.32
CA ARG C 311 -50.94 -17.04 -25.91
C ARG C 311 -50.95 -18.54 -25.66
N GLU C 312 -50.37 -19.31 -26.58
CA GLU C 312 -50.28 -20.75 -26.38
C GLU C 312 -49.51 -21.08 -25.12
N THR C 313 -48.61 -20.18 -24.70
CA THR C 313 -47.96 -20.34 -23.41
C THR C 313 -48.98 -20.24 -22.28
N LEU C 314 -49.94 -19.33 -22.40
CA LEU C 314 -50.99 -19.22 -21.40
C LEU C 314 -51.81 -20.50 -21.34
N LYS C 315 -52.20 -21.03 -22.50
CA LYS C 315 -52.97 -22.27 -22.51
C LYS C 315 -52.16 -23.42 -21.92
N ALA C 316 -50.87 -23.48 -22.25
CA ALA C 316 -50.01 -24.54 -21.71
C ALA C 316 -49.90 -24.43 -20.19
N ILE C 317 -49.75 -23.22 -19.67
CA ILE C 317 -49.69 -23.04 -18.22
C ILE C 317 -51.00 -23.47 -17.57
N ASN C 318 -52.13 -23.09 -18.18
CA ASN C 318 -53.41 -23.48 -17.62
C ASN C 318 -53.55 -25.00 -17.55
N THR C 319 -53.22 -25.69 -18.64
CA THR C 319 -53.35 -27.15 -18.63
C THR C 319 -52.36 -27.79 -17.68
N SER C 320 -51.15 -27.23 -17.56
CA SER C 320 -50.18 -27.78 -16.62
C SER C 320 -50.67 -27.64 -15.19
N VAL C 321 -51.21 -26.47 -14.83
CA VAL C 321 -51.70 -26.27 -13.48
C VAL C 321 -52.99 -27.04 -13.24
N LYS C 322 -53.72 -27.42 -14.29
CA LYS C 322 -54.88 -28.29 -14.12
C LYS C 322 -54.49 -29.53 -13.34
N SER C 323 -53.38 -30.16 -13.72
CA SER C 323 -52.77 -31.20 -12.92
C SER C 323 -51.81 -30.58 -11.91
N LYS C 324 -51.31 -31.41 -10.99
CA LYS C 324 -50.45 -30.93 -9.91
C LYS C 324 -49.01 -30.83 -10.41
N ILE C 325 -48.80 -29.89 -11.33
CA ILE C 325 -47.50 -29.59 -11.90
C ILE C 325 -47.10 -28.20 -11.41
N PRO C 326 -46.05 -28.07 -10.61
CA PRO C 326 -45.66 -26.74 -10.07
C PRO C 326 -44.94 -25.85 -11.07
N CYS C 327 -45.73 -25.13 -11.87
CA CYS C 327 -45.15 -24.22 -12.85
C CYS C 327 -44.44 -23.08 -12.13
N VAL C 328 -43.37 -22.57 -12.76
CA VAL C 328 -42.57 -21.48 -12.23
C VAL C 328 -42.39 -20.44 -13.32
N VAL C 329 -42.58 -19.17 -12.95
CA VAL C 329 -42.51 -18.06 -13.88
C VAL C 329 -41.47 -17.07 -13.38
N VAL C 330 -40.93 -16.27 -14.30
CA VAL C 330 -39.96 -15.22 -13.99
C VAL C 330 -40.55 -13.90 -14.43
N GLU C 331 -40.50 -12.90 -13.54
CA GLU C 331 -41.00 -11.56 -13.85
C GLU C 331 -39.95 -10.76 -14.61
N GLY C 332 -39.63 -11.26 -15.81
CA GLY C 332 -38.62 -10.64 -16.64
C GLY C 332 -39.17 -10.06 -17.92
N SER C 333 -38.61 -10.46 -19.05
CA SER C 333 -39.04 -9.91 -20.34
C SER C 333 -40.41 -10.44 -20.75
N GLY C 334 -40.77 -11.64 -20.29
CA GLY C 334 -42.04 -12.23 -20.65
C GLY C 334 -43.24 -11.36 -20.32
N GLN C 335 -44.17 -11.24 -21.25
CA GLN C 335 -45.33 -10.37 -21.06
C GLN C 335 -46.46 -11.09 -20.34
N ILE C 336 -46.93 -12.21 -20.90
CA ILE C 336 -47.92 -13.02 -20.20
C ILE C 336 -47.32 -13.56 -18.91
N ALA C 337 -45.99 -13.63 -18.82
CA ALA C 337 -45.33 -14.06 -17.60
C ALA C 337 -45.27 -12.93 -16.58
N ASP C 338 -44.92 -11.72 -17.02
CA ASP C 338 -44.90 -10.58 -16.12
C ASP C 338 -46.29 -10.27 -15.59
N VAL C 339 -47.34 -10.52 -16.39
CA VAL C 339 -48.70 -10.31 -15.91
C VAL C 339 -48.95 -11.16 -14.67
N ILE C 340 -48.65 -12.46 -14.76
CA ILE C 340 -48.91 -13.36 -13.64
C ILE C 340 -48.00 -13.04 -12.47
N ALA C 341 -46.75 -12.67 -12.76
CA ALA C 341 -45.82 -12.33 -11.69
C ALA C 341 -46.31 -11.11 -10.91
N SER C 342 -46.80 -10.10 -11.62
CA SER C 342 -47.33 -8.91 -10.95
C SER C 342 -48.60 -9.21 -10.18
N LEU C 343 -49.48 -10.03 -10.76
CA LEU C 343 -50.73 -10.35 -10.09
C LEU C 343 -50.48 -11.04 -8.75
N VAL C 344 -49.55 -11.99 -8.71
CA VAL C 344 -49.23 -12.69 -7.48
C VAL C 344 -48.38 -11.80 -6.59
N THR C 351 -59.26 -9.10 -10.37
CA THR C 351 -60.55 -8.92 -11.03
C THR C 351 -60.38 -8.82 -12.54
N SER C 352 -61.49 -8.65 -13.25
CA SER C 352 -61.42 -8.48 -14.70
C SER C 352 -60.67 -7.21 -15.06
N SER C 353 -60.92 -6.11 -14.32
CA SER C 353 -60.22 -4.86 -14.59
C SER C 353 -58.72 -5.02 -14.36
N MET C 354 -58.33 -5.72 -13.31
CA MET C 354 -56.92 -5.91 -13.02
C MET C 354 -56.22 -6.66 -14.17
N VAL C 355 -56.82 -7.77 -14.61
CA VAL C 355 -56.24 -8.53 -15.71
C VAL C 355 -56.19 -7.67 -16.96
N LYS C 356 -57.27 -6.94 -17.25
CA LYS C 356 -57.32 -6.12 -18.46
C LYS C 356 -56.21 -5.08 -18.45
N GLU C 357 -56.08 -4.34 -17.34
CA GLU C 357 -55.07 -3.30 -17.27
C GLU C 357 -53.67 -3.88 -17.35
N LYS C 358 -53.43 -5.02 -16.69
CA LYS C 358 -52.11 -5.63 -16.74
C LYS C 358 -51.75 -6.04 -18.17
N LEU C 359 -52.66 -6.72 -18.85
CA LEU C 359 -52.35 -7.21 -20.19
C LEU C 359 -52.29 -6.08 -21.21
N VAL C 360 -53.02 -4.98 -20.97
CA VAL C 360 -52.90 -3.81 -21.83
C VAL C 360 -51.55 -3.15 -21.62
N ARG C 361 -51.12 -3.02 -20.37
CA ARG C 361 -49.83 -2.40 -20.07
C ARG C 361 -48.69 -3.20 -20.67
N PHE C 362 -48.74 -4.52 -20.53
CA PHE C 362 -47.65 -5.36 -21.00
C PHE C 362 -47.82 -5.81 -22.45
N LEU C 363 -49.05 -5.90 -22.94
CA LEU C 363 -49.33 -6.31 -24.32
C LEU C 363 -50.32 -5.35 -24.95
N PRO C 364 -49.92 -4.10 -25.17
CA PRO C 364 -50.83 -3.13 -25.80
C PRO C 364 -51.13 -3.46 -27.26
N ARG C 365 -50.09 -3.69 -28.05
CA ARG C 365 -50.31 -4.04 -29.45
C ARG C 365 -50.98 -5.39 -29.59
N THR C 366 -50.57 -6.36 -28.77
CA THR C 366 -51.15 -7.70 -28.86
C THR C 366 -52.63 -7.68 -28.48
N VAL C 367 -52.98 -6.97 -27.40
CA VAL C 367 -54.38 -6.89 -27.01
C VAL C 367 -55.18 -6.09 -28.03
N SER C 368 -54.57 -5.03 -28.59
CA SER C 368 -55.25 -4.27 -29.62
C SER C 368 -55.59 -5.15 -30.82
N ARG C 369 -54.65 -6.00 -31.24
CA ARG C 369 -54.93 -6.94 -32.31
C ARG C 369 -55.89 -8.04 -31.85
N LEU C 370 -55.85 -8.39 -30.57
CA LEU C 370 -56.70 -9.47 -30.08
C LEU C 370 -58.17 -9.06 -30.13
N PRO C 371 -59.07 -9.99 -30.48
CA PRO C 371 -60.50 -9.66 -30.49
C PRO C 371 -61.09 -9.66 -29.09
N GLU C 372 -62.33 -9.15 -29.01
CA GLU C 372 -63.02 -9.09 -27.72
C GLU C 372 -63.31 -10.48 -27.18
N GLU C 373 -63.67 -11.42 -28.07
CA GLU C 373 -64.04 -12.76 -27.61
C GLU C 373 -62.86 -13.45 -26.93
N GLU C 374 -61.66 -13.31 -27.49
CA GLU C 374 -60.49 -13.95 -26.90
C GLU C 374 -60.16 -13.38 -25.52
N ILE C 375 -60.60 -12.15 -25.23
CA ILE C 375 -60.31 -11.55 -23.94
C ILE C 375 -60.99 -12.32 -22.82
N GLU C 376 -62.21 -12.82 -23.07
CA GLU C 376 -62.90 -13.61 -22.06
C GLU C 376 -62.11 -14.87 -21.73
N SER C 377 -61.61 -15.57 -22.75
CA SER C 377 -60.80 -16.76 -22.53
C SER C 377 -59.52 -16.41 -21.79
N TRP C 378 -58.87 -15.31 -22.16
CA TRP C 378 -57.64 -14.92 -21.50
C TRP C 378 -57.89 -14.64 -20.02
N ILE C 379 -58.97 -13.91 -19.71
CA ILE C 379 -59.27 -13.59 -18.32
C ILE C 379 -59.60 -14.85 -17.55
N LYS C 380 -60.33 -15.77 -18.17
CA LYS C 380 -60.67 -17.02 -17.50
C LYS C 380 -59.41 -17.84 -17.19
N TRP C 381 -58.50 -17.93 -18.15
CA TRP C 381 -57.26 -18.68 -17.91
C TRP C 381 -56.42 -18.01 -16.83
N LEU C 382 -56.35 -16.68 -16.84
CA LEU C 382 -55.59 -15.98 -15.81
C LEU C 382 -56.20 -16.20 -14.43
N LYS C 383 -57.53 -16.17 -14.34
CA LYS C 383 -58.18 -16.45 -13.06
C LYS C 383 -57.90 -17.87 -12.60
N GLU C 384 -57.96 -18.84 -13.52
CA GLU C 384 -57.65 -20.21 -13.16
C GLU C 384 -56.23 -20.35 -12.64
N ILE C 385 -55.28 -19.69 -13.30
CA ILE C 385 -53.89 -19.77 -12.87
C ILE C 385 -53.71 -19.14 -11.50
N LEU C 386 -54.28 -17.95 -11.30
CA LEU C 386 -54.16 -17.26 -10.01
C LEU C 386 -54.97 -17.94 -8.91
N GLU C 387 -55.86 -18.86 -9.26
CA GLU C 387 -56.63 -19.56 -8.23
C GLU C 387 -55.73 -20.32 -7.27
N SER C 388 -54.73 -21.01 -7.81
CA SER C 388 -53.78 -21.79 -7.02
C SER C 388 -52.42 -21.12 -7.07
N SER C 389 -51.87 -20.83 -5.89
CA SER C 389 -50.53 -20.24 -5.79
C SER C 389 -49.50 -21.19 -5.22
N HIS C 390 -49.92 -22.28 -4.56
CA HIS C 390 -48.96 -23.25 -4.05
C HIS C 390 -48.22 -23.94 -5.19
N LEU C 391 -48.88 -24.13 -6.33
CA LEU C 391 -48.20 -24.73 -7.48
C LEU C 391 -47.37 -23.70 -8.23
N LEU C 392 -47.92 -22.51 -8.46
CA LEU C 392 -47.22 -21.47 -9.20
C LEU C 392 -46.17 -20.80 -8.32
N THR C 393 -45.03 -20.50 -8.92
CA THR C 393 -43.94 -19.82 -8.23
C THR C 393 -43.38 -18.74 -9.13
N VAL C 394 -42.77 -17.72 -8.51
CA VAL C 394 -42.26 -16.56 -9.22
C VAL C 394 -40.80 -16.34 -8.86
N ILE C 395 -40.08 -15.69 -9.77
CA ILE C 395 -38.69 -15.30 -9.57
C ILE C 395 -38.62 -13.78 -9.59
N LYS C 396 -38.10 -13.20 -8.53
CA LYS C 396 -38.01 -11.74 -8.44
C LYS C 396 -36.90 -11.21 -9.33
N MET C 397 -37.10 -9.99 -9.82
CA MET C 397 -36.10 -9.35 -10.67
C MET C 397 -34.91 -8.84 -9.85
N GLU C 398 -35.14 -8.49 -8.58
CA GLU C 398 -34.06 -7.98 -7.76
C GLU C 398 -32.98 -9.03 -7.53
N GLU C 399 -33.38 -10.28 -7.33
CA GLU C 399 -32.44 -11.35 -7.05
C GLU C 399 -31.46 -11.54 -8.20
N ALA C 400 -30.19 -11.22 -7.98
CA ALA C 400 -29.14 -11.37 -8.98
C ALA C 400 -28.18 -12.51 -8.64
N GLY C 401 -28.57 -13.40 -7.73
CA GLY C 401 -27.69 -14.49 -7.35
C GLY C 401 -27.49 -15.48 -8.46
N ASP C 402 -26.40 -16.25 -8.35
CA ASP C 402 -26.06 -17.23 -9.37
C ASP C 402 -26.95 -18.47 -9.32
N GLU C 403 -27.48 -18.80 -8.14
CA GLU C 403 -28.27 -20.01 -7.95
C GLU C 403 -29.75 -19.74 -7.77
N ILE C 404 -30.24 -18.61 -8.28
CA ILE C 404 -31.65 -18.27 -8.13
C ILE C 404 -32.52 -19.28 -8.88
N VAL C 405 -32.03 -19.79 -10.01
CA VAL C 405 -32.80 -20.76 -10.78
C VAL C 405 -33.05 -22.02 -9.95
N SER C 406 -31.97 -22.55 -9.37
CA SER C 406 -32.10 -23.75 -8.54
C SER C 406 -32.96 -23.48 -7.32
N ASN C 407 -32.83 -22.29 -6.74
CA ASN C 407 -33.67 -21.93 -5.60
C ASN C 407 -35.14 -21.94 -5.98
N ALA C 408 -35.48 -21.37 -7.13
CA ALA C 408 -36.87 -21.33 -7.56
C ALA C 408 -37.41 -22.74 -7.77
N ILE C 409 -36.66 -23.58 -8.50
CA ILE C 409 -37.13 -24.92 -8.77
C ILE C 409 -37.29 -25.71 -7.47
N SER C 410 -36.30 -25.60 -6.58
CA SER C 410 -36.35 -26.34 -5.32
C SER C 410 -37.53 -25.90 -4.47
N TYR C 411 -37.76 -24.58 -4.39
CA TYR C 411 -38.88 -24.10 -3.60
C TYR C 411 -40.21 -24.55 -4.18
N ALA C 412 -40.33 -24.54 -5.52
CA ALA C 412 -41.57 -24.97 -6.14
C ALA C 412 -41.83 -26.45 -5.84
N LEU C 413 -40.81 -27.30 -5.97
CA LEU C 413 -40.99 -28.72 -5.68
C LEU C 413 -41.29 -28.94 -4.20
N TYR C 414 -40.63 -28.19 -3.32
CA TYR C 414 -40.90 -28.31 -1.89
C TYR C 414 -42.34 -27.94 -1.56
N LYS C 415 -42.85 -26.87 -2.16
CA LYS C 415 -44.24 -26.48 -1.95
C LYS C 415 -45.19 -27.54 -2.48
N ALA C 416 -44.88 -28.10 -3.66
CA ALA C 416 -45.73 -29.15 -4.21
C ALA C 416 -45.77 -30.36 -3.29
N PHE C 417 -44.62 -30.76 -2.76
CA PHE C 417 -44.57 -31.93 -1.89
C PHE C 417 -45.32 -31.67 -0.59
N SER C 418 -45.07 -30.52 0.05
CA SER C 418 -45.66 -30.26 1.36
C SER C 418 -47.18 -30.16 1.27
N THR C 419 -47.69 -29.48 0.24
CA THR C 419 -49.13 -29.27 0.11
C THR C 419 -49.86 -30.45 -0.52
N ASN C 420 -49.13 -31.50 -0.92
CA ASN C 420 -49.79 -32.67 -1.50
C ASN C 420 -50.77 -33.29 -0.51
N GLU C 421 -50.42 -33.30 0.77
CA GLU C 421 -51.18 -33.87 1.88
C GLU C 421 -51.04 -35.39 1.93
N GLN C 422 -50.48 -36.03 0.90
CA GLN C 422 -50.21 -37.45 0.98
C GLN C 422 -48.98 -37.74 1.84
N ASP C 423 -47.97 -36.87 1.76
CA ASP C 423 -46.76 -36.99 2.55
C ASP C 423 -46.51 -35.72 3.35
N LYS C 424 -47.57 -34.97 3.69
CA LYS C 424 -47.39 -33.77 4.49
C LYS C 424 -46.83 -34.09 5.86
N ASP C 425 -47.30 -35.17 6.47
CA ASP C 425 -46.81 -35.56 7.79
C ASP C 425 -45.34 -36.01 7.75
N ASN C 426 -44.84 -36.40 6.58
CA ASN C 426 -43.46 -36.88 6.48
C ASN C 426 -42.47 -35.79 6.89
N TRP C 427 -41.77 -36.02 8.00
CA TRP C 427 -40.67 -35.16 8.40
C TRP C 427 -39.34 -35.67 7.87
N ASN C 428 -39.27 -36.93 7.46
CA ASN C 428 -38.03 -37.52 6.95
C ASN C 428 -37.90 -37.36 5.44
N GLY C 429 -38.95 -37.71 4.69
CA GLY C 429 -38.91 -37.52 3.24
C GLY C 429 -38.79 -36.06 2.87
N GLN C 430 -39.47 -35.19 3.60
CA GLN C 430 -39.36 -33.76 3.35
C GLN C 430 -37.92 -33.29 3.55
N LEU C 431 -37.28 -33.75 4.62
CA LEU C 431 -35.89 -33.40 4.88
C LEU C 431 -34.97 -33.95 3.80
N LYS C 432 -35.21 -35.18 3.36
CA LYS C 432 -34.38 -35.77 2.32
C LYS C 432 -34.50 -34.99 1.02
N LEU C 433 -35.73 -34.59 0.66
CA LEU C 433 -35.92 -33.80 -0.54
C LEU C 433 -35.20 -32.46 -0.43
N LEU C 434 -35.34 -31.80 0.71
CA LEU C 434 -34.64 -30.53 0.89
C LEU C 434 -33.13 -30.70 0.93
N LEU C 435 -32.64 -31.89 1.27
CA LEU C 435 -31.22 -32.17 1.22
C LEU C 435 -30.74 -32.39 -0.21
N GLU C 436 -31.56 -33.03 -1.05
CA GLU C 436 -31.16 -33.27 -2.42
C GLU C 436 -30.75 -31.98 -3.11
N TRP C 437 -31.58 -30.94 -2.98
CA TRP C 437 -31.23 -29.61 -3.46
C TRP C 437 -30.62 -28.82 -2.30
N ASN C 438 -29.49 -28.17 -2.57
CA ASN C 438 -28.71 -27.53 -1.50
C ASN C 438 -29.45 -26.28 -1.03
N GLN C 439 -30.48 -26.51 -0.23
CA GLN C 439 -31.27 -25.45 0.39
C GLN C 439 -31.17 -25.61 1.90
N LEU C 440 -30.28 -24.82 2.53
CA LEU C 440 -30.02 -24.95 3.96
C LEU C 440 -30.99 -24.13 4.80
N ASP C 441 -31.26 -22.89 4.40
CA ASP C 441 -32.13 -22.03 5.19
C ASP C 441 -33.53 -22.62 5.32
N LEU C 442 -34.08 -23.15 4.22
CA LEU C 442 -35.41 -23.75 4.26
C LEU C 442 -35.43 -24.95 5.21
N ALA C 443 -34.41 -25.80 5.13
CA ALA C 443 -34.37 -26.97 6.01
C ALA C 443 -34.27 -26.55 7.46
N SER C 444 -33.45 -25.55 7.76
CA SER C 444 -33.31 -25.08 9.14
C SER C 444 -34.62 -24.50 9.66
N ASP C 445 -35.28 -23.67 8.85
CA ASP C 445 -36.45 -22.94 9.33
C ASP C 445 -37.69 -23.84 9.41
N GLU C 446 -37.90 -24.70 8.42
CA GLU C 446 -39.15 -25.44 8.31
C GLU C 446 -39.07 -26.82 8.95
N ILE C 447 -38.13 -27.65 8.51
CA ILE C 447 -38.10 -29.04 8.95
C ILE C 447 -37.91 -29.12 10.46
N PHE C 448 -36.78 -28.61 10.95
CA PHE C 448 -36.48 -28.71 12.37
C PHE C 448 -37.30 -27.70 13.17
N THR C 449 -37.10 -26.41 12.93
CA THR C 449 -37.84 -25.37 13.62
C THR C 449 -37.85 -25.61 15.12
N ASN C 450 -39.01 -25.94 15.68
CA ASN C 450 -39.12 -26.24 17.11
C ASN C 450 -40.40 -27.03 17.34
N ASP C 451 -40.50 -27.63 18.52
CA ASP C 451 -41.67 -28.39 18.93
C ASP C 451 -41.81 -29.68 18.13
N ARG C 452 -40.69 -30.26 17.70
CA ARG C 452 -40.68 -31.52 16.98
C ARG C 452 -39.72 -32.47 17.67
N ARG C 453 -40.20 -33.66 18.00
CA ARG C 453 -39.41 -34.64 18.75
C ARG C 453 -38.76 -35.62 17.78
N TRP C 454 -37.87 -35.08 16.94
CA TRP C 454 -37.12 -35.91 16.01
C TRP C 454 -36.15 -36.83 16.74
N GLU C 455 -35.55 -36.35 17.82
CA GLU C 455 -34.61 -37.13 18.61
C GLU C 455 -33.29 -37.28 17.88
N SER C 456 -32.29 -37.88 18.54
CA SER C 456 -30.97 -38.01 17.96
C SER C 456 -30.86 -39.18 16.98
N ALA C 457 -31.83 -40.08 16.96
CA ALA C 457 -31.79 -41.23 16.08
C ALA C 457 -32.50 -40.98 14.74
N ASP C 458 -33.19 -39.85 14.60
CA ASP C 458 -33.92 -39.59 13.37
C ASP C 458 -33.03 -39.06 12.25
N LEU C 459 -31.86 -38.52 12.57
CA LEU C 459 -30.97 -37.93 11.59
C LEU C 459 -29.93 -38.91 11.05
N GLN C 460 -29.93 -40.16 11.53
CA GLN C 460 -28.91 -41.13 11.14
C GLN C 460 -28.76 -41.19 9.61
N GLU C 461 -29.82 -41.65 8.93
CA GLU C 461 -29.71 -41.95 7.50
C GLU C 461 -29.53 -40.69 6.67
N VAL C 462 -30.24 -39.61 7.01
CA VAL C 462 -30.14 -38.38 6.24
C VAL C 462 -28.74 -37.79 6.39
N MET C 463 -28.16 -37.87 7.60
CA MET C 463 -26.81 -37.37 7.80
C MET C 463 -25.79 -38.25 7.07
N PHE C 464 -26.02 -39.56 7.03
CA PHE C 464 -25.19 -40.45 6.22
C PHE C 464 -25.22 -39.99 4.76
N THR C 465 -26.41 -39.75 4.24
CA THR C 465 -26.54 -39.31 2.85
C THR C 465 -25.87 -37.96 2.64
N ALA C 466 -25.97 -37.06 3.61
CA ALA C 466 -25.31 -35.76 3.50
C ALA C 466 -23.80 -35.92 3.43
N LEU C 467 -23.25 -36.80 4.27
CA LEU C 467 -21.82 -37.09 4.20
C LEU C 467 -21.44 -37.63 2.83
N ILE C 468 -22.26 -38.54 2.30
CA ILE C 468 -21.96 -39.12 0.99
C ILE C 468 -21.98 -38.04 -0.09
N LYS C 469 -22.95 -37.12 -0.02
CA LYS C 469 -23.20 -36.16 -1.08
C LYS C 469 -22.39 -34.87 -0.91
N ASP C 470 -21.52 -34.78 0.10
CA ASP C 470 -20.66 -33.61 0.30
C ASP C 470 -21.50 -32.34 0.47
N ARG C 471 -22.27 -32.34 1.57
CA ARG C 471 -23.12 -31.21 1.96
C ARG C 471 -22.59 -30.66 3.28
N PRO C 472 -21.52 -29.86 3.25
CA PRO C 472 -20.91 -29.41 4.51
C PRO C 472 -21.86 -28.64 5.40
N LYS C 473 -22.66 -27.73 4.83
CA LYS C 473 -23.57 -26.93 5.64
C LYS C 473 -24.63 -27.80 6.30
N PHE C 474 -25.17 -28.76 5.56
CA PHE C 474 -26.15 -29.67 6.13
C PHE C 474 -25.52 -30.54 7.22
N VAL C 475 -24.27 -30.96 7.02
CA VAL C 475 -23.58 -31.73 8.05
C VAL C 475 -23.45 -30.91 9.32
N ARG C 476 -23.04 -29.65 9.18
CA ARG C 476 -22.91 -28.78 10.34
C ARG C 476 -24.25 -28.59 11.04
N LEU C 477 -25.31 -28.39 10.25
CA LEU C 477 -26.63 -28.18 10.82
C LEU C 477 -27.08 -29.43 11.59
N PHE C 478 -26.89 -30.61 11.01
CA PHE C 478 -27.26 -31.84 11.69
C PHE C 478 -26.49 -32.00 12.98
N LEU C 479 -25.18 -31.72 12.95
CA LEU C 479 -24.36 -31.89 14.15
C LEU C 479 -24.80 -30.93 15.25
N GLU C 480 -25.01 -29.66 14.90
CA GLU C 480 -25.30 -28.65 15.91
C GLU C 480 -26.74 -28.66 16.37
N ASN C 481 -27.65 -29.30 15.62
CA ASN C 481 -29.06 -29.26 15.98
C ASN C 481 -29.44 -30.36 16.97
N GLY C 482 -28.53 -31.25 17.32
CA GLY C 482 -28.82 -32.25 18.34
C GLY C 482 -28.23 -33.62 18.07
N LEU C 483 -27.66 -33.83 16.88
CA LEU C 483 -27.09 -35.13 16.56
C LEU C 483 -25.89 -35.42 17.46
N ASN C 484 -25.79 -36.66 17.90
CA ASN C 484 -24.67 -37.14 18.72
C ASN C 484 -23.68 -37.85 17.80
N LEU C 485 -22.60 -37.15 17.44
CA LEU C 485 -21.62 -37.72 16.52
C LEU C 485 -20.92 -38.92 17.15
N GLN C 486 -20.63 -38.86 18.45
CA GLN C 486 -19.95 -39.96 19.11
C GLN C 486 -20.76 -41.24 18.98
N LYS C 487 -22.07 -41.16 19.24
CA LYS C 487 -22.93 -42.33 19.05
C LYS C 487 -23.13 -42.64 17.57
N PHE C 488 -23.13 -41.61 16.72
CA PHE C 488 -23.28 -41.82 15.29
C PHE C 488 -22.24 -42.79 14.76
N LEU C 489 -20.96 -42.48 14.98
CA LEU C 489 -19.88 -43.31 14.48
C LEU C 489 -19.90 -44.67 15.16
N THR C 490 -20.24 -45.71 14.42
CA THR C 490 -20.29 -47.08 14.92
C THR C 490 -19.46 -47.97 14.01
N ASN C 491 -19.04 -49.11 14.55
CA ASN C 491 -18.16 -50.01 13.82
C ASN C 491 -18.76 -50.38 12.46
N GLU C 492 -20.04 -50.75 12.44
CA GLU C 492 -20.68 -51.10 11.18
C GLU C 492 -20.74 -49.89 10.25
N VAL C 493 -21.08 -48.72 10.78
CA VAL C 493 -21.18 -47.52 9.95
C VAL C 493 -19.83 -47.18 9.34
N LEU C 494 -18.77 -47.22 10.16
CA LEU C 494 -17.44 -46.90 9.65
C LEU C 494 -16.97 -47.93 8.65
N THR C 495 -17.28 -49.21 8.88
CA THR C 495 -16.89 -50.23 7.93
C THR C 495 -17.58 -50.01 6.59
N GLU C 496 -18.88 -49.71 6.62
CA GLU C 496 -19.60 -49.46 5.37
C GLU C 496 -19.11 -48.19 4.69
N LEU C 497 -18.66 -47.21 5.47
CA LEU C 497 -18.18 -45.96 4.91
C LEU C 497 -16.82 -46.12 4.24
N PHE C 498 -15.89 -46.81 4.90
CA PHE C 498 -14.55 -46.97 4.34
C PHE C 498 -14.49 -48.03 3.26
N SER C 499 -15.31 -49.08 3.37
CA SER C 499 -15.19 -50.21 2.45
C SER C 499 -15.51 -49.80 1.01
N THR C 500 -16.57 -49.03 0.81
CA THR C 500 -17.09 -48.75 -0.52
C THR C 500 -16.94 -47.30 -0.95
N HIS C 501 -17.37 -46.34 -0.13
CA HIS C 501 -17.37 -44.95 -0.55
C HIS C 501 -15.96 -44.42 -0.77
N PHE C 502 -14.93 -45.10 -0.27
CA PHE C 502 -13.56 -44.68 -0.53
C PHE C 502 -13.30 -44.70 -2.03
N SER C 503 -12.94 -43.55 -2.59
CA SER C 503 -12.68 -43.44 -4.02
C SER C 503 -11.62 -44.46 -4.45
N THR C 504 -11.92 -45.19 -5.53
CA THR C 504 -10.98 -46.21 -6.00
C THR C 504 -9.67 -45.59 -6.45
N LEU C 505 -9.74 -44.44 -7.13
CA LEU C 505 -8.52 -43.73 -7.50
C LEU C 505 -7.71 -43.37 -6.25
N VAL C 506 -8.37 -42.79 -5.26
CA VAL C 506 -7.69 -42.42 -4.03
C VAL C 506 -7.18 -43.67 -3.31
N TYR C 507 -7.95 -44.75 -3.36
CA TYR C 507 -7.50 -45.99 -2.74
C TYR C 507 -6.21 -46.50 -3.37
N ARG C 508 -6.15 -46.52 -4.70
CA ARG C 508 -4.95 -46.97 -5.38
C ARG C 508 -3.78 -46.04 -5.09
N ASN C 509 -4.02 -44.74 -5.10
CA ASN C 509 -2.95 -43.78 -4.82
C ASN C 509 -2.41 -43.97 -3.41
N LEU C 510 -3.30 -44.16 -2.43
CA LEU C 510 -2.87 -44.38 -1.05
C LEU C 510 -2.08 -45.67 -0.93
N GLN C 511 -2.54 -46.74 -1.59
CA GLN C 511 -1.79 -47.99 -1.55
C GLN C 511 -0.40 -47.82 -2.14
N ILE C 512 -0.30 -47.13 -3.27
CA ILE C 512 1.00 -46.91 -3.90
C ILE C 512 1.91 -46.10 -2.97
N ALA C 513 1.37 -45.04 -2.38
CA ALA C 513 2.18 -44.20 -1.49
C ALA C 513 2.66 -44.98 -0.28
N LYS C 514 1.77 -45.78 0.32
CA LYS C 514 2.16 -46.56 1.49
C LYS C 514 3.21 -47.61 1.14
N ASN C 515 3.07 -48.24 -0.03
CA ASN C 515 3.99 -49.30 -0.41
C ASN C 515 5.37 -48.76 -0.78
N SER C 516 5.42 -47.59 -1.40
CA SER C 516 6.67 -47.09 -1.98
C SER C 516 7.43 -46.20 -1.02
N TYR C 517 6.84 -45.09 -0.61
CA TYR C 517 7.55 -44.11 0.22
C TYR C 517 7.48 -44.50 1.70
N ASN C 518 6.28 -44.64 2.23
CA ASN C 518 6.07 -45.05 3.61
C ASN C 518 6.58 -43.98 4.57
N ASP C 519 6.17 -44.09 5.83
CA ASP C 519 6.58 -43.14 6.87
C ASP C 519 6.01 -43.56 8.21
N ALA C 520 6.37 -42.84 9.28
CA ALA C 520 5.88 -43.19 10.61
C ALA C 520 4.36 -43.13 10.69
N LEU C 521 3.74 -42.22 9.93
CA LEU C 521 2.29 -42.05 9.94
C LEU C 521 1.61 -42.63 8.71
N LEU C 522 2.32 -42.71 7.58
CA LEU C 522 1.75 -43.28 6.38
C LEU C 522 1.32 -44.73 6.60
N THR C 523 2.21 -45.52 7.19
CA THR C 523 1.89 -46.92 7.47
C THR C 523 0.71 -47.02 8.43
N PHE C 524 0.68 -46.16 9.45
CA PHE C 524 -0.41 -46.20 10.41
C PHE C 524 -1.75 -45.92 9.75
N VAL C 525 -1.82 -44.86 8.94
CA VAL C 525 -3.09 -44.51 8.30
C VAL C 525 -3.49 -45.59 7.30
N TRP C 526 -2.53 -46.12 6.54
CA TRP C 526 -2.85 -47.19 5.61
C TRP C 526 -3.39 -48.42 6.33
N LYS C 527 -2.76 -48.78 7.46
CA LYS C 527 -3.22 -49.94 8.22
C LYS C 527 -4.62 -49.72 8.75
N LEU C 528 -4.91 -48.52 9.27
CA LEU C 528 -6.25 -48.23 9.76
C LEU C 528 -7.27 -48.33 8.64
N VAL C 529 -6.94 -47.77 7.47
CA VAL C 529 -7.88 -47.81 6.34
C VAL C 529 -8.13 -49.25 5.92
N ALA C 530 -7.06 -50.05 5.80
CA ALA C 530 -7.22 -51.44 5.38
C ALA C 530 -8.01 -52.23 6.41
N ASN C 531 -7.77 -51.98 7.69
CA ASN C 531 -8.54 -52.66 8.74
C ASN C 531 -10.01 -52.35 8.63
N PHE C 532 -10.36 -51.07 8.44
CA PHE C 532 -11.77 -50.72 8.33
C PHE C 532 -12.39 -51.31 7.07
N ARG C 533 -11.67 -51.31 5.96
CA ARG C 533 -12.20 -51.89 4.73
C ARG C 533 -12.45 -53.38 4.89
N ARG C 534 -11.49 -54.10 5.48
CA ARG C 534 -11.64 -55.53 5.67
C ARG C 534 -12.80 -55.85 6.61
N SER C 535 -12.93 -55.10 7.70
CA SER C 535 -13.98 -55.33 8.67
C SER C 535 -14.26 -54.06 9.48
N THR C 558 -7.63 -46.38 23.22
CA THR C 558 -9.02 -46.21 22.83
C THR C 558 -9.19 -46.47 21.33
N ARG C 559 -10.32 -46.04 20.77
CA ARG C 559 -10.67 -46.33 19.39
C ARG C 559 -10.36 -45.17 18.45
N HIS C 560 -10.79 -43.95 18.79
CA HIS C 560 -10.57 -42.78 17.97
C HIS C 560 -11.27 -42.92 16.62
N PRO C 561 -12.60 -43.03 16.60
CA PRO C 561 -13.31 -43.12 15.32
C PRO C 561 -13.45 -41.78 14.63
N LEU C 562 -13.57 -40.71 15.43
CA LEU C 562 -13.69 -39.37 14.85
C LEU C 562 -12.44 -39.01 14.06
N GLN C 563 -11.27 -39.42 14.53
CA GLN C 563 -10.06 -39.23 13.76
C GLN C 563 -10.12 -39.97 12.44
N ALA C 564 -10.69 -41.18 12.45
CA ALA C 564 -10.84 -41.93 11.20
C ALA C 564 -11.75 -41.19 10.23
N LEU C 565 -12.85 -40.64 10.73
CA LEU C 565 -13.74 -39.87 9.86
C LEU C 565 -13.04 -38.64 9.30
N PHE C 566 -12.24 -37.96 10.13
CA PHE C 566 -11.51 -36.80 9.67
C PHE C 566 -10.51 -37.19 8.59
N ILE C 567 -9.82 -38.31 8.77
CA ILE C 567 -8.89 -38.80 7.75
C ILE C 567 -9.63 -39.10 6.46
N TRP C 568 -10.80 -39.74 6.56
CA TRP C 568 -11.59 -40.04 5.38
C TRP C 568 -11.97 -38.77 4.64
N ALA C 569 -12.41 -37.75 5.38
CA ALA C 569 -12.78 -36.49 4.75
C ALA C 569 -11.59 -35.82 4.07
N ILE C 570 -10.43 -35.84 4.73
CA ILE C 570 -9.26 -35.19 4.16
C ILE C 570 -8.82 -35.88 2.88
N LEU C 571 -8.73 -37.21 2.92
CA LEU C 571 -8.11 -37.96 1.83
C LEU C 571 -8.83 -37.76 0.50
N GLN C 572 -10.09 -37.33 0.50
CA GLN C 572 -10.83 -37.09 -0.71
C GLN C 572 -10.93 -35.61 -1.06
N ASN C 573 -10.14 -34.76 -0.40
CA ASN C 573 -10.03 -33.34 -0.74
C ASN C 573 -11.37 -32.62 -0.59
N LYS C 574 -11.89 -32.65 0.62
CA LYS C 574 -13.10 -31.91 1.00
C LYS C 574 -12.71 -30.86 2.02
N LYS C 575 -12.59 -29.60 1.58
CA LYS C 575 -12.11 -28.54 2.46
C LYS C 575 -13.11 -28.26 3.57
N GLU C 576 -14.36 -27.95 3.20
CA GLU C 576 -15.33 -27.53 4.21
C GLU C 576 -15.72 -28.68 5.13
N LEU C 577 -15.91 -29.88 4.57
CA LEU C 577 -16.25 -31.02 5.41
C LEU C 577 -15.10 -31.38 6.32
N SER C 578 -13.86 -31.29 5.83
CA SER C 578 -12.71 -31.55 6.67
C SER C 578 -12.65 -30.58 7.84
N LYS C 579 -12.88 -29.29 7.57
CA LYS C 579 -12.90 -28.31 8.65
C LYS C 579 -14.02 -28.59 9.64
N VAL C 580 -15.20 -28.95 9.14
CA VAL C 580 -16.33 -29.22 10.02
C VAL C 580 -16.01 -30.38 10.95
N ILE C 581 -15.40 -31.44 10.42
CA ILE C 581 -15.04 -32.57 11.25
C ILE C 581 -13.92 -32.19 12.22
N TRP C 582 -12.96 -31.39 11.75
CA TRP C 582 -11.85 -30.97 12.61
C TRP C 582 -12.36 -30.21 13.82
N GLU C 583 -13.43 -29.42 13.64
CA GLU C 583 -13.97 -28.66 14.76
C GLU C 583 -14.50 -29.55 15.88
N GLN C 584 -14.60 -30.86 15.67
CA GLN C 584 -15.15 -31.78 16.67
C GLN C 584 -14.08 -32.57 17.42
N THR C 585 -12.91 -32.76 16.82
CA THR C 585 -11.87 -33.58 17.46
C THR C 585 -11.44 -32.99 18.79
N LYS C 586 -11.15 -33.87 19.75
CA LYS C 586 -10.66 -33.41 21.05
C LYS C 586 -9.27 -32.80 20.92
N GLY C 587 -8.36 -33.50 20.24
CA GLY C 587 -7.03 -32.98 19.99
C GLY C 587 -6.89 -32.50 18.56
N CYS C 588 -6.77 -31.20 18.38
CA CYS C 588 -6.85 -30.58 17.06
C CYS C 588 -5.50 -30.10 16.52
N THR C 589 -4.69 -29.44 17.33
CA THR C 589 -3.38 -29.00 16.86
C THR C 589 -2.59 -30.16 16.29
N LEU C 590 -2.54 -31.27 17.02
CA LEU C 590 -1.89 -32.46 16.51
C LEU C 590 -2.60 -32.96 15.26
N ALA C 591 -3.93 -32.94 15.26
CA ALA C 591 -4.68 -33.37 14.08
C ALA C 591 -4.38 -32.48 12.89
N ALA C 592 -4.34 -31.17 13.10
CA ALA C 592 -4.06 -30.25 11.99
C ALA C 592 -2.65 -30.48 11.45
N LEU C 593 -1.67 -30.64 12.32
CA LEU C 593 -0.31 -30.89 11.85
C LEU C 593 -0.22 -32.20 11.08
N GLY C 594 -0.88 -33.25 11.58
CA GLY C 594 -0.88 -34.52 10.88
C GLY C 594 -1.55 -34.42 9.52
N ALA C 595 -2.66 -33.68 9.44
CA ALA C 595 -3.33 -33.50 8.16
C ALA C 595 -2.44 -32.75 7.19
N SER C 596 -1.77 -31.69 7.66
CA SER C 596 -0.87 -30.96 6.78
C SER C 596 0.26 -31.86 6.29
N LYS C 597 0.83 -32.68 7.18
CA LYS C 597 1.88 -33.60 6.79
C LYS C 597 1.38 -34.59 5.74
N LEU C 598 0.19 -35.14 5.95
CA LEU C 598 -0.38 -36.10 5.01
C LEU C 598 -0.59 -35.47 3.65
N LEU C 599 -1.15 -34.26 3.63
CA LEU C 599 -1.35 -33.56 2.36
C LEU C 599 -0.02 -33.27 1.68
N LYS C 600 0.99 -32.86 2.45
CA LYS C 600 2.29 -32.54 1.86
C LYS C 600 2.92 -33.78 1.24
N THR C 601 2.81 -34.93 1.91
CA THR C 601 3.41 -36.14 1.37
C THR C 601 2.61 -36.71 0.20
N LEU C 602 1.29 -36.48 0.16
CA LEU C 602 0.48 -36.98 -0.93
C LEU C 602 0.45 -36.06 -2.14
N ALA C 603 0.81 -34.79 -1.98
CA ALA C 603 0.75 -33.87 -3.10
C ALA C 603 1.86 -34.11 -4.11
N LYS C 604 3.06 -34.48 -3.63
CA LYS C 604 4.19 -34.65 -4.53
C LYS C 604 3.94 -35.76 -5.55
N VAL C 605 3.33 -36.87 -5.10
CA VAL C 605 3.15 -38.01 -6.00
C VAL C 605 2.25 -37.63 -7.17
N LYS C 606 1.16 -36.91 -6.90
CA LYS C 606 0.20 -36.58 -7.95
C LYS C 606 0.88 -35.83 -9.09
N ASN C 607 0.59 -36.27 -10.32
CA ASN C 607 1.16 -35.62 -11.49
C ASN C 607 0.42 -34.35 -11.88
N ASP C 608 -0.88 -34.27 -11.56
CA ASP C 608 -1.66 -33.11 -11.96
C ASP C 608 -1.13 -31.85 -11.31
N ILE C 609 -0.96 -30.80 -12.12
CA ILE C 609 -0.46 -29.53 -11.62
C ILE C 609 -1.53 -28.84 -10.77
N ASN C 610 -2.76 -28.79 -11.28
CA ASN C 610 -3.81 -28.08 -10.57
C ASN C 610 -4.14 -28.75 -9.25
N ALA C 611 -4.22 -30.09 -9.24
CA ALA C 611 -4.47 -30.80 -8.00
C ALA C 611 -3.34 -30.58 -7.00
N ALA C 612 -2.10 -30.56 -7.49
CA ALA C 612 -0.97 -30.30 -6.61
C ALA C 612 -1.07 -28.91 -5.99
N GLY C 613 -1.43 -27.90 -6.79
CA GLY C 613 -1.58 -26.56 -6.24
C GLY C 613 -2.69 -26.48 -5.21
N GLU C 614 -3.82 -27.14 -5.49
CA GLU C 614 -4.93 -27.14 -4.54
C GLU C 614 -4.52 -27.79 -3.22
N SER C 615 -3.83 -28.94 -3.31
CA SER C 615 -3.38 -29.62 -2.10
C SER C 615 -2.38 -28.77 -1.32
N GLU C 616 -1.49 -28.09 -2.03
CA GLU C 616 -0.53 -27.21 -1.36
C GLU C 616 -1.25 -26.09 -0.63
N GLU C 617 -2.27 -25.49 -1.27
CA GLU C 617 -3.02 -24.42 -0.62
C GLU C 617 -3.74 -24.94 0.61
N LEU C 618 -4.34 -26.13 0.52
CA LEU C 618 -5.02 -26.70 1.68
C LEU C 618 -4.04 -26.96 2.82
N ALA C 619 -2.86 -27.49 2.49
CA ALA C 619 -1.86 -27.75 3.52
C ALA C 619 -1.42 -26.45 4.18
N ASN C 620 -1.21 -25.39 3.39
CA ASN C 620 -0.86 -24.11 3.97
C ASN C 620 -1.96 -23.60 4.89
N GLU C 621 -3.22 -23.77 4.48
CA GLU C 621 -4.33 -23.34 5.32
C GLU C 621 -4.33 -24.07 6.66
N TYR C 622 -4.11 -25.39 6.63
CA TYR C 622 -4.09 -26.14 7.88
C TYR C 622 -2.90 -25.75 8.75
N GLU C 623 -1.75 -25.50 8.12
CA GLU C 623 -0.58 -25.04 8.88
C GLU C 623 -0.88 -23.73 9.59
N THR C 624 -1.50 -22.79 8.87
CA THR C 624 -1.87 -21.51 9.49
C THR C 624 -2.86 -21.72 10.63
N ARG C 625 -3.83 -22.62 10.43
CA ARG C 625 -4.78 -22.93 11.49
C ARG C 625 -4.06 -23.39 12.75
N ALA C 626 -3.16 -24.35 12.59
CA ALA C 626 -2.43 -24.89 13.75
C ALA C 626 -1.60 -23.81 14.43
N VAL C 627 -0.90 -23.00 13.64
CA VAL C 627 -0.05 -21.96 14.21
C VAL C 627 -0.90 -20.98 15.02
N GLU C 628 -2.01 -20.52 14.44
CA GLU C 628 -2.86 -19.57 15.15
C GLU C 628 -3.43 -20.17 16.42
N LEU C 629 -3.88 -21.43 16.35
CA LEU C 629 -4.46 -22.05 17.53
C LEU C 629 -3.42 -22.17 18.65
N PHE C 630 -2.20 -22.59 18.30
CA PHE C 630 -1.19 -22.74 19.34
C PHE C 630 -0.76 -21.39 19.89
N THR C 631 -0.70 -20.36 19.04
CA THR C 631 -0.39 -19.03 19.55
C THR C 631 -1.45 -18.58 20.55
N GLU C 632 -2.73 -18.80 20.23
CA GLU C 632 -3.79 -18.44 21.15
C GLU C 632 -3.64 -19.20 22.47
N CYS C 633 -3.39 -20.51 22.38
CA CYS C 633 -3.25 -21.32 23.59
C CYS C 633 -2.09 -20.83 24.44
N TYR C 634 -0.94 -20.55 23.82
CA TYR C 634 0.23 -20.12 24.59
C TYR C 634 -0.01 -18.74 25.21
N SER C 635 -0.63 -17.83 24.46
CA SER C 635 -0.90 -16.50 25.01
C SER C 635 -1.85 -16.59 26.20
N ASN C 636 -2.88 -17.44 26.10
CA ASN C 636 -3.80 -17.60 27.22
C ASN C 636 -3.09 -18.23 28.42
N ASP C 637 -2.53 -19.43 28.23
CA ASP C 637 -1.81 -20.13 29.28
C ASP C 637 -0.50 -20.66 28.70
N GLU C 638 0.58 -20.51 29.48
CA GLU C 638 1.91 -20.90 29.04
C GLU C 638 2.28 -22.31 29.48
N ASP C 639 2.13 -22.61 30.78
CA ASP C 639 2.49 -23.94 31.26
C ASP C 639 1.62 -25.01 30.62
N LEU C 640 0.32 -24.73 30.47
CA LEU C 640 -0.54 -25.69 29.81
C LEU C 640 -0.21 -25.85 28.34
N ALA C 641 0.22 -24.77 27.67
CA ALA C 641 0.65 -24.90 26.28
C ALA C 641 1.89 -25.79 26.18
N GLU C 642 2.86 -25.59 27.07
CA GLU C 642 4.06 -26.43 27.06
C GLU C 642 3.70 -27.88 27.36
N GLN C 643 2.78 -28.10 28.31
CA GLN C 643 2.34 -29.44 28.61
C GLN C 643 1.66 -30.10 27.41
N LEU C 644 0.84 -29.32 26.70
CA LEU C 644 0.22 -29.84 25.48
C LEU C 644 1.27 -30.23 24.46
N LEU C 645 2.30 -29.40 24.29
CA LEU C 645 3.41 -29.77 23.42
C LEU C 645 4.01 -31.10 23.85
N VAL C 646 4.33 -31.23 25.14
CA VAL C 646 4.92 -32.46 25.64
C VAL C 646 3.95 -33.62 25.53
N TYR C 647 2.64 -33.36 25.64
CA TYR C 647 1.66 -34.42 25.63
C TYR C 647 1.79 -35.27 24.37
N SER C 648 1.75 -36.58 24.55
CA SER C 648 1.85 -37.53 23.46
C SER C 648 0.50 -38.22 23.26
N CYS C 649 0.15 -38.44 21.99
CA CYS C 649 -1.12 -39.07 21.67
C CYS C 649 -1.10 -40.56 22.03
N GLU C 650 -2.29 -41.13 22.12
CA GLU C 650 -2.45 -42.57 22.29
C GLU C 650 -2.63 -43.22 20.92
N ALA C 651 -1.54 -43.16 20.15
CA ALA C 651 -1.44 -43.81 18.85
C ALA C 651 -2.20 -43.08 17.75
N TRP C 652 -2.36 -41.75 17.87
CA TRP C 652 -2.77 -40.97 16.71
C TRP C 652 -1.71 -41.10 15.62
N GLY C 653 -0.46 -40.81 15.98
CA GLY C 653 0.69 -41.15 15.16
C GLY C 653 1.83 -41.61 16.03
N GLY C 654 1.59 -41.70 17.34
CA GLY C 654 2.63 -42.07 18.28
C GLY C 654 3.66 -40.99 18.50
N SER C 655 3.32 -39.72 18.26
CA SER C 655 4.29 -38.65 18.30
C SER C 655 3.62 -37.36 18.79
N ASN C 656 4.45 -36.45 19.29
CA ASN C 656 3.99 -35.16 19.77
C ASN C 656 3.86 -34.19 18.60
N CYS C 657 3.38 -32.98 18.91
CA CYS C 657 3.28 -31.94 17.89
C CYS C 657 4.66 -31.55 17.38
N LEU C 658 5.65 -31.48 18.27
CA LEU C 658 7.00 -31.13 17.86
C LEU C 658 7.52 -32.10 16.80
N GLU C 659 7.33 -33.40 17.03
CA GLU C 659 7.86 -34.40 16.12
C GLU C 659 7.22 -34.29 14.75
N LEU C 660 5.90 -34.11 14.70
CA LEU C 660 5.24 -33.97 13.40
C LEU C 660 5.66 -32.69 12.70
N ALA C 661 5.75 -31.58 13.45
CA ALA C 661 6.13 -30.31 12.84
C ALA C 661 7.54 -30.37 12.26
N VAL C 662 8.48 -30.96 13.00
CA VAL C 662 9.85 -31.06 12.52
C VAL C 662 9.92 -32.04 11.35
N GLU C 663 9.15 -33.13 11.42
CA GLU C 663 9.18 -34.12 10.34
C GLU C 663 8.66 -33.53 9.04
N ALA C 664 7.63 -32.69 9.12
CA ALA C 664 7.09 -32.00 7.95
C ALA C 664 7.80 -30.70 7.64
N THR C 665 9.00 -30.51 8.20
CA THR C 665 9.81 -29.30 7.99
C THR C 665 8.95 -28.03 8.04
N ASP C 666 8.09 -27.97 9.05
CA ASP C 666 7.24 -26.80 9.27
C ASP C 666 8.04 -25.79 10.08
N GLN C 667 8.86 -25.01 9.37
CA GLN C 667 9.72 -24.05 10.03
C GLN C 667 8.92 -22.98 10.76
N HIS C 668 7.82 -22.53 10.17
CA HIS C 668 7.07 -21.42 10.74
C HIS C 668 6.53 -21.76 12.12
N PHE C 669 5.99 -22.97 12.28
CA PHE C 669 5.40 -23.35 13.56
C PHE C 669 6.45 -23.35 14.67
N ILE C 670 7.61 -23.94 14.41
CA ILE C 670 8.64 -24.00 15.43
C ILE C 670 9.25 -22.63 15.69
N ALA C 671 9.32 -21.78 14.65
CA ALA C 671 9.92 -20.47 14.81
C ALA C 671 9.09 -19.54 15.70
N GLN C 672 7.87 -19.93 16.06
CA GLN C 672 7.02 -19.05 16.85
C GLN C 672 7.60 -18.88 18.26
N PRO C 673 7.29 -17.76 18.92
CA PRO C 673 7.92 -17.48 20.21
C PRO C 673 7.72 -18.57 21.25
N GLY C 674 6.55 -19.20 21.29
CA GLY C 674 6.29 -20.17 22.35
C GLY C 674 7.22 -21.37 22.29
N VAL C 675 7.38 -21.94 21.10
CA VAL C 675 8.23 -23.12 20.97
C VAL C 675 9.69 -22.75 21.21
N GLN C 676 10.11 -21.58 20.74
CA GLN C 676 11.47 -21.13 20.98
C GLN C 676 11.73 -20.94 22.47
N ASN C 677 10.77 -20.38 23.19
CA ASN C 677 10.92 -20.19 24.63
C ASN C 677 10.97 -21.53 25.34
N PHE C 678 10.14 -22.48 24.93
CA PHE C 678 10.19 -23.81 25.51
C PHE C 678 11.55 -24.46 25.29
N LEU C 679 12.08 -24.34 24.07
CA LEU C 679 13.39 -24.91 23.77
C LEU C 679 14.48 -24.23 24.57
N SER C 680 14.39 -22.91 24.74
CA SER C 680 15.38 -22.19 25.54
C SER C 680 15.34 -22.67 27.00
N LYS C 681 14.13 -22.81 27.56
CA LYS C 681 14.02 -23.29 28.93
C LYS C 681 14.61 -24.68 29.07
N GLN C 682 14.35 -25.57 28.10
CA GLN C 682 14.93 -26.90 28.14
C GLN C 682 16.44 -26.84 27.96
N TRP C 683 16.94 -25.85 27.21
CA TRP C 683 18.36 -25.75 26.94
C TRP C 683 19.14 -25.34 28.18
N TYR C 684 18.64 -24.32 28.89
CA TYR C 684 19.31 -23.89 30.12
C TYR C 684 19.10 -24.87 31.27
N GLY C 685 18.16 -25.79 31.15
CA GLY C 685 17.92 -26.76 32.22
C GLY C 685 17.54 -26.06 33.51
N GLU C 686 18.19 -26.46 34.60
CA GLU C 686 17.85 -25.90 35.91
C GLU C 686 18.13 -24.40 35.96
N ILE C 687 19.25 -23.97 35.37
CA ILE C 687 19.67 -22.57 35.49
C ILE C 687 18.58 -21.66 34.95
N SER C 688 18.44 -20.50 35.60
CA SER C 688 17.46 -19.52 35.15
C SER C 688 17.88 -18.92 33.82
N ARG C 689 16.89 -18.64 32.98
CA ARG C 689 17.17 -18.08 31.65
C ARG C 689 17.54 -16.60 31.70
N ASP C 690 17.24 -15.92 32.80
CA ASP C 690 17.52 -14.50 32.93
C ASP C 690 18.94 -14.21 33.36
N THR C 691 19.73 -15.22 33.72
CA THR C 691 21.10 -15.00 34.14
C THR C 691 21.95 -14.53 32.96
N LYS C 692 22.87 -13.62 33.25
CA LYS C 692 23.84 -13.21 32.23
C LYS C 692 24.70 -14.40 31.83
N ASN C 693 24.91 -14.57 30.53
CA ASN C 693 25.62 -15.74 30.03
C ASN C 693 27.07 -15.74 30.50
N TRP C 694 27.70 -14.56 30.57
CA TRP C 694 29.09 -14.53 31.00
C TRP C 694 29.24 -14.98 32.44
N LYS C 695 28.25 -14.73 33.29
CA LYS C 695 28.32 -15.21 34.67
C LYS C 695 28.45 -16.73 34.70
N ILE C 696 27.58 -17.43 33.97
CA ILE C 696 27.60 -18.89 34.00
C ILE C 696 28.84 -19.43 33.32
N ILE C 697 29.29 -18.79 32.24
CA ILE C 697 30.53 -19.21 31.59
C ILE C 697 31.70 -19.10 32.55
N LEU C 698 31.76 -17.98 33.29
CA LEU C 698 32.81 -17.79 34.28
C LEU C 698 32.73 -18.88 35.36
N CYS C 699 31.52 -19.17 35.83
CA CYS C 699 31.36 -20.18 36.88
C CYS C 699 31.72 -21.57 36.39
N LEU C 700 31.65 -21.83 35.09
CA LEU C 700 32.02 -23.15 34.58
C LEU C 700 33.44 -23.50 34.98
N PHE C 701 34.37 -22.56 34.84
CA PHE C 701 35.77 -22.85 35.13
C PHE C 701 35.99 -23.06 36.61
N ILE C 702 35.73 -22.03 37.42
CA ILE C 702 35.98 -22.09 38.85
C ILE C 702 34.79 -22.79 39.51
N ILE C 703 35.04 -23.98 40.06
CA ILE C 703 33.97 -24.75 40.69
C ILE C 703 33.40 -24.03 41.90
N PRO C 704 34.19 -23.51 42.85
CA PRO C 704 33.60 -22.95 44.07
C PRO C 704 32.64 -21.81 43.80
N LEU C 705 32.80 -21.08 42.69
CA LEU C 705 31.90 -19.96 42.41
C LEU C 705 30.45 -20.43 42.27
N VAL C 706 30.24 -21.69 41.90
CA VAL C 706 28.87 -22.18 41.72
C VAL C 706 28.15 -22.24 43.06
N GLY C 707 28.86 -22.61 44.12
CA GLY C 707 28.23 -22.70 45.44
C GLY C 707 27.65 -21.38 45.88
N CYS C 708 28.34 -20.28 45.57
CA CYS C 708 27.85 -18.96 45.91
C CYS C 708 26.57 -18.65 45.13
N GLY C 709 25.97 -17.51 45.43
CA GLY C 709 24.72 -17.11 44.84
C GLY C 709 24.82 -16.42 43.50
N LEU C 710 25.98 -16.50 42.84
CA LEU C 710 26.14 -15.84 41.55
C LEU C 710 25.17 -16.40 40.52
N VAL C 711 24.98 -17.71 40.51
CA VAL C 711 24.06 -18.37 39.59
C VAL C 711 22.67 -18.44 40.22
N SER C 712 21.65 -18.05 39.47
CA SER C 712 20.27 -18.14 39.93
C SER C 712 19.73 -19.51 39.49
N PHE C 713 19.93 -20.51 40.35
CA PHE C 713 19.46 -21.86 40.02
C PHE C 713 17.95 -21.88 39.86
N ARG C 714 17.24 -21.18 40.73
CA ARG C 714 15.78 -21.19 40.67
C ARG C 714 15.30 -20.58 39.36
N LYS C 715 14.38 -21.26 38.70
CA LYS C 715 13.85 -20.81 37.41
C LYS C 715 12.70 -19.83 37.61
N LEU C 725 26.83 -31.02 47.15
CA LEU C 725 25.47 -30.56 47.37
C LEU C 725 24.61 -30.78 46.13
N TRP C 726 23.34 -30.41 46.24
CA TRP C 726 22.43 -30.56 45.10
C TRP C 726 22.80 -29.62 43.95
N TYR C 727 23.46 -28.50 44.26
CA TYR C 727 23.79 -27.53 43.23
C TYR C 727 24.75 -28.14 42.20
N TYR C 728 25.74 -28.90 42.64
CA TYR C 728 26.69 -29.49 41.71
C TYR C 728 25.99 -30.39 40.70
N VAL C 729 25.12 -31.28 41.18
CA VAL C 729 24.43 -32.20 40.28
C VAL C 729 23.47 -31.45 39.38
N ALA C 730 22.76 -30.47 39.93
CA ALA C 730 21.84 -29.68 39.12
C ALA C 730 22.57 -28.84 38.07
N PHE C 731 23.83 -28.53 38.30
CA PHE C 731 24.62 -27.69 37.39
C PHE C 731 25.28 -28.50 36.30
N PHE C 732 25.97 -29.59 36.66
CA PHE C 732 26.69 -30.39 35.68
C PHE C 732 25.77 -31.28 34.85
N THR C 733 24.50 -31.37 35.21
CA THR C 733 23.52 -32.08 34.39
C THR C 733 22.84 -31.17 33.35
N SER C 734 23.09 -29.88 33.40
CA SER C 734 22.51 -28.96 32.43
C SER C 734 23.18 -29.15 31.08
N PRO C 735 22.43 -29.37 30.00
CA PRO C 735 23.07 -29.59 28.70
C PRO C 735 23.91 -28.41 28.23
N PHE C 736 23.57 -27.20 28.64
CA PHE C 736 24.38 -26.03 28.26
C PHE C 736 25.81 -26.17 28.77
N VAL C 737 25.95 -26.50 30.06
CA VAL C 737 27.28 -26.63 30.64
C VAL C 737 28.02 -27.81 30.03
N VAL C 738 27.31 -28.90 29.75
CA VAL C 738 27.94 -30.06 29.13
C VAL C 738 28.48 -29.68 27.75
N PHE C 739 27.69 -28.93 26.98
CA PHE C 739 28.14 -28.49 25.66
C PHE C 739 29.36 -27.60 25.75
N SER C 740 29.36 -26.66 26.71
CA SER C 740 30.52 -25.79 26.87
C SER C 740 31.76 -26.58 27.27
N TRP C 741 31.58 -27.55 28.18
CA TRP C 741 32.69 -28.40 28.60
C TRP C 741 33.23 -29.20 27.43
N ASN C 742 32.34 -29.73 26.59
CA ASN C 742 32.77 -30.50 25.44
C ASN C 742 33.53 -29.61 24.45
N VAL C 743 33.08 -28.37 24.28
CA VAL C 743 33.80 -27.44 23.41
C VAL C 743 35.21 -27.20 23.94
N VAL C 744 35.33 -26.97 25.25
CA VAL C 744 36.65 -26.75 25.84
C VAL C 744 37.53 -27.98 25.64
N PHE C 745 36.97 -29.16 25.87
CA PHE C 745 37.73 -30.40 25.70
C PHE C 745 38.18 -30.56 24.26
N TYR C 746 37.31 -30.24 23.30
CA TYR C 746 37.67 -30.36 21.90
C TYR C 746 38.80 -29.39 21.54
N ILE C 747 38.74 -28.17 22.06
CA ILE C 747 39.80 -27.20 21.77
C ILE C 747 41.12 -27.68 22.34
N ALA C 748 41.10 -28.21 23.58
CA ALA C 748 42.32 -28.75 24.16
C ALA C 748 42.84 -29.93 23.34
N PHE C 749 41.93 -30.75 22.82
CA PHE C 749 42.33 -31.87 21.99
C PHE C 749 42.99 -31.38 20.70
N LEU C 750 42.49 -30.29 20.12
CA LEU C 750 43.13 -29.72 18.94
C LEU C 750 44.52 -29.21 19.26
N LEU C 751 44.67 -28.56 20.42
CA LEU C 751 45.99 -28.05 20.80
C LEU C 751 46.98 -29.20 20.96
N LEU C 752 46.55 -30.27 21.64
CA LEU C 752 47.42 -31.42 21.80
C LEU C 752 47.75 -32.07 20.46
N PHE C 753 46.76 -32.19 19.58
CA PHE C 753 46.98 -32.76 18.26
C PHE C 753 48.03 -31.96 17.50
N ALA C 754 47.89 -30.64 17.48
CA ALA C 754 48.85 -29.80 16.78
C ALA C 754 50.24 -29.93 17.38
N TYR C 755 50.33 -29.90 18.71
CA TYR C 755 51.63 -30.01 19.37
C TYR C 755 52.32 -31.32 18.99
N VAL C 756 51.58 -32.42 19.04
CA VAL C 756 52.16 -33.72 18.70
C VAL C 756 52.55 -33.76 17.23
N LEU C 757 51.73 -33.16 16.38
CA LEU C 757 51.96 -33.24 14.93
C LEU C 757 53.21 -32.47 14.54
N LEU C 758 53.37 -31.25 15.04
CA LEU C 758 54.46 -30.38 14.62
C LEU C 758 55.67 -30.45 15.54
N MET C 759 55.47 -30.52 16.85
CA MET C 759 56.56 -30.35 17.80
C MET C 759 57.17 -31.68 18.23
N ASP C 760 56.37 -32.72 18.40
CA ASP C 760 56.84 -34.00 18.95
C ASP C 760 56.22 -35.13 18.15
N PHE C 761 56.92 -35.56 17.11
CA PHE C 761 56.51 -36.68 16.27
C PHE C 761 57.75 -37.49 15.92
N HIS C 762 57.87 -38.67 16.50
CA HIS C 762 59.03 -39.52 16.35
C HIS C 762 58.61 -40.89 15.79
N SER C 763 59.61 -41.75 15.57
CA SER C 763 59.34 -43.07 15.03
C SER C 763 58.47 -43.88 15.97
N VAL C 764 58.76 -43.82 17.27
CA VAL C 764 58.01 -44.53 18.30
C VAL C 764 57.16 -43.51 19.04
N PRO C 765 55.84 -43.68 19.08
CA PRO C 765 54.99 -42.67 19.75
C PRO C 765 55.36 -42.52 21.22
N HIS C 766 55.29 -41.28 21.70
CA HIS C 766 55.55 -40.95 23.09
C HIS C 766 54.24 -40.84 23.85
N THR C 767 54.34 -40.49 25.14
CA THR C 767 53.15 -40.43 25.99
C THR C 767 52.09 -39.47 25.45
N PRO C 768 52.42 -38.24 25.04
CA PRO C 768 51.36 -37.35 24.54
C PRO C 768 50.59 -37.93 23.38
N GLU C 769 51.27 -38.65 22.49
CA GLU C 769 50.58 -39.26 21.36
C GLU C 769 49.64 -40.36 21.82
N LEU C 770 50.03 -41.11 22.86
CA LEU C 770 49.13 -42.13 23.41
C LEU C 770 47.90 -41.48 24.04
N ILE C 771 48.08 -40.35 24.73
CA ILE C 771 46.94 -39.64 25.28
C ILE C 771 46.03 -39.16 24.15
N LEU C 772 46.63 -38.67 23.07
CA LEU C 772 45.86 -38.26 21.90
C LEU C 772 45.07 -39.44 21.34
N TYR C 773 45.69 -40.61 21.27
CA TYR C 773 44.99 -41.80 20.80
C TYR C 773 43.81 -42.13 21.71
N ALA C 774 43.98 -41.98 23.03
CA ALA C 774 42.87 -42.23 23.94
C ALA C 774 41.72 -41.27 23.70
N LEU C 775 42.03 -39.98 23.50
CA LEU C 775 40.97 -39.01 23.24
C LEU C 775 40.25 -39.33 21.93
N VAL C 776 41.00 -39.69 20.89
CA VAL C 776 40.38 -40.09 19.63
C VAL C 776 39.56 -41.34 19.83
N PHE C 777 39.97 -42.23 20.74
CA PHE C 777 39.20 -43.43 21.01
C PHE C 777 37.85 -43.08 21.63
N VAL C 778 37.82 -42.15 22.58
CA VAL C 778 36.53 -41.78 23.17
C VAL C 778 35.66 -41.09 22.13
N LEU C 779 36.26 -40.26 21.27
CA LEU C 779 35.50 -39.66 20.18
C LEU C 779 34.92 -40.71 19.25
N PHE C 780 35.69 -41.74 18.94
CA PHE C 780 35.22 -42.82 18.09
C PHE C 780 34.09 -43.60 18.76
N CYS C 781 34.19 -43.81 20.08
CA CYS C 781 33.11 -44.46 20.80
C CYS C 781 31.83 -43.64 20.72
N ASP C 782 31.94 -42.31 20.88
CA ASP C 782 30.77 -41.45 20.72
C ASP C 782 30.19 -41.56 19.31
N GLU C 783 31.06 -41.60 18.31
CA GLU C 783 30.59 -41.72 16.93
C GLU C 783 29.87 -43.04 16.72
N VAL C 784 30.39 -44.13 17.31
CA VAL C 784 29.74 -45.42 17.17
C VAL C 784 28.37 -45.41 17.86
N ARG C 785 28.29 -44.77 19.02
CA ARG C 785 26.99 -44.63 19.68
C ARG C 785 26.02 -43.86 18.79
N GLN C 786 26.49 -42.79 18.16
CA GLN C 786 25.62 -42.01 17.28
C GLN C 786 25.18 -42.86 16.09
N TRP C 787 26.08 -43.68 15.55
CA TRP C 787 25.69 -44.61 14.50
C TRP C 787 24.58 -45.54 14.99
N TYR C 788 24.74 -46.07 16.19
CA TYR C 788 23.74 -47.02 16.71
C TYR C 788 22.38 -46.36 16.87
N MET C 789 22.35 -45.14 17.42
CA MET C 789 21.06 -44.49 17.67
C MET C 789 20.27 -44.30 16.39
N ASN C 790 20.94 -43.84 15.32
CA ASN C 790 20.30 -43.62 14.04
C ASN C 790 20.57 -44.80 13.11
N GLY C 791 20.05 -44.70 11.89
CA GLY C 791 20.27 -45.69 10.85
C GLY C 791 21.22 -45.18 9.79
N VAL C 792 20.95 -45.55 8.54
CA VAL C 792 21.73 -45.03 7.43
C VAL C 792 21.36 -43.60 7.08
N ASN C 793 20.22 -43.11 7.58
CA ASN C 793 19.88 -41.70 7.41
C ASN C 793 20.93 -40.80 8.06
N TYR C 794 21.66 -41.29 9.05
CA TYR C 794 22.69 -40.49 9.70
C TYR C 794 23.78 -40.10 8.72
N PHE C 795 24.00 -40.89 7.67
CA PHE C 795 25.03 -40.61 6.68
C PHE C 795 24.54 -39.69 5.56
N THR C 796 23.31 -39.20 5.65
CA THR C 796 22.80 -38.27 4.65
C THR C 796 23.21 -36.83 4.92
N ASP C 797 23.91 -36.58 6.04
CA ASP C 797 24.36 -35.25 6.39
C ASP C 797 25.85 -35.12 6.12
N LEU C 798 26.24 -33.97 5.55
CA LEU C 798 27.63 -33.79 5.13
C LEU C 798 28.59 -33.84 6.30
N TRP C 799 28.24 -33.18 7.41
CA TRP C 799 29.17 -33.08 8.54
C TRP C 799 29.42 -34.45 9.16
N ASN C 800 28.40 -35.29 9.25
CA ASN C 800 28.60 -36.63 9.79
C ASN C 800 29.55 -37.43 8.93
N VAL C 801 29.39 -37.35 7.61
CA VAL C 801 30.31 -38.03 6.69
C VAL C 801 31.72 -37.51 6.88
N MET C 802 31.86 -36.19 7.04
CA MET C 802 33.18 -35.61 7.25
C MET C 802 33.83 -36.14 8.52
N ASP C 803 33.05 -36.23 9.61
CA ASP C 803 33.59 -36.75 10.86
C ASP C 803 34.02 -38.21 10.72
N THR C 804 33.20 -39.01 10.05
CA THR C 804 33.56 -40.42 9.84
C THR C 804 34.83 -40.53 9.02
N LEU C 805 34.96 -39.71 7.98
CA LEU C 805 36.18 -39.71 7.18
C LEU C 805 37.38 -39.33 8.02
N GLY C 806 37.22 -38.34 8.91
CA GLY C 806 38.32 -37.95 9.78
C GLY C 806 38.76 -39.09 10.66
N LEU C 807 37.81 -39.81 11.25
CA LEU C 807 38.16 -40.93 12.11
C LEU C 807 38.88 -42.03 11.33
N PHE C 808 38.39 -42.35 10.14
CA PHE C 808 39.04 -43.37 9.33
C PHE C 808 40.45 -42.92 8.91
N TYR C 809 40.61 -41.64 8.61
CA TYR C 809 41.93 -41.11 8.30
C TYR C 809 42.87 -41.23 9.49
N PHE C 810 42.36 -41.00 10.70
CA PHE C 810 43.20 -41.17 11.87
C PHE C 810 43.65 -42.63 12.02
N ILE C 811 42.72 -43.56 11.79
CA ILE C 811 43.09 -44.97 11.89
C ILE C 811 44.14 -45.32 10.84
N ALA C 812 43.96 -44.81 9.62
CA ALA C 812 44.95 -45.07 8.57
C ALA C 812 46.32 -44.50 8.94
N GLY C 813 46.34 -43.29 9.49
CA GLY C 813 47.59 -42.70 9.92
C GLY C 813 48.27 -43.53 11.01
N ILE C 814 47.48 -44.05 11.94
CA ILE C 814 48.04 -44.95 12.94
C ILE C 814 48.66 -46.16 12.27
N VAL C 815 47.96 -46.75 11.30
CA VAL C 815 48.46 -47.96 10.64
C VAL C 815 49.79 -47.67 9.95
N PHE C 816 49.86 -46.55 9.22
CA PHE C 816 51.06 -46.26 8.44
C PHE C 816 52.27 -46.02 9.34
N ARG C 817 52.10 -45.33 10.46
CA ARG C 817 53.22 -44.84 11.24
C ARG C 817 53.83 -45.87 12.17
N LEU C 818 53.23 -47.07 12.28
CA LEU C 818 53.79 -48.08 13.17
C LEU C 818 54.97 -48.81 12.57
N HIS C 819 55.28 -48.58 11.29
CA HIS C 819 56.47 -49.17 10.67
C HIS C 819 57.67 -48.27 10.95
N SER C 820 58.11 -48.31 12.22
CA SER C 820 59.21 -47.45 12.65
C SER C 820 60.49 -47.74 11.87
N SER C 821 60.66 -48.98 11.40
CA SER C 821 61.88 -49.33 10.68
C SER C 821 62.02 -48.52 9.40
N ASN C 822 60.93 -48.33 8.67
CA ASN C 822 60.94 -47.66 7.38
C ASN C 822 60.60 -46.19 7.57
N LYS C 823 61.53 -45.32 7.18
CA LYS C 823 61.29 -43.88 7.28
C LYS C 823 60.25 -43.42 6.27
N SER C 824 60.17 -44.06 5.11
CA SER C 824 59.29 -43.58 4.05
C SER C 824 57.82 -43.68 4.43
N SER C 825 57.48 -44.44 5.46
CA SER C 825 56.09 -44.59 5.90
C SER C 825 55.70 -43.62 7.00
N LEU C 826 56.66 -43.23 7.85
CA LEU C 826 56.34 -42.27 8.91
C LEU C 826 55.91 -40.94 8.32
N TYR C 827 56.57 -40.48 7.26
CA TYR C 827 56.19 -39.22 6.64
C TYR C 827 54.78 -39.31 6.05
N SER C 828 54.45 -40.43 5.41
CA SER C 828 53.12 -40.59 4.86
C SER C 828 52.07 -40.58 5.97
N GLY C 829 52.36 -41.26 7.08
CA GLY C 829 51.45 -41.22 8.22
C GLY C 829 51.27 -39.82 8.75
N ARG C 830 52.35 -39.05 8.82
CA ARG C 830 52.26 -37.67 9.29
C ARG C 830 51.40 -36.83 8.35
N VAL C 831 51.55 -37.04 7.03
CA VAL C 831 50.72 -36.31 6.08
C VAL C 831 49.25 -36.66 6.25
N ILE C 832 48.95 -37.95 6.41
CA ILE C 832 47.58 -38.37 6.67
C ILE C 832 47.05 -37.69 7.92
N PHE C 833 47.88 -37.62 8.97
CA PHE C 833 47.46 -36.95 10.19
C PHE C 833 47.20 -35.46 9.96
N CYS C 834 47.99 -34.82 9.10
CA CYS C 834 47.77 -33.42 8.81
C CYS C 834 46.42 -33.20 8.13
N LEU C 835 46.11 -34.05 7.14
CA LEU C 835 44.80 -33.93 6.49
C LEU C 835 43.67 -34.18 7.48
N ASP C 836 43.83 -35.18 8.34
CA ASP C 836 42.82 -35.45 9.36
C ASP C 836 42.68 -34.26 10.31
N TYR C 837 43.79 -33.57 10.60
CA TYR C 837 43.73 -32.40 11.45
C TYR C 837 42.92 -31.30 10.78
N ILE C 838 43.11 -31.10 9.47
CA ILE C 838 42.27 -30.14 8.75
C ILE C 838 40.80 -30.51 8.91
N ILE C 839 40.49 -31.80 8.71
CA ILE C 839 39.10 -32.24 8.77
C ILE C 839 38.52 -31.97 10.16
N PHE C 840 39.28 -32.30 11.21
CA PHE C 840 38.80 -32.07 12.57
C PHE C 840 38.61 -30.59 12.85
N THR C 841 39.57 -29.76 12.40
CA THR C 841 39.49 -28.34 12.69
C THR C 841 38.30 -27.69 12.01
N LEU C 842 37.90 -28.19 10.83
CA LEU C 842 36.73 -27.62 10.17
C LEU C 842 35.44 -27.89 10.93
N ARG C 843 35.47 -28.75 11.95
CA ARG C 843 34.28 -29.10 12.71
C ARG C 843 33.83 -27.97 13.64
N LEU C 844 34.71 -27.03 13.94
CA LEU C 844 34.34 -25.91 14.81
C LEU C 844 33.25 -25.07 14.18
N ILE C 845 33.34 -24.86 12.86
CA ILE C 845 32.31 -24.08 12.17
C ILE C 845 30.95 -24.75 12.34
N HIS C 846 30.93 -26.08 12.25
CA HIS C 846 29.68 -26.81 12.46
C HIS C 846 29.17 -26.67 13.89
N ILE C 847 30.07 -26.83 14.87
CA ILE C 847 29.59 -26.84 16.25
C ILE C 847 29.17 -25.45 16.70
N PHE C 848 29.76 -24.40 16.13
CA PHE C 848 29.48 -23.03 16.54
C PHE C 848 28.33 -22.40 15.76
N THR C 849 27.45 -23.22 15.18
CA THR C 849 26.25 -22.73 14.52
C THR C 849 25.14 -22.39 15.51
N VAL C 850 25.41 -22.49 16.81
CA VAL C 850 24.42 -22.30 17.85
C VAL C 850 24.68 -21.04 18.66
N SER C 851 25.65 -20.21 18.26
CA SER C 851 26.08 -19.11 19.09
C SER C 851 25.09 -17.97 19.15
N ARG C 852 24.04 -17.97 18.31
CA ARG C 852 23.02 -16.94 18.26
C ARG C 852 23.54 -15.64 17.64
N ASN C 853 24.82 -15.55 17.34
CA ASN C 853 25.39 -14.41 16.63
C ASN C 853 26.08 -14.83 15.34
N LEU C 854 26.76 -15.98 15.35
CA LEU C 854 27.43 -16.51 14.16
C LEU C 854 26.61 -17.54 13.42
N GLY C 855 25.69 -18.22 14.11
CA GLY C 855 24.95 -19.32 13.54
C GLY C 855 24.17 -18.96 12.29
N PRO C 856 23.40 -17.87 12.35
CA PRO C 856 22.64 -17.48 11.15
C PRO C 856 23.52 -17.20 9.94
N LYS C 857 24.63 -16.50 10.16
CA LYS C 857 25.52 -16.17 9.05
C LYS C 857 26.17 -17.44 8.50
N ILE C 858 26.51 -18.38 9.38
CA ILE C 858 27.04 -19.67 8.92
C ILE C 858 25.99 -20.41 8.11
N ILE C 859 24.73 -20.37 8.55
CA ILE C 859 23.67 -21.08 7.85
C ILE C 859 23.49 -20.52 6.44
N MET C 860 23.57 -19.20 6.30
CA MET C 860 23.29 -18.59 5.02
C MET C 860 24.35 -18.89 3.97
N LEU C 861 25.51 -19.43 4.35
CA LEU C 861 26.55 -19.72 3.38
C LEU C 861 26.10 -20.74 2.34
N GLN C 862 25.22 -21.66 2.73
CA GLN C 862 24.79 -22.72 1.81
C GLN C 862 24.06 -22.17 0.60
N ARG C 863 23.60 -20.92 0.65
CA ARG C 863 22.77 -20.33 -0.38
C ARG C 863 23.55 -19.54 -1.43
N MET C 864 24.88 -19.48 -1.35
CA MET C 864 25.70 -18.75 -2.30
C MET C 864 26.51 -19.66 -3.21
N LEU C 865 26.24 -20.97 -3.16
CA LEU C 865 27.04 -21.91 -3.93
C LEU C 865 26.80 -21.76 -5.43
N ILE C 866 25.60 -21.33 -5.83
CA ILE C 866 25.34 -21.16 -7.26
C ILE C 866 26.13 -19.98 -7.81
N ASP C 867 26.19 -18.88 -7.05
CA ASP C 867 27.02 -17.75 -7.47
C ASP C 867 28.49 -18.17 -7.56
N VAL C 868 28.97 -18.90 -6.56
CA VAL C 868 30.35 -19.37 -6.60
C VAL C 868 30.57 -20.25 -7.82
N PHE C 869 29.60 -21.12 -8.13
CA PHE C 869 29.73 -22.04 -9.26
C PHE C 869 29.80 -21.30 -10.58
N PHE C 870 28.95 -20.28 -10.76
CA PHE C 870 28.99 -19.47 -11.97
C PHE C 870 30.33 -18.75 -12.10
N PHE C 871 30.82 -18.18 -11.00
CA PHE C 871 32.12 -17.54 -11.01
C PHE C 871 33.20 -18.50 -11.46
N LEU C 872 33.22 -19.71 -10.89
CA LEU C 872 34.23 -20.69 -11.24
C LEU C 872 34.10 -21.16 -12.68
N PHE C 873 32.87 -21.28 -13.18
CA PHE C 873 32.67 -21.68 -14.56
C PHE C 873 33.30 -20.68 -15.52
N LEU C 874 32.96 -19.40 -15.35
CA LEU C 874 33.57 -18.39 -16.23
C LEU C 874 35.09 -18.37 -16.07
N PHE C 875 35.57 -18.44 -14.83
CA PHE C 875 37.01 -18.38 -14.61
C PHE C 875 37.72 -19.53 -15.28
N ALA C 876 37.18 -20.74 -15.17
CA ALA C 876 37.81 -21.91 -15.78
C ALA C 876 37.82 -21.81 -17.29
N VAL C 877 36.72 -21.38 -17.90
CA VAL C 877 36.68 -21.25 -19.35
C VAL C 877 37.76 -20.27 -19.81
N TRP C 878 37.82 -19.10 -19.16
CA TRP C 878 38.79 -18.09 -19.57
C TRP C 878 40.21 -18.58 -19.37
N MET C 879 40.48 -19.26 -18.24
CA MET C 879 41.82 -19.77 -17.98
C MET C 879 42.23 -20.76 -19.06
N VAL C 880 41.34 -21.70 -19.40
CA VAL C 880 41.67 -22.69 -20.42
C VAL C 880 42.02 -21.99 -21.72
N ALA C 881 41.16 -21.07 -22.17
CA ALA C 881 41.41 -20.42 -23.45
C ALA C 881 42.74 -19.68 -23.44
N PHE C 882 42.95 -18.83 -22.44
CA PHE C 882 44.15 -18.00 -22.40
C PHE C 882 45.41 -18.85 -22.30
N GLY C 883 45.41 -19.84 -21.42
CA GLY C 883 46.59 -20.66 -21.24
C GLY C 883 46.94 -21.45 -22.49
N VAL C 884 45.94 -22.08 -23.11
CA VAL C 884 46.20 -22.85 -24.31
C VAL C 884 46.77 -21.95 -25.40
N ALA C 885 46.14 -20.80 -25.63
CA ALA C 885 46.59 -19.90 -26.68
C ALA C 885 48.02 -19.44 -26.43
N ARG C 886 48.29 -18.96 -25.22
CA ARG C 886 49.61 -18.43 -24.89
C ARG C 886 50.68 -19.51 -25.04
N GLN C 887 50.44 -20.70 -24.49
CA GLN C 887 51.41 -21.77 -24.59
C GLN C 887 51.66 -22.14 -26.04
N GLY C 888 50.59 -22.25 -26.83
CA GLY C 888 50.76 -22.63 -28.22
C GLY C 888 51.59 -21.63 -29.00
N ILE C 889 51.32 -20.35 -28.82
CA ILE C 889 52.07 -19.35 -29.59
C ILE C 889 53.50 -19.23 -29.08
N LEU C 890 53.72 -19.43 -27.79
CA LEU C 890 55.05 -19.18 -27.23
C LEU C 890 55.99 -20.39 -27.37
N ARG C 891 55.75 -21.49 -26.69
CA ARG C 891 56.68 -22.58 -26.77
C ARG C 891 56.17 -23.61 -27.76
N GLN C 892 56.99 -24.53 -28.25
CA GLN C 892 56.44 -25.51 -29.18
C GLN C 892 56.76 -26.95 -28.78
N ASN C 893 55.77 -27.85 -28.89
CA ASN C 893 55.92 -29.26 -28.52
C ASN C 893 56.45 -29.54 -27.13
N GLU C 894 55.83 -28.94 -26.12
CA GLU C 894 56.22 -29.07 -24.69
C GLU C 894 56.71 -30.45 -24.25
N GLN C 895 55.88 -31.48 -24.43
CA GLN C 895 56.13 -32.91 -24.29
C GLN C 895 56.34 -33.32 -22.83
N ARG C 896 55.83 -32.54 -21.88
CA ARG C 896 55.91 -32.88 -20.47
C ARG C 896 54.60 -32.46 -19.81
N TRP C 897 53.88 -33.44 -19.26
CA TRP C 897 52.52 -33.19 -18.78
C TRP C 897 52.53 -32.19 -17.63
N ARG C 898 53.41 -32.39 -16.64
CA ARG C 898 53.36 -31.54 -15.47
C ARG C 898 53.58 -30.08 -15.81
N TRP C 899 54.43 -29.79 -16.80
CA TRP C 899 54.69 -28.41 -17.17
C TRP C 899 53.67 -27.85 -18.14
N ILE C 900 53.07 -28.70 -18.97
CA ILE C 900 51.91 -28.27 -19.76
C ILE C 900 50.82 -27.79 -18.82
N PHE C 901 50.50 -28.59 -17.80
CA PHE C 901 49.45 -28.21 -16.86
C PHE C 901 49.87 -27.04 -15.98
N ARG C 902 51.16 -26.94 -15.64
CA ARG C 902 51.62 -25.81 -14.85
C ARG C 902 51.44 -24.50 -15.61
N SER C 903 51.81 -24.48 -16.89
CA SER C 903 51.70 -23.24 -17.66
C SER C 903 50.27 -22.94 -18.06
N VAL C 904 49.49 -23.96 -18.44
CA VAL C 904 48.18 -23.72 -19.00
C VAL C 904 47.20 -23.24 -17.95
N ILE C 905 47.26 -23.79 -16.74
CA ILE C 905 46.23 -23.61 -15.72
C ILE C 905 46.77 -22.84 -14.52
N TYR C 906 47.91 -23.26 -13.98
CA TYR C 906 48.35 -22.74 -12.70
C TYR C 906 48.65 -21.24 -12.76
N GLU C 907 49.41 -20.82 -13.77
CA GLU C 907 49.77 -19.40 -13.87
C GLU C 907 48.57 -18.50 -14.13
N PRO C 908 47.70 -18.78 -15.10
CA PRO C 908 46.49 -17.96 -15.24
C PRO C 908 45.67 -17.93 -13.97
N TYR C 909 45.62 -19.04 -13.23
CA TYR C 909 44.92 -19.06 -11.95
C TYR C 909 45.56 -18.12 -10.95
N LEU C 910 46.90 -18.13 -10.87
CA LEU C 910 47.60 -17.21 -10.00
C LEU C 910 47.36 -15.76 -10.40
N ALA C 911 47.08 -15.52 -11.68
CA ALA C 911 46.82 -14.16 -12.15
C ALA C 911 45.53 -13.58 -11.62
N MET C 912 44.66 -14.40 -11.01
CA MET C 912 43.40 -13.89 -10.50
C MET C 912 43.63 -12.91 -9.36
N PHE C 913 44.58 -13.18 -8.48
CA PHE C 913 44.88 -12.34 -7.34
C PHE C 913 46.34 -11.87 -7.45
N GLY C 914 46.54 -10.75 -8.14
CA GLY C 914 47.82 -10.08 -8.13
C GLY C 914 48.66 -10.22 -9.37
N GLN C 915 49.66 -11.09 -9.30
CA GLN C 915 50.76 -11.07 -10.27
C GLN C 915 50.26 -11.23 -11.69
N VAL C 916 50.93 -10.54 -12.61
CA VAL C 916 50.59 -10.62 -14.04
C VAL C 916 50.76 -12.06 -14.50
N PRO C 917 49.90 -12.57 -15.39
CA PRO C 917 49.96 -14.01 -15.70
C PRO C 917 51.32 -14.49 -16.17
N SER C 918 52.01 -13.70 -16.99
CA SER C 918 53.23 -14.16 -17.63
C SER C 918 54.26 -13.04 -17.69
N ASP C 919 55.48 -13.34 -17.25
CA ASP C 919 56.62 -12.48 -17.51
C ASP C 919 57.21 -12.73 -18.89
N VAL C 920 56.81 -13.81 -19.56
CA VAL C 920 57.32 -14.11 -20.90
C VAL C 920 56.58 -13.37 -22.00
N ASP C 921 55.43 -12.77 -21.69
CA ASP C 921 54.68 -12.05 -22.70
C ASP C 921 55.46 -10.87 -23.27
N SER C 922 56.47 -10.38 -22.55
CA SER C 922 57.24 -9.22 -22.96
C SER C 922 58.67 -9.64 -23.27
N THR C 923 59.18 -9.21 -24.42
CA THR C 923 60.54 -9.54 -24.83
C THR C 923 61.60 -8.74 -24.08
N THR C 924 61.20 -7.72 -23.32
CA THR C 924 62.18 -6.90 -22.62
C THR C 924 63.07 -7.73 -21.71
N TYR C 925 62.57 -8.85 -21.19
CA TYR C 925 63.32 -9.69 -20.28
C TYR C 925 62.97 -11.14 -20.54
N ASP C 926 63.99 -11.99 -20.67
CA ASP C 926 63.80 -13.41 -20.93
C ASP C 926 65.16 -14.10 -20.76
N PHE C 927 65.14 -15.43 -20.86
CA PHE C 927 66.35 -16.25 -20.79
C PHE C 927 66.96 -16.21 -19.40
N SER C 928 67.95 -17.08 -19.16
CA SER C 928 68.59 -17.35 -17.88
C SER C 928 67.70 -18.26 -17.03
N HIS C 929 66.46 -18.50 -17.44
CA HIS C 929 65.62 -19.54 -16.87
C HIS C 929 65.14 -20.53 -17.91
N CYS C 930 65.60 -20.41 -19.15
CA CYS C 930 65.16 -21.25 -20.25
C CYS C 930 65.87 -22.60 -20.23
N THR C 931 65.26 -23.55 -20.92
CA THR C 931 65.84 -24.89 -21.07
C THR C 931 65.47 -25.38 -22.46
N PHE C 932 66.44 -25.37 -23.37
CA PHE C 932 66.19 -25.85 -24.72
C PHE C 932 65.81 -27.32 -24.71
N SER C 933 66.46 -28.11 -23.87
CA SER C 933 66.10 -29.50 -23.64
C SER C 933 65.20 -29.61 -22.41
N GLY C 934 64.59 -30.79 -22.27
CA GLY C 934 63.72 -31.08 -21.15
C GLY C 934 64.41 -31.70 -19.95
N ASN C 935 65.73 -31.74 -19.94
CA ASN C 935 66.45 -32.41 -18.86
C ASN C 935 66.17 -31.76 -17.51
N GLU C 936 66.20 -30.42 -17.46
CA GLU C 936 66.03 -29.72 -16.21
C GLU C 936 64.55 -29.51 -15.90
N SER C 937 64.27 -29.08 -14.67
CA SER C 937 62.91 -28.81 -14.23
C SER C 937 62.62 -27.32 -14.35
N LYS C 938 62.51 -26.88 -15.59
CA LYS C 938 62.19 -25.50 -15.91
C LYS C 938 61.28 -25.47 -17.13
N PRO C 939 60.56 -24.37 -17.34
CA PRO C 939 59.68 -24.31 -18.51
C PRO C 939 60.46 -24.39 -19.81
N LEU C 940 59.79 -24.94 -20.82
CA LEU C 940 60.40 -25.04 -22.14
C LEU C 940 60.67 -23.65 -22.71
N CYS C 941 61.72 -23.55 -23.50
CA CYS C 941 62.14 -22.28 -24.05
C CYS C 941 61.11 -21.76 -25.06
N VAL C 942 61.23 -20.49 -25.39
CA VAL C 942 60.37 -19.86 -26.39
C VAL C 942 60.87 -20.21 -27.78
N GLU C 943 59.96 -20.25 -28.75
CA GLU C 943 60.34 -20.52 -30.12
C GLU C 943 61.26 -19.42 -30.63
N LEU C 944 62.29 -19.83 -31.38
CA LEU C 944 63.30 -18.92 -31.88
C LEU C 944 63.37 -19.00 -33.41
N ASP C 945 63.45 -17.85 -34.05
CA ASP C 945 63.66 -17.76 -35.48
C ASP C 945 65.16 -17.73 -35.75
N GLU C 946 65.54 -17.33 -36.97
CA GLU C 946 66.95 -17.10 -37.27
C GLU C 946 67.55 -16.18 -36.21
N HIS C 947 68.78 -16.49 -35.80
CA HIS C 947 69.43 -15.81 -34.70
C HIS C 947 68.79 -16.25 -33.39
N ASN C 948 69.10 -15.55 -32.30
CA ASN C 948 68.56 -15.88 -30.98
C ASN C 948 67.34 -15.04 -30.61
N LEU C 949 66.85 -14.20 -31.52
CA LEU C 949 65.73 -13.34 -31.19
C LEU C 949 64.46 -14.17 -31.00
N PRO C 950 63.64 -13.86 -30.00
CA PRO C 950 62.35 -14.54 -29.88
C PRO C 950 61.48 -14.29 -31.10
N ARG C 951 60.69 -15.30 -31.45
CA ARG C 951 59.86 -15.25 -32.65
C ARG C 951 58.43 -14.75 -32.37
N PHE C 952 57.97 -14.84 -31.13
CA PHE C 952 56.59 -14.47 -30.84
C PHE C 952 56.41 -12.97 -30.93
N PRO C 953 55.30 -12.48 -31.50
CA PRO C 953 55.06 -11.03 -31.53
C PRO C 953 54.34 -10.54 -30.28
N GLU C 954 54.81 -9.40 -29.77
CA GLU C 954 54.22 -8.83 -28.57
C GLU C 954 52.86 -8.20 -28.83
N TRP C 955 52.60 -7.76 -30.06
CA TRP C 955 51.37 -7.03 -30.36
C TRP C 955 50.12 -7.91 -30.30
N ILE C 956 50.28 -9.23 -30.19
CA ILE C 956 49.15 -10.11 -29.95
C ILE C 956 49.16 -10.67 -28.53
N THR C 957 50.32 -10.76 -27.87
CA THR C 957 50.38 -11.29 -26.52
C THR C 957 49.96 -10.24 -25.49
N ILE C 958 50.56 -9.05 -25.55
CA ILE C 958 50.28 -8.04 -24.53
C ILE C 958 48.81 -7.68 -24.48
N PRO C 959 48.13 -7.38 -25.59
CA PRO C 959 46.68 -7.11 -25.49
C PRO C 959 45.91 -8.29 -24.92
N LEU C 960 46.32 -9.51 -25.25
CA LEU C 960 45.62 -10.69 -24.73
C LEU C 960 45.68 -10.72 -23.21
N VAL C 961 46.88 -10.58 -22.65
CA VAL C 961 47.03 -10.62 -21.20
C VAL C 961 46.34 -9.43 -20.55
N CYS C 962 46.40 -8.26 -21.18
CA CYS C 962 45.72 -7.10 -20.62
C CYS C 962 44.22 -7.33 -20.52
N ILE C 963 43.61 -7.86 -21.59
CA ILE C 963 42.18 -8.13 -21.57
C ILE C 963 41.86 -9.19 -20.52
N TYR C 964 42.67 -10.25 -20.46
CA TYR C 964 42.41 -11.32 -19.51
C TYR C 964 42.45 -10.81 -18.08
N MET C 965 43.45 -9.99 -17.75
CA MET C 965 43.54 -9.44 -16.40
C MET C 965 42.40 -8.49 -16.11
N LEU C 966 42.09 -7.58 -17.04
CA LEU C 966 40.99 -6.66 -16.83
C LEU C 966 39.68 -7.40 -16.61
N SER C 967 39.50 -8.55 -17.25
CA SER C 967 38.27 -9.31 -17.10
C SER C 967 38.23 -10.07 -15.77
N THR C 968 39.26 -10.87 -15.50
CA THR C 968 39.22 -11.74 -14.32
C THR C 968 39.38 -10.93 -13.04
N ASN C 969 40.38 -10.06 -12.97
CA ASN C 969 40.77 -9.49 -11.70
C ASN C 969 39.80 -8.44 -11.18
N ILE C 970 39.01 -7.82 -12.07
CA ILE C 970 38.20 -6.67 -11.69
C ILE C 970 36.72 -6.93 -11.93
N LEU C 971 36.34 -7.15 -13.20
CA LEU C 971 34.93 -7.25 -13.54
C LEU C 971 34.27 -8.43 -12.84
N LEU C 972 34.90 -9.61 -12.92
CA LEU C 972 34.27 -10.81 -12.39
C LEU C 972 34.13 -10.75 -10.88
N VAL C 973 35.15 -10.23 -10.19
CA VAL C 973 35.08 -10.13 -8.72
C VAL C 973 33.97 -9.19 -8.30
N ASN C 974 33.85 -8.06 -8.98
CA ASN C 974 32.79 -7.11 -8.66
C ASN C 974 31.42 -7.69 -8.93
N LEU C 975 31.28 -8.45 -10.02
CA LEU C 975 30.02 -9.13 -10.31
C LEU C 975 29.69 -10.12 -9.20
N LEU C 976 30.69 -10.84 -8.71
CA LEU C 976 30.48 -11.76 -7.60
C LEU C 976 30.01 -11.01 -6.36
N VAL C 977 30.62 -9.86 -6.09
CA VAL C 977 30.21 -9.05 -4.94
C VAL C 977 28.76 -8.64 -5.07
N ALA C 978 28.36 -8.20 -6.26
CA ALA C 978 26.98 -7.76 -6.47
C ALA C 978 26.00 -8.91 -6.28
N MET C 979 26.32 -10.08 -6.83
CA MET C 979 25.44 -11.23 -6.67
C MET C 979 25.33 -11.65 -5.21
N PHE C 980 26.45 -11.62 -4.48
CA PHE C 980 26.40 -11.92 -3.05
C PHE C 980 25.51 -10.93 -2.31
N GLY C 981 25.63 -9.65 -2.64
CA GLY C 981 24.79 -8.66 -1.97
C GLY C 981 23.32 -8.90 -2.22
N TYR C 982 22.95 -9.16 -3.48
CA TYR C 982 21.56 -9.43 -3.78
C TYR C 982 21.07 -10.67 -3.05
N THR C 983 21.87 -11.73 -3.04
CA THR C 983 21.45 -12.96 -2.37
C THR C 983 21.26 -12.74 -0.87
N VAL C 984 22.17 -12.00 -0.24
CA VAL C 984 22.03 -11.71 1.18
C VAL C 984 20.74 -10.94 1.43
N GLY C 985 20.51 -9.89 0.65
CA GLY C 985 19.30 -9.11 0.82
C GLY C 985 18.05 -9.95 0.68
N ILE C 986 18.05 -10.89 -0.26
CA ILE C 986 16.88 -11.72 -0.48
C ILE C 986 16.67 -12.70 0.67
N VAL C 987 17.75 -13.35 1.13
CA VAL C 987 17.60 -14.48 2.04
C VAL C 987 17.69 -14.11 3.51
N GLN C 988 17.97 -12.86 3.85
CA GLN C 988 18.09 -12.50 5.26
C GLN C 988 16.75 -12.68 5.98
N GLU C 989 15.65 -12.31 5.34
CA GLU C 989 14.34 -12.39 5.99
C GLU C 989 13.95 -13.82 6.35
N ASN C 990 14.56 -14.82 5.72
CA ASN C 990 14.25 -16.22 5.97
C ASN C 990 15.37 -16.95 6.72
N ASN C 991 16.57 -16.36 6.79
CA ASN C 991 17.69 -17.06 7.42
C ASN C 991 17.42 -17.37 8.88
N ASP C 992 16.86 -16.41 9.63
CA ASP C 992 16.60 -16.65 11.05
C ASP C 992 15.56 -17.76 11.25
N GLN C 993 14.51 -17.74 10.44
CA GLN C 993 13.50 -18.79 10.52
C GLN C 993 14.14 -20.16 10.24
N VAL C 994 15.04 -20.22 9.26
CA VAL C 994 15.71 -21.48 8.98
C VAL C 994 16.61 -21.90 10.13
N TRP C 995 17.29 -20.92 10.74
CA TRP C 995 18.24 -21.23 11.81
C TRP C 995 17.55 -21.76 13.06
N LYS C 996 16.35 -21.25 13.35
CA LYS C 996 15.64 -21.72 14.54
C LYS C 996 15.34 -23.21 14.47
N PHE C 997 15.09 -23.73 13.27
CA PHE C 997 14.86 -25.16 13.10
C PHE C 997 16.09 -25.96 13.52
N GLN C 998 17.27 -25.55 13.06
CA GLN C 998 18.50 -26.25 13.45
C GLN C 998 18.75 -26.09 14.94
N ARG C 999 18.38 -24.94 15.49
CA ARG C 999 18.50 -24.75 16.94
C ARG C 999 17.65 -25.77 17.68
N TYR C 1000 16.42 -26.00 17.20
CA TYR C 1000 15.59 -27.03 17.81
C TYR C 1000 16.25 -28.40 17.70
N PHE C 1001 16.83 -28.68 16.54
CA PHE C 1001 17.49 -29.98 16.36
C PHE C 1001 18.60 -30.16 17.39
N LEU C 1002 19.40 -29.12 17.62
CA LEU C 1002 20.44 -29.20 18.65
C LEU C 1002 19.83 -29.38 20.03
N VAL C 1003 18.88 -28.52 20.39
CA VAL C 1003 18.31 -28.53 21.73
C VAL C 1003 17.57 -29.81 22.03
N GLN C 1004 17.25 -30.60 21.00
CA GLN C 1004 16.70 -31.93 21.21
C GLN C 1004 17.77 -33.01 21.25
N GLU C 1005 18.74 -32.97 20.33
CA GLU C 1005 19.76 -34.02 20.29
C GLU C 1005 20.60 -34.02 21.55
N TYR C 1006 21.04 -32.84 22.01
CA TYR C 1006 21.86 -32.81 23.21
C TYR C 1006 21.07 -33.21 24.45
N CYS C 1007 19.81 -32.78 24.54
CA CYS C 1007 19.00 -33.12 25.71
C CYS C 1007 18.67 -34.61 25.74
N ASN C 1008 18.56 -35.25 24.58
CA ASN C 1008 18.20 -36.67 24.56
C ASN C 1008 19.27 -37.53 25.23
N ARG C 1009 20.55 -37.22 24.99
CA ARG C 1009 21.60 -38.06 25.53
C ARG C 1009 21.62 -37.98 27.05
N LEU C 1010 22.44 -38.85 27.66
CA LEU C 1010 22.51 -38.94 29.11
C LEU C 1010 23.19 -37.74 29.75
N ASN C 1011 23.83 -36.88 28.97
CA ASN C 1011 24.42 -35.63 29.47
C ASN C 1011 25.52 -35.92 30.49
N ILE C 1012 26.57 -36.60 30.03
CA ILE C 1012 27.79 -36.80 30.82
C ILE C 1012 28.90 -36.00 30.17
N PRO C 1013 29.75 -35.32 30.94
CA PRO C 1013 30.86 -34.58 30.31
C PRO C 1013 31.75 -35.51 29.48
N PHE C 1014 32.23 -34.98 28.36
CA PHE C 1014 32.87 -35.82 27.36
C PHE C 1014 34.06 -36.62 27.88
N PRO C 1015 34.98 -36.07 28.68
CA PRO C 1015 36.23 -36.81 28.95
C PRO C 1015 36.02 -38.19 29.52
N PHE C 1016 34.99 -38.40 30.34
CA PHE C 1016 34.75 -39.71 30.96
C PHE C 1016 33.31 -40.16 30.71
N VAL C 1017 32.87 -40.10 29.45
CA VAL C 1017 31.61 -40.72 29.07
C VAL C 1017 31.79 -42.22 28.84
N VAL C 1018 33.02 -42.69 28.69
CA VAL C 1018 33.26 -44.10 28.38
C VAL C 1018 32.68 -44.99 29.46
N PHE C 1019 32.83 -44.59 30.73
CA PHE C 1019 32.32 -45.41 31.81
C PHE C 1019 30.80 -45.54 31.72
N ALA C 1020 30.12 -44.44 31.39
CA ALA C 1020 28.66 -44.48 31.25
C ALA C 1020 28.26 -45.47 30.16
N TYR C 1021 28.86 -45.35 28.97
CA TYR C 1021 28.52 -46.26 27.89
C TYR C 1021 28.85 -47.70 28.25
N PHE C 1022 29.97 -47.93 28.92
CA PHE C 1022 30.38 -49.30 29.25
C PHE C 1022 29.38 -49.95 30.21
N TYR C 1023 29.02 -49.25 31.29
CA TYR C 1023 28.12 -49.90 32.24
C TYR C 1023 26.67 -49.85 31.78
N MET C 1024 26.33 -49.00 30.79
CA MET C 1024 25.03 -49.10 30.16
C MET C 1024 24.96 -50.30 29.22
N VAL C 1025 26.07 -50.59 28.53
CA VAL C 1025 26.17 -51.82 27.76
C VAL C 1025 26.02 -53.02 28.68
N VAL C 1026 26.67 -52.97 29.85
CA VAL C 1026 26.49 -54.02 30.84
C VAL C 1026 25.02 -54.11 31.25
N LYS C 1027 24.38 -52.96 31.46
CA LYS C 1027 22.95 -52.93 31.77
C LYS C 1027 22.08 -53.03 30.53
N LYS C 1028 22.65 -52.83 29.35
CA LYS C 1028 21.88 -52.90 28.11
C LYS C 1028 21.44 -54.33 27.81
N ASN C 1051 -5.72 -35.92 28.62
CA ASN C 1051 -7.15 -35.98 28.94
C ASN C 1051 -7.64 -34.59 29.32
N GLU C 1052 -7.20 -34.12 30.49
CA GLU C 1052 -7.53 -32.75 30.91
C GLU C 1052 -6.96 -31.73 29.92
N THR C 1053 -5.72 -31.94 29.48
CA THR C 1053 -5.12 -31.03 28.53
C THR C 1053 -5.91 -31.02 27.22
N LEU C 1054 -6.47 -32.16 26.82
CA LEU C 1054 -7.29 -32.19 25.62
C LEU C 1054 -8.57 -31.37 25.81
N ALA C 1055 -9.18 -31.43 26.99
CA ALA C 1055 -10.35 -30.61 27.25
C ALA C 1055 -10.02 -29.13 27.18
N TRP C 1056 -8.90 -28.74 27.80
CA TRP C 1056 -8.47 -27.34 27.71
C TRP C 1056 -8.20 -26.94 26.27
N GLU C 1057 -7.61 -27.85 25.49
CA GLU C 1057 -7.38 -27.60 24.07
C GLU C 1057 -8.69 -27.36 23.34
N GLY C 1058 -9.70 -28.17 23.64
CA GLY C 1058 -11.00 -27.97 23.01
C GLY C 1058 -11.61 -26.62 23.37
N VAL C 1059 -11.49 -26.23 24.64
CA VAL C 1059 -12.02 -24.95 25.07
C VAL C 1059 -11.34 -23.80 24.32
N MET C 1060 -10.00 -23.86 24.25
CA MET C 1060 -9.27 -22.82 23.53
C MET C 1060 -9.60 -22.83 22.05
N LYS C 1061 -9.87 -24.00 21.48
CA LYS C 1061 -10.30 -24.07 20.09
C LYS C 1061 -11.64 -23.38 19.89
N GLU C 1062 -12.58 -23.59 20.82
CA GLU C 1062 -13.84 -22.88 20.75
C GLU C 1062 -13.63 -21.37 20.80
N ASN C 1063 -12.76 -20.92 21.71
CA ASN C 1063 -12.46 -19.50 21.79
C ASN C 1063 -11.89 -18.98 20.47
N TYR C 1064 -10.98 -19.73 19.86
CA TYR C 1064 -10.36 -19.31 18.61
C TYR C 1064 -11.36 -19.26 17.47
N LEU C 1065 -12.26 -20.24 17.40
CA LEU C 1065 -13.30 -20.22 16.38
C LEU C 1065 -14.23 -19.02 16.56
N VAL C 1066 -14.60 -18.73 17.81
CA VAL C 1066 -15.43 -17.56 18.07
C VAL C 1066 -14.69 -16.29 17.67
N LYS C 1067 -13.37 -16.26 17.91
CA LYS C 1067 -12.58 -15.10 17.49
C LYS C 1067 -12.61 -14.94 15.97
N ILE C 1068 -12.48 -16.05 15.24
CA ILE C 1068 -12.55 -15.97 13.78
C ILE C 1068 -13.91 -15.44 13.36
N ASN C 1069 -14.99 -15.93 13.97
CA ASN C 1069 -16.32 -15.50 13.60
C ASN C 1069 -16.51 -14.00 13.89
N THR C 1070 -16.00 -13.53 15.03
CA THR C 1070 -16.09 -12.11 15.34
C THR C 1070 -15.30 -11.28 14.34
N LYS C 1071 -14.10 -11.74 13.97
CA LYS C 1071 -13.32 -11.02 12.97
C LYS C 1071 -14.06 -10.94 11.65
N ALA C 1072 -14.71 -12.03 11.24
CA ALA C 1072 -15.50 -12.02 10.02
C ALA C 1072 -16.66 -11.04 10.13
N ASN C 1073 -17.35 -11.03 11.27
CA ASN C 1073 -18.51 -10.16 11.46
C ASN C 1073 -18.11 -8.70 11.63
N ASP C 1074 -16.84 -8.41 11.90
CA ASP C 1074 -16.39 -7.04 12.13
C ASP C 1074 -16.50 -6.18 10.88
N ASN C 1075 -16.97 -6.75 9.76
CA ASN C 1075 -17.10 -5.98 8.53
C ASN C 1075 -18.05 -4.81 8.71
N SER C 1076 -19.02 -4.92 9.61
CA SER C 1076 -19.98 -3.86 9.91
C SER C 1076 -21.01 -3.67 8.79
N GLU C 1077 -21.15 -4.66 7.91
CA GLU C 1077 -22.10 -4.56 6.81
C GLU C 1077 -23.54 -4.79 7.25
N GLU C 1078 -23.77 -5.18 8.51
CA GLU C 1078 -25.12 -5.41 8.98
C GLU C 1078 -26.00 -4.17 8.88
N MET C 1079 -25.39 -2.99 8.77
CA MET C 1079 -26.17 -1.76 8.72
C MET C 1079 -27.07 -1.72 7.50
N ARG C 1080 -26.56 -2.15 6.34
CA ARG C 1080 -27.37 -2.14 5.13
C ARG C 1080 -28.48 -3.20 5.21
N HIS C 1081 -28.19 -4.34 5.81
CA HIS C 1081 -29.21 -5.36 5.99
C HIS C 1081 -30.33 -4.85 6.90
N ARG C 1082 -29.96 -4.14 7.96
CA ARG C 1082 -30.96 -3.51 8.82
C ARG C 1082 -31.68 -2.39 8.10
N PHE C 1083 -31.01 -1.72 7.16
CA PHE C 1083 -31.69 -0.73 6.32
C PHE C 1083 -32.80 -1.38 5.50
N ARG C 1084 -32.49 -2.52 4.88
CA ARG C 1084 -33.50 -3.24 4.12
C ARG C 1084 -34.64 -3.68 5.02
N GLN C 1085 -34.30 -4.15 6.22
CA GLN C 1085 -35.34 -4.56 7.17
C GLN C 1085 -36.24 -3.39 7.55
N LEU C 1086 -35.65 -2.22 7.82
CA LEU C 1086 -36.44 -1.05 8.18
C LEU C 1086 -37.33 -0.60 7.02
N ASP C 1087 -36.78 -0.63 5.80
CA ASP C 1087 -37.59 -0.28 4.63
C ASP C 1087 -38.77 -1.24 4.49
N SER C 1088 -38.54 -2.54 4.70
CA SER C 1088 -39.63 -3.50 4.62
C SER C 1088 -40.65 -3.25 5.72
N LYS C 1089 -40.19 -2.89 6.93
CA LYS C 1089 -41.10 -2.60 8.01
C LYS C 1089 -41.99 -1.40 7.68
N LEU C 1090 -41.40 -0.35 7.12
CA LEU C 1090 -42.19 0.82 6.72
C LEU C 1090 -43.20 0.44 5.64
N ASN C 1091 -42.77 -0.36 4.66
CA ASN C 1091 -43.69 -0.77 3.61
C ASN C 1091 -44.86 -1.57 4.19
N ASP C 1092 -44.57 -2.48 5.12
CA ASP C 1092 -45.64 -3.26 5.74
C ASP C 1092 -46.60 -2.36 6.51
N LEU C 1093 -46.06 -1.39 7.26
CA LEU C 1093 -46.92 -0.46 7.98
C LEU C 1093 -47.77 0.37 7.03
N LYS C 1094 -47.30 0.55 5.79
CA LYS C 1094 -48.04 1.36 4.83
C LYS C 1094 -49.42 0.77 4.56
N SER C 1095 -49.51 -0.55 4.40
CA SER C 1095 -50.78 -1.18 4.05
C SER C 1095 -51.83 -1.02 5.15
N LEU C 1096 -51.40 -0.72 6.37
CA LEU C 1096 -52.35 -0.52 7.46
C LEU C 1096 -53.28 0.64 7.18
N LEU C 1097 -52.76 1.72 6.58
CA LEU C 1097 -53.60 2.86 6.24
C LEU C 1097 -54.68 2.47 5.24
N LYS C 1098 -54.32 1.71 4.20
CA LYS C 1098 -55.30 1.27 3.23
C LYS C 1098 -56.34 0.36 3.87
N GLU C 1099 -55.89 -0.54 4.74
CA GLU C 1099 -56.84 -1.43 5.42
C GLU C 1099 -57.82 -0.63 6.28
N ILE C 1100 -57.32 0.36 7.02
CA ILE C 1100 -58.18 1.18 7.86
C ILE C 1100 -59.16 1.97 7.01
N ALA C 1101 -58.69 2.53 5.89
CA ALA C 1101 -59.58 3.28 5.01
C ALA C 1101 -60.68 2.39 4.46
N ASN C 1102 -60.33 1.17 4.04
CA ASN C 1102 -61.34 0.24 3.56
C ASN C 1102 -62.35 -0.11 4.65
N ASN C 1103 -61.86 -0.36 5.87
CA ASN C 1103 -62.76 -0.70 6.97
C ASN C 1103 -63.71 0.44 7.29
N ILE C 1104 -63.21 1.67 7.31
CA ILE C 1104 -64.04 2.82 7.67
C ILE C 1104 -65.17 2.99 6.65
N LYS C 1105 -64.85 2.90 5.36
CA LYS C 1105 -65.85 3.06 4.32
C LYS C 1105 -66.92 1.98 4.41
N ASP D 41 -22.32 -35.39 60.47
CA ASP D 41 -22.69 -34.08 61.00
C ASP D 41 -23.91 -33.54 60.28
N LEU D 42 -23.69 -33.01 59.07
CA LEU D 42 -24.80 -32.47 58.28
C LEU D 42 -25.81 -33.55 57.93
N VAL D 43 -25.32 -34.74 57.58
CA VAL D 43 -26.23 -35.81 57.15
C VAL D 43 -27.24 -36.12 58.25
N ASN D 44 -26.79 -36.11 59.51
CA ASN D 44 -27.70 -36.37 60.60
C ASN D 44 -28.82 -35.33 60.63
N PHE D 45 -28.49 -34.06 60.41
CA PHE D 45 -29.52 -33.03 60.34
C PHE D 45 -30.46 -33.28 59.16
N ILE D 46 -29.91 -33.71 58.02
CA ILE D 46 -30.75 -34.00 56.87
C ILE D 46 -31.73 -35.12 57.19
N GLN D 47 -31.31 -36.09 58.01
CA GLN D 47 -32.20 -37.20 58.35
C GLN D 47 -33.53 -36.69 58.89
N ALA D 48 -33.47 -35.82 59.90
CA ALA D 48 -34.70 -35.31 60.51
C ALA D 48 -35.36 -34.24 59.65
N ASN D 49 -34.56 -33.35 59.04
CA ASN D 49 -35.13 -32.24 58.29
C ASN D 49 -35.92 -32.73 57.07
N PHE D 50 -35.39 -33.74 56.37
CA PHE D 50 -35.98 -34.18 55.10
C PHE D 50 -36.47 -35.63 55.17
N ASP D 102 -34.85 -38.31 55.90
CA ASP D 102 -33.87 -39.26 55.40
C ASP D 102 -34.07 -39.53 53.91
N ALA D 103 -33.47 -40.62 53.41
CA ALA D 103 -33.59 -41.01 52.02
C ALA D 103 -33.00 -39.95 51.09
N PHE D 104 -31.73 -39.63 51.35
CA PHE D 104 -30.97 -38.68 50.54
C PHE D 104 -29.71 -39.35 50.04
N GLY D 105 -29.40 -39.15 48.76
CA GLY D 105 -28.23 -39.78 48.15
C GLY D 105 -27.26 -38.78 47.56
N ASP D 106 -26.07 -38.68 48.14
CA ASP D 106 -25.02 -37.83 47.62
C ASP D 106 -24.15 -38.64 46.66
N ILE D 107 -23.98 -38.10 45.45
CA ILE D 107 -23.28 -38.81 44.37
C ILE D 107 -22.11 -37.95 43.91
N GLN D 108 -20.94 -38.56 43.79
CA GLN D 108 -19.76 -37.91 43.24
C GLN D 108 -19.12 -38.86 42.23
N PHE D 109 -18.86 -38.35 41.03
CA PHE D 109 -18.28 -39.17 39.96
C PHE D 109 -16.81 -38.81 39.75
N GLY D 116 -22.60 -33.56 42.08
CA GLY D 116 -22.30 -33.31 43.48
C GLY D 116 -23.39 -33.76 44.41
N LYS D 117 -23.70 -32.95 45.41
CA LYS D 117 -24.70 -33.32 46.40
C LYS D 117 -26.07 -33.48 45.75
N TYR D 118 -26.81 -34.47 46.22
CA TYR D 118 -28.18 -34.72 45.78
C TYR D 118 -29.05 -34.93 47.01
N LEU D 119 -30.36 -34.96 46.80
CA LEU D 119 -31.29 -35.04 47.91
C LEU D 119 -32.68 -35.37 47.40
N ARG D 120 -33.52 -35.87 48.30
CA ARG D 120 -34.93 -36.13 48.01
C ARG D 120 -35.78 -35.21 48.87
N LEU D 121 -36.74 -34.55 48.25
CA LEU D 121 -37.48 -33.47 48.88
C LEU D 121 -38.97 -33.79 48.95
N SER D 122 -39.62 -33.20 49.94
CA SER D 122 -41.07 -33.26 50.09
C SER D 122 -41.63 -31.85 49.97
N CYS D 123 -42.80 -31.73 49.34
CA CYS D 123 -43.39 -30.42 49.12
C CYS D 123 -43.63 -29.68 50.43
N ASP D 124 -43.97 -30.41 51.49
CA ASP D 124 -44.23 -29.78 52.78
C ASP D 124 -42.98 -29.20 53.42
N THR D 125 -41.80 -29.53 52.90
CA THR D 125 -40.56 -29.00 53.47
C THR D 125 -40.55 -27.49 53.42
N ASP D 126 -40.17 -26.85 54.52
CA ASP D 126 -40.14 -25.41 54.59
C ASP D 126 -39.00 -24.86 53.75
N SER D 127 -39.26 -23.75 53.05
CA SER D 127 -38.23 -23.11 52.24
C SER D 127 -37.11 -22.56 53.10
N GLU D 128 -37.44 -22.04 54.28
CA GLU D 128 -36.43 -21.46 55.16
C GLU D 128 -35.42 -22.53 55.59
N THR D 129 -35.90 -23.72 55.93
CA THR D 129 -35.00 -24.80 56.32
C THR D 129 -34.09 -25.19 55.17
N LEU D 130 -34.63 -25.27 53.96
CA LEU D 130 -33.80 -25.62 52.80
C LEU D 130 -32.73 -24.56 52.55
N TYR D 131 -33.11 -23.29 52.65
CA TYR D 131 -32.13 -22.22 52.45
C TYR D 131 -31.06 -22.26 53.53
N GLU D 132 -31.46 -22.50 54.78
CA GLU D 132 -30.49 -22.60 55.86
C GLU D 132 -29.50 -23.73 55.59
N LEU D 133 -30.02 -24.91 55.24
CA LEU D 133 -29.15 -26.02 54.88
C LEU D 133 -28.16 -25.60 53.80
N LEU D 134 -28.69 -25.14 52.67
CA LEU D 134 -27.84 -24.76 51.54
C LEU D 134 -26.74 -23.80 51.96
N THR D 135 -27.13 -22.65 52.51
CA THR D 135 -26.15 -21.60 52.80
C THR D 135 -25.16 -22.05 53.87
N GLN D 136 -25.66 -22.50 55.02
CA GLN D 136 -24.77 -22.78 56.15
C GLN D 136 -23.85 -23.95 55.85
N HIS D 137 -24.36 -25.01 55.23
CA HIS D 137 -23.59 -26.25 55.12
C HIS D 137 -22.58 -26.20 53.99
N TRP D 138 -22.98 -25.72 52.81
CA TRP D 138 -22.22 -25.98 51.59
C TRP D 138 -21.55 -24.73 51.02
N HIS D 139 -22.31 -23.68 50.70
CA HIS D 139 -21.83 -22.62 49.83
C HIS D 139 -22.05 -21.25 50.46
N LEU D 140 -21.58 -20.23 49.75
CA LEU D 140 -21.63 -18.85 50.20
C LEU D 140 -23.00 -18.23 49.91
N LYS D 141 -23.26 -17.08 50.51
CA LYS D 141 -24.49 -16.36 50.25
C LYS D 141 -24.55 -15.92 48.79
N THR D 142 -25.77 -15.83 48.27
CA THR D 142 -25.97 -15.53 46.86
C THR D 142 -26.15 -14.04 46.64
N PRO D 143 -25.36 -13.40 45.77
CA PRO D 143 -25.62 -12.02 45.39
C PRO D 143 -26.53 -11.85 44.18
N ASN D 144 -26.92 -12.95 43.54
CA ASN D 144 -27.79 -12.91 42.38
C ASN D 144 -28.29 -14.32 42.12
N LEU D 145 -29.52 -14.41 41.58
CA LEU D 145 -30.23 -15.67 41.42
C LEU D 145 -30.83 -15.78 40.02
N VAL D 146 -30.00 -15.58 39.00
CA VAL D 146 -30.44 -15.83 37.63
C VAL D 146 -31.05 -17.21 37.57
N ILE D 147 -32.32 -17.29 37.17
CA ILE D 147 -33.04 -18.56 37.03
C ILE D 147 -33.51 -18.66 35.58
N SER D 148 -33.09 -19.71 34.90
CA SER D 148 -33.46 -19.95 33.51
C SER D 148 -34.66 -20.89 33.46
N VAL D 149 -35.70 -20.48 32.73
CA VAL D 149 -36.90 -21.28 32.58
C VAL D 149 -37.05 -21.63 31.10
N THR D 150 -37.24 -22.91 30.81
CA THR D 150 -37.43 -23.39 29.45
C THR D 150 -38.21 -24.70 29.50
N GLY D 151 -38.42 -25.29 28.33
CA GLY D 151 -39.15 -26.55 28.26
C GLY D 151 -38.26 -27.73 28.56
N GLY D 152 -38.80 -28.67 29.33
CA GLY D 152 -38.09 -29.89 29.64
C GLY D 152 -38.02 -30.89 28.51
N ALA D 153 -38.77 -30.65 27.43
CA ALA D 153 -38.73 -31.55 26.29
C ALA D 153 -37.35 -31.54 25.65
N LYS D 154 -36.91 -32.71 25.17
CA LYS D 154 -35.61 -32.81 24.52
C LYS D 154 -35.55 -32.05 23.21
N ASN D 155 -36.70 -31.65 22.66
CA ASN D 155 -36.75 -30.92 21.38
C ASN D 155 -36.32 -29.49 21.64
N PHE D 156 -35.02 -29.23 21.54
CA PHE D 156 -34.45 -27.89 21.72
C PHE D 156 -33.47 -27.66 20.55
N ALA D 157 -33.97 -27.02 19.50
CA ALA D 157 -33.15 -26.75 18.32
C ALA D 157 -32.09 -25.71 18.67
N LEU D 158 -30.84 -26.15 18.81
CA LEU D 158 -29.76 -25.23 19.13
C LEU D 158 -29.60 -24.19 18.03
N LYS D 159 -29.48 -22.93 18.43
CA LYS D 159 -29.27 -21.83 17.51
C LYS D 159 -27.92 -21.16 17.77
N PRO D 160 -27.32 -20.55 16.75
CA PRO D 160 -26.02 -19.88 16.98
C PRO D 160 -26.11 -18.71 17.94
N ARG D 161 -27.03 -17.78 17.69
CA ARG D 161 -27.18 -16.62 18.55
C ARG D 161 -27.61 -17.04 19.95
N MET D 162 -28.45 -18.07 20.05
CA MET D 162 -28.83 -18.57 21.36
C MET D 162 -27.63 -19.12 22.11
N ARG D 163 -26.76 -19.84 21.39
CA ARG D 163 -25.54 -20.34 22.02
C ARG D 163 -24.68 -19.20 22.55
N LYS D 164 -24.48 -18.17 21.72
CA LYS D 164 -23.68 -17.03 22.16
C LYS D 164 -24.32 -16.34 23.37
N ILE D 165 -25.64 -16.14 23.32
CA ILE D 165 -26.34 -15.45 24.39
C ILE D 165 -26.21 -16.21 25.69
N PHE D 166 -26.39 -17.53 25.66
CA PHE D 166 -26.31 -18.29 26.89
C PHE D 166 -24.89 -18.41 27.40
N SER D 167 -23.89 -18.42 26.50
CA SER D 167 -22.51 -18.34 26.96
C SER D 167 -22.25 -17.04 27.70
N ARG D 168 -22.75 -15.92 27.14
CA ARG D 168 -22.59 -14.64 27.82
C ARG D 168 -23.31 -14.64 29.17
N LEU D 169 -24.49 -15.24 29.23
CA LEU D 169 -25.23 -15.32 30.49
C LEU D 169 -24.43 -16.09 31.53
N ILE D 170 -23.85 -17.23 31.15
CA ILE D 170 -23.05 -18.01 32.08
C ILE D 170 -21.83 -17.20 32.54
N TYR D 171 -21.18 -16.49 31.60
CA TYR D 171 -20.04 -15.67 31.98
C TYR D 171 -20.44 -14.62 33.01
N ILE D 172 -21.57 -13.95 32.79
CA ILE D 172 -22.04 -12.93 33.72
C ILE D 172 -22.33 -13.55 35.09
N ALA D 173 -23.00 -14.71 35.10
CA ALA D 173 -23.32 -15.37 36.35
C ALA D 173 -22.05 -15.71 37.13
N GLN D 174 -21.04 -16.21 36.43
CA GLN D 174 -19.77 -16.51 37.10
C GLN D 174 -19.12 -15.23 37.62
N SER D 175 -19.15 -14.17 36.82
CA SER D 175 -18.49 -12.93 37.22
C SER D 175 -19.12 -12.36 38.48
N LYS D 176 -20.45 -12.34 38.56
CA LYS D 176 -21.13 -11.79 39.72
C LYS D 176 -21.28 -12.80 40.85
N GLY D 177 -21.00 -14.08 40.61
CA GLY D 177 -21.21 -15.09 41.62
C GLY D 177 -22.64 -15.51 41.78
N ALA D 178 -23.44 -15.39 40.72
CA ALA D 178 -24.87 -15.67 40.82
C ALA D 178 -25.13 -17.17 40.88
N TRP D 179 -26.25 -17.52 41.51
CA TRP D 179 -26.77 -18.88 41.45
C TRP D 179 -27.59 -19.07 40.19
N ILE D 180 -27.57 -20.29 39.67
CA ILE D 180 -28.33 -20.64 38.47
C ILE D 180 -29.24 -21.82 38.82
N LEU D 181 -30.55 -21.63 38.67
CA LEU D 181 -31.53 -22.67 38.89
C LEU D 181 -32.09 -23.11 37.54
N THR D 182 -31.99 -24.40 37.25
CA THR D 182 -32.43 -24.96 35.99
C THR D 182 -33.22 -26.24 36.25
N GLY D 183 -33.77 -26.80 35.17
CA GLY D 183 -34.52 -28.03 35.29
C GLY D 183 -33.65 -29.20 35.74
N GLY D 184 -32.43 -29.29 35.21
CA GLY D 184 -31.51 -30.33 35.62
C GLY D 184 -31.95 -31.73 35.21
N THR D 185 -32.41 -31.89 33.98
CA THR D 185 -32.84 -33.19 33.47
C THR D 185 -32.02 -33.67 32.28
N HIS D 186 -31.01 -32.93 31.85
CA HIS D 186 -30.13 -33.34 30.75
C HIS D 186 -30.92 -33.48 29.45
N TYR D 187 -31.58 -32.41 29.06
CA TYR D 187 -32.34 -32.39 27.82
C TYR D 187 -32.30 -31.00 27.20
N GLY D 188 -31.92 -30.93 25.92
CA GLY D 188 -31.98 -29.67 25.20
C GLY D 188 -31.14 -28.60 25.87
N LEU D 189 -31.76 -27.43 26.06
CA LEU D 189 -31.03 -26.29 26.62
C LEU D 189 -30.43 -26.61 27.98
N MET D 190 -31.02 -27.55 28.72
CA MET D 190 -30.48 -27.90 30.03
C MET D 190 -29.05 -28.44 29.92
N LYS D 191 -28.83 -29.38 29.00
CA LYS D 191 -27.52 -29.98 28.87
C LYS D 191 -26.48 -28.95 28.46
N TYR D 192 -26.83 -28.05 27.54
CA TYR D 192 -25.88 -27.05 27.09
C TYR D 192 -25.60 -26.02 28.18
N ILE D 193 -26.62 -25.61 28.94
CA ILE D 193 -26.38 -24.64 29.99
C ILE D 193 -25.53 -25.25 31.09
N GLY D 194 -25.56 -26.58 31.24
CA GLY D 194 -24.65 -27.21 32.17
C GLY D 194 -23.25 -27.38 31.60
N GLU D 195 -23.19 -27.61 30.29
CA GLU D 195 -21.92 -27.80 29.62
C GLU D 195 -21.09 -26.51 29.63
N VAL D 196 -21.76 -25.36 29.46
CA VAL D 196 -21.03 -24.10 29.54
C VAL D 196 -20.44 -23.92 30.93
N VAL D 197 -21.19 -24.32 31.96
CA VAL D 197 -20.67 -24.24 33.32
C VAL D 197 -19.44 -25.11 33.48
N ARG D 198 -19.49 -26.33 32.94
CA ARG D 198 -18.32 -27.20 33.00
C ARG D 198 -17.13 -26.55 32.30
N ASP D 199 -17.36 -26.01 31.10
CA ASP D 199 -16.28 -25.42 30.32
C ASP D 199 -15.64 -24.26 31.07
N ASN D 200 -16.46 -23.40 31.68
CA ASN D 200 -15.91 -22.30 32.46
C ASN D 200 -15.21 -22.81 33.71
N THR D 201 -15.70 -23.91 34.30
CA THR D 201 -15.05 -24.47 35.48
C THR D 201 -13.67 -25.02 35.15
N ILE D 202 -13.41 -25.40 33.91
CA ILE D 202 -12.09 -25.88 33.54
C ILE D 202 -11.18 -24.77 33.04
N SER D 203 -11.64 -23.53 33.02
CA SER D 203 -10.81 -22.40 32.62
C SER D 203 -10.88 -21.27 33.64
N GLU D 208 -14.91 -18.05 42.48
CA GLU D 208 -14.12 -18.81 41.53
C GLU D 208 -14.85 -20.07 41.07
N ASN D 209 -16.09 -20.25 41.55
CA ASN D 209 -16.91 -21.39 41.19
C ASN D 209 -18.31 -20.92 40.87
N ILE D 210 -19.01 -21.71 40.05
CA ILE D 210 -20.38 -21.43 39.64
C ILE D 210 -21.29 -22.43 40.33
N VAL D 211 -22.34 -21.92 40.96
CA VAL D 211 -23.35 -22.74 41.63
C VAL D 211 -24.51 -22.90 40.66
N ALA D 212 -24.84 -24.14 40.32
CA ALA D 212 -25.82 -24.46 39.29
C ALA D 212 -26.85 -25.44 39.82
N ILE D 213 -27.50 -25.07 40.92
CA ILE D 213 -28.54 -25.92 41.49
C ILE D 213 -29.56 -26.28 40.41
N GLY D 214 -29.96 -27.55 40.40
CA GLY D 214 -30.99 -28.00 39.48
C GLY D 214 -32.12 -28.71 40.20
N ILE D 215 -33.34 -28.21 40.05
CA ILE D 215 -34.52 -28.79 40.69
C ILE D 215 -35.22 -29.68 39.68
N ALA D 216 -35.43 -30.95 40.04
CA ALA D 216 -36.12 -31.91 39.20
C ALA D 216 -37.11 -32.69 40.05
N ALA D 217 -37.85 -33.59 39.41
CA ALA D 217 -38.90 -34.35 40.06
C ALA D 217 -38.42 -35.78 40.31
N TRP D 218 -38.50 -36.22 41.57
CA TRP D 218 -38.13 -37.59 41.91
C TRP D 218 -39.06 -38.59 41.21
N GLY D 219 -40.35 -38.27 41.15
CA GLY D 219 -41.31 -39.22 40.59
C GLY D 219 -41.02 -39.53 39.13
N MET D 220 -40.60 -38.53 38.36
CA MET D 220 -40.33 -38.71 36.95
C MET D 220 -38.96 -39.32 36.68
N VAL D 221 -38.11 -39.46 37.71
CA VAL D 221 -36.78 -40.02 37.53
C VAL D 221 -36.88 -41.52 37.36
N SER D 222 -36.04 -42.07 36.48
CA SER D 222 -36.08 -43.49 36.18
C SER D 222 -35.34 -44.32 37.23
N ASN D 223 -34.04 -44.08 37.37
CA ASN D 223 -33.22 -44.89 38.25
C ASN D 223 -33.40 -44.48 39.70
N ARG D 224 -33.48 -45.49 40.58
CA ARG D 224 -33.60 -45.28 42.01
C ARG D 224 -32.36 -45.85 42.69
N ASP D 225 -31.61 -44.99 43.37
CA ASP D 225 -30.41 -45.37 44.10
C ASP D 225 -30.50 -44.80 45.51
N THR D 226 -31.13 -45.54 46.40
CA THR D 226 -31.29 -45.10 47.78
C THR D 226 -29.94 -45.07 48.48
N LEU D 227 -29.82 -44.16 49.45
CA LEU D 227 -28.59 -44.02 50.22
C LEU D 227 -28.22 -45.32 50.91
N PHE D 237 -23.24 -45.65 51.19
CA PHE D 237 -23.40 -44.25 51.56
C PHE D 237 -23.66 -43.39 50.32
N SER D 238 -22.59 -43.13 49.56
CA SER D 238 -22.68 -42.31 48.35
C SER D 238 -23.01 -43.21 47.15
N ALA D 239 -24.25 -43.66 47.13
CA ALA D 239 -24.72 -44.48 46.02
C ALA D 239 -24.61 -43.71 44.70
N GLN D 240 -24.03 -44.37 43.69
CA GLN D 240 -23.81 -43.73 42.40
C GLN D 240 -24.22 -44.69 41.29
N TYR D 241 -24.89 -44.14 40.27
CA TYR D 241 -25.30 -44.90 39.12
C TYR D 241 -25.08 -44.06 37.86
N ILE D 242 -24.82 -44.73 36.75
CA ILE D 242 -24.55 -44.07 35.48
C ILE D 242 -25.49 -44.63 34.42
N MET D 243 -25.70 -43.83 33.38
CA MET D 243 -26.59 -44.22 32.29
C MET D 243 -26.31 -43.37 31.04
N LEU D 251 -38.40 -42.63 33.53
CA LEU D 251 -37.67 -41.90 32.49
C LEU D 251 -36.98 -40.68 33.08
N TYR D 252 -36.68 -39.72 32.21
CA TYR D 252 -36.10 -38.44 32.62
C TYR D 252 -34.86 -38.64 33.50
N ILE D 253 -33.83 -39.24 32.89
CA ILE D 253 -32.53 -39.26 33.54
C ILE D 253 -32.12 -37.84 33.86
N LEU D 254 -31.35 -37.68 34.94
CA LEU D 254 -31.01 -36.36 35.47
C LEU D 254 -29.55 -36.04 35.17
N ASP D 255 -29.29 -34.80 34.74
CA ASP D 255 -27.94 -34.37 34.44
C ASP D 255 -27.07 -34.43 35.69
N ASN D 256 -25.88 -34.99 35.56
CA ASN D 256 -24.90 -35.00 36.63
C ASN D 256 -23.89 -33.86 36.50
N ASN D 257 -24.04 -33.00 35.49
CA ASN D 257 -23.11 -31.89 35.29
C ASN D 257 -23.44 -30.69 36.15
N HIS D 258 -24.52 -30.73 36.92
CA HIS D 258 -24.88 -29.66 37.84
C HIS D 258 -24.33 -29.97 39.22
N THR D 259 -23.80 -28.94 39.88
CA THR D 259 -23.14 -29.14 41.17
C THR D 259 -24.10 -29.72 42.19
N HIS D 260 -25.31 -29.17 42.28
CA HIS D 260 -26.30 -29.60 43.25
C HIS D 260 -27.60 -29.95 42.55
N LEU D 261 -28.25 -31.01 43.01
CA LEU D 261 -29.52 -31.46 42.46
C LEU D 261 -30.51 -31.64 43.60
N LEU D 262 -31.73 -31.13 43.42
CA LEU D 262 -32.81 -31.26 44.39
C LEU D 262 -33.97 -31.97 43.73
N LEU D 263 -34.31 -33.15 44.24
CA LEU D 263 -35.41 -33.96 43.73
C LEU D 263 -36.54 -33.94 44.74
N VAL D 264 -37.75 -33.59 44.28
CA VAL D 264 -38.91 -33.47 45.14
C VAL D 264 -40.06 -34.26 44.52
N ASP D 265 -40.56 -35.24 45.28
CA ASP D 265 -41.79 -35.94 44.89
C ASP D 265 -42.31 -36.68 46.11
N ASN D 266 -43.41 -36.18 46.67
CA ASN D 266 -44.05 -36.89 47.77
C ASN D 266 -44.67 -38.21 47.31
N GLY D 267 -44.86 -38.39 46.01
CA GLY D 267 -45.46 -39.60 45.50
C GLY D 267 -45.85 -39.44 44.04
N CYS D 268 -46.94 -40.10 43.66
CA CYS D 268 -47.52 -39.95 42.32
C CYS D 268 -46.48 -40.32 41.25
N HIS D 269 -46.12 -41.60 41.25
CA HIS D 269 -45.14 -42.11 40.29
C HIS D 269 -45.49 -41.76 38.85
N GLY D 270 -46.74 -41.36 38.58
CA GLY D 270 -47.10 -40.89 37.26
C GLY D 270 -46.28 -39.70 36.78
N HIS D 271 -45.55 -39.06 37.68
CA HIS D 271 -44.62 -37.98 37.34
C HIS D 271 -45.34 -36.72 36.88
N PRO D 272 -46.32 -36.22 37.61
CA PRO D 272 -46.79 -34.86 37.37
C PRO D 272 -45.82 -33.84 37.95
N THR D 273 -45.73 -32.68 37.28
CA THR D 273 -44.78 -31.67 37.70
C THR D 273 -45.05 -31.23 39.13
N VAL D 274 -44.00 -31.22 39.95
CA VAL D 274 -44.12 -30.85 41.36
C VAL D 274 -43.20 -29.68 41.66
N GLU D 275 -42.10 -29.56 40.91
CA GLU D 275 -41.16 -28.48 41.15
C GLU D 275 -41.76 -27.10 40.90
N ALA D 276 -42.82 -27.04 40.10
CA ALA D 276 -43.44 -25.77 39.74
C ALA D 276 -43.99 -25.01 40.93
N LYS D 277 -43.95 -25.58 42.13
CA LYS D 277 -44.37 -24.90 43.36
C LYS D 277 -43.22 -24.66 44.30
N LEU D 278 -42.41 -25.70 44.57
CA LEU D 278 -41.28 -25.54 45.49
C LEU D 278 -40.27 -24.54 44.94
N ARG D 279 -40.00 -24.59 43.64
CA ARG D 279 -39.03 -23.68 43.06
C ARG D 279 -39.47 -22.22 43.23
N ASN D 280 -40.74 -21.94 42.95
CA ASN D 280 -41.24 -20.58 43.10
C ASN D 280 -41.24 -20.15 44.56
N GLN D 281 -41.62 -21.04 45.47
CA GLN D 281 -41.59 -20.69 46.89
C GLN D 281 -40.16 -20.35 47.34
N LEU D 282 -39.18 -21.16 46.91
CA LEU D 282 -37.80 -20.88 47.27
C LEU D 282 -37.34 -19.55 46.71
N GLU D 283 -37.68 -19.27 45.44
CA GLU D 283 -37.27 -18.01 44.84
C GLU D 283 -37.88 -16.83 45.58
N LYS D 284 -39.16 -16.92 45.92
CA LYS D 284 -39.81 -15.82 46.64
C LYS D 284 -39.17 -15.62 48.01
N TYR D 285 -38.93 -16.70 48.75
CA TYR D 285 -38.34 -16.56 50.07
C TYR D 285 -36.95 -15.95 49.99
N ILE D 286 -36.13 -16.41 49.04
CA ILE D 286 -34.79 -15.83 48.89
C ILE D 286 -34.89 -14.38 48.45
N SER D 287 -35.91 -14.03 47.67
CA SER D 287 -36.14 -12.65 47.32
C SER D 287 -36.33 -11.79 48.56
N GLU D 288 -37.15 -12.27 49.50
CA GLU D 288 -37.36 -11.50 50.72
C GLU D 288 -36.13 -11.49 51.61
N ARG D 289 -35.27 -12.50 51.50
CA ARG D 289 -34.05 -12.56 52.29
C ARG D 289 -33.21 -11.31 52.07
N THR D 290 -32.93 -10.59 53.16
CA THR D 290 -32.20 -9.33 53.09
C THR D 290 -30.70 -9.58 53.19
N SER D 291 -29.95 -9.05 52.23
CA SER D 291 -28.49 -9.12 52.23
C SER D 291 -27.94 -7.72 52.05
N GLN D 292 -27.08 -7.30 52.97
CA GLN D 292 -26.50 -5.95 52.94
C GLN D 292 -25.25 -5.95 52.06
N ASP D 293 -25.47 -6.21 50.78
CA ASP D 293 -24.39 -6.22 49.81
C ASP D 293 -24.99 -6.04 48.41
N SER D 294 -24.13 -5.65 47.47
CA SER D 294 -24.51 -5.45 46.08
C SER D 294 -25.56 -4.36 45.92
N ASN D 295 -25.66 -3.45 46.90
CA ASN D 295 -26.64 -2.36 46.87
C ASN D 295 -28.02 -2.96 46.63
N TYR D 296 -28.82 -2.41 45.72
CA TYR D 296 -30.17 -2.90 45.45
C TYR D 296 -31.04 -2.86 46.71
N GLY D 297 -30.83 -1.86 47.55
CA GLY D 297 -31.64 -1.70 48.75
C GLY D 297 -31.56 -2.88 49.69
N GLY D 298 -30.38 -3.47 49.83
CA GLY D 298 -30.22 -4.61 50.74
C GLY D 298 -31.06 -5.81 50.35
N LYS D 299 -31.22 -6.05 49.06
CA LYS D 299 -31.99 -7.19 48.58
C LYS D 299 -31.17 -7.98 47.57
N ILE D 300 -31.80 -8.90 46.84
CA ILE D 300 -31.09 -9.75 45.90
C ILE D 300 -31.75 -9.64 44.53
N PRO D 301 -30.97 -9.57 43.43
CA PRO D 301 -31.55 -9.27 42.11
C PRO D 301 -32.69 -10.17 41.68
N ILE D 302 -32.49 -11.50 41.73
CA ILE D 302 -33.53 -12.50 41.49
C ILE D 302 -34.14 -12.32 40.11
N VAL D 303 -33.29 -12.17 39.09
CA VAL D 303 -33.79 -12.02 37.73
C VAL D 303 -34.28 -13.36 37.20
N CYS D 304 -35.20 -13.31 36.24
CA CYS D 304 -35.91 -14.49 35.73
C CYS D 304 -35.75 -14.54 34.21
N PHE D 305 -34.77 -15.31 33.74
CA PHE D 305 -34.53 -15.44 32.31
C PHE D 305 -35.49 -16.48 31.73
N ALA D 306 -36.16 -16.12 30.63
CA ALA D 306 -37.13 -17.02 30.01
C ALA D 306 -36.99 -16.95 28.49
N GLN D 307 -36.78 -18.11 27.86
CA GLN D 307 -36.75 -18.21 26.41
C GLN D 307 -37.49 -19.42 25.85
N GLY D 308 -37.71 -20.46 26.65
CA GLY D 308 -38.31 -21.66 26.11
C GLY D 308 -39.76 -21.46 25.70
N GLY D 309 -40.21 -22.29 24.76
CA GLY D 309 -41.56 -22.22 24.23
C GLY D 309 -42.55 -23.13 24.91
N GLY D 310 -42.20 -23.67 26.08
CA GLY D 310 -43.09 -24.60 26.75
C GLY D 310 -44.28 -23.92 27.43
N ARG D 311 -45.30 -24.74 27.67
CA ARG D 311 -46.46 -24.29 28.44
C ARG D 311 -46.10 -24.06 29.90
N GLU D 312 -45.39 -25.02 30.51
CA GLU D 312 -44.95 -24.86 31.88
C GLU D 312 -44.07 -23.63 32.03
N THR D 313 -43.39 -23.22 30.95
CA THR D 313 -42.67 -21.96 30.96
C THR D 313 -43.64 -20.79 31.11
N LEU D 314 -44.79 -20.86 30.46
CA LEU D 314 -45.80 -19.82 30.61
C LEU D 314 -46.29 -19.76 32.05
N LYS D 315 -46.59 -20.91 32.65
CA LYS D 315 -47.03 -20.92 34.04
C LYS D 315 -45.95 -20.38 34.97
N ALA D 316 -44.70 -20.76 34.72
CA ALA D 316 -43.59 -20.27 35.54
C ALA D 316 -43.45 -18.75 35.43
N ILE D 317 -43.57 -18.21 34.22
CA ILE D 317 -43.49 -16.77 34.04
C ILE D 317 -44.64 -16.08 34.78
N ASN D 318 -45.84 -16.64 34.68
CA ASN D 318 -46.98 -16.03 35.37
C ASN D 318 -46.75 -15.99 36.88
N THR D 319 -46.31 -17.11 37.46
CA THR D 319 -46.08 -17.12 38.90
C THR D 319 -44.93 -16.22 39.30
N SER D 320 -43.89 -16.14 38.47
CA SER D 320 -42.77 -15.24 38.78
C SER D 320 -43.23 -13.79 38.78
N VAL D 321 -44.01 -13.39 37.77
CA VAL D 321 -44.48 -12.02 37.71
C VAL D 321 -45.53 -11.74 38.76
N LYS D 322 -46.20 -12.78 39.30
CA LYS D 322 -47.11 -12.57 40.42
C LYS D 322 -46.40 -11.83 41.54
N SER D 323 -45.19 -12.27 41.89
CA SER D 323 -44.32 -11.52 42.76
C SER D 323 -43.50 -10.53 41.93
N LYS D 324 -42.77 -9.64 42.63
CA LYS D 324 -42.01 -8.59 41.97
C LYS D 324 -40.65 -9.14 41.53
N ILE D 325 -40.73 -10.06 40.56
CA ILE D 325 -39.55 -10.67 39.95
C ILE D 325 -39.48 -10.16 38.50
N PRO D 326 -38.44 -9.40 38.14
CA PRO D 326 -38.36 -8.86 36.76
C PRO D 326 -37.92 -9.86 35.71
N CYS D 327 -38.88 -10.61 35.20
CA CYS D 327 -38.58 -11.60 34.16
C CYS D 327 -38.13 -10.89 32.89
N VAL D 328 -37.25 -11.55 32.14
CA VAL D 328 -36.71 -11.03 30.89
C VAL D 328 -36.83 -12.10 29.82
N VAL D 329 -37.30 -11.70 28.64
CA VAL D 329 -37.54 -12.61 27.54
C VAL D 329 -36.74 -12.13 26.33
N VAL D 330 -36.44 -13.06 25.42
CA VAL D 330 -35.74 -12.76 24.18
C VAL D 330 -36.64 -13.15 23.03
N GLU D 331 -36.80 -12.25 22.05
CA GLU D 331 -37.61 -12.50 20.86
C GLU D 331 -36.82 -13.29 19.83
N GLY D 332 -36.43 -14.51 20.23
CA GLY D 332 -35.63 -15.37 19.38
C GLY D 332 -36.36 -16.62 18.93
N SER D 333 -35.77 -17.78 19.17
CA SER D 333 -36.37 -19.03 18.73
C SER D 333 -37.59 -19.40 19.57
N GLY D 334 -37.64 -18.96 20.83
CA GLY D 334 -38.75 -19.28 21.70
C GLY D 334 -40.10 -18.88 21.13
N GLN D 335 -41.08 -19.78 21.24
CA GLN D 335 -42.40 -19.52 20.67
C GLN D 335 -43.29 -18.77 21.65
N ILE D 336 -43.50 -19.34 22.84
CA ILE D 336 -44.24 -18.62 23.87
C ILE D 336 -43.48 -17.36 24.26
N ALA D 337 -42.17 -17.33 24.02
CA ALA D 337 -41.38 -16.13 24.29
C ALA D 337 -41.54 -15.10 23.19
N ASP D 338 -41.51 -15.53 21.92
CA ASP D 338 -41.72 -14.60 20.83
C ASP D 338 -43.13 -14.02 20.86
N VAL D 339 -44.11 -14.78 21.35
CA VAL D 339 -45.46 -14.25 21.47
C VAL D 339 -45.45 -13.01 22.37
N ILE D 340 -44.86 -13.15 23.56
CA ILE D 340 -44.85 -12.03 24.50
C ILE D 340 -43.99 -10.90 23.99
N ALA D 341 -42.88 -11.22 23.33
CA ALA D 341 -42.01 -10.18 22.79
C ALA D 341 -42.75 -9.36 21.73
N SER D 342 -43.50 -10.03 20.85
CA SER D 342 -44.26 -9.32 19.83
C SER D 342 -45.39 -8.51 20.44
N LEU D 343 -46.07 -9.07 21.44
CA LEU D 343 -47.19 -8.35 22.05
C LEU D 343 -46.72 -7.05 22.68
N VAL D 344 -45.59 -7.06 23.38
CA VAL D 344 -45.06 -5.85 23.99
C VAL D 344 -44.41 -4.97 22.93
N THR D 351 -55.77 -8.29 22.87
CA THR D 351 -57.10 -8.89 22.99
C THR D 351 -57.01 -10.41 22.84
N SER D 352 -58.16 -11.08 22.94
CA SER D 352 -58.19 -12.52 22.74
C SER D 352 -57.78 -12.88 21.32
N SER D 353 -58.26 -12.12 20.33
CA SER D 353 -57.89 -12.38 18.94
C SER D 353 -56.39 -12.22 18.73
N MET D 354 -55.79 -11.19 19.34
CA MET D 354 -54.37 -10.96 19.19
C MET D 354 -53.57 -12.15 19.73
N VAL D 355 -53.90 -12.59 20.95
CA VAL D 355 -53.20 -13.73 21.54
C VAL D 355 -53.40 -14.97 20.69
N LYS D 356 -54.64 -15.19 20.23
CA LYS D 356 -54.93 -16.39 19.43
C LYS D 356 -54.11 -16.40 18.16
N GLU D 357 -54.10 -15.28 17.42
CA GLU D 357 -53.37 -15.23 16.16
C GLU D 357 -51.87 -15.37 16.40
N LYS D 358 -51.34 -14.74 17.45
CA LYS D 358 -49.92 -14.85 17.73
C LYS D 358 -49.54 -16.30 18.03
N LEU D 359 -50.28 -16.97 18.90
CA LEU D 359 -49.92 -18.33 19.28
C LEU D 359 -50.18 -19.32 18.16
N VAL D 360 -51.14 -19.04 17.28
CA VAL D 360 -51.34 -19.88 16.10
C VAL D 360 -50.17 -19.71 15.14
N ARG D 361 -49.73 -18.47 14.92
CA ARG D 361 -48.62 -18.21 14.01
C ARG D 361 -47.34 -18.86 14.51
N PHE D 362 -47.07 -18.75 15.81
CA PHE D 362 -45.83 -19.28 16.37
C PHE D 362 -45.95 -20.72 16.83
N LEU D 363 -47.15 -21.17 17.20
CA LEU D 363 -47.38 -22.55 17.66
C LEU D 363 -48.60 -23.12 16.95
N PRO D 364 -48.52 -23.33 15.63
CA PRO D 364 -49.66 -23.91 14.90
C PRO D 364 -49.92 -25.36 15.29
N ARG D 365 -48.89 -26.20 15.25
CA ARG D 365 -49.08 -27.60 15.63
C ARG D 365 -49.43 -27.73 17.10
N THR D 366 -48.75 -26.95 17.95
CA THR D 366 -49.01 -27.04 19.39
C THR D 366 -50.42 -26.61 19.73
N VAL D 367 -50.90 -25.51 19.13
CA VAL D 367 -52.26 -25.06 19.39
C VAL D 367 -53.26 -26.03 18.79
N SER D 368 -52.95 -26.59 17.62
CA SER D 368 -53.83 -27.58 17.03
C SER D 368 -54.00 -28.78 17.96
N ARG D 369 -52.90 -29.26 18.55
CA ARG D 369 -53.00 -30.33 19.52
C ARG D 369 -53.65 -29.86 20.82
N LEU D 370 -53.47 -28.59 21.17
CA LEU D 370 -54.01 -28.08 22.42
C LEU D 370 -55.54 -28.07 22.38
N PRO D 371 -56.21 -28.40 23.49
CA PRO D 371 -57.68 -28.36 23.51
C PRO D 371 -58.19 -26.94 23.66
N GLU D 372 -59.51 -26.80 23.46
CA GLU D 372 -60.15 -25.48 23.58
C GLU D 372 -60.07 -24.96 25.01
N GLU D 373 -60.24 -25.85 26.00
CA GLU D 373 -60.26 -25.41 27.39
C GLU D 373 -58.92 -24.78 27.79
N GLU D 374 -57.81 -25.38 27.36
CA GLU D 374 -56.50 -24.85 27.71
C GLU D 374 -56.26 -23.48 27.09
N ILE D 375 -56.96 -23.15 26.00
CA ILE D 375 -56.77 -21.85 25.37
C ILE D 375 -57.20 -20.73 26.29
N GLU D 376 -58.27 -20.94 27.06
CA GLU D 376 -58.71 -19.92 28.00
C GLU D 376 -57.63 -19.64 29.04
N SER D 377 -57.03 -20.70 29.59
CA SER D 377 -55.95 -20.52 30.55
C SER D 377 -54.76 -19.83 29.92
N TRP D 378 -54.40 -20.21 28.69
CA TRP D 378 -53.27 -19.58 28.02
C TRP D 378 -53.53 -18.08 27.82
N ILE D 379 -54.73 -17.73 27.37
CA ILE D 379 -55.04 -16.32 27.15
C ILE D 379 -55.03 -15.56 28.46
N LYS D 380 -55.55 -16.18 29.53
CA LYS D 380 -55.55 -15.52 30.83
C LYS D 380 -54.12 -15.27 31.32
N TRP D 381 -53.25 -16.27 31.19
CA TRP D 381 -51.86 -16.09 31.61
C TRP D 381 -51.17 -15.02 30.78
N LEU D 382 -51.41 -15.01 29.47
CA LEU D 382 -50.80 -14.00 28.61
C LEU D 382 -51.28 -12.60 28.99
N LYS D 383 -52.58 -12.46 29.28
CA LYS D 383 -53.10 -11.17 29.72
C LYS D 383 -52.46 -10.74 31.04
N GLU D 384 -52.32 -11.67 31.98
CA GLU D 384 -51.68 -11.35 33.25
C GLU D 384 -50.25 -10.90 33.04
N ILE D 385 -49.51 -11.58 32.17
CA ILE D 385 -48.12 -11.21 31.92
C ILE D 385 -48.04 -9.83 31.28
N LEU D 386 -48.87 -9.58 30.27
CA LEU D 386 -48.87 -8.29 29.59
C LEU D 386 -49.44 -7.17 30.44
N GLU D 387 -50.10 -7.50 31.55
CA GLU D 387 -50.64 -6.45 32.42
C GLU D 387 -49.55 -5.55 32.96
N SER D 388 -48.43 -6.14 33.38
CA SER D 388 -47.30 -5.40 33.92
C SER D 388 -46.14 -5.49 32.94
N SER D 389 -45.62 -4.33 32.54
CA SER D 389 -44.46 -4.27 31.65
C SER D 389 -43.20 -3.76 32.33
N HIS D 390 -43.33 -3.10 33.49
CA HIS D 390 -42.15 -2.65 34.22
C HIS D 390 -41.31 -3.82 34.70
N LEU D 391 -41.95 -4.94 35.03
CA LEU D 391 -41.20 -6.13 35.44
C LEU D 391 -40.67 -6.89 34.23
N LEU D 392 -41.50 -7.08 33.20
CA LEU D 392 -41.09 -7.82 32.03
C LEU D 392 -40.20 -6.96 31.13
N THR D 393 -39.19 -7.60 30.56
CA THR D 393 -38.27 -6.94 29.64
C THR D 393 -38.02 -7.83 28.45
N VAL D 394 -37.64 -7.23 27.32
CA VAL D 394 -37.45 -7.94 26.07
C VAL D 394 -36.07 -7.62 25.52
N ILE D 395 -35.57 -8.55 24.70
CA ILE D 395 -34.31 -8.39 23.99
C ILE D 395 -34.60 -8.39 22.50
N LYS D 396 -34.18 -7.33 21.82
CA LYS D 396 -34.44 -7.22 20.39
C LYS D 396 -33.53 -8.14 19.59
N MET D 397 -34.04 -8.60 18.45
CA MET D 397 -33.25 -9.47 17.58
C MET D 397 -32.18 -8.69 16.82
N GLU D 398 -32.43 -7.40 16.54
CA GLU D 398 -31.47 -6.61 15.79
C GLU D 398 -30.16 -6.45 16.56
N GLU D 399 -30.25 -6.26 17.87
CA GLU D 399 -29.07 -6.03 18.69
C GLU D 399 -28.13 -7.23 18.63
N ALA D 400 -26.95 -7.04 18.02
CA ALA D 400 -25.95 -8.09 17.91
C ALA D 400 -24.73 -7.81 18.78
N GLY D 401 -24.86 -6.90 19.75
CA GLY D 401 -23.73 -6.57 20.60
C GLY D 401 -23.35 -7.72 21.51
N ASP D 402 -22.10 -7.66 22.00
CA ASP D 402 -21.57 -8.71 22.85
C ASP D 402 -22.14 -8.65 24.27
N GLU D 403 -22.53 -7.46 24.73
CA GLU D 403 -23.00 -7.26 26.09
C GLU D 403 -24.50 -7.02 26.18
N ILE D 404 -25.26 -7.49 25.20
CA ILE D 404 -26.70 -7.28 25.21
C ILE D 404 -27.34 -8.02 26.39
N VAL D 405 -26.80 -9.18 26.76
CA VAL D 405 -27.34 -9.93 27.87
C VAL D 405 -27.25 -9.12 29.16
N SER D 406 -26.05 -8.59 29.43
CA SER D 406 -25.85 -7.78 30.64
C SER D 406 -26.70 -6.53 30.58
N ASN D 407 -26.84 -5.92 29.41
CA ASN D 407 -27.69 -4.75 29.28
C ASN D 407 -29.13 -5.07 29.63
N ALA D 408 -29.64 -6.19 29.14
CA ALA D 408 -31.02 -6.57 29.43
C ALA D 408 -31.21 -6.79 30.92
N ILE D 409 -30.31 -7.55 31.55
CA ILE D 409 -30.46 -7.84 32.97
C ILE D 409 -30.38 -6.55 33.79
N SER D 410 -29.41 -5.70 33.46
CA SER D 410 -29.23 -4.45 34.19
C SER D 410 -30.44 -3.55 34.06
N TYR D 411 -30.98 -3.43 32.84
CA TYR D 411 -32.15 -2.59 32.64
C TYR D 411 -33.35 -3.13 33.39
N ALA D 412 -33.52 -4.46 33.39
CA ALA D 412 -34.65 -5.05 34.11
C ALA D 412 -34.54 -4.77 35.60
N LEU D 413 -33.35 -4.96 36.18
CA LEU D 413 -33.18 -4.68 37.61
C LEU D 413 -33.35 -3.20 37.91
N TYR D 414 -32.86 -2.33 37.03
CA TYR D 414 -33.03 -0.89 37.23
C TYR D 414 -34.50 -0.50 37.22
N LYS D 415 -35.27 -1.06 36.29
CA LYS D 415 -36.71 -0.79 36.25
C LYS D 415 -37.40 -1.31 37.50
N ALA D 416 -37.02 -2.51 37.95
CA ALA D 416 -37.62 -3.04 39.17
C ALA D 416 -37.33 -2.15 40.37
N PHE D 417 -36.09 -1.67 40.49
CA PHE D 417 -35.73 -0.82 41.62
C PHE D 417 -36.46 0.52 41.55
N SER D 418 -36.47 1.17 40.39
CA SER D 418 -37.05 2.50 40.29
C SER D 418 -38.55 2.47 40.56
N THR D 419 -39.26 1.47 40.01
CA THR D 419 -40.70 1.40 40.14
C THR D 419 -41.16 0.78 41.45
N ASN D 420 -40.22 0.33 42.30
CA ASN D 420 -40.61 -0.24 43.58
C ASN D 420 -41.36 0.76 44.43
N GLU D 421 -40.97 2.03 44.37
CA GLU D 421 -41.52 3.15 45.12
C GLU D 421 -41.03 3.17 46.56
N GLN D 422 -40.37 2.11 47.04
CA GLN D 422 -39.77 2.15 48.36
C GLN D 422 -38.47 2.95 48.35
N ASP D 423 -37.70 2.85 47.26
CA ASP D 423 -36.47 3.60 47.10
C ASP D 423 -36.49 4.42 45.81
N LYS D 424 -37.68 4.80 45.35
CA LYS D 424 -37.77 5.61 44.14
C LYS D 424 -37.09 6.96 44.33
N ASP D 425 -37.26 7.57 45.50
CA ASP D 425 -36.64 8.86 45.78
C ASP D 425 -35.11 8.75 45.86
N ASN D 426 -34.57 7.56 46.11
CA ASN D 426 -33.13 7.40 46.24
C ASN D 426 -32.41 7.79 44.96
N TRP D 427 -31.63 8.87 45.02
CA TRP D 427 -30.75 9.25 43.93
C TRP D 427 -29.36 8.66 44.10
N ASN D 428 -29.01 8.22 45.30
CA ASN D 428 -27.69 7.65 45.58
C ASN D 428 -27.66 6.14 45.37
N GLY D 429 -28.63 5.43 45.96
CA GLY D 429 -28.69 3.98 45.75
C GLY D 429 -28.94 3.63 44.30
N GLN D 430 -29.78 4.41 43.62
CA GLN D 430 -30.02 4.18 42.21
C GLN D 430 -28.73 4.33 41.41
N LEU D 431 -27.95 5.37 41.71
CA LEU D 431 -26.68 5.58 41.05
C LEU D 431 -25.70 4.46 41.35
N LYS D 432 -25.66 4.00 42.60
CA LYS D 432 -24.75 2.92 42.96
C LYS D 432 -25.11 1.64 42.21
N LEU D 433 -26.41 1.34 42.12
CA LEU D 433 -26.84 0.16 41.39
C LEU D 433 -26.45 0.27 39.92
N LEU D 434 -26.69 1.43 39.31
CA LEU D 434 -26.31 1.61 37.92
C LEU D 434 -24.80 1.59 37.72
N LEU D 435 -24.05 1.88 38.77
CA LEU D 435 -22.59 1.77 38.71
C LEU D 435 -22.13 0.32 38.78
N GLU D 436 -22.81 -0.50 39.60
CA GLU D 436 -22.42 -1.89 39.72
C GLU D 436 -22.36 -2.57 38.36
N TRP D 437 -23.41 -2.39 37.55
CA TRP D 437 -23.40 -2.85 36.17
C TRP D 437 -22.95 -1.70 35.27
N ASN D 438 -22.02 -2.00 34.36
CA ASN D 438 -21.37 -0.95 33.57
C ASN D 438 -22.37 -0.43 32.53
N GLN D 439 -23.28 0.41 33.01
CA GLN D 439 -24.27 1.08 32.18
C GLN D 439 -24.07 2.58 32.32
N LEU D 440 -23.37 3.19 31.36
CA LEU D 440 -23.03 4.61 31.43
C LEU D 440 -24.13 5.50 30.87
N ASP D 441 -24.70 5.13 29.72
CA ASP D 441 -25.72 5.97 29.11
C ASP D 441 -26.94 6.15 30.02
N LEU D 442 -27.38 5.05 30.65
CA LEU D 442 -28.53 5.14 31.55
C LEU D 442 -28.23 6.06 32.73
N ALA D 443 -27.04 5.92 33.32
CA ALA D 443 -26.68 6.78 34.45
C ALA D 443 -26.63 8.23 34.03
N SER D 444 -26.06 8.52 32.87
CA SER D 444 -25.98 9.90 32.40
C SER D 444 -27.36 10.49 32.14
N ASP D 445 -28.24 9.72 31.49
CA ASP D 445 -29.52 10.26 31.07
C ASP D 445 -30.51 10.37 32.24
N GLU D 446 -30.55 9.37 33.11
CA GLU D 446 -31.59 9.29 34.13
C GLU D 446 -31.17 9.91 35.45
N ILE D 447 -30.08 9.40 36.03
CA ILE D 447 -29.69 9.81 37.37
C ILE D 447 -29.42 11.31 37.43
N PHE D 448 -28.43 11.77 36.65
CA PHE D 448 -28.06 13.19 36.70
C PHE D 448 -29.06 14.03 35.93
N THR D 449 -29.18 13.80 34.63
CA THR D 449 -30.12 14.54 33.80
C THR D 449 -30.00 16.04 34.05
N ASN D 450 -31.03 16.64 34.65
CA ASN D 450 -31.00 18.06 34.98
C ASN D 450 -32.05 18.33 36.06
N ASP D 451 -31.96 19.50 36.68
CA ASP D 451 -32.90 19.94 37.70
C ASP D 451 -32.76 19.12 38.98
N ARG D 452 -31.55 18.64 39.27
CA ARG D 452 -31.27 17.89 40.48
C ARG D 452 -30.08 18.53 41.18
N ARG D 453 -30.25 18.85 42.46
CA ARG D 453 -29.22 19.55 43.23
C ARG D 453 -28.39 18.54 44.01
N TRP D 454 -27.70 17.68 43.26
CA TRP D 454 -26.81 16.70 43.89
C TRP D 454 -25.62 17.38 44.55
N GLU D 455 -25.10 18.45 43.95
CA GLU D 455 -23.98 19.18 44.50
C GLU D 455 -22.69 18.40 44.32
N SER D 456 -21.55 19.01 44.67
CA SER D 456 -20.26 18.38 44.48
C SER D 456 -19.91 17.37 45.57
N ALA D 457 -20.64 17.37 46.69
CA ALA D 457 -20.37 16.46 47.78
C ALA D 457 -21.17 15.16 47.70
N ASP D 458 -22.12 15.06 46.77
CA ASP D 458 -22.94 13.87 46.67
C ASP D 458 -22.24 12.72 45.94
N LEU D 459 -21.23 13.02 45.13
CA LEU D 459 -20.55 12.01 44.34
C LEU D 459 -19.32 11.41 45.04
N GLN D 460 -19.01 11.87 46.25
CA GLN D 460 -17.81 11.41 46.94
C GLN D 460 -17.71 9.88 46.96
N GLU D 461 -18.66 9.23 47.65
CA GLU D 461 -18.54 7.80 47.90
C GLU D 461 -18.70 6.99 46.62
N VAL D 462 -19.63 7.38 45.75
CA VAL D 462 -19.85 6.63 44.52
C VAL D 462 -18.63 6.74 43.62
N MET D 463 -18.00 7.91 43.58
CA MET D 463 -16.80 8.08 42.77
C MET D 463 -15.63 7.29 43.37
N PHE D 464 -15.55 7.23 44.70
CA PHE D 464 -14.56 6.37 45.35
C PHE D 464 -14.76 4.93 44.90
N THR D 465 -16.00 4.46 44.94
CA THR D 465 -16.29 3.08 44.53
C THR D 465 -15.96 2.87 43.06
N ALA D 466 -16.24 3.87 42.22
CA ALA D 466 -15.91 3.76 40.80
C ALA D 466 -14.40 3.63 40.60
N LEU D 467 -13.63 4.42 41.33
CA LEU D 467 -12.17 4.29 41.26
C LEU D 467 -11.74 2.90 41.68
N ILE D 468 -12.33 2.38 42.76
CA ILE D 468 -11.96 1.05 43.24
C ILE D 468 -12.28 -0.01 42.18
N LYS D 469 -13.44 0.12 41.53
CA LYS D 469 -13.95 -0.91 40.64
C LYS D 469 -13.46 -0.75 39.20
N ASP D 470 -12.60 0.23 38.91
CA ASP D 470 -12.04 0.42 37.57
C ASP D 470 -13.16 0.65 36.54
N ARG D 471 -13.85 1.78 36.73
CA ARG D 471 -14.93 2.22 35.84
C ARG D 471 -14.49 3.53 35.19
N PRO D 472 -13.64 3.47 34.17
CA PRO D 472 -13.10 4.73 33.59
C PRO D 472 -14.18 5.67 33.08
N LYS D 473 -15.19 5.14 32.38
CA LYS D 473 -16.23 6.00 31.82
C LYS D 473 -17.02 6.68 32.93
N PHE D 474 -17.34 5.95 33.99
CA PHE D 474 -18.06 6.54 35.11
C PHE D 474 -17.20 7.58 35.82
N VAL D 475 -15.90 7.33 35.92
CA VAL D 475 -15.00 8.31 36.52
C VAL D 475 -15.02 9.60 35.70
N ARG D 476 -14.92 9.47 34.38
CA ARG D 476 -14.95 10.64 33.52
C ARG D 476 -16.27 11.39 33.66
N LEU D 477 -17.39 10.64 33.71
CA LEU D 477 -18.69 11.27 33.83
C LEU D 477 -18.80 12.04 35.15
N PHE D 478 -18.36 11.42 36.25
CA PHE D 478 -18.40 12.09 37.54
C PHE D 478 -17.55 13.35 37.52
N LEU D 479 -16.35 13.27 36.94
CA LEU D 479 -15.46 14.43 36.92
C LEU D 479 -16.08 15.57 36.10
N GLU D 480 -16.60 15.26 34.92
CA GLU D 480 -17.07 16.29 34.01
C GLU D 480 -18.45 16.81 34.37
N ASN D 481 -19.21 16.08 35.20
CA ASN D 481 -20.57 16.50 35.51
C ASN D 481 -20.64 17.48 36.68
N GLY D 482 -19.53 17.77 37.33
CA GLY D 482 -19.53 18.78 38.38
C GLY D 482 -18.64 18.46 39.57
N LEU D 483 -18.09 17.25 39.62
CA LEU D 483 -17.24 16.88 40.74
C LEU D 483 -15.97 17.73 40.75
N ASN D 484 -15.56 18.14 41.93
CA ASN D 484 -14.33 18.91 42.14
C ASN D 484 -13.23 17.94 42.58
N LEU D 485 -12.37 17.56 41.64
CA LEU D 485 -11.32 16.59 41.95
C LEU D 485 -10.33 17.17 42.96
N GLN D 486 -10.01 18.45 42.84
CA GLN D 486 -9.06 19.06 43.76
C GLN D 486 -9.55 18.95 45.19
N LYS D 487 -10.83 19.25 45.43
CA LYS D 487 -11.39 19.07 46.76
C LYS D 487 -11.57 17.59 47.10
N PHE D 488 -11.85 16.76 46.09
CA PHE D 488 -12.01 15.34 46.31
C PHE D 488 -10.78 14.75 47.00
N LEU D 489 -9.61 14.93 46.40
CA LEU D 489 -8.39 14.37 46.95
C LEU D 489 -8.06 15.03 48.28
N THR D 490 -8.16 14.27 49.36
CA THR D 490 -7.87 14.75 50.70
C THR D 490 -6.89 13.79 51.37
N ASN D 491 -6.19 14.30 52.38
CA ASN D 491 -5.15 13.51 53.03
C ASN D 491 -5.70 12.17 53.52
N GLU D 492 -6.85 12.20 54.19
CA GLU D 492 -7.45 10.95 54.67
C GLU D 492 -7.83 10.05 53.49
N VAL D 493 -8.41 10.62 52.45
CA VAL D 493 -8.84 9.81 51.30
C VAL D 493 -7.62 9.16 50.64
N LEU D 494 -6.56 9.94 50.43
CA LEU D 494 -5.36 9.39 49.80
C LEU D 494 -4.70 8.34 50.67
N THR D 495 -4.69 8.57 51.99
CA THR D 495 -4.11 7.58 52.89
C THR D 495 -4.89 6.27 52.82
N GLU D 496 -6.22 6.35 52.85
CA GLU D 496 -7.03 5.14 52.76
C GLU D 496 -6.88 4.47 51.40
N LEU D 497 -6.65 5.25 50.35
CA LEU D 497 -6.51 4.69 49.02
C LEU D 497 -5.18 3.97 48.84
N PHE D 498 -4.08 4.58 49.29
CA PHE D 498 -2.76 3.97 49.12
C PHE D 498 -2.50 2.86 50.13
N SER D 499 -3.04 2.99 51.35
CA SER D 499 -2.69 2.04 52.40
C SER D 499 -3.16 0.62 52.07
N THR D 500 -4.38 0.48 51.56
CA THR D 500 -5.01 -0.83 51.41
C THR D 500 -5.23 -1.23 49.96
N HIS D 501 -5.83 -0.38 49.14
CA HIS D 501 -6.18 -0.77 47.79
C HIS D 501 -4.95 -1.03 46.93
N PHE D 502 -3.77 -0.59 47.35
CA PHE D 502 -2.55 -0.89 46.62
C PHE D 502 -2.36 -2.40 46.56
N SER D 503 -2.30 -2.94 45.34
CA SER D 503 -2.14 -4.38 45.17
C SER D 503 -0.89 -4.88 45.90
N THR D 504 -1.04 -5.96 46.67
CA THR D 504 0.08 -6.48 47.43
C THR D 504 1.19 -6.97 46.51
N LEU D 505 0.83 -7.62 45.40
CA LEU D 505 1.83 -8.03 44.42
C LEU D 505 2.58 -6.81 43.90
N VAL D 506 1.84 -5.77 43.50
CA VAL D 506 2.47 -4.56 42.99
C VAL D 506 3.28 -3.89 44.08
N TYR D 507 2.79 -3.94 45.32
CA TYR D 507 3.55 -3.35 46.43
C TYR D 507 4.90 -4.04 46.60
N ARG D 508 4.90 -5.38 46.60
CA ARG D 508 6.15 -6.11 46.74
C ARG D 508 7.07 -5.85 45.56
N ASN D 509 6.53 -5.82 44.35
CA ASN D 509 7.35 -5.56 43.17
C ASN D 509 7.98 -4.18 43.24
N LEU D 510 7.20 -3.17 43.65
CA LEU D 510 7.73 -1.81 43.77
C LEU D 510 8.81 -1.74 44.84
N GLN D 511 8.59 -2.41 45.97
CA GLN D 511 9.62 -2.42 47.02
C GLN D 511 10.90 -3.06 46.51
N ILE D 512 10.79 -4.18 45.80
CA ILE D 512 11.97 -4.86 45.27
C ILE D 512 12.70 -3.95 44.28
N ALA D 513 11.95 -3.31 43.39
CA ALA D 513 12.57 -2.44 42.39
C ALA D 513 13.27 -1.26 43.04
N LYS D 514 12.62 -0.64 44.03
CA LYS D 514 13.23 0.49 44.71
C LYS D 514 14.49 0.08 45.48
N ASN D 515 14.46 -1.09 46.11
CA ASN D 515 15.59 -1.52 46.93
C ASN D 515 16.78 -1.94 46.06
N SER D 516 16.52 -2.54 44.90
CA SER D 516 17.59 -3.15 44.13
C SER D 516 18.16 -2.21 43.08
N TYR D 517 17.34 -1.75 42.14
CA TYR D 517 17.83 -0.93 41.04
C TYR D 517 17.92 0.54 41.44
N ASN D 518 16.81 1.11 41.88
CA ASN D 518 16.76 2.49 42.34
C ASN D 518 17.04 3.45 41.19
N ASP D 519 16.72 4.73 41.40
CA ASP D 519 16.93 5.77 40.39
C ASP D 519 16.54 7.12 40.94
N ALA D 520 16.76 8.19 40.18
CA ALA D 520 16.43 9.52 40.65
C ALA D 520 14.93 9.67 40.95
N LEU D 521 14.09 8.95 40.21
CA LEU D 521 12.64 9.02 40.39
C LEU D 521 12.07 7.81 41.10
N LEU D 522 12.73 6.65 40.99
CA LEU D 522 12.26 5.45 41.67
C LEU D 522 12.20 5.67 43.18
N THR D 523 13.28 6.21 43.75
CA THR D 523 13.30 6.47 45.18
C THR D 523 12.23 7.47 45.57
N PHE D 524 12.04 8.51 44.76
CA PHE D 524 11.03 9.51 45.07
C PHE D 524 9.63 8.90 45.11
N VAL D 525 9.28 8.12 44.09
CA VAL D 525 7.94 7.54 44.04
C VAL D 525 7.76 6.53 45.18
N TRP D 526 8.78 5.73 45.45
CA TRP D 526 8.70 4.79 46.56
C TRP D 526 8.50 5.50 47.89
N LYS D 527 9.23 6.60 48.10
CA LYS D 527 9.10 7.36 49.34
C LYS D 527 7.71 7.95 49.47
N LEU D 528 7.17 8.50 48.38
CA LEU D 528 5.82 9.05 48.41
C LEU D 528 4.80 7.96 48.75
N VAL D 529 4.93 6.79 48.12
CA VAL D 529 4.00 5.70 48.37
C VAL D 529 4.07 5.26 49.82
N ALA D 530 5.30 5.08 50.34
CA ALA D 530 5.46 4.64 51.73
C ALA D 530 4.92 5.68 52.70
N ASN D 531 5.14 6.96 52.41
CA ASN D 531 4.61 8.02 53.26
C ASN D 531 3.10 7.98 53.31
N PHE D 532 2.45 7.82 52.15
CA PHE D 532 0.99 7.78 52.15
C PHE D 532 0.48 6.53 52.85
N ARG D 533 1.13 5.39 52.67
CA ARG D 533 0.70 4.17 53.35
C ARG D 533 0.82 4.31 54.86
N ARG D 534 1.95 4.85 55.33
CA ARG D 534 2.15 5.01 56.76
C ARG D 534 1.14 6.00 57.35
N SER D 535 0.89 7.10 56.66
CA SER D 535 -0.04 8.11 57.15
C SER D 535 -0.58 8.95 55.99
N THR D 558 4.60 22.58 47.09
CA THR D 558 3.19 22.25 47.26
C THR D 558 3.03 20.75 47.53
N ARG D 559 1.80 20.24 47.37
CA ARG D 559 1.48 18.87 47.73
C ARG D 559 1.46 17.94 46.52
N HIS D 560 0.76 18.32 45.44
CA HIS D 560 0.67 17.51 44.24
C HIS D 560 -0.04 16.19 44.54
N PRO D 561 -1.30 16.22 44.96
CA PRO D 561 -2.02 14.97 45.20
C PRO D 561 -2.50 14.31 43.92
N LEU D 562 -2.84 15.13 42.92
CA LEU D 562 -3.30 14.58 41.64
C LEU D 562 -2.21 13.75 40.99
N GLN D 563 -0.96 14.17 41.12
CA GLN D 563 0.15 13.36 40.63
C GLN D 563 0.21 12.03 41.36
N ALA D 564 -0.06 12.04 42.67
CA ALA D 564 -0.08 10.78 43.42
C ALA D 564 -1.17 9.86 42.90
N LEU D 565 -2.35 10.41 42.63
CA LEU D 565 -3.44 9.59 42.09
C LEU D 565 -3.08 9.04 40.72
N PHE D 566 -2.43 9.84 39.88
CA PHE D 566 -2.01 9.37 38.58
C PHE D 566 -1.00 8.25 38.71
N ILE D 567 -0.05 8.38 39.64
CA ILE D 567 0.93 7.32 39.87
C ILE D 567 0.23 6.05 40.33
N TRP D 568 -0.75 6.19 41.23
CA TRP D 568 -1.49 5.03 41.70
C TRP D 568 -2.20 4.33 40.55
N ALA D 569 -2.84 5.11 39.67
CA ALA D 569 -3.52 4.52 38.53
C ALA D 569 -2.55 3.81 37.59
N ILE D 570 -1.40 4.42 37.34
CA ILE D 570 -0.44 3.82 36.42
C ILE D 570 0.10 2.51 36.97
N LEU D 571 0.51 2.52 38.25
CA LEU D 571 1.24 1.39 38.81
C LEU D 571 0.44 0.09 38.78
N GLN D 572 -0.88 0.15 38.66
CA GLN D 572 -1.72 -1.03 38.60
C GLN D 572 -2.18 -1.34 37.18
N ASN D 573 -1.58 -0.70 36.17
CA ASN D 573 -1.83 -1.01 34.76
C ASN D 573 -3.30 -0.80 34.38
N LYS D 574 -3.76 0.44 34.55
CA LYS D 574 -5.08 0.87 34.13
C LYS D 574 -4.90 1.89 33.02
N LYS D 575 -5.11 1.47 31.77
CA LYS D 575 -4.86 2.35 30.63
C LYS D 575 -5.85 3.51 30.60
N GLU D 576 -7.15 3.20 30.60
CA GLU D 576 -8.15 4.25 30.44
C GLU D 576 -8.21 5.16 31.65
N LEU D 577 -8.14 4.58 32.86
CA LEU D 577 -8.17 5.41 34.05
C LEU D 577 -6.92 6.27 34.14
N SER D 578 -5.77 5.74 33.75
CA SER D 578 -4.55 6.52 33.73
C SER D 578 -4.68 7.71 32.79
N LYS D 579 -5.23 7.48 31.59
CA LYS D 579 -5.42 8.58 30.65
C LYS D 579 -6.40 9.60 31.20
N VAL D 580 -7.49 9.14 31.83
CA VAL D 580 -8.48 10.06 32.37
C VAL D 580 -7.85 10.95 33.43
N ILE D 581 -7.03 10.37 34.30
CA ILE D 581 -6.38 11.17 35.33
C ILE D 581 -5.34 12.10 34.70
N TRP D 582 -4.62 11.61 33.69
CA TRP D 582 -3.61 12.44 33.02
C TRP D 582 -4.23 13.68 32.42
N GLU D 583 -5.47 13.56 31.91
CA GLU D 583 -6.13 14.71 31.32
C GLU D 583 -6.38 15.84 32.32
N GLN D 584 -6.17 15.60 33.61
CA GLN D 584 -6.44 16.61 34.64
C GLN D 584 -5.19 17.29 35.16
N THR D 585 -4.03 16.65 35.06
CA THR D 585 -2.80 17.23 35.62
C THR D 585 -2.47 18.56 34.95
N LYS D 586 -1.94 19.49 35.75
CA LYS D 586 -1.52 20.78 35.20
C LYS D 586 -0.32 20.61 34.27
N GLY D 587 0.70 19.89 34.73
CA GLY D 587 1.85 19.59 33.90
C GLY D 587 1.82 18.17 33.39
N CYS D 588 1.62 18.00 32.09
CA CYS D 588 1.34 16.71 31.49
C CYS D 588 2.51 16.12 30.71
N THR D 589 3.18 16.93 29.87
CA THR D 589 4.32 16.41 29.13
C THR D 589 5.34 15.78 30.07
N LEU D 590 5.68 16.49 31.14
CA LEU D 590 6.57 15.93 32.14
C LEU D 590 5.96 14.70 32.78
N ALA D 591 4.66 14.75 33.08
CA ALA D 591 3.98 13.59 33.67
C ALA D 591 4.01 12.40 32.71
N ALA D 592 3.75 12.64 31.43
CA ALA D 592 3.76 11.54 30.46
C ALA D 592 5.15 10.94 30.34
N LEU D 593 6.18 11.77 30.28
CA LEU D 593 7.54 11.25 30.18
C LEU D 593 7.91 10.45 31.43
N GLY D 594 7.54 10.95 32.61
CA GLY D 594 7.81 10.22 33.84
C GLY D 594 7.08 8.90 33.89
N ALA D 595 5.83 8.87 33.44
CA ALA D 595 5.08 7.62 33.41
C ALA D 595 5.72 6.63 32.45
N SER D 596 6.15 7.10 31.27
CA SER D 596 6.81 6.20 30.34
C SER D 596 8.10 5.65 30.93
N LYS D 597 8.88 6.50 31.61
CA LYS D 597 10.10 6.05 32.24
C LYS D 597 9.81 5.00 33.31
N LEU D 598 8.79 5.25 34.14
CA LEU D 598 8.43 4.31 35.20
C LEU D 598 8.02 2.97 34.62
N LEU D 599 7.19 3.00 33.58
CA LEU D 599 6.77 1.75 32.94
C LEU D 599 7.97 1.02 32.33
N LYS D 600 8.88 1.77 31.70
CA LYS D 600 10.04 1.13 31.07
C LYS D 600 10.92 0.47 32.12
N THR D 601 11.12 1.12 33.27
CA THR D 601 11.96 0.53 34.30
C THR D 601 11.28 -0.62 35.02
N LEU D 602 9.94 -0.60 35.12
CA LEU D 602 9.22 -1.67 35.79
C LEU D 602 8.91 -2.86 34.89
N ALA D 603 8.99 -2.69 33.57
CA ALA D 603 8.66 -3.79 32.68
C ALA D 603 9.75 -4.85 32.64
N LYS D 604 11.01 -4.43 32.72
CA LYS D 604 12.12 -5.36 32.60
C LYS D 604 12.10 -6.39 33.73
N VAL D 605 11.79 -5.95 34.95
CA VAL D 605 11.85 -6.86 36.10
C VAL D 605 10.83 -7.99 35.94
N LYS D 606 9.62 -7.67 35.49
CA LYS D 606 8.57 -8.67 35.40
C LYS D 606 9.00 -9.82 34.50
N ASN D 607 8.77 -11.04 34.97
CA ASN D 607 9.13 -12.23 34.19
C ASN D 607 8.09 -12.56 33.14
N ASP D 608 6.82 -12.19 33.37
CA ASP D 608 5.77 -12.53 32.43
C ASP D 608 6.02 -11.89 31.08
N ILE D 609 5.90 -12.69 30.02
CA ILE D 609 6.10 -12.17 28.67
C ILE D 609 4.93 -11.27 28.26
N ASN D 610 3.70 -11.73 28.50
CA ASN D 610 2.54 -10.97 28.07
C ASN D 610 2.44 -9.65 28.82
N ALA D 611 2.68 -9.66 30.13
CA ALA D 611 2.66 -8.42 30.89
C ALA D 611 3.74 -7.47 30.42
N ALA D 612 4.93 -8.00 30.10
CA ALA D 612 6.00 -7.16 29.58
C ALA D 612 5.59 -6.51 28.27
N GLY D 613 4.97 -7.28 27.37
CA GLY D 613 4.52 -6.69 26.11
C GLY D 613 3.48 -5.63 26.31
N GLU D 614 2.52 -5.87 27.21
CA GLU D 614 1.49 -4.88 27.49
C GLU D 614 2.09 -3.59 28.04
N SER D 615 3.03 -3.73 28.98
CA SER D 615 3.68 -2.55 29.55
C SER D 615 4.48 -1.79 28.50
N GLU D 616 5.16 -2.52 27.61
CA GLU D 616 5.90 -1.87 26.54
C GLU D 616 4.97 -1.10 25.62
N GLU D 617 3.81 -1.69 25.28
CA GLU D 617 2.85 -0.99 24.43
C GLU D 617 2.34 0.26 25.12
N LEU D 618 2.03 0.17 26.41
CA LEU D 618 1.55 1.35 27.14
C LEU D 618 2.61 2.44 27.17
N ALA D 619 3.87 2.06 27.40
CA ALA D 619 4.95 3.04 27.43
C ALA D 619 5.10 3.71 26.07
N ASN D 620 5.01 2.94 24.98
CA ASN D 620 5.07 3.53 23.65
C ASN D 620 3.91 4.50 23.43
N GLU D 621 2.72 4.13 23.90
CA GLU D 621 1.57 5.02 23.75
C GLU D 621 1.80 6.34 24.47
N TYR D 622 2.33 6.28 25.70
CA TYR D 622 2.58 7.51 26.44
C TYR D 622 3.67 8.34 25.79
N GLU D 623 4.70 7.68 25.26
CA GLU D 623 5.76 8.40 24.55
C GLU D 623 5.19 9.15 23.35
N THR D 624 4.33 8.48 22.57
CA THR D 624 3.70 9.13 21.43
C THR D 624 2.84 10.30 21.88
N ARG D 625 2.10 10.12 22.98
CA ARG D 625 1.29 11.21 23.52
C ARG D 625 2.16 12.43 23.81
N ALA D 626 3.26 12.22 24.53
CA ALA D 626 4.13 13.33 24.90
C ALA D 626 4.71 14.01 23.65
N VAL D 627 5.17 13.21 22.68
CA VAL D 627 5.77 13.77 21.48
C VAL D 627 4.75 14.63 20.74
N GLU D 628 3.53 14.10 20.55
CA GLU D 628 2.51 14.86 19.83
C GLU D 628 2.15 16.14 20.57
N LEU D 629 2.01 16.06 21.90
CA LEU D 629 1.65 17.25 22.65
C LEU D 629 2.73 18.32 22.53
N PHE D 630 4.00 17.92 22.64
CA PHE D 630 5.06 18.92 22.56
C PHE D 630 5.18 19.48 21.15
N THR D 631 4.95 18.65 20.13
CA THR D 631 4.96 19.18 18.77
C THR D 631 3.87 20.22 18.59
N GLU D 632 2.67 19.95 19.11
CA GLU D 632 1.59 20.92 19.02
C GLU D 632 1.97 22.21 19.74
N CYS D 633 2.52 22.08 20.95
CA CYS D 633 2.90 23.27 21.71
C CYS D 633 3.94 24.09 20.97
N TYR D 634 4.97 23.43 20.42
CA TYR D 634 6.03 24.16 19.72
C TYR D 634 5.50 24.82 18.46
N SER D 635 4.65 24.11 17.71
CA SER D 635 4.09 24.70 16.49
C SER D 635 3.24 25.92 16.81
N ASN D 636 2.44 25.84 17.88
CA ASN D 636 1.64 27.00 18.27
C ASN D 636 2.53 28.15 18.72
N ASP D 637 3.34 27.92 19.75
CA ASP D 637 4.25 28.93 20.27
C ASP D 637 5.63 28.29 20.47
N GLU D 638 6.67 29.03 20.08
CA GLU D 638 8.03 28.52 20.14
C GLU D 638 8.75 28.93 21.42
N ASP D 639 8.72 30.22 21.76
CA ASP D 639 9.41 30.67 22.96
C ASP D 639 8.79 30.04 24.21
N LEU D 640 7.46 29.95 24.25
CA LEU D 640 6.83 29.30 25.38
C LEU D 640 7.13 27.82 25.44
N ALA D 641 7.26 27.15 24.28
CA ALA D 641 7.65 25.75 24.28
C ALA D 641 9.06 25.58 24.85
N GLU D 642 9.99 26.43 24.43
CA GLU D 642 11.35 26.36 24.97
C GLU D 642 11.36 26.65 26.46
N GLN D 643 10.56 27.63 26.91
CA GLN D 643 10.46 27.92 28.32
C GLN D 643 9.91 26.73 29.10
N LEU D 644 8.90 26.06 28.54
CA LEU D 644 8.37 24.86 29.18
C LEU D 644 9.44 23.79 29.30
N LEU D 645 10.24 23.60 28.24
CA LEU D 645 11.36 22.68 28.33
C LEU D 645 12.28 23.07 29.48
N VAL D 646 12.68 24.34 29.54
CA VAL D 646 13.57 24.78 30.61
C VAL D 646 12.89 24.70 31.96
N TYR D 647 11.57 24.86 32.02
CA TYR D 647 10.87 24.87 33.28
C TYR D 647 11.14 23.59 34.06
N SER D 648 11.42 23.74 35.35
CA SER D 648 11.70 22.63 36.24
C SER D 648 10.55 22.47 37.23
N CYS D 649 10.21 21.21 37.51
CA CYS D 649 9.11 20.92 38.43
C CYS D 649 9.50 21.25 39.87
N GLU D 650 8.48 21.38 40.70
CA GLU D 650 8.68 21.53 42.15
C GLU D 650 8.60 20.15 42.81
N ALA D 651 9.61 19.34 42.48
CA ALA D 651 9.81 18.02 43.08
C ALA D 651 8.85 16.97 42.54
N TRP D 652 8.38 17.13 41.29
CA TRP D 652 7.76 15.99 40.61
C TRP D 652 8.77 14.86 40.47
N GLY D 653 9.93 15.18 39.90
CA GLY D 653 11.09 14.31 39.95
C GLY D 653 12.35 15.13 40.13
N GLY D 654 12.19 16.44 40.29
CA GLY D 654 13.32 17.34 40.40
C GLY D 654 14.07 17.54 39.12
N SER D 655 13.43 17.34 37.97
CA SER D 655 14.12 17.37 36.69
C SER D 655 13.19 17.90 35.60
N ASN D 656 13.80 18.39 34.53
CA ASN D 656 13.06 18.91 33.39
C ASN D 656 12.66 17.77 32.46
N CYS D 657 11.91 18.12 31.40
CA CYS D 657 11.52 17.12 30.42
C CYS D 657 12.75 16.56 29.70
N LEU D 658 13.73 17.42 29.40
CA LEU D 658 14.95 16.97 28.74
C LEU D 658 15.62 15.87 29.55
N GLU D 659 15.77 16.09 30.85
CA GLU D 659 16.49 15.14 31.69
C GLU D 659 15.78 13.79 31.72
N LEU D 660 14.46 13.79 31.86
CA LEU D 660 13.73 12.52 31.87
C LEU D 660 13.80 11.83 30.52
N ALA D 661 13.65 12.60 29.43
CA ALA D 661 13.70 12.00 28.10
C ALA D 661 15.05 11.37 27.82
N VAL D 662 16.13 12.06 28.18
CA VAL D 662 17.47 11.51 27.95
C VAL D 662 17.72 10.33 28.86
N GLU D 663 17.24 10.41 30.11
CA GLU D 663 17.45 9.32 31.05
C GLU D 663 16.76 8.04 30.59
N ALA D 664 15.56 8.18 30.01
CA ALA D 664 14.82 7.04 29.46
C ALA D 664 15.20 6.74 28.02
N THR D 665 16.34 7.25 27.56
CA THR D 665 16.83 7.03 26.19
C THR D 665 15.69 7.14 25.16
N ASP D 666 14.88 8.19 25.32
CA ASP D 666 13.79 8.46 24.39
C ASP D 666 14.36 9.26 23.22
N GLN D 667 14.94 8.53 22.27
CA GLN D 667 15.57 9.18 21.13
C GLN D 667 14.57 9.96 20.29
N HIS D 668 13.37 9.42 20.11
CA HIS D 668 12.41 10.04 19.22
C HIS D 668 12.01 11.43 19.69
N PHE D 669 11.79 11.59 20.99
CA PHE D 669 11.36 12.89 21.52
C PHE D 669 12.42 13.95 21.28
N ILE D 670 13.68 13.63 21.58
CA ILE D 670 14.74 14.62 21.40
C ILE D 670 15.01 14.88 19.93
N ALA D 671 14.83 13.86 19.08
CA ALA D 671 15.11 14.01 17.66
C ALA D 671 14.13 14.96 16.97
N GLN D 672 13.05 15.35 17.63
CA GLN D 672 12.05 16.20 16.99
C GLN D 672 12.62 17.58 16.71
N PRO D 673 12.08 18.27 15.70
CA PRO D 673 12.69 19.55 15.29
C PRO D 673 12.80 20.58 16.40
N GLY D 674 11.81 20.65 17.30
CA GLY D 674 11.83 21.69 18.31
C GLY D 674 13.01 21.57 19.25
N VAL D 675 13.26 20.37 19.76
CA VAL D 675 14.36 20.19 20.70
C VAL D 675 15.70 20.38 19.99
N GLN D 676 15.80 19.91 18.75
CA GLN D 676 17.03 20.11 17.99
C GLN D 676 17.30 21.59 17.76
N ASN D 677 16.26 22.36 17.44
CA ASN D 677 16.43 23.80 17.25
C ASN D 677 16.83 24.48 18.55
N PHE D 678 16.22 24.08 19.66
CA PHE D 678 16.62 24.63 20.95
C PHE D 678 18.08 24.35 21.25
N LEU D 679 18.51 23.11 21.00
CA LEU D 679 19.91 22.75 21.24
C LEU D 679 20.84 23.52 20.32
N SER D 680 20.45 23.72 19.06
CA SER D 680 21.27 24.50 18.14
C SER D 680 21.40 25.95 18.63
N LYS D 681 20.29 26.55 19.06
CA LYS D 681 20.35 27.91 19.56
C LYS D 681 21.26 28.01 20.77
N GLN D 682 21.17 27.02 21.68
CA GLN D 682 22.06 27.02 22.84
C GLN D 682 23.51 26.78 22.42
N TRP D 683 23.72 26.04 21.34
CA TRP D 683 25.07 25.71 20.89
C TRP D 683 25.77 26.93 20.32
N TYR D 684 25.08 27.68 19.46
CA TYR D 684 25.67 28.89 18.89
C TYR D 684 25.75 30.03 19.91
N GLY D 685 25.05 29.93 21.02
CA GLY D 685 25.10 30.98 22.03
C GLY D 685 24.61 32.30 21.46
N GLU D 686 25.38 33.35 21.70
CA GLU D 686 24.98 34.69 21.25
C GLU D 686 24.90 34.76 19.73
N ILE D 687 25.85 34.13 19.04
CA ILE D 687 25.94 34.27 17.58
C ILE D 687 24.64 33.79 16.95
N SER D 688 24.25 34.46 15.87
CA SER D 688 23.05 34.07 15.14
C SER D 688 23.26 32.73 14.45
N ARG D 689 22.20 31.94 14.40
CA ARG D 689 22.28 30.62 13.78
C ARG D 689 22.29 30.68 12.26
N ASP D 690 21.88 31.81 11.68
CA ASP D 690 21.81 31.95 10.23
C ASP D 690 23.15 32.33 9.61
N THR D 691 24.16 32.64 10.41
CA THR D 691 25.46 33.01 9.87
C THR D 691 26.13 31.81 9.20
N LYS D 692 26.82 32.08 8.10
CA LYS D 692 27.62 31.03 7.46
C LYS D 692 28.71 30.58 8.41
N ASN D 693 28.90 29.27 8.51
CA ASN D 693 29.86 28.72 9.47
C ASN D 693 31.28 29.13 9.13
N TRP D 694 31.62 29.21 7.84
CA TRP D 694 32.97 29.58 7.48
C TRP D 694 33.29 31.01 7.90
N LYS D 695 32.30 31.90 7.89
CA LYS D 695 32.54 33.26 8.36
C LYS D 695 33.03 33.26 9.81
N ILE D 696 32.32 32.54 10.69
CA ILE D 696 32.69 32.55 12.10
C ILE D 696 34.00 31.82 12.32
N ILE D 697 34.24 30.73 11.58
CA ILE D 697 35.51 30.03 11.69
C ILE D 697 36.65 30.95 11.30
N LEU D 698 36.48 31.70 10.22
CA LEU D 698 37.49 32.66 9.79
C LEU D 698 37.72 33.71 10.87
N CYS D 699 36.64 34.23 11.45
CA CYS D 699 36.77 35.26 12.48
C CYS D 699 37.43 34.73 13.75
N LEU D 700 37.36 33.43 14.00
CA LEU D 700 38.01 32.88 15.19
C LEU D 700 39.49 33.22 15.20
N PHE D 701 40.17 33.06 14.06
CA PHE D 701 41.61 33.29 14.01
C PHE D 701 41.93 34.76 14.17
N ILE D 702 41.47 35.59 13.24
CA ILE D 702 41.79 37.01 13.26
C ILE D 702 40.83 37.71 14.23
N ILE D 703 41.38 38.22 15.33
CA ILE D 703 40.55 38.88 16.33
C ILE D 703 39.87 40.12 15.78
N PRO D 704 40.56 41.05 15.10
CA PRO D 704 39.89 42.30 14.71
C PRO D 704 38.68 42.10 13.82
N LEU D 705 38.62 40.99 13.07
CA LEU D 705 37.47 40.77 12.20
C LEU D 705 36.17 40.67 12.99
N VAL D 706 36.24 40.29 14.27
CA VAL D 706 35.03 40.15 15.06
C VAL D 706 34.40 41.52 15.31
N GLY D 707 35.22 42.54 15.52
CA GLY D 707 34.68 43.88 15.77
C GLY D 707 33.82 44.37 14.62
N CYS D 708 34.22 44.05 13.39
CA CYS D 708 33.45 44.44 12.22
C CYS D 708 32.10 43.71 12.23
N GLY D 709 31.26 44.06 11.25
CA GLY D 709 29.92 43.52 11.16
C GLY D 709 29.80 42.19 10.46
N LEU D 710 30.91 41.49 10.26
CA LEU D 710 30.86 40.21 9.56
C LEU D 710 30.01 39.20 10.33
N VAL D 711 30.13 39.18 11.65
CA VAL D 711 29.36 38.28 12.50
C VAL D 711 28.06 38.97 12.90
N SER D 712 26.95 38.26 12.76
CA SER D 712 25.64 38.77 13.18
C SER D 712 25.43 38.32 14.63
N PHE D 713 25.90 39.15 15.57
CA PHE D 713 25.75 38.82 16.98
C PHE D 713 24.28 38.71 17.37
N ARG D 714 23.46 39.62 16.87
CA ARG D 714 22.04 39.62 17.22
C ARG D 714 21.38 38.34 16.73
N LYS D 715 20.62 37.70 17.60
CA LYS D 715 19.94 36.45 17.28
C LYS D 715 18.60 36.70 16.60
N LEU D 725 35.38 45.47 24.19
CA LEU D 725 33.96 45.76 24.08
C LEU D 725 33.12 44.55 24.47
N TRP D 726 31.80 44.71 24.42
CA TRP D 726 30.91 43.61 24.77
C TRP D 726 31.00 42.46 23.77
N TYR D 727 31.38 42.77 22.52
CA TYR D 727 31.44 41.75 21.49
C TYR D 727 32.46 40.67 21.84
N TYR D 728 33.63 41.06 22.35
CA TYR D 728 34.65 40.08 22.69
C TYR D 728 34.15 39.07 23.71
N VAL D 729 33.53 39.58 24.79
CA VAL D 729 33.05 38.68 25.85
C VAL D 729 31.89 37.83 25.34
N ALA D 730 30.99 38.43 24.56
CA ALA D 730 29.88 37.67 24.00
C ALA D 730 30.34 36.61 23.01
N PHE D 731 31.51 36.80 22.40
CA PHE D 731 32.03 35.88 21.39
C PHE D 731 32.82 34.74 22.01
N PHE D 732 33.77 35.06 22.90
CA PHE D 732 34.62 34.04 23.50
C PHE D 732 33.90 33.23 24.58
N THR D 733 32.70 33.63 24.97
CA THR D 733 31.88 32.83 25.88
C THR D 733 30.97 31.84 25.15
N SER D 734 30.91 31.92 23.83
CA SER D 734 30.08 30.98 23.08
C SER D 734 30.73 29.60 23.09
N PRO D 735 29.99 28.54 23.47
CA PRO D 735 30.62 27.22 23.51
C PRO D 735 31.14 26.74 22.17
N PHE D 736 30.53 27.18 21.07
CA PHE D 736 31.02 26.80 19.75
C PHE D 736 32.47 27.24 19.55
N VAL D 737 32.74 28.52 19.84
CA VAL D 737 34.09 29.05 19.66
C VAL D 737 35.05 28.39 20.62
N VAL D 738 34.61 28.12 21.85
CA VAL D 738 35.48 27.45 22.81
C VAL D 738 35.85 26.06 22.30
N PHE D 739 34.88 25.33 21.75
CA PHE D 739 35.15 24.01 21.21
C PHE D 739 36.13 24.08 20.05
N SER D 740 35.94 25.04 19.15
CA SER D 740 36.87 25.18 18.03
C SER D 740 38.28 25.52 18.51
N TRP D 741 38.37 26.42 19.49
CA TRP D 741 39.67 26.78 20.06
C TRP D 741 40.34 25.57 20.70
N ASN D 742 39.56 24.76 21.43
CA ASN D 742 40.12 23.57 22.05
C ASN D 742 40.60 22.57 21.00
N VAL D 743 39.86 22.44 19.90
CA VAL D 743 40.31 21.56 18.82
C VAL D 743 41.64 22.05 18.25
N VAL D 744 41.75 23.36 18.01
CA VAL D 744 43.00 23.90 17.49
C VAL D 744 44.14 23.64 18.47
N PHE D 745 43.89 23.87 19.76
CA PHE D 745 44.91 23.64 20.78
C PHE D 745 45.33 22.19 20.81
N TYR D 746 44.37 21.27 20.70
CA TYR D 746 44.69 19.85 20.71
C TYR D 746 45.54 19.47 19.50
N ILE D 747 45.21 20.01 18.33
CA ILE D 747 46.00 19.70 17.14
C ILE D 747 47.42 20.22 17.30
N ALA D 748 47.58 21.44 17.82
CA ALA D 748 48.92 21.96 18.07
C ALA D 748 49.67 21.11 19.07
N PHE D 749 48.96 20.60 20.09
CA PHE D 749 49.57 19.72 21.07
C PHE D 749 50.04 18.43 20.43
N LEU D 750 49.27 17.89 19.48
CA LEU D 750 49.71 16.70 18.76
C LEU D 750 50.96 16.98 17.94
N LEU D 751 50.99 18.14 17.28
CA LEU D 751 52.17 18.48 16.48
C LEU D 751 53.41 18.58 17.36
N LEU D 752 53.27 19.26 18.51
CA LEU D 752 54.40 19.37 19.42
C LEU D 752 54.82 18.00 19.96
N PHE D 753 53.85 17.15 20.30
CA PHE D 753 54.14 15.82 20.78
C PHE D 753 54.94 15.04 19.76
N ALA D 754 54.49 15.05 18.50
CA ALA D 754 55.19 14.32 17.46
C ALA D 754 56.59 14.87 17.25
N TYR D 755 56.73 16.19 17.22
CA TYR D 755 58.04 16.80 17.02
C TYR D 755 59.01 16.38 18.12
N VAL D 756 58.55 16.43 19.37
CA VAL D 756 59.41 16.04 20.49
C VAL D 756 59.74 14.55 20.42
N LEU D 757 58.77 13.75 20.02
CA LEU D 757 58.95 12.29 20.03
C LEU D 757 59.97 11.87 18.98
N LEU D 758 59.85 12.39 17.76
CA LEU D 758 60.69 11.94 16.66
C LEU D 758 61.92 12.81 16.45
N MET D 759 61.79 14.12 16.58
CA MET D 759 62.85 15.04 16.16
C MET D 759 63.78 15.42 17.31
N ASP D 760 63.25 15.60 18.51
CA ASP D 760 64.04 16.11 19.64
C ASP D 760 63.66 15.30 20.89
N PHE D 761 64.41 14.23 21.12
CA PHE D 761 64.23 13.40 22.31
C PHE D 761 65.62 12.98 22.79
N HIS D 762 66.04 13.53 23.91
CA HIS D 762 67.37 13.31 24.47
C HIS D 762 67.26 12.75 25.88
N SER D 763 68.43 12.47 26.47
CA SER D 763 68.45 11.92 27.82
C SER D 763 67.84 12.88 28.82
N VAL D 764 68.16 14.16 28.71
CA VAL D 764 67.65 15.20 29.59
C VAL D 764 66.61 16.00 28.81
N PRO D 765 65.37 16.09 29.29
CA PRO D 765 64.34 16.81 28.52
C PRO D 765 64.71 18.26 28.30
N HIS D 766 64.37 18.77 27.11
CA HIS D 766 64.61 20.16 26.75
C HIS D 766 63.34 20.97 26.96
N THR D 767 63.41 22.26 26.60
CA THR D 767 62.28 23.15 26.84
C THR D 767 60.99 22.68 26.15
N PRO D 768 61.01 22.28 24.88
CA PRO D 768 59.75 21.83 24.26
C PRO D 768 59.09 20.70 25.00
N GLU D 769 59.89 19.76 25.53
CA GLU D 769 59.32 18.65 26.28
C GLU D 769 58.68 19.13 27.57
N LEU D 770 59.28 20.13 28.22
CA LEU D 770 58.67 20.70 29.42
C LEU D 770 57.35 21.39 29.10
N ILE D 771 57.29 22.09 27.96
CA ILE D 771 56.03 22.70 27.54
C ILE D 771 54.99 21.61 27.29
N LEU D 772 55.41 20.52 26.66
CA LEU D 772 54.52 19.39 26.43
C LEU D 772 54.00 18.83 27.76
N TYR D 773 54.89 18.72 28.74
CA TYR D 773 54.47 18.25 30.07
C TYR D 773 53.44 19.20 30.68
N ALA D 774 53.63 20.51 30.50
CA ALA D 774 52.65 21.46 31.02
C ALA D 774 51.28 21.28 30.36
N LEU D 775 51.28 21.10 29.04
CA LEU D 775 50.01 20.90 28.34
C LEU D 775 49.33 19.61 28.81
N VAL D 776 50.10 18.53 28.97
CA VAL D 776 49.54 17.30 29.49
C VAL D 776 49.05 17.50 30.91
N PHE D 777 49.70 18.37 31.68
CA PHE D 777 49.24 18.65 33.03
C PHE D 777 47.88 19.33 33.02
N VAL D 778 47.67 20.30 32.14
CA VAL D 778 46.36 20.94 32.09
C VAL D 778 45.30 19.95 31.61
N LEU D 779 45.65 19.08 30.66
CA LEU D 779 44.72 18.05 30.24
C LEU D 779 44.37 17.11 31.40
N PHE D 780 45.36 16.75 32.21
CA PHE D 780 45.12 15.90 33.37
C PHE D 780 44.24 16.59 34.39
N CYS D 781 44.43 17.90 34.59
CA CYS D 781 43.57 18.65 35.48
C CYS D 781 42.13 18.64 34.98
N ASP D 782 41.93 18.81 33.68
CA ASP D 782 40.58 18.72 33.12
C ASP D 782 39.99 17.33 33.35
N GLU D 783 40.80 16.29 33.17
CA GLU D 783 40.31 14.93 33.39
C GLU D 783 39.92 14.72 34.84
N VAL D 784 40.71 15.27 35.77
CA VAL D 784 40.38 15.14 37.19
C VAL D 784 39.08 15.87 37.51
N ARG D 785 38.89 17.05 36.91
CA ARG D 785 37.63 17.76 37.09
C ARG D 785 36.46 16.93 36.58
N GLN D 786 36.64 16.30 35.42
CA GLN D 786 35.57 15.47 34.86
C GLN D 786 35.30 14.28 35.77
N TRP D 787 36.35 13.69 36.35
CA TRP D 787 36.14 12.63 37.34
C TRP D 787 35.31 13.15 38.51
N TYR D 788 35.64 14.34 39.00
CA TYR D 788 34.92 14.87 40.16
C TYR D 788 33.45 15.10 39.85
N MET D 789 33.15 15.67 38.67
CA MET D 789 31.76 15.98 38.35
C MET D 789 30.89 14.73 38.34
N ASN D 790 31.39 13.65 37.73
CA ASN D 790 30.66 12.40 37.66
C ASN D 790 31.16 11.43 38.73
N GLY D 791 30.59 10.24 38.75
CA GLY D 791 30.99 9.17 39.64
C GLY D 791 31.75 8.09 38.91
N VAL D 792 31.52 6.85 39.32
CA VAL D 792 32.11 5.71 38.62
C VAL D 792 31.40 5.41 37.32
N ASN D 793 30.20 5.96 37.11
CA ASN D 793 29.52 5.83 35.83
C ASN D 793 30.35 6.45 34.70
N TYR D 794 31.22 7.41 35.02
CA TYR D 794 32.06 8.03 34.00
C TYR D 794 32.98 7.02 33.35
N PHE D 795 33.34 5.95 34.06
CA PHE D 795 34.23 4.92 33.53
C PHE D 795 33.49 3.85 32.74
N THR D 796 32.18 3.99 32.56
CA THR D 796 31.42 3.03 31.77
C THR D 796 31.49 3.31 30.27
N ASP D 797 32.16 4.41 29.88
CA ASP D 797 32.29 4.77 28.48
C ASP D 797 33.70 4.45 27.99
N LEU D 798 33.78 3.88 26.78
CA LEU D 798 35.06 3.41 26.27
C LEU D 798 36.06 4.55 26.11
N TRP D 799 35.60 5.68 25.56
CA TRP D 799 36.53 6.77 25.25
C TRP D 799 37.13 7.37 26.52
N ASN D 800 36.34 7.47 27.60
CA ASN D 800 36.87 7.98 28.85
C ASN D 800 37.96 7.06 29.39
N VAL D 801 37.72 5.75 29.34
CA VAL D 801 38.74 4.79 29.77
C VAL D 801 39.99 4.94 28.92
N MET D 802 39.83 5.12 27.62
CA MET D 802 40.98 5.28 26.74
C MET D 802 41.78 6.51 27.11
N ASP D 803 41.09 7.63 27.39
CA ASP D 803 41.79 8.85 27.78
C ASP D 803 42.55 8.66 29.10
N THR D 804 41.92 8.01 30.07
CA THR D 804 42.59 7.76 31.34
C THR D 804 43.82 6.89 31.14
N LEU D 805 43.71 5.86 30.30
CA LEU D 805 44.85 5.02 30.00
C LEU D 805 45.96 5.82 29.35
N GLY D 806 45.61 6.73 28.44
CA GLY D 806 46.62 7.57 27.81
C GLY D 806 47.36 8.42 28.82
N LEU D 807 46.63 9.02 29.75
CA LEU D 807 47.27 9.85 30.77
C LEU D 807 48.20 9.02 31.65
N PHE D 808 47.75 7.84 32.07
CA PHE D 808 48.60 6.99 32.90
C PHE D 808 49.83 6.52 32.12
N TYR D 809 49.67 6.25 30.83
CA TYR D 809 50.82 5.89 30.00
C TYR D 809 51.80 7.04 29.91
N PHE D 810 51.31 8.28 29.81
CA PHE D 810 52.21 9.42 29.79
C PHE D 810 53.00 9.51 31.10
N ILE D 811 52.31 9.30 32.23
CA ILE D 811 53.01 9.36 33.52
C ILE D 811 54.07 8.27 33.58
N ALA D 812 53.72 7.06 33.12
CA ALA D 812 54.70 5.97 33.13
C ALA D 812 55.90 6.30 32.25
N GLY D 813 55.66 6.87 31.08
CA GLY D 813 56.76 7.26 30.21
C GLY D 813 57.65 8.31 30.86
N ILE D 814 57.05 9.26 31.57
CA ILE D 814 57.85 10.22 32.32
C ILE D 814 58.71 9.51 33.34
N VAL D 815 58.13 8.55 34.07
CA VAL D 815 58.88 7.85 35.11
C VAL D 815 60.07 7.12 34.51
N PHE D 816 59.84 6.41 33.40
CA PHE D 816 60.91 5.59 32.82
C PHE D 816 62.06 6.45 32.32
N ARG D 817 61.78 7.59 31.70
CA ARG D 817 62.78 8.33 30.96
C ARG D 817 63.65 9.21 31.83
N LEU D 818 63.37 9.32 33.13
CA LEU D 818 64.18 10.17 33.99
C LEU D 818 65.48 9.51 34.41
N HIS D 819 65.68 8.23 34.10
CA HIS D 819 66.94 7.55 34.38
C HIS D 819 67.90 7.81 33.23
N SER D 820 68.39 9.05 33.17
CA SER D 820 69.27 9.46 32.08
C SER D 820 70.55 8.63 32.05
N SER D 821 70.99 8.13 33.21
CA SER D 821 72.23 7.36 33.25
C SER D 821 72.12 6.08 32.42
N ASN D 822 70.99 5.40 32.49
CA ASN D 822 70.79 4.12 31.82
C ASN D 822 70.12 4.35 30.48
N LYS D 823 70.79 3.95 29.40
CA LYS D 823 70.22 4.08 28.06
C LYS D 823 69.06 3.13 27.85
N SER D 824 69.09 1.96 28.48
CA SER D 824 68.07 0.93 28.22
C SER D 824 66.69 1.37 28.67
N SER D 825 66.58 2.41 29.51
CA SER D 825 65.29 2.89 29.98
C SER D 825 64.73 4.02 29.14
N LEU D 826 65.59 4.84 28.54
CA LEU D 826 65.10 5.93 27.70
C LEU D 826 64.34 5.38 26.50
N TYR D 827 64.83 4.31 25.88
CA TYR D 827 64.14 3.73 24.75
C TYR D 827 62.76 3.19 25.17
N SER D 828 62.69 2.54 26.33
CA SER D 828 61.40 2.04 26.80
C SER D 828 60.44 3.19 27.05
N GLY D 829 60.93 4.28 27.65
CA GLY D 829 60.08 5.44 27.84
C GLY D 829 59.59 6.01 26.53
N ARG D 830 60.45 6.06 25.52
CA ARG D 830 60.06 6.55 24.21
C ARG D 830 58.98 5.66 23.59
N VAL D 831 59.13 4.34 23.75
CA VAL D 831 58.11 3.43 23.22
C VAL D 831 56.77 3.66 23.91
N ILE D 832 56.80 3.81 25.23
CA ILE D 832 55.57 4.10 25.97
C ILE D 832 54.95 5.39 25.45
N PHE D 833 55.78 6.40 25.20
CA PHE D 833 55.27 7.66 24.66
C PHE D 833 54.65 7.46 23.28
N CYS D 834 55.24 6.59 22.46
CA CYS D 834 54.67 6.33 21.15
C CYS D 834 53.28 5.70 21.25
N LEU D 835 53.14 4.72 22.14
CA LEU D 835 51.81 4.11 22.33
C LEU D 835 50.82 5.15 22.85
N ASP D 836 51.25 5.98 23.79
CA ASP D 836 50.38 7.03 24.30
C ASP D 836 50.00 8.01 23.19
N TYR D 837 50.93 8.27 22.26
CA TYR D 837 50.62 9.14 21.14
C TYR D 837 49.54 8.53 20.27
N ILE D 838 49.63 7.22 20.01
CA ILE D 838 48.55 6.55 19.27
C ILE D 838 47.22 6.76 19.99
N ILE D 839 47.22 6.54 21.31
CA ILE D 839 45.98 6.65 22.07
C ILE D 839 45.40 8.06 21.96
N PHE D 840 46.26 9.07 22.11
CA PHE D 840 45.80 10.45 22.01
C PHE D 840 45.28 10.77 20.62
N THR D 841 45.99 10.30 19.59
CA THR D 841 45.59 10.62 18.22
C THR D 841 44.25 10.00 17.87
N LEU D 842 43.94 8.83 18.44
CA LEU D 842 42.64 8.22 18.16
C LEU D 842 41.48 9.03 18.74
N ARG D 843 41.76 10.03 19.58
CA ARG D 843 40.72 10.83 20.21
C ARG D 843 40.05 11.79 19.23
N LEU D 844 40.69 12.08 18.10
CA LEU D 844 40.10 12.98 17.12
C LEU D 844 38.82 12.42 16.55
N ILE D 845 38.80 11.11 16.31
CA ILE D 845 37.59 10.46 15.80
C ILE D 845 36.44 10.66 16.77
N HIS D 846 36.73 10.56 18.07
CA HIS D 846 35.69 10.79 19.08
C HIS D 846 35.23 12.24 19.08
N ILE D 847 36.18 13.19 19.03
CA ILE D 847 35.78 14.58 19.17
C ILE D 847 35.06 15.07 17.92
N PHE D 848 35.36 14.51 16.75
CA PHE D 848 34.77 14.95 15.50
C PHE D 848 33.48 14.23 15.16
N THR D 849 32.79 13.67 16.15
CA THR D 849 31.49 13.06 15.95
C THR D 849 30.37 14.10 15.90
N VAL D 850 30.71 15.39 15.94
CA VAL D 850 29.74 16.47 16.01
C VAL D 850 29.73 17.29 14.73
N SER D 851 30.46 16.87 13.69
CA SER D 851 30.65 17.71 12.53
C SER D 851 29.41 17.83 11.65
N ARG D 852 28.37 17.03 11.89
CA ARG D 852 27.13 17.03 11.14
C ARG D 852 27.30 16.42 9.75
N ASN D 853 28.51 16.08 9.35
CA ASN D 853 28.75 15.36 8.11
C ASN D 853 29.47 14.04 8.34
N LEU D 854 30.41 14.00 9.29
CA LEU D 854 31.13 12.78 9.63
C LEU D 854 30.56 12.04 10.83
N GLY D 855 29.85 12.75 11.71
CA GLY D 855 29.37 12.20 12.95
C GLY D 855 28.47 10.99 12.77
N PRO D 856 27.48 11.10 11.89
CA PRO D 856 26.59 9.93 11.68
C PRO D 856 27.33 8.70 11.19
N LYS D 857 28.25 8.89 10.25
CA LYS D 857 28.99 7.76 9.71
C LYS D 857 29.90 7.16 10.77
N ILE D 858 30.49 8.00 11.62
CA ILE D 858 31.29 7.50 12.74
C ILE D 858 30.42 6.72 13.71
N ILE D 859 29.20 7.20 13.96
CA ILE D 859 28.31 6.53 14.91
C ILE D 859 27.95 5.15 14.40
N MET D 860 27.70 5.03 13.09
CA MET D 860 27.23 3.76 12.55
C MET D 860 28.29 2.67 12.57
N LEU D 861 29.56 3.00 12.83
CA LEU D 861 30.60 1.98 12.85
C LEU D 861 30.36 0.94 13.94
N GLN D 862 29.74 1.34 15.05
CA GLN D 862 29.54 0.43 16.16
C GLN D 862 28.63 -0.75 15.80
N ARG D 863 27.91 -0.65 14.69
CA ARG D 863 26.91 -1.65 14.30
C ARG D 863 27.44 -2.70 13.34
N MET D 864 28.72 -2.67 12.97
CA MET D 864 29.30 -3.65 12.05
C MET D 864 30.27 -4.60 12.74
N LEU D 865 30.32 -4.58 14.07
CA LEU D 865 31.29 -5.39 14.79
C LEU D 865 30.96 -6.87 14.68
N ILE D 866 29.68 -7.22 14.55
CA ILE D 866 29.32 -8.63 14.43
C ILE D 866 29.79 -9.19 13.09
N ASP D 867 29.62 -8.41 12.02
CA ASP D 867 30.14 -8.83 10.73
C ASP D 867 31.65 -8.99 10.77
N VAL D 868 32.34 -8.02 11.38
CA VAL D 868 33.79 -8.12 11.51
C VAL D 868 34.16 -9.37 12.30
N PHE D 869 33.41 -9.66 13.37
CA PHE D 869 33.71 -10.81 14.22
C PHE D 869 33.54 -12.12 13.47
N PHE D 870 32.47 -12.24 12.68
CA PHE D 870 32.27 -13.44 11.88
C PHE D 870 33.39 -13.62 10.86
N PHE D 871 33.77 -12.52 10.20
CA PHE D 871 34.89 -12.57 9.26
C PHE D 871 36.14 -13.08 9.93
N LEU D 872 36.47 -12.53 11.11
CA LEU D 872 37.68 -12.93 11.82
C LEU D 872 37.60 -14.37 12.29
N PHE D 873 36.42 -14.84 12.69
CA PHE D 873 36.25 -16.22 13.12
C PHE D 873 36.59 -17.18 11.99
N LEU D 874 35.96 -16.97 10.82
CA LEU D 874 36.27 -17.85 9.69
C LEU D 874 37.75 -17.75 9.31
N PHE D 875 38.29 -16.53 9.27
CA PHE D 875 39.68 -16.36 8.87
C PHE D 875 40.62 -17.09 9.81
N ALA D 876 40.38 -16.98 11.12
CA ALA D 876 41.25 -17.63 12.10
C ALA D 876 41.17 -19.14 11.98
N VAL D 877 39.97 -19.70 11.82
CA VAL D 877 39.84 -21.14 11.69
C VAL D 877 40.64 -21.62 10.48
N TRP D 878 40.44 -20.96 9.34
CA TRP D 878 41.13 -21.39 8.12
C TRP D 878 42.64 -21.24 8.25
N MET D 879 43.10 -20.14 8.86
CA MET D 879 44.54 -19.94 9.04
C MET D 879 45.13 -21.05 9.90
N VAL D 880 44.47 -21.38 11.01
CA VAL D 880 44.98 -22.43 11.89
C VAL D 880 45.10 -23.73 11.12
N ALA D 881 44.03 -24.13 10.42
CA ALA D 881 44.06 -25.40 9.71
C ALA D 881 45.18 -25.43 8.68
N PHE D 882 45.23 -24.42 7.81
CA PHE D 882 46.20 -24.41 6.72
C PHE D 882 47.62 -24.38 7.26
N GLY D 883 47.90 -23.51 8.22
CA GLY D 883 49.24 -23.40 8.74
C GLY D 883 49.72 -24.67 9.41
N VAL D 884 48.87 -25.27 10.25
CA VAL D 884 49.26 -26.50 10.92
C VAL D 884 49.55 -27.59 9.90
N ALA D 885 48.65 -27.77 8.93
CA ALA D 885 48.84 -28.82 7.94
C ALA D 885 50.13 -28.62 7.16
N ARG D 886 50.32 -27.40 6.64
CA ARG D 886 51.49 -27.12 5.81
C ARG D 886 52.78 -27.33 6.61
N GLN D 887 52.85 -26.79 7.82
CA GLN D 887 54.05 -26.94 8.63
C GLN D 887 54.32 -28.41 8.91
N GLY D 888 53.27 -29.17 9.27
CA GLY D 888 53.47 -30.57 9.58
C GLY D 888 54.01 -31.35 8.40
N ILE D 889 53.44 -31.15 7.23
CA ILE D 889 53.89 -31.92 6.08
C ILE D 889 55.28 -31.46 5.62
N LEU D 890 55.60 -30.18 5.77
CA LEU D 890 56.86 -29.67 5.22
C LEU D 890 58.04 -29.87 6.17
N ARG D 891 58.10 -29.20 7.30
CA ARG D 891 59.26 -29.35 8.16
C ARG D 891 58.97 -30.33 9.25
N GLN D 892 59.97 -30.87 9.94
CA GLN D 892 59.63 -31.80 11.01
C GLN D 892 60.29 -31.44 12.35
N ASN D 893 59.54 -31.53 13.45
CA ASN D 893 60.04 -31.19 14.79
C ASN D 893 60.67 -29.83 14.95
N GLU D 894 59.98 -28.78 14.53
CA GLU D 894 60.44 -27.37 14.57
C GLU D 894 61.27 -26.98 15.80
N GLN D 895 60.70 -27.14 16.99
CA GLN D 895 61.29 -27.04 18.32
C GLN D 895 61.66 -25.60 18.69
N ARG D 896 61.01 -24.62 18.06
CA ARG D 896 61.22 -23.22 18.38
C ARG D 896 59.89 -22.49 18.31
N TRP D 897 59.44 -21.95 19.43
CA TRP D 897 58.08 -21.40 19.52
C TRP D 897 57.90 -20.24 18.56
N ARG D 898 58.84 -19.29 18.55
CA ARG D 898 58.64 -18.10 17.74
C ARG D 898 58.49 -18.42 16.27
N TRP D 899 59.21 -19.44 15.78
CA TRP D 899 59.12 -19.79 14.37
C TRP D 899 57.95 -20.71 14.06
N ILE D 900 57.54 -21.53 15.02
CA ILE D 900 56.28 -22.27 14.87
C ILE D 900 55.14 -21.28 14.67
N PHE D 901 55.06 -20.26 15.54
CA PHE D 901 53.99 -19.27 15.43
C PHE D 901 54.17 -18.39 14.20
N ARG D 902 55.41 -18.09 13.80
CA ARG D 902 55.62 -17.30 12.60
C ARG D 902 55.10 -18.03 11.37
N SER D 903 55.40 -19.32 11.24
CA SER D 903 54.97 -20.07 10.07
C SER D 903 53.48 -20.40 10.10
N VAL D 904 52.96 -20.77 11.28
CA VAL D 904 51.61 -21.28 11.35
C VAL D 904 50.58 -20.18 11.13
N ILE D 905 50.83 -18.99 11.66
CA ILE D 905 49.83 -17.93 11.74
C ILE D 905 50.22 -16.73 10.88
N TYR D 906 51.45 -16.24 11.02
CA TYR D 906 51.80 -14.97 10.42
C TYR D 906 51.73 -15.01 8.89
N GLU D 907 52.33 -16.05 8.29
CA GLU D 907 52.34 -16.13 6.83
C GLU D 907 50.95 -16.32 6.23
N PRO D 908 50.13 -17.27 6.71
CA PRO D 908 48.75 -17.34 6.20
C PRO D 908 48.00 -16.04 6.38
N TYR D 909 48.25 -15.32 7.48
CA TYR D 909 47.63 -14.02 7.67
C TYR D 909 48.07 -13.02 6.61
N LEU D 910 49.37 -13.00 6.31
CA LEU D 910 49.87 -12.13 5.25
C LEU D 910 49.28 -12.50 3.90
N ALA D 911 48.90 -13.76 3.72
CA ALA D 911 48.30 -14.19 2.46
C ALA D 911 46.92 -13.60 2.22
N MET D 912 46.31 -12.98 3.22
CA MET D 912 44.98 -12.41 3.03
C MET D 912 45.01 -11.26 2.03
N PHE D 913 46.05 -10.42 2.08
CA PHE D 913 46.18 -9.28 1.20
C PHE D 913 47.48 -9.44 0.39
N GLY D 914 47.38 -10.11 -0.74
CA GLY D 914 48.47 -10.13 -1.70
C GLY D 914 49.26 -11.41 -1.78
N GLN D 915 50.44 -11.40 -1.17
CA GLN D 915 51.47 -12.40 -1.47
C GLN D 915 50.96 -13.81 -1.20
N VAL D 916 51.40 -14.74 -2.04
CA VAL D 916 51.03 -16.15 -1.89
C VAL D 916 51.52 -16.65 -0.54
N PRO D 917 50.77 -17.52 0.16
CA PRO D 917 51.16 -17.85 1.54
C PRO D 917 52.58 -18.39 1.67
N SER D 918 53.03 -19.22 0.73
CA SER D 918 54.29 -19.91 0.87
C SER D 918 55.02 -19.99 -0.46
N ASP D 919 56.29 -19.60 -0.45
CA ASP D 919 57.18 -19.89 -1.56
C ASP D 919 57.76 -21.29 -1.48
N VAL D 920 57.60 -21.98 -0.34
CA VAL D 920 58.11 -23.33 -0.18
C VAL D 920 57.18 -24.39 -0.73
N ASP D 921 55.93 -24.03 -1.03
CA ASP D 921 54.99 -25.00 -1.57
C ASP D 921 55.44 -25.57 -2.91
N SER D 922 56.33 -24.88 -3.61
CA SER D 922 56.78 -25.29 -4.93
C SER D 922 58.26 -25.66 -4.87
N THR D 923 58.61 -26.82 -5.42
CA THR D 923 59.98 -27.30 -5.43
C THR D 923 60.85 -26.57 -6.44
N THR D 924 60.26 -25.77 -7.33
CA THR D 924 61.04 -25.09 -8.36
C THR D 924 62.14 -24.24 -7.76
N TYR D 925 61.94 -23.72 -6.55
CA TYR D 925 62.91 -22.86 -5.90
C TYR D 925 62.90 -23.13 -4.40
N ASP D 926 64.09 -23.32 -3.83
CA ASP D 926 64.23 -23.60 -2.41
C ASP D 926 65.72 -23.49 -2.06
N PHE D 927 66.01 -23.62 -0.76
CA PHE D 927 67.39 -23.61 -0.26
C PHE D 927 68.03 -22.25 -0.43
N SER D 928 69.20 -22.06 0.18
CA SER D 928 69.94 -20.81 0.31
C SER D 928 69.33 -19.95 1.41
N HIS D 929 68.17 -20.32 1.94
CA HIS D 929 67.62 -19.73 3.15
C HIS D 929 67.35 -20.77 4.22
N CYS D 930 67.72 -22.02 3.98
CA CYS D 930 67.45 -23.12 4.89
C CYS D 930 68.45 -23.16 6.03
N THR D 931 68.06 -23.84 7.10
CA THR D 931 68.94 -24.04 8.25
C THR D 931 68.64 -25.43 8.81
N PHE D 932 69.54 -26.37 8.55
CA PHE D 932 69.35 -27.72 9.07
C PHE D 932 69.33 -27.72 10.59
N SER D 933 70.19 -26.92 11.20
CA SER D 933 70.18 -26.71 12.64
C SER D 933 69.38 -25.45 12.98
N GLY D 934 69.07 -25.31 14.27
CA GLY D 934 68.35 -24.16 14.77
C GLY D 934 69.21 -23.00 15.22
N ASN D 935 70.51 -23.04 14.94
CA ASN D 935 71.41 -22.00 15.44
C ASN D 935 71.04 -20.64 14.88
N GLU D 936 70.76 -20.56 13.57
CA GLU D 936 70.48 -19.29 12.94
C GLU D 936 69.00 -18.92 13.10
N SER D 937 68.68 -17.67 12.76
CA SER D 937 67.31 -17.17 12.83
C SER D 937 66.67 -17.25 11.45
N LYS D 938 66.41 -18.48 11.03
CA LYS D 938 65.75 -18.76 9.77
C LYS D 938 64.81 -19.94 9.95
N PRO D 939 63.84 -20.10 9.05
CA PRO D 939 62.93 -21.23 9.18
C PRO D 939 63.65 -22.56 9.07
N LEU D 940 63.09 -23.56 9.74
CA LEU D 940 63.65 -24.90 9.69
C LEU D 940 63.55 -25.45 8.27
N CYS D 941 64.52 -26.28 7.91
CA CYS D 941 64.60 -26.83 6.57
C CYS D 941 63.44 -27.79 6.31
N VAL D 942 63.23 -28.10 5.03
CA VAL D 942 62.21 -29.05 4.62
C VAL D 942 62.72 -30.47 4.83
N GLU D 943 61.81 -31.39 5.07
CA GLU D 943 62.18 -32.79 5.23
C GLU D 943 62.80 -33.31 3.94
N LEU D 944 63.86 -34.10 4.08
CA LEU D 944 64.60 -34.63 2.95
C LEU D 944 64.62 -36.16 3.00
N ASP D 945 64.40 -36.77 1.86
CA ASP D 945 64.52 -38.22 1.70
C ASP D 945 65.96 -38.54 1.32
N GLU D 946 66.18 -39.76 0.83
CA GLU D 946 67.49 -40.11 0.27
C GLU D 946 67.90 -39.06 -0.76
N HIS D 947 69.18 -38.71 -0.74
CA HIS D 947 69.70 -37.61 -1.55
C HIS D 947 69.24 -36.29 -0.96
N ASN D 948 69.41 -35.20 -1.70
CA ASN D 948 69.02 -33.87 -1.24
C ASN D 948 67.65 -33.43 -1.76
N LEU D 949 66.94 -34.30 -2.47
CA LEU D 949 65.66 -33.92 -3.04
C LEU D 949 64.63 -33.70 -1.92
N PRO D 950 63.81 -32.66 -2.02
CA PRO D 950 62.72 -32.50 -1.05
C PRO D 950 61.77 -33.69 -1.10
N ARG D 951 61.23 -34.03 0.07
CA ARG D 951 60.35 -35.19 0.20
C ARG D 951 58.87 -34.85 0.07
N PHE D 952 58.49 -33.60 0.27
CA PHE D 952 57.07 -33.25 0.25
C PHE D 952 56.54 -33.30 -1.17
N PRO D 953 55.32 -33.82 -1.38
CA PRO D 953 54.74 -33.81 -2.73
C PRO D 953 53.98 -32.52 -3.03
N GLU D 954 54.18 -32.01 -4.24
CA GLU D 954 53.53 -30.78 -4.64
C GLU D 954 52.05 -30.97 -4.94
N TRP D 955 51.63 -32.18 -5.31
CA TRP D 955 50.26 -32.42 -5.73
C TRP D 955 49.26 -32.32 -4.58
N ILE D 956 49.73 -32.25 -3.33
CA ILE D 956 48.86 -31.99 -2.20
C ILE D 956 49.06 -30.58 -1.65
N THR D 957 50.23 -29.97 -1.84
CA THR D 957 50.47 -28.63 -1.32
C THR D 957 49.85 -27.57 -2.23
N ILE D 958 50.16 -27.63 -3.53
CA ILE D 958 49.69 -26.58 -4.43
C ILE D 958 48.17 -26.46 -4.43
N PRO D 959 47.40 -27.54 -4.57
CA PRO D 959 45.93 -27.39 -4.48
C PRO D 959 45.48 -26.80 -3.15
N LEU D 960 46.16 -27.17 -2.06
CA LEU D 960 45.79 -26.65 -0.75
C LEU D 960 45.92 -25.13 -0.72
N VAL D 961 47.06 -24.61 -1.14
CA VAL D 961 47.28 -23.17 -1.11
C VAL D 961 46.36 -22.47 -2.10
N CYS D 962 46.11 -23.09 -3.26
CA CYS D 962 45.20 -22.48 -4.22
C CYS D 962 43.81 -22.32 -3.63
N ILE D 963 43.30 -23.38 -2.99
CA ILE D 963 41.97 -23.31 -2.38
C ILE D 963 41.95 -22.28 -1.26
N TYR D 964 42.99 -22.26 -0.43
CA TYR D 964 43.04 -21.32 0.68
C TYR D 964 43.01 -19.88 0.19
N MET D 965 43.80 -19.58 -0.84
CA MET D 965 43.82 -18.23 -1.38
C MET D 965 42.49 -17.87 -2.03
N LEU D 966 41.94 -18.77 -2.85
CA LEU D 966 40.66 -18.51 -3.48
C LEU D 966 39.57 -18.24 -2.45
N SER D 967 39.65 -18.90 -1.29
CA SER D 967 38.64 -18.72 -0.26
C SER D 967 38.83 -17.41 0.50
N THR D 968 40.04 -17.20 1.04
CA THR D 968 40.26 -16.03 1.90
C THR D 968 40.27 -14.73 1.09
N ASN D 969 41.04 -14.69 0.01
CA ASN D 969 41.34 -13.42 -0.63
C ASN D 969 40.16 -12.85 -1.41
N ILE D 970 39.22 -13.69 -1.84
CA ILE D 970 38.17 -13.26 -2.75
C ILE D 970 36.78 -13.45 -2.15
N LEU D 971 36.42 -14.71 -1.86
CA LEU D 971 35.06 -15.00 -1.43
C LEU D 971 34.73 -14.29 -0.12
N LEU D 972 35.61 -14.42 0.87
CA LEU D 972 35.31 -13.89 2.20
C LEU D 972 35.22 -12.37 2.18
N VAL D 973 36.12 -11.71 1.45
CA VAL D 973 36.09 -10.25 1.38
C VAL D 973 34.81 -9.77 0.74
N ASN D 974 34.39 -10.42 -0.34
CA ASN D 974 33.15 -10.03 -1.01
C ASN D 974 31.95 -10.27 -0.11
N LEU D 975 31.95 -11.37 0.65
CA LEU D 975 30.88 -11.62 1.60
C LEU D 975 30.84 -10.52 2.65
N LEU D 976 32.00 -10.08 3.12
CA LEU D 976 32.06 -8.98 4.07
C LEU D 976 31.48 -7.71 3.47
N VAL D 977 31.81 -7.44 2.21
CA VAL D 977 31.27 -6.26 1.53
C VAL D 977 29.75 -6.32 1.48
N ALA D 978 29.21 -7.49 1.13
CA ALA D 978 27.76 -7.65 1.04
C ALA D 978 27.10 -7.43 2.39
N MET D 979 27.66 -8.02 3.44
CA MET D 979 27.08 -7.86 4.78
C MET D 979 27.13 -6.39 5.22
N PHE D 980 28.24 -5.71 4.93
CA PHE D 980 28.33 -4.28 5.25
C PHE D 980 27.26 -3.49 4.51
N GLY D 981 27.06 -3.80 3.23
CA GLY D 981 26.04 -3.08 2.47
C GLY D 981 24.66 -3.28 3.06
N TYR D 982 24.31 -4.52 3.39
CA TYR D 982 23.00 -4.78 3.98
C TYR D 982 22.85 -4.06 5.31
N THR D 983 23.89 -4.09 6.15
CA THR D 983 23.80 -3.44 7.45
C THR D 983 23.62 -1.93 7.29
N VAL D 984 24.36 -1.32 6.36
CA VAL D 984 24.21 0.12 6.12
C VAL D 984 22.79 0.43 5.69
N GLY D 985 22.28 -0.33 4.72
CA GLY D 985 20.93 -0.09 4.25
C GLY D 985 19.91 -0.20 5.37
N ILE D 986 20.10 -1.16 6.26
CA ILE D 986 19.14 -1.35 7.35
C ILE D 986 19.23 -0.21 8.36
N VAL D 987 20.45 0.19 8.74
CA VAL D 987 20.61 1.09 9.88
C VAL D 987 20.67 2.56 9.52
N GLN D 988 20.66 2.91 8.24
CA GLN D 988 20.74 4.32 7.88
C GLN D 988 19.53 5.09 8.38
N GLU D 989 18.33 4.49 8.28
CA GLU D 989 17.11 5.19 8.67
C GLU D 989 17.09 5.55 10.16
N ASN D 990 17.89 4.87 10.98
CA ASN D 990 17.94 5.11 12.41
C ASN D 990 19.23 5.80 12.86
N ASN D 991 20.25 5.83 12.00
CA ASN D 991 21.53 6.40 12.42
C ASN D 991 21.40 7.87 12.80
N ASP D 992 20.67 8.66 12.01
CA ASP D 992 20.53 10.08 12.32
C ASP D 992 19.79 10.30 13.64
N GLN D 993 18.73 9.53 13.87
CA GLN D 993 18.01 9.63 15.13
C GLN D 993 18.94 9.30 16.30
N VAL D 994 19.79 8.28 16.14
CA VAL D 994 20.73 7.95 17.20
C VAL D 994 21.75 9.06 17.40
N TRP D 995 22.21 9.66 16.30
CA TRP D 995 23.24 10.69 16.38
C TRP D 995 22.75 11.95 17.07
N LYS D 996 21.47 12.30 16.87
CA LYS D 996 20.95 13.51 17.50
C LYS D 996 21.01 13.42 19.02
N PHE D 997 20.84 12.21 19.58
CA PHE D 997 20.95 12.03 21.02
C PHE D 997 22.35 12.39 21.51
N GLN D 998 23.38 11.89 20.83
CA GLN D 998 24.76 12.22 21.21
C GLN D 998 25.03 13.70 21.01
N ARG D 999 24.42 14.29 19.99
CA ARG D 999 24.54 15.73 19.79
C ARG D 999 23.99 16.49 20.99
N TYR D 1000 22.83 16.05 21.50
CA TYR D 1000 22.30 16.67 22.70
C TYR D 1000 23.26 16.51 23.88
N PHE D 1001 23.84 15.32 24.00
CA PHE D 1001 24.79 15.09 25.11
C PHE D 1001 25.94 16.08 25.02
N LEU D 1002 26.48 16.29 23.82
CA LEU D 1002 27.56 17.28 23.67
C LEU D 1002 27.06 18.68 24.00
N VAL D 1003 25.95 19.09 23.40
CA VAL D 1003 25.46 20.45 23.56
C VAL D 1003 25.06 20.75 24.98
N GLN D 1004 24.90 19.72 25.81
CA GLN D 1004 24.68 19.93 27.23
C GLN D 1004 25.98 19.91 28.03
N GLU D 1005 26.87 18.95 27.75
CA GLU D 1005 28.11 18.85 28.52
C GLU D 1005 28.98 20.08 28.33
N TYR D 1006 29.14 20.54 27.10
CA TYR D 1006 29.99 21.72 26.88
C TYR D 1006 29.37 22.97 27.47
N CYS D 1007 28.04 23.12 27.35
CA CYS D 1007 27.38 24.31 27.89
C CYS D 1007 27.42 24.33 29.42
N ASN D 1008 27.42 23.16 30.05
CA ASN D 1008 27.41 23.12 31.51
C ASN D 1008 28.67 23.74 32.10
N ARG D 1009 29.83 23.46 31.49
CA ARG D 1009 31.08 23.94 32.06
C ARG D 1009 31.14 25.46 32.00
N LEU D 1010 32.17 26.02 32.64
CA LEU D 1010 32.32 27.47 32.74
C LEU D 1010 32.72 28.10 31.42
N ASN D 1011 33.10 27.32 30.42
CA ASN D 1011 33.40 27.82 29.07
C ASN D 1011 34.58 28.79 29.10
N ILE D 1012 35.74 28.27 29.50
CA ILE D 1012 37.00 29.01 29.41
C ILE D 1012 37.86 28.34 28.37
N PRO D 1013 38.56 29.09 27.51
CA PRO D 1013 39.44 28.43 26.52
C PRO D 1013 40.49 27.55 27.20
N PHE D 1014 40.78 26.42 26.57
CA PHE D 1014 41.56 25.39 27.22
C PHE D 1014 42.92 25.84 27.71
N PRO D 1015 43.72 26.62 26.97
CA PRO D 1015 45.12 26.82 27.39
C PRO D 1015 45.27 27.38 28.79
N PHE D 1016 44.35 28.23 29.25
CA PHE D 1016 44.45 28.84 30.58
C PHE D 1016 43.15 28.63 31.37
N VAL D 1017 42.66 27.39 31.39
CA VAL D 1017 41.57 27.05 32.29
C VAL D 1017 42.09 26.77 33.71
N VAL D 1018 43.40 26.57 33.87
CA VAL D 1018 43.95 26.22 35.17
C VAL D 1018 43.65 27.31 36.19
N PHE D 1019 43.74 28.58 35.78
CA PHE D 1019 43.48 29.67 36.70
C PHE D 1019 42.04 29.62 37.20
N ALA D 1020 41.10 29.35 36.29
CA ALA D 1020 39.70 29.26 36.67
C ALA D 1020 39.50 28.17 37.71
N TYR D 1021 40.00 26.96 37.45
CA TYR D 1021 39.84 25.87 38.40
C TYR D 1021 40.51 26.19 39.73
N PHE D 1022 41.69 26.82 39.69
CA PHE D 1022 42.42 27.10 40.92
C PHE D 1022 41.65 28.08 41.80
N TYR D 1023 41.18 29.19 41.22
CA TYR D 1023 40.50 30.17 42.07
C TYR D 1023 39.06 29.76 42.36
N MET D 1024 38.49 28.80 41.61
CA MET D 1024 37.22 28.22 42.01
C MET D 1024 37.41 27.26 43.18
N VAL D 1025 38.52 26.52 43.19
CA VAL D 1025 38.88 25.73 44.36
C VAL D 1025 39.06 26.63 45.56
N VAL D 1026 39.72 27.77 45.37
CA VAL D 1026 39.84 28.75 46.45
C VAL D 1026 38.46 29.21 46.88
N LYS D 1027 37.56 29.47 45.93
CA LYS D 1027 36.18 29.83 46.24
C LYS D 1027 35.31 28.62 46.53
N LYS D 1028 35.77 27.42 46.19
CA LYS D 1028 34.99 26.21 46.43
C LYS D 1028 34.88 25.91 47.92
N ASN D 1051 4.18 28.11 36.54
CA ASN D 1051 2.83 28.48 36.93
C ASN D 1051 2.03 28.91 35.71
N GLU D 1052 2.39 30.07 35.15
CA GLU D 1052 1.77 30.52 33.91
C GLU D 1052 2.04 29.53 32.77
N THR D 1053 3.28 29.05 32.67
CA THR D 1053 3.60 28.09 31.64
C THR D 1053 2.78 26.82 31.79
N LEU D 1054 2.49 26.42 33.03
CA LEU D 1054 1.65 25.25 33.25
C LEU D 1054 0.22 25.50 32.76
N ALA D 1055 -0.31 26.70 32.98
CA ALA D 1055 -1.63 27.01 32.47
C ALA D 1055 -1.66 26.98 30.94
N TRP D 1056 -0.64 27.54 30.30
CA TRP D 1056 -0.56 27.47 28.85
C TRP D 1056 -0.45 26.03 28.38
N GLU D 1057 0.30 25.21 29.11
CA GLU D 1057 0.41 23.79 28.80
C GLU D 1057 -0.95 23.11 28.88
N GLY D 1058 -1.73 23.43 29.90
CA GLY D 1058 -3.06 22.85 30.01
C GLY D 1058 -3.96 23.27 28.86
N VAL D 1059 -3.88 24.54 28.46
CA VAL D 1059 -4.69 25.01 27.34
C VAL D 1059 -4.33 24.26 26.06
N MET D 1060 -3.02 24.14 25.80
CA MET D 1060 -2.59 23.41 24.61
C MET D 1060 -2.97 21.94 24.68
N LYS D 1061 -2.97 21.36 25.88
CA LYS D 1061 -3.44 19.99 26.03
C LYS D 1061 -4.90 19.86 25.68
N GLU D 1062 -5.73 20.82 26.11
CA GLU D 1062 -7.13 20.80 25.73
C GLU D 1062 -7.28 20.88 24.21
N ASN D 1063 -6.50 21.76 23.58
CA ASN D 1063 -6.54 21.86 22.13
C ASN D 1063 -6.17 20.53 21.47
N TYR D 1064 -5.13 19.88 21.98
CA TYR D 1064 -4.68 18.61 21.41
C TYR D 1064 -5.71 17.50 21.59
N LEU D 1065 -6.35 17.45 22.76
CA LEU D 1065 -7.41 16.47 22.97
C LEU D 1065 -8.59 16.72 22.03
N VAL D 1066 -8.97 17.98 21.85
CA VAL D 1066 -10.04 18.29 20.91
C VAL D 1066 -9.65 17.89 19.50
N LYS D 1067 -8.36 18.08 19.16
CA LYS D 1067 -7.89 17.65 17.84
C LYS D 1067 -8.02 16.14 17.68
N ILE D 1068 -7.66 15.39 18.71
CA ILE D 1068 -7.81 13.93 18.64
C ILE D 1068 -9.27 13.57 18.45
N ASN D 1069 -10.17 14.22 19.19
CA ASN D 1069 -11.58 13.91 19.08
C ASN D 1069 -12.11 14.22 17.67
N THR D 1070 -11.68 15.36 17.10
CA THR D 1070 -12.09 15.70 15.75
C THR D 1070 -11.57 14.69 14.74
N LYS D 1071 -10.31 14.26 14.90
CA LYS D 1071 -9.77 13.25 14.00
C LYS D 1071 -10.56 11.96 14.09
N ALA D 1072 -10.94 11.55 15.31
CA ALA D 1072 -11.77 10.36 15.47
C ALA D 1072 -13.12 10.53 14.79
N ASN D 1073 -13.75 11.71 14.96
CA ASN D 1073 -15.07 11.95 14.39
C ASN D 1073 -15.02 12.13 12.88
N ASP D 1074 -13.84 12.37 12.30
CA ASP D 1074 -13.72 12.60 10.87
C ASP D 1074 -14.09 11.37 10.04
N ASN D 1075 -14.46 10.26 10.70
CA ASN D 1075 -14.81 9.05 9.97
C ASN D 1075 -16.01 9.29 9.06
N SER D 1076 -16.89 10.23 9.41
CA SER D 1076 -18.06 10.58 8.61
C SER D 1076 -19.14 9.51 8.67
N GLU D 1077 -19.09 8.62 9.65
CA GLU D 1077 -20.08 7.55 9.77
C GLU D 1077 -21.41 8.04 10.34
N GLU D 1078 -21.48 9.31 10.78
CA GLU D 1078 -22.72 9.82 11.34
C GLU D 1078 -23.87 9.78 10.34
N MET D 1079 -23.56 9.67 9.04
CA MET D 1079 -24.62 9.68 8.04
C MET D 1079 -25.55 8.48 8.21
N ARG D 1080 -25.00 7.30 8.48
CA ARG D 1080 -25.84 6.12 8.66
C ARG D 1080 -26.67 6.23 9.95
N HIS D 1081 -26.08 6.79 11.00
CA HIS D 1081 -26.83 6.98 12.23
C HIS D 1081 -27.99 7.95 12.02
N ARG D 1082 -27.75 9.01 11.25
CA ARG D 1082 -28.84 9.91 10.89
C ARG D 1082 -29.84 9.25 9.96
N PHE D 1083 -29.39 8.29 9.14
CA PHE D 1083 -30.32 7.50 8.33
C PHE D 1083 -31.27 6.72 9.22
N ARG D 1084 -30.72 6.05 10.24
CA ARG D 1084 -31.56 5.32 11.18
C ARG D 1084 -32.53 6.26 11.89
N GLN D 1085 -32.04 7.44 12.27
CA GLN D 1085 -32.91 8.41 12.93
C GLN D 1085 -34.04 8.86 12.01
N LEU D 1086 -33.74 9.12 10.73
CA LEU D 1086 -34.77 9.54 9.80
C LEU D 1086 -35.79 8.42 9.56
N ASP D 1087 -35.30 7.18 9.44
CA ASP D 1087 -36.22 6.05 9.29
C ASP D 1087 -37.15 5.93 10.50
N SER D 1088 -36.60 6.11 11.70
CA SER D 1088 -37.43 6.05 12.90
C SER D 1088 -38.43 7.20 12.91
N LYS D 1089 -38.02 8.39 12.46
CA LYS D 1089 -38.93 9.52 12.41
C LYS D 1089 -40.10 9.24 11.45
N LEU D 1090 -39.80 8.68 10.28
CA LEU D 1090 -40.86 8.33 9.34
C LEU D 1090 -41.79 7.28 9.94
N ASN D 1091 -41.22 6.27 10.60
CA ASN D 1091 -42.06 5.24 11.21
C ASN D 1091 -42.98 5.86 12.27
N ASP D 1092 -42.44 6.76 13.09
CA ASP D 1092 -43.28 7.40 14.11
C ASP D 1092 -44.39 8.23 13.47
N LEU D 1093 -44.07 8.98 12.42
CA LEU D 1093 -45.10 9.74 11.72
C LEU D 1093 -46.15 8.84 11.10
N LYS D 1094 -45.79 7.59 10.80
CA LYS D 1094 -46.74 6.67 10.18
C LYS D 1094 -47.95 6.44 11.08
N SER D 1095 -47.73 6.26 12.39
CA SER D 1095 -48.83 5.95 13.30
C SER D 1095 -49.84 7.09 13.40
N LEU D 1096 -49.44 8.30 13.02
CA LEU D 1096 -50.37 9.43 13.07
C LEU D 1096 -51.56 9.20 12.16
N LEU D 1097 -51.33 8.61 10.98
CA LEU D 1097 -52.44 8.32 10.07
C LEU D 1097 -53.43 7.35 10.70
N LYS D 1098 -52.94 6.30 11.34
CA LYS D 1098 -53.83 5.35 11.99
C LYS D 1098 -54.60 6.01 13.13
N GLU D 1099 -53.91 6.85 13.91
CA GLU D 1099 -54.59 7.55 15.00
C GLU D 1099 -55.70 8.46 14.47
N ILE D 1100 -55.42 9.19 13.39
CA ILE D 1100 -56.42 10.09 12.81
C ILE D 1100 -57.59 9.29 12.27
N ALA D 1101 -57.31 8.16 11.60
CA ALA D 1101 -58.38 7.33 11.08
C ALA D 1101 -59.27 6.81 12.20
N ASN D 1102 -58.65 6.35 13.30
CA ASN D 1102 -59.44 5.89 14.44
C ASN D 1102 -60.28 7.01 15.02
N ASN D 1103 -59.70 8.20 15.16
CA ASN D 1103 -60.44 9.33 15.72
C ASN D 1103 -61.62 9.71 14.84
N ILE D 1104 -61.43 9.73 13.53
CA ILE D 1104 -62.50 10.15 12.62
C ILE D 1104 -63.67 9.19 12.71
N LYS D 1105 -63.40 7.88 12.71
CA LYS D 1105 -64.45 6.87 12.78
C LYS D 1105 -65.22 6.99 14.08
#